data_2LNI
#
_entry.id   2LNI
#
_entity_poly.entity_id   1
_entity_poly.type   'polypeptide(L)'
_entity_poly.pdbx_seq_one_letter_code
;MGHHHHHHSHMNPDLALMVKNKGNECFQKGDYPQAMKHYTEAIKRNPKDAKLYSNRAACYTKLLEFQLALKDCEECIQLE
PTFIKGYTRKAAALEAMKDYTKAMDVYQKALDLDSSCKEAADGYQRCMMAQYN
;
_entity_poly.pdbx_strand_id   A
#
# COMPACT_ATOMS: atom_id res chain seq x y z
N MET A 1 -17.74 -28.17 21.18
CA MET A 1 -17.08 -27.01 20.52
C MET A 1 -17.23 -27.10 18.99
N GLY A 2 -18.23 -27.88 18.53
CA GLY A 2 -18.57 -28.00 17.13
C GLY A 2 -19.24 -26.74 16.62
N HIS A 3 -18.51 -25.98 15.80
CA HIS A 3 -19.00 -24.73 15.17
C HIS A 3 -20.18 -25.03 14.25
N HIS A 4 -21.40 -24.85 14.79
CA HIS A 4 -22.66 -25.13 14.07
C HIS A 4 -22.86 -24.10 12.95
N HIS A 5 -23.20 -24.61 11.75
CA HIS A 5 -23.50 -23.78 10.58
C HIS A 5 -24.38 -24.59 9.61
N HIS A 6 -25.19 -23.88 8.82
CA HIS A 6 -26.07 -24.48 7.81
C HIS A 6 -25.36 -24.50 6.45
N HIS A 7 -26.02 -25.09 5.44
CA HIS A 7 -25.45 -25.23 4.07
C HIS A 7 -25.38 -23.87 3.33
N HIS A 8 -26.17 -22.90 3.80
CA HIS A 8 -26.20 -21.53 3.23
C HIS A 8 -25.67 -20.50 4.25
N SER A 9 -24.79 -20.96 5.14
CA SER A 9 -24.11 -20.09 6.12
C SER A 9 -22.66 -19.86 5.67
N HIS A 10 -22.24 -18.59 5.65
CA HIS A 10 -20.87 -18.22 5.24
C HIS A 10 -19.90 -18.33 6.44
N MET A 11 -19.04 -19.36 6.41
CA MET A 11 -17.94 -19.54 7.38
C MET A 11 -16.92 -18.40 7.25
N ASN A 12 -16.86 -17.82 6.04
CA ASN A 12 -16.10 -16.59 5.75
C ASN A 12 -16.99 -15.37 6.13
N PRO A 13 -16.62 -14.56 7.16
CA PRO A 13 -17.45 -13.38 7.61
C PRO A 13 -17.63 -12.34 6.49
N ASP A 14 -16.59 -12.16 5.69
CA ASP A 14 -16.58 -11.21 4.57
C ASP A 14 -15.62 -11.72 3.49
N LEU A 15 -16.18 -12.16 2.35
CA LEU A 15 -15.39 -12.69 1.22
C LEU A 15 -14.44 -11.62 0.66
N ALA A 16 -14.82 -10.33 0.81
CA ALA A 16 -13.99 -9.18 0.40
C ALA A 16 -12.66 -9.12 1.19
N LEU A 17 -12.64 -9.66 2.43
CA LEU A 17 -11.39 -9.74 3.21
C LEU A 17 -10.61 -11.01 2.81
N MET A 18 -11.30 -12.00 2.24
CA MET A 18 -10.68 -13.29 1.88
C MET A 18 -9.96 -13.21 0.53
N VAL A 19 -10.52 -12.40 -0.39
CA VAL A 19 -9.97 -12.17 -1.73
C VAL A 19 -8.65 -11.36 -1.65
N LYS A 20 -8.55 -10.47 -0.63
CA LYS A 20 -7.33 -9.68 -0.42
C LYS A 20 -6.23 -10.55 0.21
N ASN A 21 -6.64 -11.52 1.08
CA ASN A 21 -5.71 -12.45 1.75
C ASN A 21 -5.00 -13.35 0.72
N LYS A 22 -5.79 -13.89 -0.23
CA LYS A 22 -5.24 -14.74 -1.31
C LYS A 22 -4.50 -13.89 -2.34
N GLY A 23 -4.88 -12.61 -2.44
CA GLY A 23 -4.10 -11.62 -3.21
C GLY A 23 -2.67 -11.49 -2.68
N ASN A 24 -2.56 -11.36 -1.34
CA ASN A 24 -1.27 -11.28 -0.62
C ASN A 24 -0.52 -12.62 -0.67
N GLU A 25 -1.26 -13.76 -0.68
CA GLU A 25 -0.63 -15.09 -0.74
C GLU A 25 -0.06 -15.32 -2.14
N CYS A 26 -0.78 -14.83 -3.19
CA CYS A 26 -0.34 -14.93 -4.60
C CYS A 26 1.03 -14.26 -4.78
N PHE A 27 1.13 -13.03 -4.25
CA PHE A 27 2.37 -12.25 -4.20
C PHE A 27 3.49 -13.06 -3.49
N GLN A 28 3.10 -13.66 -2.35
CA GLN A 28 3.97 -14.51 -1.50
C GLN A 28 4.44 -15.79 -2.26
N LYS A 29 3.71 -16.24 -3.31
CA LYS A 29 4.13 -17.43 -4.09
C LYS A 29 5.34 -17.09 -4.98
N GLY A 30 5.71 -15.80 -5.04
CA GLY A 30 6.80 -15.30 -5.88
C GLY A 30 6.24 -14.72 -7.16
N ASP A 31 5.13 -13.99 -7.03
CA ASP A 31 4.40 -13.39 -8.15
C ASP A 31 4.19 -11.89 -7.90
N TYR A 32 4.16 -11.11 -8.98
CA TYR A 32 3.98 -9.64 -8.94
C TYR A 32 2.78 -9.21 -9.82
N PRO A 33 2.77 -9.48 -11.20
CA PRO A 33 1.71 -8.92 -12.08
C PRO A 33 0.31 -9.49 -11.76
N GLN A 34 0.20 -10.83 -11.68
CA GLN A 34 -1.07 -11.51 -11.37
C GLN A 34 -1.53 -11.14 -9.95
N ALA A 35 -0.54 -10.97 -9.04
CA ALA A 35 -0.78 -10.51 -7.66
C ALA A 35 -1.46 -9.14 -7.65
N MET A 36 -1.09 -8.27 -8.63
CA MET A 36 -1.66 -6.91 -8.75
C MET A 36 -3.12 -7.00 -9.17
N LYS A 37 -3.41 -7.98 -10.03
CA LYS A 37 -4.76 -8.23 -10.55
C LYS A 37 -5.63 -8.92 -9.49
N HIS A 38 -4.97 -9.65 -8.57
CA HIS A 38 -5.64 -10.24 -7.40
C HIS A 38 -5.96 -9.15 -6.36
N TYR A 39 -5.14 -8.09 -6.33
CA TYR A 39 -5.44 -6.89 -5.55
C TYR A 39 -6.52 -6.06 -6.25
N THR A 40 -6.52 -6.04 -7.59
CA THR A 40 -7.48 -5.27 -8.39
C THR A 40 -8.90 -5.86 -8.27
N GLU A 41 -9.01 -7.21 -8.23
CA GLU A 41 -10.29 -7.90 -8.01
C GLU A 41 -10.72 -7.79 -6.54
N ALA A 42 -9.71 -7.66 -5.64
CA ALA A 42 -9.95 -7.36 -4.22
C ALA A 42 -10.50 -5.93 -4.06
N ILE A 43 -10.05 -5.02 -4.96
CA ILE A 43 -10.56 -3.64 -5.07
C ILE A 43 -12.02 -3.66 -5.58
N LYS A 44 -12.35 -4.63 -6.45
CA LYS A 44 -13.73 -4.80 -6.97
C LYS A 44 -14.69 -5.26 -5.85
N ARG A 45 -14.09 -5.81 -4.77
CA ARG A 45 -14.82 -6.26 -3.58
C ARG A 45 -14.82 -5.18 -2.50
N ASN A 46 -13.71 -4.41 -2.40
CA ASN A 46 -13.56 -3.29 -1.44
C ASN A 46 -12.78 -2.11 -2.07
N PRO A 47 -13.47 -1.22 -2.86
CA PRO A 47 -12.82 -0.05 -3.52
C PRO A 47 -12.38 1.04 -2.52
N LYS A 48 -13.09 1.15 -1.39
CA LYS A 48 -12.83 2.19 -0.37
C LYS A 48 -11.59 1.84 0.46
N ASP A 49 -11.17 0.55 0.38
CA ASP A 49 -10.00 0.02 1.10
C ASP A 49 -8.71 0.53 0.42
N ALA A 50 -8.19 1.65 0.94
CA ALA A 50 -7.07 2.38 0.33
C ALA A 50 -5.72 1.66 0.51
N LYS A 51 -5.52 1.02 1.69
CA LYS A 51 -4.29 0.23 1.96
C LYS A 51 -4.16 -0.97 1.01
N LEU A 52 -5.27 -1.36 0.37
CA LEU A 52 -5.29 -2.38 -0.70
C LEU A 52 -4.64 -1.83 -2.01
N TYR A 53 -4.87 -0.52 -2.30
CA TYR A 53 -4.20 0.18 -3.43
C TYR A 53 -2.70 0.36 -3.18
N SER A 54 -2.30 0.40 -1.90
CA SER A 54 -0.89 0.56 -1.47
C SER A 54 0.00 -0.60 -1.99
N ASN A 55 -0.60 -1.81 -2.08
CA ASN A 55 0.09 -3.02 -2.57
C ASN A 55 0.38 -2.90 -4.08
N ARG A 56 -0.59 -2.33 -4.82
CA ARG A 56 -0.45 -2.02 -6.26
C ARG A 56 0.74 -1.07 -6.48
N ALA A 57 0.75 0.03 -5.70
CA ALA A 57 1.82 1.05 -5.74
C ALA A 57 3.21 0.46 -5.42
N ALA A 58 3.22 -0.50 -4.48
CA ALA A 58 4.45 -1.20 -4.05
C ALA A 58 5.01 -2.11 -5.16
N CYS A 59 4.14 -2.62 -6.04
CA CYS A 59 4.53 -3.46 -7.17
C CYS A 59 5.04 -2.59 -8.35
N TYR A 60 4.32 -1.47 -8.61
CA TYR A 60 4.61 -0.54 -9.73
C TYR A 60 6.05 0.00 -9.71
N THR A 61 6.65 0.06 -8.52
CA THR A 61 8.07 0.45 -8.35
C THR A 61 8.97 -0.52 -9.14
N LYS A 62 8.73 -1.82 -8.94
CA LYS A 62 9.54 -2.93 -9.51
C LYS A 62 9.40 -2.97 -11.04
N LEU A 63 8.21 -2.57 -11.50
CA LEU A 63 7.84 -2.57 -12.91
C LEU A 63 8.17 -1.23 -13.60
N LEU A 64 8.81 -0.29 -12.84
CA LEU A 64 9.22 1.03 -13.37
C LEU A 64 8.00 1.89 -13.79
N GLU A 65 6.83 1.56 -13.25
CA GLU A 65 5.56 2.29 -13.44
C GLU A 65 5.29 3.19 -12.21
N PHE A 66 6.35 3.89 -11.76
CA PHE A 66 6.30 4.82 -10.60
C PHE A 66 5.19 5.87 -10.75
N GLN A 67 4.93 6.29 -12.01
CA GLN A 67 3.84 7.22 -12.35
C GLN A 67 2.48 6.70 -11.84
N LEU A 68 2.27 5.39 -11.98
CA LEU A 68 1.04 4.74 -11.51
C LEU A 68 1.07 4.64 -9.97
N ALA A 69 2.26 4.34 -9.41
CA ALA A 69 2.47 4.25 -7.95
C ALA A 69 2.13 5.59 -7.25
N LEU A 70 2.38 6.71 -7.96
CA LEU A 70 2.06 8.06 -7.48
C LEU A 70 0.54 8.33 -7.57
N LYS A 71 -0.04 8.18 -8.78
CA LYS A 71 -1.45 8.59 -9.05
C LYS A 71 -2.46 7.73 -8.28
N ASP A 72 -2.13 6.43 -8.09
CA ASP A 72 -2.91 5.51 -7.24
C ASP A 72 -2.93 6.00 -5.80
N CYS A 73 -1.80 6.58 -5.35
CA CYS A 73 -1.64 7.12 -3.98
C CYS A 73 -2.35 8.49 -3.83
N GLU A 74 -2.38 9.30 -4.92
CA GLU A 74 -3.03 10.64 -4.93
C GLU A 74 -4.54 10.53 -4.67
N GLU A 75 -5.16 9.48 -5.20
CA GLU A 75 -6.58 9.19 -4.98
C GLU A 75 -6.79 8.37 -3.71
N CYS A 76 -5.78 7.55 -3.36
CA CYS A 76 -5.82 6.65 -2.18
C CYS A 76 -5.99 7.44 -0.86
N ILE A 77 -5.37 8.63 -0.82
CA ILE A 77 -5.49 9.57 0.32
C ILE A 77 -6.92 10.14 0.40
N GLN A 78 -7.61 10.18 -0.76
CA GLN A 78 -9.00 10.68 -0.85
C GLN A 78 -10.00 9.59 -0.43
N LEU A 79 -9.61 8.32 -0.66
CA LEU A 79 -10.42 7.14 -0.31
C LEU A 79 -10.41 6.93 1.22
N GLU A 80 -9.19 6.76 1.74
CA GLU A 80 -8.94 6.53 3.17
C GLU A 80 -7.53 7.06 3.49
N PRO A 81 -7.39 8.29 4.08
CA PRO A 81 -6.07 8.93 4.36
C PRO A 81 -5.22 8.17 5.41
N THR A 82 -5.84 7.22 6.12
CA THR A 82 -5.17 6.38 7.14
C THR A 82 -4.56 5.10 6.54
N PHE A 83 -4.38 5.05 5.21
CA PHE A 83 -3.61 3.98 4.56
C PHE A 83 -2.10 4.22 4.88
N ILE A 84 -1.56 3.50 5.86
CA ILE A 84 -0.28 3.92 6.49
C ILE A 84 0.94 3.50 5.66
N LYS A 85 0.93 2.25 5.18
CA LYS A 85 2.08 1.66 4.46
C LYS A 85 2.17 2.19 3.03
N GLY A 86 1.07 2.76 2.52
CA GLY A 86 1.08 3.43 1.23
C GLY A 86 1.92 4.69 1.23
N TYR A 87 2.00 5.37 2.39
CA TYR A 87 2.93 6.49 2.61
C TYR A 87 4.38 6.01 2.54
N THR A 88 4.66 4.82 3.09
CA THR A 88 5.99 4.21 3.06
C THR A 88 6.46 3.92 1.61
N ARG A 89 5.51 3.44 0.76
CA ARG A 89 5.80 3.08 -0.65
C ARG A 89 5.87 4.35 -1.53
N LYS A 90 5.03 5.34 -1.17
CA LYS A 90 4.94 6.63 -1.86
C LYS A 90 6.26 7.40 -1.71
N ALA A 91 6.79 7.40 -0.50
CA ALA A 91 8.04 8.07 -0.15
C ALA A 91 9.24 7.37 -0.83
N ALA A 92 9.18 6.03 -0.92
CA ALA A 92 10.16 5.22 -1.66
C ALA A 92 10.11 5.53 -3.17
N ALA A 93 8.92 5.89 -3.68
CA ALA A 93 8.73 6.33 -5.07
C ALA A 93 9.35 7.74 -5.28
N LEU A 94 9.10 8.64 -4.31
CA LEU A 94 9.64 10.01 -4.29
C LEU A 94 11.18 10.00 -4.28
N GLU A 95 11.75 9.01 -3.57
CA GLU A 95 13.20 8.73 -3.56
C GLU A 95 13.75 8.53 -4.99
N ALA A 96 12.94 7.86 -5.85
CA ALA A 96 13.30 7.59 -7.25
C ALA A 96 13.14 8.86 -8.11
N MET A 97 12.39 9.85 -7.58
CA MET A 97 12.20 11.16 -8.24
C MET A 97 13.23 12.17 -7.69
N LYS A 98 14.16 11.68 -6.82
CA LYS A 98 15.21 12.47 -6.15
C LYS A 98 14.63 13.43 -5.09
N ASP A 99 13.34 13.25 -4.76
CA ASP A 99 12.60 14.07 -3.79
C ASP A 99 12.77 13.50 -2.37
N TYR A 100 14.02 13.20 -1.97
CA TYR A 100 14.37 12.69 -0.62
C TYR A 100 13.77 13.56 0.51
N THR A 101 13.76 14.88 0.27
CA THR A 101 13.18 15.88 1.17
C THR A 101 11.66 15.67 1.32
N LYS A 102 10.97 15.34 0.20
CA LYS A 102 9.51 15.14 0.21
C LYS A 102 9.20 13.75 0.80
N ALA A 103 10.11 12.79 0.52
CA ALA A 103 10.00 11.40 0.95
C ALA A 103 9.99 11.29 2.48
N MET A 104 10.99 11.92 3.12
CA MET A 104 11.14 11.90 4.59
C MET A 104 9.91 12.51 5.30
N ASP A 105 9.26 13.48 4.64
CA ASP A 105 8.01 14.10 5.13
C ASP A 105 6.87 13.06 5.18
N VAL A 106 6.86 12.17 4.17
CA VAL A 106 5.80 11.17 3.98
C VAL A 106 6.04 9.93 4.90
N TYR A 107 7.33 9.64 5.20
CA TYR A 107 7.70 8.63 6.23
C TYR A 107 7.28 9.10 7.63
N GLN A 108 7.48 10.42 7.89
CA GLN A 108 7.05 11.08 9.13
C GLN A 108 5.52 10.91 9.26
N LYS A 109 4.81 11.16 8.14
CA LYS A 109 3.36 11.00 8.05
C LYS A 109 2.90 9.55 8.26
N ALA A 110 3.70 8.56 7.82
CA ALA A 110 3.43 7.13 8.11
C ALA A 110 3.51 6.87 9.63
N LEU A 111 4.57 7.41 10.27
CA LEU A 111 4.75 7.33 11.74
C LEU A 111 3.68 8.17 12.47
N ASP A 112 3.16 9.23 11.80
CA ASP A 112 2.16 10.16 12.35
C ASP A 112 0.80 9.49 12.49
N LEU A 113 0.43 8.70 11.45
CA LEU A 113 -0.83 7.94 11.43
C LEU A 113 -0.85 6.89 12.55
N ASP A 114 0.26 6.12 12.63
CA ASP A 114 0.50 5.16 13.72
C ASP A 114 1.96 4.72 13.69
N SER A 115 2.66 4.98 14.81
CA SER A 115 4.10 4.75 14.94
C SER A 115 4.49 3.26 14.88
N SER A 116 3.49 2.34 15.04
CA SER A 116 3.69 0.89 14.83
C SER A 116 4.27 0.59 13.44
N CYS A 117 4.05 1.55 12.51
CA CYS A 117 4.61 1.57 11.15
C CYS A 117 6.14 1.89 11.13
N LYS A 118 6.87 1.74 12.28
CA LYS A 118 8.36 1.89 12.37
C LYS A 118 9.18 1.29 11.17
N GLU A 119 8.60 0.36 10.38
CA GLU A 119 9.20 -0.12 9.11
C GLU A 119 9.53 1.06 8.15
N ALA A 120 8.66 2.09 8.18
CA ALA A 120 8.83 3.36 7.45
C ALA A 120 9.99 4.19 8.00
N ALA A 121 10.33 4.01 9.31
CA ALA A 121 11.44 4.74 9.95
C ALA A 121 12.79 4.22 9.43
N ASP A 122 12.86 2.90 9.14
CA ASP A 122 14.03 2.29 8.46
C ASP A 122 14.15 2.86 7.03
N GLY A 123 12.99 2.96 6.34
CA GLY A 123 12.92 3.57 5.01
C GLY A 123 13.27 5.05 5.01
N TYR A 124 13.03 5.73 6.15
CA TYR A 124 13.40 7.12 6.39
C TYR A 124 14.93 7.27 6.29
N GLN A 125 15.67 6.47 7.11
CA GLN A 125 17.16 6.44 7.08
C GLN A 125 17.71 6.22 5.66
N ARG A 126 17.01 5.38 4.88
CA ARG A 126 17.34 5.11 3.47
C ARG A 126 17.27 6.40 2.60
N CYS A 127 16.23 7.24 2.79
CA CYS A 127 16.00 8.43 1.92
C CYS A 127 16.85 9.62 2.37
N MET A 128 16.98 9.82 3.69
CA MET A 128 17.79 10.93 4.24
C MET A 128 19.28 10.72 3.91
N MET A 129 19.80 9.49 4.11
CA MET A 129 21.24 9.19 3.89
C MET A 129 21.61 9.35 2.41
N ALA A 130 20.62 9.15 1.51
CA ALA A 130 20.82 9.16 0.06
C ALA A 130 21.34 10.51 -0.45
N GLN A 131 20.76 11.62 0.05
CA GLN A 131 21.25 12.98 -0.25
C GLN A 131 22.50 13.31 0.58
N TYR A 132 22.69 12.63 1.73
CA TYR A 132 23.84 12.87 2.63
C TYR A 132 24.99 11.89 2.31
N ASN A 133 25.20 11.59 1.01
CA ASN A 133 26.32 10.76 0.53
C ASN A 133 27.60 11.63 0.48
N MET A 1 -27.88 -30.62 14.97
CA MET A 1 -28.79 -31.20 13.97
C MET A 1 -28.69 -30.37 12.69
N GLY A 2 -28.24 -31.01 11.60
CA GLY A 2 -28.02 -30.33 10.32
C GLY A 2 -28.67 -31.08 9.17
N HIS A 3 -30.01 -31.08 9.15
CA HIS A 3 -30.82 -31.54 8.00
C HIS A 3 -31.47 -30.36 7.26
N HIS A 4 -31.26 -29.14 7.78
CA HIS A 4 -31.70 -27.90 7.10
C HIS A 4 -30.73 -27.57 5.97
N HIS A 5 -31.28 -27.39 4.75
CA HIS A 5 -30.52 -27.00 3.56
C HIS A 5 -29.93 -25.59 3.76
N HIS A 6 -28.62 -25.55 4.06
CA HIS A 6 -27.90 -24.29 4.35
C HIS A 6 -27.39 -23.67 3.04
N HIS A 7 -27.88 -22.45 2.77
CA HIS A 7 -27.53 -21.66 1.57
C HIS A 7 -28.01 -20.23 1.76
N HIS A 8 -29.30 -20.11 2.15
CA HIS A 8 -29.94 -18.80 2.43
C HIS A 8 -29.55 -18.33 3.84
N SER A 9 -28.29 -17.89 3.93
CA SER A 9 -27.64 -17.40 5.16
C SER A 9 -26.21 -16.98 4.79
N HIS A 10 -25.59 -16.14 5.63
CA HIS A 10 -24.17 -15.76 5.47
C HIS A 10 -23.27 -17.00 5.63
N MET A 11 -22.89 -17.59 4.48
CA MET A 11 -22.06 -18.82 4.44
C MET A 11 -20.62 -18.53 4.88
N ASN A 12 -20.16 -17.30 4.62
CA ASN A 12 -18.80 -16.83 4.99
C ASN A 12 -18.88 -15.46 5.68
N PRO A 13 -17.89 -15.12 6.59
CA PRO A 13 -17.89 -13.83 7.35
C PRO A 13 -17.89 -12.59 6.42
N ASP A 14 -16.96 -12.56 5.46
CA ASP A 14 -16.83 -11.46 4.50
C ASP A 14 -16.01 -11.90 3.29
N LEU A 15 -16.70 -12.01 2.15
CA LEU A 15 -16.13 -12.46 0.87
C LEU A 15 -14.99 -11.52 0.42
N ALA A 16 -15.13 -10.23 0.75
CA ALA A 16 -14.14 -9.18 0.42
C ALA A 16 -12.78 -9.46 1.08
N LEU A 17 -12.78 -10.12 2.25
CA LEU A 17 -11.53 -10.44 2.94
C LEU A 17 -10.87 -11.66 2.27
N MET A 18 -11.69 -12.52 1.64
CA MET A 18 -11.24 -13.79 1.07
C MET A 18 -10.50 -13.55 -0.26
N VAL A 19 -11.04 -12.57 -1.02
CA VAL A 19 -10.54 -12.21 -2.35
C VAL A 19 -9.25 -11.35 -2.25
N LYS A 20 -9.03 -10.68 -1.09
CA LYS A 20 -7.76 -9.96 -0.84
C LYS A 20 -6.66 -10.92 -0.35
N ASN A 21 -7.07 -12.05 0.28
CA ASN A 21 -6.12 -13.10 0.76
C ASN A 21 -5.39 -13.76 -0.41
N LYS A 22 -6.13 -14.12 -1.47
CA LYS A 22 -5.55 -14.76 -2.67
C LYS A 22 -4.63 -13.79 -3.42
N GLY A 23 -4.95 -12.49 -3.39
CA GLY A 23 -4.10 -11.45 -3.98
C GLY A 23 -2.74 -11.36 -3.30
N ASN A 24 -2.79 -11.22 -1.97
CA ASN A 24 -1.59 -11.23 -1.09
C ASN A 24 -0.74 -12.50 -1.29
N GLU A 25 -1.44 -13.65 -1.38
CA GLU A 25 -0.83 -14.96 -1.55
C GLU A 25 -0.08 -15.03 -2.88
N CYS A 26 -0.80 -14.73 -3.98
CA CYS A 26 -0.28 -14.92 -5.35
C CYS A 26 1.01 -14.13 -5.59
N PHE A 27 1.03 -12.86 -5.13
CA PHE A 27 2.24 -12.00 -5.17
C PHE A 27 3.44 -12.75 -4.55
N GLN A 28 3.20 -13.29 -3.36
CA GLN A 28 4.17 -14.06 -2.57
C GLN A 28 4.54 -15.40 -3.27
N LYS A 29 3.62 -15.94 -4.12
CA LYS A 29 3.88 -17.20 -4.86
C LYS A 29 4.74 -16.92 -6.10
N GLY A 30 5.01 -15.62 -6.38
CA GLY A 30 5.83 -15.22 -7.52
C GLY A 30 5.01 -14.58 -8.63
N ASP A 31 3.69 -14.48 -8.43
CA ASP A 31 2.76 -13.85 -9.38
C ASP A 31 2.65 -12.35 -9.09
N TYR A 32 3.75 -11.60 -9.36
CA TYR A 32 3.80 -10.15 -9.11
C TYR A 32 2.78 -9.38 -9.99
N PRO A 33 2.77 -9.54 -11.38
CA PRO A 33 1.77 -8.87 -12.23
C PRO A 33 0.32 -9.34 -11.95
N GLN A 34 0.14 -10.68 -11.87
CA GLN A 34 -1.19 -11.30 -11.69
C GLN A 34 -1.83 -10.89 -10.33
N ALA A 35 -0.95 -10.59 -9.34
CA ALA A 35 -1.39 -10.09 -8.03
C ALA A 35 -2.19 -8.80 -8.15
N MET A 36 -1.81 -7.92 -9.12
CA MET A 36 -2.49 -6.63 -9.33
C MET A 36 -3.95 -6.86 -9.75
N LYS A 37 -4.15 -7.87 -10.62
CA LYS A 37 -5.49 -8.26 -11.11
C LYS A 37 -6.29 -8.93 -9.98
N HIS A 38 -5.57 -9.67 -9.12
CA HIS A 38 -6.15 -10.31 -7.92
C HIS A 38 -6.49 -9.26 -6.84
N TYR A 39 -5.85 -8.08 -6.91
CA TYR A 39 -6.24 -6.91 -6.11
C TYR A 39 -7.40 -6.17 -6.78
N THR A 40 -7.45 -6.18 -8.12
CA THR A 40 -8.49 -5.49 -8.89
C THR A 40 -9.87 -6.12 -8.65
N GLU A 41 -9.92 -7.47 -8.66
CA GLU A 41 -11.14 -8.23 -8.34
C GLU A 41 -11.51 -8.07 -6.85
N ALA A 42 -10.48 -7.85 -6.00
CA ALA A 42 -10.67 -7.57 -4.57
C ALA A 42 -11.32 -6.21 -4.35
N ILE A 43 -10.91 -5.22 -5.17
CA ILE A 43 -11.48 -3.85 -5.19
C ILE A 43 -13.00 -3.89 -5.48
N LYS A 44 -13.42 -4.87 -6.29
CA LYS A 44 -14.83 -5.03 -6.70
C LYS A 44 -15.71 -5.51 -5.54
N ARG A 45 -15.08 -6.15 -4.55
CA ARG A 45 -15.74 -6.61 -3.31
C ARG A 45 -15.60 -5.58 -2.18
N ASN A 46 -14.47 -4.86 -2.17
CA ASN A 46 -14.20 -3.80 -1.17
C ASN A 46 -13.72 -2.48 -1.83
N PRO A 47 -14.66 -1.71 -2.51
CA PRO A 47 -14.30 -0.46 -3.25
C PRO A 47 -13.99 0.74 -2.33
N LYS A 48 -14.13 0.54 -1.00
CA LYS A 48 -13.81 1.55 0.00
C LYS A 48 -12.45 1.27 0.64
N ASP A 49 -12.01 -0.01 0.59
CA ASP A 49 -10.78 -0.48 1.24
C ASP A 49 -9.56 0.03 0.46
N ALA A 50 -9.09 1.24 0.84
CA ALA A 50 -8.17 2.02 0.02
C ALA A 50 -6.72 1.52 0.10
N LYS A 51 -6.32 0.88 1.21
CA LYS A 51 -4.96 0.29 1.31
C LYS A 51 -4.80 -0.86 0.29
N LEU A 52 -5.95 -1.45 -0.12
CA LEU A 52 -6.01 -2.49 -1.15
C LEU A 52 -5.74 -1.87 -2.55
N TYR A 53 -6.24 -0.63 -2.74
CA TYR A 53 -5.93 0.20 -3.92
C TYR A 53 -4.43 0.53 -3.96
N SER A 54 -3.88 0.95 -2.82
CA SER A 54 -2.47 1.35 -2.69
C SER A 54 -1.52 0.13 -2.75
N ASN A 55 -2.07 -1.08 -2.50
CA ASN A 55 -1.31 -2.34 -2.54
C ASN A 55 -0.82 -2.65 -3.98
N ARG A 56 -1.67 -2.34 -4.98
CA ARG A 56 -1.32 -2.55 -6.41
C ARG A 56 -0.23 -1.54 -6.84
N ALA A 57 -0.23 -0.35 -6.19
CA ALA A 57 0.82 0.68 -6.37
C ALA A 57 2.16 0.17 -5.82
N ALA A 58 2.08 -0.50 -4.66
CA ALA A 58 3.23 -1.15 -4.01
C ALA A 58 3.78 -2.31 -4.88
N CYS A 59 2.91 -2.86 -5.74
CA CYS A 59 3.29 -3.89 -6.73
C CYS A 59 3.92 -3.24 -7.99
N TYR A 60 3.40 -2.06 -8.42
CA TYR A 60 3.91 -1.32 -9.60
C TYR A 60 5.40 -0.99 -9.49
N THR A 61 5.90 -0.76 -8.25
CA THR A 61 7.33 -0.54 -7.99
C THR A 61 8.18 -1.72 -8.51
N LYS A 62 7.64 -2.95 -8.33
CA LYS A 62 8.35 -4.21 -8.71
C LYS A 62 8.46 -4.31 -10.23
N LEU A 63 7.45 -3.75 -10.91
CA LEU A 63 7.36 -3.72 -12.38
C LEU A 63 8.12 -2.51 -12.95
N LEU A 64 8.80 -1.74 -12.05
CA LEU A 64 9.55 -0.51 -12.40
C LEU A 64 8.60 0.62 -12.85
N GLU A 65 7.28 0.44 -12.62
CA GLU A 65 6.23 1.41 -12.95
C GLU A 65 5.99 2.38 -11.76
N PHE A 66 7.10 2.98 -11.29
CA PHE A 66 7.10 3.90 -10.13
C PHE A 66 6.19 5.12 -10.37
N GLN A 67 6.07 5.54 -11.65
CA GLN A 67 5.15 6.61 -12.06
C GLN A 67 3.70 6.27 -11.64
N LEU A 68 3.35 4.98 -11.80
CA LEU A 68 2.00 4.47 -11.47
C LEU A 68 1.92 4.24 -9.96
N ALA A 69 3.06 3.85 -9.36
CA ALA A 69 3.19 3.62 -7.91
C ALA A 69 2.96 4.91 -7.11
N LEU A 70 3.25 6.07 -7.73
CA LEU A 70 2.95 7.38 -7.14
C LEU A 70 1.42 7.66 -7.14
N LYS A 71 0.83 7.70 -8.35
CA LYS A 71 -0.57 8.16 -8.55
C LYS A 71 -1.63 7.17 -7.98
N ASP A 72 -1.36 5.87 -8.12
CA ASP A 72 -2.27 4.80 -7.61
C ASP A 72 -2.19 4.67 -6.07
N CYS A 73 -1.10 5.17 -5.48
CA CYS A 73 -0.95 5.28 -4.02
C CYS A 73 -1.66 6.54 -3.48
N GLU A 74 -1.47 7.69 -4.14
CA GLU A 74 -2.00 8.98 -3.64
C GLU A 74 -3.52 9.12 -3.83
N GLU A 75 -4.12 8.35 -4.77
CA GLU A 75 -5.60 8.32 -4.91
C GLU A 75 -6.27 7.76 -3.64
N CYS A 76 -5.54 6.84 -2.97
CA CYS A 76 -5.99 6.15 -1.76
C CYS A 76 -6.31 7.13 -0.62
N ILE A 77 -5.62 8.31 -0.60
CA ILE A 77 -5.85 9.39 0.41
C ILE A 77 -7.33 9.85 0.39
N GLN A 78 -7.96 9.77 -0.80
CA GLN A 78 -9.33 10.29 -1.03
C GLN A 78 -10.39 9.37 -0.38
N LEU A 79 -10.17 8.05 -0.43
CA LEU A 79 -11.10 7.06 0.15
C LEU A 79 -10.78 6.85 1.65
N GLU A 80 -9.49 6.68 1.95
CA GLU A 80 -8.97 6.37 3.29
C GLU A 80 -7.54 6.91 3.43
N PRO A 81 -7.34 8.06 4.16
CA PRO A 81 -6.00 8.71 4.30
C PRO A 81 -5.09 8.04 5.36
N THR A 82 -5.61 6.98 6.01
CA THR A 82 -4.88 6.29 7.09
C THR A 82 -4.12 5.06 6.56
N PHE A 83 -3.95 4.97 5.24
CA PHE A 83 -3.19 3.89 4.61
C PHE A 83 -1.68 4.08 4.89
N ILE A 84 -1.21 3.42 5.94
CA ILE A 84 0.14 3.60 6.47
C ILE A 84 1.19 2.98 5.54
N LYS A 85 0.88 1.76 5.09
CA LYS A 85 1.79 0.92 4.29
C LYS A 85 2.03 1.51 2.89
N GLY A 86 1.02 2.23 2.38
CA GLY A 86 1.14 2.93 1.11
C GLY A 86 2.10 4.10 1.18
N TYR A 87 2.04 4.87 2.30
CA TYR A 87 2.97 6.00 2.54
C TYR A 87 4.43 5.53 2.64
N THR A 88 4.64 4.32 3.18
CA THR A 88 5.98 3.74 3.34
C THR A 88 6.61 3.39 1.97
N ARG A 89 5.75 2.97 1.02
CA ARG A 89 6.16 2.66 -0.38
C ARG A 89 6.23 3.94 -1.24
N LYS A 90 5.38 4.93 -0.90
CA LYS A 90 5.27 6.21 -1.63
C LYS A 90 6.56 7.02 -1.46
N ALA A 91 6.97 7.18 -0.20
CA ALA A 91 8.18 7.92 0.18
C ALA A 91 9.43 7.18 -0.31
N ALA A 92 9.36 5.82 -0.30
CA ALA A 92 10.42 4.96 -0.86
C ALA A 92 10.60 5.23 -2.36
N ALA A 93 9.48 5.42 -3.07
CA ALA A 93 9.48 5.77 -4.49
C ALA A 93 10.09 7.17 -4.70
N LEU A 94 9.65 8.15 -3.88
CA LEU A 94 10.16 9.55 -3.90
C LEU A 94 11.68 9.61 -3.68
N GLU A 95 12.20 8.72 -2.80
CA GLU A 95 13.64 8.57 -2.54
C GLU A 95 14.38 8.13 -3.83
N ALA A 96 13.69 7.29 -4.64
CA ALA A 96 14.22 6.80 -5.91
C ALA A 96 14.05 7.86 -7.04
N MET A 97 13.40 8.99 -6.71
CA MET A 97 13.20 10.12 -7.65
C MET A 97 14.12 11.30 -7.31
N LYS A 98 15.03 11.09 -6.31
CA LYS A 98 15.92 12.13 -5.73
C LYS A 98 15.14 13.14 -4.87
N ASP A 99 13.84 12.86 -4.62
CA ASP A 99 12.94 13.77 -3.87
C ASP A 99 12.97 13.47 -2.37
N TYR A 100 14.18 13.34 -1.81
CA TYR A 100 14.41 13.02 -0.38
C TYR A 100 13.67 13.98 0.55
N THR A 101 13.60 15.25 0.14
CA THR A 101 12.84 16.30 0.84
C THR A 101 11.36 15.92 0.94
N LYS A 102 10.78 15.45 -0.19
CA LYS A 102 9.36 15.06 -0.27
C LYS A 102 9.12 13.77 0.51
N ALA A 103 10.08 12.83 0.37
CA ALA A 103 10.02 11.51 0.98
C ALA A 103 9.98 11.61 2.50
N MET A 104 10.91 12.40 3.05
CA MET A 104 11.11 12.53 4.51
C MET A 104 9.89 13.17 5.19
N ASP A 105 9.10 13.96 4.42
CA ASP A 105 7.81 14.50 4.90
C ASP A 105 6.80 13.36 5.07
N VAL A 106 6.81 12.42 4.10
CA VAL A 106 5.83 11.32 4.03
C VAL A 106 6.19 10.22 5.05
N TYR A 107 7.50 10.12 5.36
CA TYR A 107 8.01 9.26 6.44
C TYR A 107 7.58 9.81 7.80
N GLN A 108 7.63 11.15 7.93
CA GLN A 108 7.16 11.88 9.13
C GLN A 108 5.65 11.61 9.29
N LYS A 109 4.90 11.69 8.17
CA LYS A 109 3.44 11.44 8.14
C LYS A 109 3.12 9.98 8.51
N ALA A 110 3.98 9.04 8.08
CA ALA A 110 3.84 7.61 8.42
C ALA A 110 3.97 7.42 9.95
N LEU A 111 5.03 8.03 10.51
CA LEU A 111 5.29 8.04 11.97
C LEU A 111 4.20 8.80 12.74
N ASP A 112 3.59 9.79 12.07
CA ASP A 112 2.52 10.63 12.62
C ASP A 112 1.22 9.81 12.74
N LEU A 113 1.01 8.88 11.79
CA LEU A 113 -0.13 7.95 11.83
C LEU A 113 0.12 6.85 12.89
N ASP A 114 1.38 6.39 12.98
CA ASP A 114 1.78 5.34 13.94
C ASP A 114 3.32 5.27 14.04
N SER A 115 3.84 5.34 15.27
CA SER A 115 5.29 5.25 15.54
C SER A 115 5.85 3.88 15.12
N SER A 116 4.99 2.83 15.13
CA SER A 116 5.36 1.46 14.69
C SER A 116 5.85 1.45 13.23
N CYS A 117 5.62 2.56 12.50
CA CYS A 117 6.20 2.83 11.17
C CYS A 117 7.73 3.07 11.21
N LYS A 118 8.39 2.68 12.32
CA LYS A 118 9.87 2.61 12.43
C LYS A 118 10.57 2.10 11.14
N GLU A 119 9.96 1.15 10.41
CA GLU A 119 10.47 0.68 9.08
C GLU A 119 10.66 1.87 8.10
N ALA A 120 9.68 2.79 8.13
CA ALA A 120 9.69 4.03 7.35
C ALA A 120 10.69 5.04 7.95
N ALA A 121 10.96 4.93 9.27
CA ALA A 121 11.89 5.84 9.96
C ALA A 121 13.33 5.54 9.53
N ASP A 122 13.62 4.25 9.29
CA ASP A 122 14.91 3.82 8.72
C ASP A 122 15.04 4.33 7.27
N GLY A 123 13.89 4.41 6.57
CA GLY A 123 13.82 5.03 5.24
C GLY A 123 14.06 6.54 5.30
N TYR A 124 13.67 7.17 6.42
CA TYR A 124 13.96 8.59 6.70
C TYR A 124 15.49 8.81 6.78
N GLN A 125 16.17 8.03 7.67
CA GLN A 125 17.66 8.07 7.80
C GLN A 125 18.35 7.87 6.44
N ARG A 126 17.75 7.01 5.59
CA ARG A 126 18.19 6.83 4.20
C ARG A 126 18.08 8.15 3.41
N CYS A 127 16.93 8.84 3.48
CA CYS A 127 16.66 10.02 2.62
C CYS A 127 17.54 11.21 3.00
N MET A 128 17.65 11.48 4.32
CA MET A 128 18.47 12.58 4.82
C MET A 128 19.97 12.36 4.48
N MET A 129 20.48 11.11 4.65
CA MET A 129 21.90 10.81 4.38
C MET A 129 22.18 10.71 2.87
N ALA A 130 21.13 10.45 2.07
CA ALA A 130 21.24 10.27 0.61
C ALA A 130 21.61 11.59 -0.07
N GLN A 131 20.94 12.67 0.33
CA GLN A 131 21.29 14.02 -0.15
C GLN A 131 22.61 14.50 0.48
N TYR A 132 22.94 14.00 1.69
CA TYR A 132 24.17 14.38 2.41
C TYR A 132 25.26 13.29 2.25
N ASN A 133 25.33 12.66 1.06
CA ASN A 133 26.41 11.70 0.73
C ASN A 133 27.75 12.45 0.60
N MET A 1 -20.39 4.89 -2.47
CA MET A 1 -19.91 3.52 -2.18
C MET A 1 -20.14 3.21 -0.70
N GLY A 2 -21.08 2.27 -0.43
CA GLY A 2 -21.41 1.85 0.92
C GLY A 2 -20.29 1.02 1.53
N HIS A 3 -19.48 1.68 2.36
CA HIS A 3 -18.38 1.04 3.11
C HIS A 3 -18.57 1.22 4.61
N HIS A 4 -19.81 1.54 5.02
CA HIS A 4 -20.18 1.70 6.44
C HIS A 4 -20.37 0.32 7.11
N HIS A 5 -20.32 -0.75 6.28
CA HIS A 5 -20.37 -2.15 6.74
C HIS A 5 -19.23 -2.42 7.74
N HIS A 6 -19.62 -2.70 8.99
CA HIS A 6 -18.67 -2.91 10.11
C HIS A 6 -17.86 -4.19 9.87
N HIS A 7 -16.53 -4.01 9.76
CA HIS A 7 -15.57 -5.09 9.44
C HIS A 7 -15.36 -6.01 10.68
N HIS A 8 -16.36 -6.88 10.91
CA HIS A 8 -16.35 -7.89 12.00
C HIS A 8 -17.57 -8.81 11.84
N SER A 9 -17.50 -9.95 12.56
CA SER A 9 -18.43 -11.09 12.43
C SER A 9 -19.94 -10.70 12.51
N HIS A 10 -20.52 -10.46 11.33
CA HIS A 10 -21.97 -10.31 11.13
C HIS A 10 -22.30 -11.00 9.80
N MET A 11 -22.63 -12.31 9.89
CA MET A 11 -22.73 -13.27 8.78
C MET A 11 -21.47 -13.25 7.89
N ASN A 12 -21.39 -12.22 7.06
CA ASN A 12 -20.21 -11.91 6.23
C ASN A 12 -19.55 -10.66 6.80
N PRO A 13 -18.42 -10.80 7.59
CA PRO A 13 -17.69 -9.65 8.20
C PRO A 13 -17.29 -8.57 7.18
N ASP A 14 -16.88 -9.03 5.99
CA ASP A 14 -16.51 -8.18 4.84
C ASP A 14 -16.17 -9.09 3.66
N LEU A 15 -16.99 -9.05 2.60
CA LEU A 15 -16.79 -9.88 1.38
C LEU A 15 -15.45 -9.53 0.72
N ALA A 16 -15.08 -8.24 0.84
CA ALA A 16 -13.81 -7.70 0.36
C ALA A 16 -12.60 -8.34 1.06
N LEU A 17 -12.80 -8.84 2.30
CA LEU A 17 -11.73 -9.50 3.05
C LEU A 17 -11.48 -10.92 2.51
N MET A 18 -12.52 -11.52 1.90
CA MET A 18 -12.44 -12.91 1.39
C MET A 18 -11.50 -12.97 0.16
N VAL A 19 -11.65 -11.97 -0.72
CA VAL A 19 -10.87 -11.86 -1.97
C VAL A 19 -9.44 -11.34 -1.70
N LYS A 20 -9.27 -10.46 -0.70
CA LYS A 20 -7.93 -9.88 -0.39
C LYS A 20 -6.99 -10.96 0.20
N ASN A 21 -7.59 -12.04 0.74
CA ASN A 21 -6.84 -13.21 1.26
C ASN A 21 -6.16 -13.99 0.12
N LYS A 22 -6.93 -14.31 -0.94
CA LYS A 22 -6.38 -15.07 -2.10
C LYS A 22 -5.36 -14.21 -2.88
N GLY A 23 -5.60 -12.88 -2.93
CA GLY A 23 -4.65 -11.94 -3.55
C GLY A 23 -3.35 -11.86 -2.77
N ASN A 24 -3.48 -11.79 -1.44
CA ASN A 24 -2.36 -11.74 -0.47
C ASN A 24 -1.48 -12.98 -0.59
N GLU A 25 -2.12 -14.15 -0.73
CA GLU A 25 -1.38 -15.41 -0.86
C GLU A 25 -0.73 -15.51 -2.24
N CYS A 26 -1.43 -15.05 -3.31
CA CYS A 26 -0.87 -15.09 -4.69
C CYS A 26 0.52 -14.42 -4.77
N PHE A 27 0.65 -13.28 -4.09
CA PHE A 27 1.92 -12.55 -3.98
C PHE A 27 3.00 -13.43 -3.31
N GLN A 28 2.60 -14.14 -2.22
CA GLN A 28 3.50 -15.04 -1.46
C GLN A 28 3.84 -16.32 -2.26
N LYS A 29 3.12 -16.57 -3.37
CA LYS A 29 3.42 -17.74 -4.25
C LYS A 29 4.56 -17.38 -5.22
N GLY A 30 4.99 -16.10 -5.21
CA GLY A 30 6.10 -15.62 -6.05
C GLY A 30 5.62 -14.74 -7.19
N ASP A 31 4.30 -14.65 -7.37
CA ASP A 31 3.66 -13.80 -8.40
C ASP A 31 3.80 -12.32 -8.01
N TYR A 32 4.11 -11.44 -8.99
CA TYR A 32 4.14 -9.97 -8.79
C TYR A 32 3.08 -9.30 -9.72
N PRO A 33 3.15 -9.44 -11.11
CA PRO A 33 2.08 -8.90 -11.98
C PRO A 33 0.75 -9.64 -11.76
N GLN A 34 0.80 -11.00 -11.80
CA GLN A 34 -0.40 -11.85 -11.56
C GLN A 34 -1.01 -11.53 -10.19
N ALA A 35 -0.13 -11.39 -9.17
CA ALA A 35 -0.52 -10.99 -7.81
C ALA A 35 -1.27 -9.65 -7.83
N MET A 36 -0.81 -8.71 -8.69
CA MET A 36 -1.35 -7.35 -8.78
C MET A 36 -2.78 -7.40 -9.34
N LYS A 37 -3.02 -8.38 -10.24
CA LYS A 37 -4.35 -8.63 -10.86
C LYS A 37 -5.29 -9.33 -9.87
N HIS A 38 -4.70 -10.19 -9.01
CA HIS A 38 -5.42 -10.83 -7.89
C HIS A 38 -5.73 -9.81 -6.78
N TYR A 39 -4.98 -8.69 -6.76
CA TYR A 39 -5.30 -7.51 -5.94
C TYR A 39 -6.31 -6.60 -6.66
N THR A 40 -6.28 -6.55 -8.01
CA THR A 40 -7.20 -5.70 -8.81
C THR A 40 -8.66 -6.20 -8.68
N GLU A 41 -8.85 -7.53 -8.67
CA GLU A 41 -10.17 -8.15 -8.42
C GLU A 41 -10.60 -7.91 -6.95
N ALA A 42 -9.60 -7.76 -6.05
CA ALA A 42 -9.85 -7.37 -4.65
C ALA A 42 -10.32 -5.91 -4.57
N ILE A 43 -9.70 -5.03 -5.41
CA ILE A 43 -10.05 -3.58 -5.50
C ILE A 43 -11.53 -3.39 -5.88
N LYS A 44 -12.06 -4.32 -6.70
CA LYS A 44 -13.48 -4.31 -7.12
C LYS A 44 -14.40 -4.42 -5.88
N ARG A 45 -14.04 -5.33 -4.97
CA ARG A 45 -14.77 -5.59 -3.72
C ARG A 45 -14.53 -4.47 -2.69
N ASN A 46 -13.29 -3.95 -2.66
CA ASN A 46 -12.89 -2.86 -1.72
C ASN A 46 -12.36 -1.61 -2.44
N PRO A 47 -13.28 -0.69 -2.91
CA PRO A 47 -12.88 0.66 -3.40
C PRO A 47 -12.55 1.63 -2.24
N LYS A 48 -12.50 1.08 -1.00
CA LYS A 48 -12.34 1.83 0.25
C LYS A 48 -11.08 1.42 1.01
N ASP A 49 -10.30 0.46 0.46
CA ASP A 49 -9.09 -0.06 1.10
C ASP A 49 -7.85 0.32 0.29
N ALA A 50 -7.34 1.54 0.57
CA ALA A 50 -6.08 2.06 -0.03
C ALA A 50 -4.85 1.17 0.25
N LYS A 51 -4.89 0.36 1.33
CA LYS A 51 -3.82 -0.60 1.65
C LYS A 51 -3.76 -1.76 0.60
N LEU A 52 -4.91 -2.02 -0.06
CA LEU A 52 -5.02 -2.98 -1.19
C LEU A 52 -4.46 -2.36 -2.49
N TYR A 53 -4.78 -1.07 -2.69
CA TYR A 53 -4.23 -0.26 -3.80
C TYR A 53 -2.70 -0.13 -3.67
N SER A 54 -2.23 -0.11 -2.42
CA SER A 54 -0.81 -0.04 -2.06
C SER A 54 -0.07 -1.35 -2.38
N ASN A 55 -0.80 -2.46 -2.44
CA ASN A 55 -0.23 -3.76 -2.83
C ASN A 55 0.07 -3.76 -4.34
N ARG A 56 -0.81 -3.08 -5.10
CA ARG A 56 -0.57 -2.79 -6.52
C ARG A 56 0.63 -1.84 -6.66
N ALA A 57 0.65 -0.77 -5.83
CA ALA A 57 1.70 0.27 -5.83
C ALA A 57 3.08 -0.31 -5.44
N ALA A 58 3.05 -1.29 -4.53
CA ALA A 58 4.23 -2.00 -4.05
C ALA A 58 4.81 -2.87 -5.17
N CYS A 59 3.93 -3.40 -6.05
CA CYS A 59 4.34 -4.16 -7.23
C CYS A 59 4.88 -3.19 -8.33
N TYR A 60 4.16 -2.06 -8.53
CA TYR A 60 4.45 -1.05 -9.60
C TYR A 60 5.91 -0.57 -9.55
N THR A 61 6.44 -0.39 -8.34
CA THR A 61 7.84 0.00 -8.14
C THR A 61 8.82 -1.02 -8.79
N LYS A 62 8.55 -2.33 -8.61
CA LYS A 62 9.38 -3.41 -9.20
C LYS A 62 9.28 -3.37 -10.73
N LEU A 63 8.08 -3.03 -11.21
CA LEU A 63 7.76 -2.95 -12.65
C LEU A 63 8.23 -1.61 -13.27
N LEU A 64 8.92 -0.76 -12.44
CA LEU A 64 9.42 0.59 -12.84
C LEU A 64 8.27 1.59 -13.06
N GLU A 65 7.03 1.17 -12.75
CA GLU A 65 5.81 1.99 -12.84
C GLU A 65 5.60 2.83 -11.56
N PHE A 66 6.71 3.42 -11.05
CA PHE A 66 6.70 4.31 -9.86
C PHE A 66 5.68 5.45 -10.03
N GLN A 67 5.50 5.90 -11.30
CA GLN A 67 4.50 6.92 -11.68
C GLN A 67 3.08 6.51 -11.25
N LEU A 68 2.74 5.22 -11.47
CA LEU A 68 1.41 4.67 -11.14
C LEU A 68 1.28 4.56 -9.61
N ALA A 69 2.38 4.14 -8.97
CA ALA A 69 2.48 4.03 -7.50
C ALA A 69 2.29 5.40 -6.82
N LEU A 70 2.71 6.48 -7.51
CA LEU A 70 2.49 7.87 -7.05
C LEU A 70 1.02 8.29 -7.22
N LYS A 71 0.59 8.36 -8.50
CA LYS A 71 -0.71 8.97 -8.90
C LYS A 71 -1.92 8.22 -8.30
N ASP A 72 -1.82 6.88 -8.21
CA ASP A 72 -2.87 6.03 -7.62
C ASP A 72 -3.00 6.33 -6.11
N CYS A 73 -1.85 6.50 -5.42
CA CYS A 73 -1.80 6.81 -3.98
C CYS A 73 -2.28 8.26 -3.70
N GLU A 74 -2.05 9.18 -4.68
CA GLU A 74 -2.48 10.59 -4.57
C GLU A 74 -4.00 10.70 -4.43
N GLU A 75 -4.74 9.88 -5.20
CA GLU A 75 -6.21 9.86 -5.16
C GLU A 75 -6.74 8.89 -4.08
N CYS A 76 -6.01 7.79 -3.83
CA CYS A 76 -6.48 6.68 -2.96
C CYS A 76 -6.49 7.07 -1.47
N ILE A 77 -5.68 8.09 -1.11
CA ILE A 77 -5.69 8.69 0.24
C ILE A 77 -7.09 9.29 0.56
N GLN A 78 -7.85 9.64 -0.49
CA GLN A 78 -9.22 10.18 -0.34
C GLN A 78 -10.23 9.03 -0.05
N LEU A 79 -9.87 7.81 -0.48
CA LEU A 79 -10.67 6.58 -0.22
C LEU A 79 -10.43 6.08 1.21
N GLU A 80 -9.17 6.11 1.60
CA GLU A 80 -8.69 5.63 2.90
C GLU A 80 -7.43 6.45 3.26
N PRO A 81 -7.54 7.44 4.21
CA PRO A 81 -6.37 8.27 4.62
C PRO A 81 -5.43 7.60 5.65
N THR A 82 -5.96 6.71 6.50
CA THR A 82 -5.21 6.17 7.66
C THR A 82 -4.52 4.82 7.33
N PHE A 83 -4.39 4.50 6.03
CA PHE A 83 -3.66 3.29 5.58
C PHE A 83 -2.15 3.48 5.83
N ILE A 84 -1.56 2.61 6.63
CA ILE A 84 -0.13 2.66 6.97
C ILE A 84 0.69 2.02 5.86
N LYS A 85 0.22 0.84 5.41
CA LYS A 85 0.78 0.16 4.24
C LYS A 85 0.44 1.00 3.00
N GLY A 86 1.37 1.90 2.64
CA GLY A 86 1.22 2.75 1.47
C GLY A 86 2.14 3.95 1.49
N TYR A 87 2.20 4.63 2.63
CA TYR A 87 3.07 5.82 2.83
C TYR A 87 4.56 5.48 2.68
N THR A 88 4.97 4.31 3.22
CA THR A 88 6.34 3.79 3.09
C THR A 88 6.73 3.57 1.60
N ARG A 89 5.74 3.11 0.79
CA ARG A 89 5.93 2.80 -0.65
C ARG A 89 5.88 4.08 -1.50
N LYS A 90 5.03 5.02 -1.07
CA LYS A 90 4.82 6.32 -1.73
C LYS A 90 6.09 7.17 -1.60
N ALA A 91 6.66 7.15 -0.40
CA ALA A 91 7.90 7.85 -0.07
C ALA A 91 9.11 7.19 -0.74
N ALA A 92 9.05 5.85 -0.90
CA ALA A 92 10.07 5.07 -1.62
C ALA A 92 10.08 5.42 -3.12
N ALA A 93 8.87 5.67 -3.67
CA ALA A 93 8.69 6.11 -5.06
C ALA A 93 9.21 7.54 -5.25
N LEU A 94 8.82 8.45 -4.32
CA LEU A 94 9.29 9.86 -4.29
C LEU A 94 10.83 9.91 -4.19
N GLU A 95 11.41 9.01 -3.38
CA GLU A 95 12.86 8.87 -3.21
C GLU A 95 13.53 8.49 -4.54
N ALA A 96 12.79 7.74 -5.41
CA ALA A 96 13.27 7.32 -6.73
C ALA A 96 13.12 8.47 -7.75
N MET A 97 12.32 9.50 -7.38
CA MET A 97 12.10 10.71 -8.19
C MET A 97 12.98 11.87 -7.67
N LYS A 98 13.90 11.54 -6.71
CA LYS A 98 14.84 12.49 -6.07
C LYS A 98 14.12 13.50 -5.15
N ASP A 99 12.83 13.25 -4.88
CA ASP A 99 11.97 14.11 -4.04
C ASP A 99 12.14 13.76 -2.55
N TYR A 100 13.40 13.71 -2.08
CA TYR A 100 13.74 13.40 -0.66
C TYR A 100 13.00 14.33 0.31
N THR A 101 12.85 15.61 -0.09
CA THR A 101 12.15 16.64 0.68
C THR A 101 10.66 16.30 0.90
N LYS A 102 10.05 15.57 -0.06
CA LYS A 102 8.64 15.13 0.03
C LYS A 102 8.57 13.79 0.76
N ALA A 103 9.49 12.88 0.36
CA ALA A 103 9.55 11.49 0.81
C ALA A 103 9.66 11.40 2.33
N MET A 104 10.59 12.21 2.89
CA MET A 104 10.87 12.25 4.34
C MET A 104 9.61 12.51 5.17
N ASP A 105 8.72 13.39 4.66
CA ASP A 105 7.46 13.74 5.33
C ASP A 105 6.47 12.56 5.26
N VAL A 106 6.53 11.78 4.16
CA VAL A 106 5.57 10.68 3.92
C VAL A 106 5.98 9.44 4.74
N TYR A 107 7.31 9.23 4.92
CA TYR A 107 7.88 8.27 5.89
C TYR A 107 7.42 8.66 7.32
N GLN A 108 7.52 9.97 7.61
CA GLN A 108 7.15 10.53 8.91
C GLN A 108 5.64 10.36 9.15
N LYS A 109 4.82 10.52 8.07
CA LYS A 109 3.36 10.34 8.14
C LYS A 109 2.99 8.87 8.35
N ALA A 110 3.78 7.96 7.79
CA ALA A 110 3.63 6.50 8.04
C ALA A 110 3.84 6.19 9.54
N LEU A 111 4.92 6.77 10.10
CA LEU A 111 5.23 6.69 11.55
C LEU A 111 4.16 7.41 12.40
N ASP A 112 3.61 8.50 11.84
CA ASP A 112 2.62 9.39 12.49
C ASP A 112 1.30 8.65 12.73
N LEU A 113 0.94 7.76 11.77
CA LEU A 113 -0.28 6.93 11.86
C LEU A 113 -0.14 5.90 13.00
N ASP A 114 1.01 5.18 13.04
CA ASP A 114 1.36 4.29 14.18
C ASP A 114 2.85 3.87 14.12
N SER A 115 3.44 3.70 15.32
CA SER A 115 4.86 3.36 15.53
C SER A 115 5.25 2.04 14.83
N SER A 116 4.27 1.12 14.67
CA SER A 116 4.46 -0.19 14.00
C SER A 116 5.00 -0.04 12.55
N CYS A 117 4.94 1.20 12.01
CA CYS A 117 5.51 1.53 10.71
C CYS A 117 7.02 1.85 10.77
N LYS A 118 7.73 1.44 11.86
CA LYS A 118 9.22 1.61 12.01
C LYS A 118 10.05 1.37 10.71
N GLU A 119 9.55 0.53 9.78
CA GLU A 119 10.15 0.33 8.44
C GLU A 119 10.41 1.67 7.69
N ALA A 120 9.47 2.60 7.84
CA ALA A 120 9.55 3.96 7.27
C ALA A 120 10.61 4.83 7.98
N ALA A 121 10.95 4.50 9.24
CA ALA A 121 11.99 5.25 10.01
C ALA A 121 13.38 4.93 9.45
N ASP A 122 13.58 3.64 9.12
CA ASP A 122 14.80 3.16 8.43
C ASP A 122 14.94 3.85 7.06
N GLY A 123 13.81 3.92 6.32
CA GLY A 123 13.75 4.58 5.02
C GLY A 123 14.00 6.08 5.09
N TYR A 124 13.52 6.70 6.18
CA TYR A 124 13.67 8.14 6.44
C TYR A 124 15.15 8.52 6.65
N GLN A 125 15.82 7.83 7.58
CA GLN A 125 17.25 8.04 7.90
C GLN A 125 18.16 7.86 6.67
N ARG A 126 17.69 7.06 5.70
CA ARG A 126 18.36 6.89 4.40
C ARG A 126 18.02 8.07 3.45
N CYS A 127 16.78 8.58 3.53
CA CYS A 127 16.23 9.59 2.59
C CYS A 127 16.83 10.98 2.86
N MET A 128 17.04 11.28 4.16
CA MET A 128 17.64 12.56 4.60
C MET A 128 19.12 12.64 4.19
N MET A 129 19.89 11.56 4.43
CA MET A 129 21.35 11.54 4.12
C MET A 129 21.59 11.46 2.60
N ALA A 130 20.54 11.04 1.87
CA ALA A 130 20.57 10.89 0.40
C ALA A 130 20.84 12.23 -0.31
N GLN A 131 20.15 13.30 0.15
CA GLN A 131 20.34 14.67 -0.38
C GLN A 131 21.67 15.28 0.13
N TYR A 132 22.31 14.67 1.14
CA TYR A 132 23.57 15.17 1.74
C TYR A 132 24.77 14.36 1.20
N ASN A 133 24.71 13.99 -0.09
CA ASN A 133 25.77 13.22 -0.77
C ASN A 133 26.26 14.01 -1.99
N MET A 1 -34.79 -9.41 30.35
CA MET A 1 -33.39 -9.51 30.84
C MET A 1 -32.46 -9.82 29.66
N GLY A 2 -31.79 -8.80 29.12
CA GLY A 2 -30.91 -8.94 27.94
C GLY A 2 -29.51 -8.39 28.18
N HIS A 3 -29.07 -8.35 29.45
CA HIS A 3 -27.71 -7.90 29.83
C HIS A 3 -26.67 -8.99 29.48
N HIS A 4 -26.28 -9.01 28.20
CA HIS A 4 -25.24 -9.88 27.65
C HIS A 4 -24.63 -9.18 26.42
N HIS A 5 -23.36 -9.48 26.12
CA HIS A 5 -22.68 -8.96 24.93
C HIS A 5 -23.35 -9.55 23.67
N HIS A 6 -23.49 -8.72 22.61
CA HIS A 6 -24.14 -9.13 21.35
C HIS A 6 -23.28 -10.20 20.63
N HIS A 7 -23.96 -11.24 20.13
CA HIS A 7 -23.30 -12.42 19.52
C HIS A 7 -22.91 -12.09 18.08
N HIS A 8 -21.60 -12.05 17.81
CA HIS A 8 -21.04 -11.80 16.46
C HIS A 8 -21.05 -13.11 15.63
N SER A 9 -22.25 -13.65 15.41
CA SER A 9 -22.47 -14.98 14.78
C SER A 9 -22.38 -14.93 13.24
N HIS A 10 -21.74 -13.88 12.71
CA HIS A 10 -21.41 -13.78 11.27
C HIS A 10 -20.08 -14.54 11.03
N MET A 11 -20.18 -15.74 10.44
CA MET A 11 -19.02 -16.65 10.27
C MET A 11 -17.95 -16.07 9.34
N ASN A 12 -18.40 -15.34 8.31
CA ASN A 12 -17.51 -14.50 7.48
C ASN A 12 -17.56 -13.05 8.01
N PRO A 13 -16.44 -12.51 8.61
CA PRO A 13 -16.36 -11.09 9.03
C PRO A 13 -16.37 -10.14 7.80
N ASP A 14 -15.70 -10.57 6.72
CA ASP A 14 -15.59 -9.82 5.47
C ASP A 14 -15.18 -10.76 4.33
N LEU A 15 -16.08 -10.98 3.36
CA LEU A 15 -15.82 -11.86 2.19
C LEU A 15 -14.65 -11.30 1.37
N ALA A 16 -14.56 -9.96 1.33
CA ALA A 16 -13.50 -9.23 0.63
C ALA A 16 -12.12 -9.52 1.23
N LEU A 17 -12.06 -9.93 2.51
CA LEU A 17 -10.80 -10.28 3.17
C LEU A 17 -10.32 -11.66 2.65
N MET A 18 -11.28 -12.52 2.28
CA MET A 18 -10.99 -13.91 1.85
C MET A 18 -10.33 -13.88 0.45
N VAL A 19 -10.81 -12.95 -0.40
CA VAL A 19 -10.35 -12.79 -1.79
C VAL A 19 -9.08 -11.89 -1.89
N LYS A 20 -8.81 -11.04 -0.87
CA LYS A 20 -7.56 -10.23 -0.86
C LYS A 20 -6.36 -11.08 -0.37
N ASN A 21 -6.66 -12.11 0.45
CA ASN A 21 -5.64 -13.01 1.06
C ASN A 21 -4.89 -13.83 -0.02
N LYS A 22 -5.61 -14.30 -1.05
CA LYS A 22 -5.00 -14.98 -2.21
C LYS A 22 -4.12 -13.99 -3.02
N GLY A 23 -4.60 -12.73 -3.15
CA GLY A 23 -3.83 -11.67 -3.83
C GLY A 23 -2.50 -11.34 -3.13
N ASN A 24 -2.49 -11.50 -1.79
CA ASN A 24 -1.30 -11.27 -0.95
C ASN A 24 -0.23 -12.35 -1.19
N GLU A 25 -0.66 -13.62 -1.27
CA GLU A 25 0.28 -14.74 -1.45
C GLU A 25 0.84 -14.76 -2.88
N CYS A 26 -0.06 -14.57 -3.90
CA CYS A 26 0.27 -14.75 -5.35
C CYS A 26 1.58 -14.05 -5.74
N PHE A 27 1.67 -12.77 -5.35
CA PHE A 27 2.83 -11.90 -5.57
C PHE A 27 4.14 -12.58 -5.11
N GLN A 28 4.09 -13.04 -3.86
CA GLN A 28 5.19 -13.70 -3.16
C GLN A 28 5.53 -15.08 -3.77
N LYS A 29 4.57 -15.68 -4.52
CA LYS A 29 4.79 -16.99 -5.18
C LYS A 29 5.55 -16.81 -6.51
N GLY A 30 5.63 -15.55 -6.99
CA GLY A 30 6.29 -15.22 -8.26
C GLY A 30 5.32 -14.64 -9.28
N ASP A 31 4.03 -14.56 -8.90
CA ASP A 31 2.96 -14.04 -9.76
C ASP A 31 2.78 -12.53 -9.47
N TYR A 32 3.79 -11.71 -9.84
CA TYR A 32 3.81 -10.26 -9.53
C TYR A 32 2.66 -9.47 -10.24
N PRO A 33 2.45 -9.59 -11.61
CA PRO A 33 1.31 -8.91 -12.29
C PRO A 33 -0.03 -9.57 -11.92
N GLN A 34 -0.06 -10.92 -11.96
CA GLN A 34 -1.27 -11.72 -11.70
C GLN A 34 -1.84 -11.45 -10.28
N ALA A 35 -0.95 -11.12 -9.32
CA ALA A 35 -1.33 -10.71 -7.95
C ALA A 35 -2.17 -9.44 -7.97
N MET A 36 -1.81 -8.50 -8.86
CA MET A 36 -2.50 -7.21 -9.00
C MET A 36 -3.90 -7.45 -9.61
N LYS A 37 -4.01 -8.51 -10.43
CA LYS A 37 -5.27 -8.95 -11.03
C LYS A 37 -6.15 -9.66 -9.98
N HIS A 38 -5.50 -10.37 -9.04
CA HIS A 38 -6.16 -10.99 -7.87
C HIS A 38 -6.57 -9.91 -6.85
N TYR A 39 -5.93 -8.74 -6.91
CA TYR A 39 -6.41 -7.55 -6.22
C TYR A 39 -7.61 -6.94 -6.99
N THR A 40 -7.55 -6.91 -8.33
CA THR A 40 -8.61 -6.31 -9.19
C THR A 40 -9.99 -6.97 -8.95
N GLU A 41 -9.98 -8.29 -8.71
CA GLU A 41 -11.20 -9.05 -8.36
C GLU A 41 -11.60 -8.78 -6.89
N ALA A 42 -10.61 -8.47 -6.04
CA ALA A 42 -10.84 -8.08 -4.64
C ALA A 42 -11.54 -6.70 -4.58
N ILE A 43 -11.15 -5.76 -5.49
CA ILE A 43 -11.75 -4.40 -5.63
C ILE A 43 -13.29 -4.51 -5.83
N LYS A 44 -13.73 -5.58 -6.54
CA LYS A 44 -15.16 -5.87 -6.79
C LYS A 44 -15.92 -6.11 -5.47
N ARG A 45 -15.23 -6.76 -4.53
CA ARG A 45 -15.78 -7.12 -3.21
C ARG A 45 -15.72 -5.91 -2.24
N ASN A 46 -14.58 -5.19 -2.22
CA ASN A 46 -14.40 -3.97 -1.40
C ASN A 46 -14.27 -2.72 -2.29
N PRO A 47 -15.38 -1.93 -2.51
CA PRO A 47 -15.30 -0.58 -3.14
C PRO A 47 -14.66 0.51 -2.23
N LYS A 48 -14.41 0.21 -0.94
CA LYS A 48 -13.75 1.16 0.00
C LYS A 48 -12.31 0.70 0.33
N ASP A 49 -11.71 0.00 -0.63
CA ASP A 49 -10.43 -0.72 -0.47
C ASP A 49 -9.18 0.20 -0.61
N ALA A 50 -9.22 1.37 -0.01
CA ALA A 50 -8.16 2.39 -0.12
C ALA A 50 -6.76 1.88 0.29
N LYS A 51 -6.70 0.97 1.27
CA LYS A 51 -5.43 0.37 1.73
C LYS A 51 -4.96 -0.77 0.79
N LEU A 52 -5.90 -1.37 0.02
CA LEU A 52 -5.56 -2.38 -1.03
C LEU A 52 -4.80 -1.72 -2.18
N TYR A 53 -5.08 -0.42 -2.37
CA TYR A 53 -4.35 0.42 -3.32
C TYR A 53 -2.89 0.66 -2.85
N SER A 54 -2.65 0.61 -1.53
CA SER A 54 -1.29 0.64 -0.97
C SER A 54 -0.49 -0.62 -1.41
N ASN A 55 -1.22 -1.75 -1.52
CA ASN A 55 -0.66 -3.04 -2.01
C ASN A 55 -0.43 -3.00 -3.53
N ARG A 56 -1.32 -2.26 -4.23
CA ARG A 56 -1.26 -2.08 -5.69
C ARG A 56 -0.01 -1.25 -6.08
N ALA A 57 0.22 -0.17 -5.31
CA ALA A 57 1.45 0.65 -5.41
C ALA A 57 2.69 -0.16 -5.04
N ALA A 58 2.53 -1.05 -4.04
CA ALA A 58 3.58 -1.98 -3.58
C ALA A 58 3.88 -3.05 -4.65
N CYS A 59 2.96 -3.25 -5.60
CA CYS A 59 3.21 -4.05 -6.80
C CYS A 59 4.00 -3.22 -7.83
N TYR A 60 3.47 -2.00 -8.14
CA TYR A 60 4.01 -1.08 -9.18
C TYR A 60 5.50 -0.74 -8.97
N THR A 61 5.96 -0.78 -7.71
CA THR A 61 7.38 -0.59 -7.38
C THR A 61 8.25 -1.68 -8.07
N LYS A 62 7.82 -2.97 -7.92
CA LYS A 62 8.56 -4.14 -8.49
C LYS A 62 8.43 -4.15 -10.02
N LEU A 63 7.32 -3.57 -10.50
CA LEU A 63 7.02 -3.46 -11.93
C LEU A 63 7.64 -2.19 -12.54
N LEU A 64 8.37 -1.39 -11.69
CA LEU A 64 9.07 -0.14 -12.08
C LEU A 64 8.10 1.00 -12.48
N GLU A 65 6.80 0.77 -12.30
CA GLU A 65 5.73 1.72 -12.64
C GLU A 65 5.46 2.67 -11.47
N PHE A 66 6.54 3.27 -10.93
CA PHE A 66 6.48 4.23 -9.81
C PHE A 66 5.58 5.44 -10.14
N GLN A 67 5.46 5.75 -11.46
CA GLN A 67 4.54 6.79 -11.97
C GLN A 67 3.10 6.49 -11.56
N LEU A 68 2.73 5.20 -11.66
CA LEU A 68 1.40 4.72 -11.29
C LEU A 68 1.27 4.72 -9.76
N ALA A 69 2.38 4.36 -9.07
CA ALA A 69 2.45 4.31 -7.59
C ALA A 69 2.30 5.72 -6.94
N LEU A 70 2.76 6.78 -7.64
CA LEU A 70 2.60 8.18 -7.20
C LEU A 70 1.10 8.56 -7.16
N LYS A 71 0.46 8.49 -8.36
CA LYS A 71 -0.96 8.85 -8.53
C LYS A 71 -1.91 7.83 -7.85
N ASP A 72 -1.38 6.63 -7.58
CA ASP A 72 -2.05 5.59 -6.77
C ASP A 72 -2.29 6.16 -5.37
N CYS A 73 -1.23 6.74 -4.79
CA CYS A 73 -1.29 7.39 -3.48
C CYS A 73 -2.19 8.62 -3.53
N GLU A 74 -2.10 9.40 -4.63
CA GLU A 74 -2.88 10.64 -4.78
C GLU A 74 -4.41 10.39 -4.89
N GLU A 75 -4.83 9.21 -5.41
CA GLU A 75 -6.26 8.87 -5.52
C GLU A 75 -6.78 8.22 -4.20
N CYS A 76 -6.03 7.24 -3.66
CA CYS A 76 -6.48 6.45 -2.49
C CYS A 76 -6.53 7.29 -1.20
N ILE A 77 -5.75 8.41 -1.17
CA ILE A 77 -5.80 9.38 -0.06
C ILE A 77 -7.23 9.97 0.09
N GLN A 78 -7.99 10.06 -1.04
CA GLN A 78 -9.37 10.60 -1.04
C GLN A 78 -10.34 9.66 -0.29
N LEU A 79 -10.05 8.35 -0.34
CA LEU A 79 -10.87 7.31 0.32
C LEU A 79 -10.37 7.03 1.74
N GLU A 80 -9.06 7.19 1.96
CA GLU A 80 -8.40 6.95 3.27
C GLU A 80 -7.17 7.87 3.40
N PRO A 81 -7.22 8.94 4.23
CA PRO A 81 -6.06 9.84 4.42
C PRO A 81 -4.88 9.21 5.20
N THR A 82 -5.16 8.11 5.94
CA THR A 82 -4.17 7.49 6.85
C THR A 82 -3.63 6.15 6.32
N PHE A 83 -3.77 5.88 4.99
CA PHE A 83 -3.24 4.63 4.37
C PHE A 83 -1.68 4.62 4.51
N ILE A 84 -1.17 3.73 5.36
CA ILE A 84 0.22 3.78 5.85
C ILE A 84 1.23 3.28 4.80
N LYS A 85 0.97 2.08 4.24
CA LYS A 85 1.94 1.41 3.34
C LYS A 85 2.09 2.17 2.02
N GLY A 86 1.02 2.85 1.59
CA GLY A 86 1.06 3.69 0.41
C GLY A 86 1.86 4.97 0.63
N TYR A 87 1.81 5.52 1.86
CA TYR A 87 2.70 6.63 2.27
C TYR A 87 4.18 6.20 2.19
N THR A 88 4.50 5.01 2.73
CA THR A 88 5.88 4.50 2.76
C THR A 88 6.36 4.15 1.33
N ARG A 89 5.41 3.73 0.46
CA ARG A 89 5.66 3.46 -0.99
C ARG A 89 5.82 4.77 -1.78
N LYS A 90 5.11 5.83 -1.34
CA LYS A 90 5.17 7.16 -1.96
C LYS A 90 6.54 7.79 -1.68
N ALA A 91 6.99 7.67 -0.43
CA ALA A 91 8.27 8.17 0.03
C ALA A 91 9.42 7.32 -0.55
N ALA A 92 9.15 6.02 -0.78
CA ALA A 92 10.09 5.10 -1.46
C ALA A 92 10.27 5.49 -2.93
N ALA A 93 9.14 5.90 -3.56
CA ALA A 93 9.13 6.37 -4.94
C ALA A 93 9.93 7.67 -5.06
N LEU A 94 9.61 8.65 -4.19
CA LEU A 94 10.30 9.95 -4.13
C LEU A 94 11.80 9.79 -3.90
N GLU A 95 12.17 8.85 -3.01
CA GLU A 95 13.58 8.48 -2.77
C GLU A 95 14.27 8.04 -4.08
N ALA A 96 13.52 7.34 -4.96
CA ALA A 96 14.01 6.91 -6.28
C ALA A 96 13.97 8.09 -7.28
N MET A 97 13.15 9.14 -6.97
CA MET A 97 13.02 10.35 -7.80
C MET A 97 13.98 11.45 -7.29
N LYS A 98 14.88 11.09 -6.33
CA LYS A 98 15.90 11.98 -5.73
C LYS A 98 15.28 13.08 -4.83
N ASP A 99 13.98 12.93 -4.51
CA ASP A 99 13.19 13.92 -3.76
C ASP A 99 13.25 13.65 -2.24
N TYR A 100 14.46 13.32 -1.73
CA TYR A 100 14.70 12.99 -0.29
C TYR A 100 14.07 14.02 0.67
N THR A 101 14.03 15.29 0.23
CA THR A 101 13.44 16.41 0.97
C THR A 101 11.95 16.17 1.29
N LYS A 102 11.18 15.72 0.27
CA LYS A 102 9.73 15.49 0.43
C LYS A 102 9.47 14.06 0.92
N ALA A 103 10.37 13.13 0.54
CA ALA A 103 10.28 11.72 0.94
C ALA A 103 10.33 11.59 2.46
N MET A 104 11.32 12.27 3.08
CA MET A 104 11.54 12.25 4.54
C MET A 104 10.32 12.81 5.30
N ASP A 105 9.59 13.74 4.65
CA ASP A 105 8.33 14.30 5.18
C ASP A 105 7.26 13.22 5.21
N VAL A 106 7.18 12.39 4.16
CA VAL A 106 6.11 11.40 3.99
C VAL A 106 6.39 10.17 4.89
N TYR A 107 7.69 9.87 5.13
CA TYR A 107 8.13 8.86 6.12
C TYR A 107 7.69 9.27 7.53
N GLN A 108 7.95 10.56 7.86
CA GLN A 108 7.63 11.17 9.17
C GLN A 108 6.10 11.15 9.39
N LYS A 109 5.35 11.62 8.38
CA LYS A 109 3.89 11.70 8.43
C LYS A 109 3.24 10.32 8.50
N ALA A 110 3.87 9.34 7.85
CA ALA A 110 3.44 7.93 7.91
C ALA A 110 3.62 7.36 9.34
N LEU A 111 4.77 7.70 9.98
CA LEU A 111 5.03 7.36 11.40
C LEU A 111 3.99 8.06 12.32
N ASP A 112 3.62 9.29 11.93
CA ASP A 112 2.63 10.13 12.64
C ASP A 112 1.20 9.57 12.53
N LEU A 113 0.96 8.70 11.51
CA LEU A 113 -0.32 7.98 11.37
C LEU A 113 -0.45 6.92 12.47
N ASP A 114 0.46 5.91 12.46
CA ASP A 114 0.50 4.83 13.46
C ASP A 114 1.83 4.06 13.37
N SER A 115 2.20 3.39 14.48
CA SER A 115 3.47 2.63 14.63
C SER A 115 3.55 1.41 13.68
N SER A 116 2.44 1.03 13.01
CA SER A 116 2.48 0.05 11.90
C SER A 116 3.36 0.54 10.72
N CYS A 117 3.80 1.80 10.79
CA CYS A 117 4.73 2.40 9.83
C CYS A 117 6.20 2.35 10.28
N LYS A 118 6.56 1.61 11.37
CA LYS A 118 7.98 1.57 11.90
C LYS A 118 9.08 1.42 10.81
N GLU A 119 8.74 0.71 9.71
CA GLU A 119 9.65 0.52 8.54
C GLU A 119 10.15 1.86 7.93
N ALA A 120 9.28 2.88 7.98
CA ALA A 120 9.55 4.24 7.49
C ALA A 120 10.61 4.98 8.33
N ALA A 121 10.83 4.55 9.58
CA ALA A 121 11.87 5.14 10.45
C ALA A 121 13.26 4.85 9.87
N ASP A 122 13.46 3.58 9.47
CA ASP A 122 14.72 3.11 8.86
C ASP A 122 14.93 3.74 7.46
N GLY A 123 13.80 3.93 6.74
CA GLY A 123 13.80 4.59 5.43
C GLY A 123 14.09 6.08 5.49
N TYR A 124 13.66 6.71 6.61
CA TYR A 124 13.94 8.13 6.89
C TYR A 124 15.45 8.38 6.97
N GLN A 125 16.14 7.66 7.90
CA GLN A 125 17.60 7.74 8.07
C GLN A 125 18.35 7.52 6.73
N ARG A 126 17.81 6.66 5.86
CA ARG A 126 18.40 6.36 4.55
C ARG A 126 18.25 7.56 3.58
N CYS A 127 17.12 8.30 3.67
CA CYS A 127 16.83 9.42 2.75
C CYS A 127 17.63 10.67 3.13
N MET A 128 17.61 11.01 4.43
CA MET A 128 18.40 12.14 4.94
C MET A 128 19.90 11.92 4.69
N MET A 129 20.40 10.67 4.84
CA MET A 129 21.83 10.36 4.61
C MET A 129 22.16 10.32 3.12
N ALA A 130 21.17 9.95 2.26
CA ALA A 130 21.37 9.79 0.80
C ALA A 130 21.82 11.10 0.13
N GLN A 131 21.15 12.19 0.52
CA GLN A 131 21.49 13.55 0.07
C GLN A 131 22.81 14.04 0.73
N TYR A 132 23.26 13.36 1.81
CA TYR A 132 24.54 13.66 2.48
C TYR A 132 25.59 12.56 2.16
N ASN A 133 25.54 12.04 0.93
CA ASN A 133 26.54 11.10 0.38
C ASN A 133 26.95 11.57 -1.03
N MET A 1 -4.98 -6.58 14.50
CA MET A 1 -5.39 -6.84 13.09
C MET A 1 -5.46 -8.35 12.83
N GLY A 2 -5.90 -8.73 11.62
CA GLY A 2 -6.16 -10.12 11.28
C GLY A 2 -7.48 -10.61 11.86
N HIS A 3 -8.58 -9.94 11.44
CA HIS A 3 -9.95 -10.26 11.90
C HIS A 3 -10.33 -11.69 11.46
N HIS A 4 -10.18 -12.64 12.40
CA HIS A 4 -10.38 -14.09 12.15
C HIS A 4 -11.76 -14.54 12.61
N HIS A 5 -12.20 -15.67 12.05
CA HIS A 5 -13.48 -16.32 12.39
C HIS A 5 -13.33 -17.81 12.07
N HIS A 6 -14.16 -18.66 12.74
CA HIS A 6 -14.18 -20.11 12.48
C HIS A 6 -14.48 -20.40 10.99
N HIS A 7 -13.66 -21.26 10.36
CA HIS A 7 -13.68 -21.46 8.89
C HIS A 7 -14.85 -22.37 8.45
N HIS A 8 -15.42 -23.15 9.39
CA HIS A 8 -16.65 -23.96 9.15
C HIS A 8 -17.92 -23.15 9.45
N SER A 9 -17.73 -21.91 9.90
CA SER A 9 -18.84 -20.99 10.19
C SER A 9 -19.16 -20.21 8.92
N HIS A 10 -20.42 -20.34 8.45
CA HIS A 10 -20.90 -19.71 7.20
C HIS A 10 -21.38 -18.27 7.50
N MET A 11 -20.48 -17.49 8.09
CA MET A 11 -20.69 -16.07 8.43
C MET A 11 -19.63 -15.23 7.70
N ASN A 12 -18.35 -15.64 7.90
CA ASN A 12 -17.15 -14.91 7.43
C ASN A 12 -17.01 -13.51 8.07
N PRO A 13 -15.74 -13.06 8.38
CA PRO A 13 -15.49 -11.67 8.82
C PRO A 13 -15.80 -10.67 7.68
N ASP A 14 -15.37 -11.05 6.44
CA ASP A 14 -15.61 -10.27 5.19
C ASP A 14 -14.97 -10.99 3.99
N LEU A 15 -15.81 -11.38 2.99
CA LEU A 15 -15.35 -11.99 1.73
C LEU A 15 -14.40 -11.07 0.95
N ALA A 16 -14.68 -9.76 0.98
CA ALA A 16 -13.83 -8.73 0.37
C ALA A 16 -12.44 -8.67 1.05
N LEU A 17 -12.33 -9.21 2.29
CA LEU A 17 -11.04 -9.35 2.99
C LEU A 17 -10.34 -10.65 2.53
N MET A 18 -11.12 -11.65 2.11
CA MET A 18 -10.56 -12.96 1.69
C MET A 18 -9.92 -12.84 0.30
N VAL A 19 -10.52 -11.99 -0.55
CA VAL A 19 -10.01 -11.73 -1.92
C VAL A 19 -8.69 -10.92 -1.87
N LYS A 20 -8.51 -10.07 -0.82
CA LYS A 20 -7.26 -9.32 -0.64
C LYS A 20 -6.19 -10.22 0.00
N ASN A 21 -6.63 -11.29 0.72
CA ASN A 21 -5.71 -12.29 1.31
C ASN A 21 -4.99 -13.07 0.20
N LYS A 22 -5.76 -13.54 -0.80
CA LYS A 22 -5.21 -14.28 -1.96
C LYS A 22 -4.41 -13.34 -2.87
N GLY A 23 -4.83 -12.06 -2.95
CA GLY A 23 -4.06 -11.01 -3.66
C GLY A 23 -2.65 -10.82 -3.07
N ASN A 24 -2.61 -10.59 -1.74
CA ASN A 24 -1.37 -10.46 -0.92
C ASN A 24 -0.52 -11.72 -1.03
N GLU A 25 -1.19 -12.89 -0.97
CA GLU A 25 -0.54 -14.21 -1.01
C GLU A 25 0.16 -14.43 -2.35
N CYS A 26 -0.52 -14.09 -3.46
CA CYS A 26 0.00 -14.28 -4.83
C CYS A 26 1.35 -13.60 -5.02
N PHE A 27 1.41 -12.31 -4.62
CA PHE A 27 2.63 -11.50 -4.64
C PHE A 27 3.74 -12.18 -3.79
N GLN A 28 3.31 -12.62 -2.59
CA GLN A 28 4.15 -13.34 -1.62
C GLN A 28 4.61 -14.72 -2.16
N LYS A 29 3.89 -15.30 -3.16
CA LYS A 29 4.26 -16.61 -3.77
C LYS A 29 5.43 -16.42 -4.75
N GLY A 30 5.64 -15.16 -5.18
CA GLY A 30 6.66 -14.85 -6.19
C GLY A 30 6.05 -14.43 -7.50
N ASP A 31 4.71 -14.49 -7.59
CA ASP A 31 3.96 -13.93 -8.73
C ASP A 31 3.80 -12.43 -8.50
N TYR A 32 4.70 -11.64 -9.07
CA TYR A 32 4.66 -10.17 -9.01
C TYR A 32 3.68 -9.56 -10.06
N PRO A 33 3.72 -9.94 -11.40
CA PRO A 33 2.89 -9.27 -12.44
C PRO A 33 1.37 -9.48 -12.19
N GLN A 34 0.93 -10.75 -12.16
CA GLN A 34 -0.50 -11.08 -12.08
C GLN A 34 -1.05 -10.79 -10.67
N ALA A 35 -0.14 -10.60 -9.67
CA ALA A 35 -0.52 -10.12 -8.32
C ALA A 35 -1.27 -8.78 -8.41
N MET A 36 -0.88 -7.94 -9.40
CA MET A 36 -1.57 -6.68 -9.70
C MET A 36 -3.04 -6.93 -10.07
N LYS A 37 -3.25 -8.00 -10.88
CA LYS A 37 -4.59 -8.45 -11.32
C LYS A 37 -5.37 -9.11 -10.16
N HIS A 38 -4.63 -9.80 -9.27
CA HIS A 38 -5.17 -10.44 -8.06
C HIS A 38 -5.55 -9.39 -6.99
N TYR A 39 -4.96 -8.20 -7.12
CA TYR A 39 -5.38 -7.02 -6.35
C TYR A 39 -6.55 -6.32 -7.04
N THR A 40 -6.57 -6.31 -8.38
CA THR A 40 -7.65 -5.65 -9.16
C THR A 40 -9.03 -6.28 -8.87
N GLU A 41 -9.07 -7.63 -8.79
CA GLU A 41 -10.30 -8.36 -8.42
C GLU A 41 -10.72 -8.01 -6.96
N ALA A 42 -9.72 -7.73 -6.11
CA ALA A 42 -9.95 -7.30 -4.73
C ALA A 42 -10.52 -5.86 -4.69
N ILE A 43 -10.04 -5.01 -5.60
CA ILE A 43 -10.53 -3.62 -5.80
C ILE A 43 -11.98 -3.65 -6.32
N LYS A 44 -12.33 -4.69 -7.08
CA LYS A 44 -13.71 -4.89 -7.59
C LYS A 44 -14.67 -5.29 -6.45
N ARG A 45 -14.12 -5.90 -5.38
CA ARG A 45 -14.87 -6.27 -4.15
C ARG A 45 -14.94 -5.08 -3.18
N ASN A 46 -13.84 -4.31 -3.09
CA ASN A 46 -13.74 -3.13 -2.20
C ASN A 46 -12.98 -1.96 -2.89
N PRO A 47 -13.68 -1.15 -3.75
CA PRO A 47 -13.08 0.08 -4.35
C PRO A 47 -12.92 1.21 -3.31
N LYS A 48 -13.59 1.02 -2.16
CA LYS A 48 -13.57 1.93 -1.01
C LYS A 48 -12.33 1.69 -0.12
N ASP A 49 -11.60 0.59 -0.37
CA ASP A 49 -10.43 0.21 0.43
C ASP A 49 -9.21 0.98 -0.07
N ALA A 50 -8.55 1.69 0.87
CA ALA A 50 -7.40 2.55 0.56
C ALA A 50 -6.10 1.76 0.33
N LYS A 51 -5.66 1.02 1.38
CA LYS A 51 -4.30 0.41 1.39
C LYS A 51 -4.16 -0.71 0.33
N LEU A 52 -5.30 -1.21 -0.18
CA LEU A 52 -5.32 -2.17 -1.31
C LEU A 52 -4.70 -1.57 -2.59
N TYR A 53 -4.93 -0.27 -2.84
CA TYR A 53 -4.26 0.48 -3.92
C TYR A 53 -2.77 0.68 -3.59
N SER A 54 -2.47 0.82 -2.30
CA SER A 54 -1.10 0.93 -1.78
C SER A 54 -0.34 -0.42 -1.88
N ASN A 55 -1.11 -1.52 -1.85
CA ASN A 55 -0.60 -2.89 -2.04
C ASN A 55 -0.35 -3.14 -3.53
N ARG A 56 -1.18 -2.51 -4.39
CA ARG A 56 -0.92 -2.46 -5.83
C ARG A 56 0.34 -1.63 -6.10
N ALA A 57 0.51 -0.54 -5.33
CA ALA A 57 1.68 0.37 -5.40
C ALA A 57 2.97 -0.35 -4.98
N ALA A 58 2.82 -1.29 -4.02
CA ALA A 58 3.90 -2.19 -3.59
C ALA A 58 4.37 -3.10 -4.74
N CYS A 59 3.41 -3.45 -5.62
CA CYS A 59 3.67 -4.22 -6.84
C CYS A 59 4.27 -3.32 -7.94
N TYR A 60 3.68 -2.12 -8.12
CA TYR A 60 4.02 -1.19 -9.24
C TYR A 60 5.48 -0.74 -9.19
N THR A 61 6.00 -0.51 -7.98
CA THR A 61 7.41 -0.20 -7.76
C THR A 61 8.32 -1.30 -8.36
N LYS A 62 7.91 -2.58 -8.15
CA LYS A 62 8.67 -3.77 -8.61
C LYS A 62 8.63 -3.84 -10.14
N LEU A 63 7.48 -3.44 -10.69
CA LEU A 63 7.22 -3.44 -12.13
C LEU A 63 7.76 -2.15 -12.80
N LEU A 64 8.39 -1.23 -11.98
CA LEU A 64 8.91 0.08 -12.45
C LEU A 64 7.77 1.05 -12.87
N GLU A 65 6.52 0.66 -12.54
CA GLU A 65 5.29 1.44 -12.76
C GLU A 65 5.05 2.46 -11.61
N PHE A 66 6.11 3.20 -11.23
CA PHE A 66 6.06 4.22 -10.17
C PHE A 66 5.00 5.31 -10.47
N GLN A 67 4.73 5.57 -11.77
CA GLN A 67 3.69 6.51 -12.22
C GLN A 67 2.31 6.10 -11.69
N LEU A 68 2.05 4.77 -11.67
CA LEU A 68 0.78 4.24 -11.18
C LEU A 68 0.77 4.29 -9.65
N ALA A 69 1.92 3.92 -9.04
CA ALA A 69 2.11 3.91 -7.56
C ALA A 69 1.82 5.30 -6.94
N LEU A 70 2.15 6.37 -7.70
CA LEU A 70 1.81 7.77 -7.32
C LEU A 70 0.28 7.99 -7.31
N LYS A 71 -0.38 7.80 -8.46
CA LYS A 71 -1.84 8.06 -8.59
C LYS A 71 -2.70 7.09 -7.74
N ASP A 72 -2.12 5.95 -7.34
CA ASP A 72 -2.73 5.01 -6.38
C ASP A 72 -2.78 5.63 -4.97
N CYS A 73 -1.63 6.18 -4.50
CA CYS A 73 -1.56 6.83 -3.18
C CYS A 73 -2.42 8.12 -3.15
N GLU A 74 -2.52 8.79 -4.32
CA GLU A 74 -3.31 10.04 -4.46
C GLU A 74 -4.84 9.79 -4.42
N GLU A 75 -5.31 8.62 -4.87
CA GLU A 75 -6.75 8.30 -4.82
C GLU A 75 -7.13 7.68 -3.47
N CYS A 76 -6.26 6.78 -2.95
CA CYS A 76 -6.55 6.00 -1.74
C CYS A 76 -6.59 6.88 -0.47
N ILE A 77 -5.91 8.05 -0.50
CA ILE A 77 -6.00 9.06 0.58
C ILE A 77 -7.46 9.52 0.75
N GLN A 78 -8.18 9.62 -0.38
CA GLN A 78 -9.56 10.13 -0.41
C GLN A 78 -10.56 9.09 0.13
N LEU A 79 -10.15 7.81 0.10
CA LEU A 79 -10.94 6.68 0.63
C LEU A 79 -10.74 6.56 2.15
N GLU A 80 -9.46 6.50 2.56
CA GLU A 80 -9.06 6.36 3.96
C GLU A 80 -7.68 7.03 4.15
N PRO A 81 -7.60 8.24 4.77
CA PRO A 81 -6.31 8.97 4.98
C PRO A 81 -5.34 8.27 5.96
N THR A 82 -5.82 7.28 6.76
CA THR A 82 -4.96 6.55 7.72
C THR A 82 -4.27 5.33 7.07
N PHE A 83 -4.26 5.29 5.72
CA PHE A 83 -3.56 4.25 4.95
C PHE A 83 -2.01 4.39 5.15
N ILE A 84 -1.42 3.39 5.82
CA ILE A 84 0.01 3.42 6.21
C ILE A 84 0.90 2.98 5.04
N LYS A 85 0.49 1.88 4.38
CA LYS A 85 1.26 1.25 3.30
C LYS A 85 1.49 2.21 2.12
N GLY A 86 0.57 3.16 1.92
CA GLY A 86 0.68 4.12 0.84
C GLY A 86 1.78 5.13 1.05
N TYR A 87 1.92 5.65 2.29
CA TYR A 87 2.97 6.62 2.65
C TYR A 87 4.37 5.97 2.69
N THR A 88 4.42 4.64 2.93
CA THR A 88 5.69 3.90 2.97
C THR A 88 6.16 3.54 1.54
N ARG A 89 5.19 3.28 0.63
CA ARG A 89 5.45 3.10 -0.81
C ARG A 89 5.59 4.47 -1.52
N LYS A 90 5.09 5.53 -0.86
CA LYS A 90 5.19 6.92 -1.33
C LYS A 90 6.63 7.38 -1.20
N ALA A 91 7.22 7.21 0.00
CA ALA A 91 8.63 7.52 0.25
C ALA A 91 9.57 6.72 -0.69
N ALA A 92 9.15 5.47 -0.98
CA ALA A 92 9.86 4.57 -1.90
C ALA A 92 9.78 5.07 -3.37
N ALA A 93 8.62 5.63 -3.76
CA ALA A 93 8.41 6.20 -5.10
C ALA A 93 9.25 7.47 -5.26
N LEU A 94 9.09 8.39 -4.29
CA LEU A 94 9.82 9.67 -4.21
C LEU A 94 11.34 9.45 -4.24
N GLU A 95 11.80 8.38 -3.57
CA GLU A 95 13.21 7.95 -3.57
C GLU A 95 13.74 7.78 -5.00
N ALA A 96 12.93 7.18 -5.89
CA ALA A 96 13.30 6.93 -7.30
C ALA A 96 13.25 8.25 -8.10
N MET A 97 12.45 9.22 -7.60
CA MET A 97 12.28 10.54 -8.24
C MET A 97 13.27 11.57 -7.61
N LYS A 98 14.11 11.06 -6.65
CA LYS A 98 15.20 11.80 -5.95
C LYS A 98 14.64 12.90 -5.01
N ASP A 99 13.34 12.76 -4.66
CA ASP A 99 12.60 13.68 -3.77
C ASP A 99 12.74 13.25 -2.30
N TYR A 100 13.97 13.00 -1.85
CA TYR A 100 14.29 12.65 -0.46
C TYR A 100 13.81 13.73 0.53
N THR A 101 13.91 15.01 0.10
CA THR A 101 13.45 16.18 0.86
C THR A 101 11.92 16.15 1.06
N LYS A 102 11.19 15.46 0.16
CA LYS A 102 9.73 15.28 0.26
C LYS A 102 9.42 14.03 1.11
N ALA A 103 10.21 12.96 0.87
CA ALA A 103 10.01 11.63 1.49
C ALA A 103 10.17 11.67 3.02
N MET A 104 11.14 12.48 3.48
CA MET A 104 11.41 12.69 4.92
C MET A 104 10.23 13.37 5.66
N ASP A 105 9.34 14.05 4.92
CA ASP A 105 8.07 14.56 5.48
C ASP A 105 7.00 13.46 5.49
N VAL A 106 7.09 12.53 4.51
CA VAL A 106 6.06 11.51 4.26
C VAL A 106 6.20 10.35 5.27
N TYR A 107 7.46 10.03 5.67
CA TYR A 107 7.75 9.01 6.69
C TYR A 107 7.15 9.46 8.05
N GLN A 108 7.23 10.79 8.28
CA GLN A 108 6.75 11.44 9.50
C GLN A 108 5.22 11.29 9.55
N LYS A 109 4.56 11.58 8.41
CA LYS A 109 3.11 11.42 8.24
C LYS A 109 2.67 9.94 8.39
N ALA A 110 3.53 9.02 7.97
CA ALA A 110 3.29 7.57 8.08
C ALA A 110 3.32 7.12 9.56
N LEU A 111 4.32 7.61 10.33
CA LEU A 111 4.42 7.37 11.79
C LEU A 111 3.30 8.09 12.57
N ASP A 112 2.89 9.25 12.01
CA ASP A 112 1.81 10.10 12.56
C ASP A 112 0.48 9.33 12.59
N LEU A 113 0.32 8.39 11.64
CA LEU A 113 -0.82 7.46 11.60
C LEU A 113 -0.70 6.43 12.74
N ASP A 114 0.45 5.71 12.80
CA ASP A 114 0.76 4.75 13.88
C ASP A 114 2.25 4.39 13.86
N SER A 115 2.81 4.13 15.07
CA SER A 115 4.24 3.86 15.28
C SER A 115 4.69 2.54 14.60
N SER A 116 3.73 1.59 14.41
CA SER A 116 3.95 0.31 13.71
C SER A 116 4.34 0.52 12.22
N CYS A 117 4.28 1.79 11.78
CA CYS A 117 4.82 2.23 10.49
C CYS A 117 6.36 2.45 10.55
N LYS A 118 7.05 1.90 11.59
CA LYS A 118 8.55 1.92 11.70
C LYS A 118 9.31 1.64 10.36
N GLU A 119 8.69 0.90 9.43
CA GLU A 119 9.25 0.62 8.09
C GLU A 119 9.59 1.92 7.30
N ALA A 120 8.79 2.98 7.53
CA ALA A 120 9.05 4.34 7.01
C ALA A 120 10.25 5.00 7.71
N ALA A 121 10.45 4.67 9.02
CA ALA A 121 11.58 5.21 9.82
C ALA A 121 12.90 4.58 9.36
N ASP A 122 12.86 3.27 9.11
CA ASP A 122 13.95 2.51 8.48
C ASP A 122 14.28 3.13 7.10
N GLY A 123 13.21 3.41 6.33
CA GLY A 123 13.32 4.05 5.03
C GLY A 123 13.84 5.49 5.11
N TYR A 124 13.61 6.18 6.25
CA TYR A 124 14.11 7.55 6.50
C TYR A 124 15.63 7.59 6.53
N GLN A 125 16.27 6.73 7.37
CA GLN A 125 17.75 6.64 7.46
C GLN A 125 18.38 6.47 6.06
N ARG A 126 17.71 5.66 5.22
CA ARG A 126 18.07 5.44 3.82
C ARG A 126 17.85 6.72 2.95
N CYS A 127 16.74 7.44 3.22
CA CYS A 127 16.28 8.58 2.40
C CYS A 127 17.18 9.81 2.60
N MET A 128 17.42 10.18 3.87
CA MET A 128 18.26 11.33 4.24
C MET A 128 19.72 11.12 3.80
N MET A 129 20.27 9.90 4.03
CA MET A 129 21.68 9.60 3.66
C MET A 129 21.88 9.58 2.14
N ALA A 130 20.80 9.28 1.39
CA ALA A 130 20.84 9.12 -0.07
C ALA A 130 21.19 10.44 -0.79
N GLN A 131 20.80 11.58 -0.19
CA GLN A 131 21.19 12.93 -0.67
C GLN A 131 22.45 13.44 0.04
N TYR A 132 22.86 12.76 1.14
CA TYR A 132 24.05 13.13 1.93
C TYR A 132 25.21 12.16 1.59
N ASN A 133 25.38 11.90 0.28
CA ASN A 133 26.48 11.07 -0.26
C ASN A 133 27.51 11.99 -0.95
N MET A 1 -15.50 -35.39 -6.82
CA MET A 1 -16.72 -34.56 -6.95
C MET A 1 -16.34 -33.08 -7.07
N GLY A 2 -16.94 -32.37 -8.05
CA GLY A 2 -16.68 -30.94 -8.26
C GLY A 2 -15.37 -30.68 -9.00
N HIS A 3 -14.27 -30.51 -8.21
CA HIS A 3 -12.93 -30.10 -8.68
C HIS A 3 -12.99 -28.98 -9.75
N HIS A 4 -13.45 -27.81 -9.32
CA HIS A 4 -13.70 -26.65 -10.19
C HIS A 4 -13.46 -25.37 -9.41
N HIS A 5 -14.23 -25.20 -8.33
CA HIS A 5 -14.16 -24.03 -7.44
C HIS A 5 -14.87 -24.38 -6.13
N HIS A 6 -14.17 -24.20 -4.99
CA HIS A 6 -14.76 -24.43 -3.66
C HIS A 6 -15.85 -23.37 -3.40
N HIS A 7 -17.08 -23.73 -3.81
CA HIS A 7 -18.24 -22.81 -3.81
C HIS A 7 -18.76 -22.60 -2.38
N HIS A 8 -19.00 -21.32 -2.04
CA HIS A 8 -19.48 -20.88 -0.71
C HIS A 8 -20.44 -19.70 -0.89
N SER A 9 -21.42 -19.61 0.01
CA SER A 9 -22.40 -18.51 0.03
C SER A 9 -21.86 -17.34 0.88
N HIS A 10 -22.74 -16.37 1.21
CA HIS A 10 -22.42 -15.26 2.10
C HIS A 10 -22.53 -15.74 3.57
N MET A 11 -21.68 -16.72 3.92
CA MET A 11 -21.56 -17.28 5.28
C MET A 11 -20.30 -16.72 5.95
N ASN A 12 -19.32 -16.33 5.11
CA ASN A 12 -18.10 -15.65 5.56
C ASN A 12 -18.48 -14.24 6.08
N PRO A 13 -17.80 -13.72 7.16
CA PRO A 13 -18.12 -12.39 7.74
C PRO A 13 -17.94 -11.25 6.72
N ASP A 14 -17.04 -11.46 5.75
CA ASP A 14 -16.79 -10.55 4.64
C ASP A 14 -15.94 -11.26 3.59
N LEU A 15 -16.59 -11.68 2.50
CA LEU A 15 -15.94 -12.35 1.37
C LEU A 15 -14.91 -11.42 0.69
N ALA A 16 -15.13 -10.09 0.85
CA ALA A 16 -14.19 -9.06 0.37
C ALA A 16 -12.81 -9.17 1.06
N LEU A 17 -12.77 -9.75 2.28
CA LEU A 17 -11.50 -9.98 2.98
C LEU A 17 -10.83 -11.27 2.47
N MET A 18 -11.60 -12.15 1.81
CA MET A 18 -11.10 -13.43 1.27
C MET A 18 -10.44 -13.22 -0.11
N VAL A 19 -11.05 -12.35 -0.91
CA VAL A 19 -10.62 -12.07 -2.29
C VAL A 19 -9.30 -11.26 -2.34
N LYS A 20 -8.97 -10.55 -1.24
CA LYS A 20 -7.68 -9.86 -1.12
C LYS A 20 -6.54 -10.85 -0.77
N ASN A 21 -6.93 -11.96 -0.12
CA ASN A 21 -5.99 -12.99 0.35
C ASN A 21 -5.45 -13.83 -0.83
N LYS A 22 -6.20 -13.93 -1.94
CA LYS A 22 -5.75 -14.69 -3.14
C LYS A 22 -4.70 -13.86 -3.92
N GLY A 23 -4.81 -12.52 -3.84
CA GLY A 23 -3.77 -11.63 -4.35
C GLY A 23 -2.47 -11.77 -3.57
N ASN A 24 -2.60 -11.79 -2.22
CA ASN A 24 -1.50 -12.09 -1.28
C ASN A 24 -0.92 -13.50 -1.54
N GLU A 25 -1.82 -14.45 -1.87
CA GLU A 25 -1.46 -15.85 -2.15
C GLU A 25 -0.56 -15.93 -3.40
N CYS A 26 -0.90 -15.18 -4.45
CA CYS A 26 -0.13 -15.18 -5.70
C CYS A 26 1.35 -14.76 -5.46
N PHE A 27 1.57 -13.76 -4.57
CA PHE A 27 2.93 -13.37 -4.13
C PHE A 27 3.72 -14.56 -3.55
N GLN A 28 3.01 -15.42 -2.78
CA GLN A 28 3.61 -16.62 -2.13
C GLN A 28 4.12 -17.61 -3.18
N LYS A 29 3.52 -17.57 -4.39
CA LYS A 29 3.85 -18.50 -5.47
C LYS A 29 4.97 -17.89 -6.36
N GLY A 30 5.26 -16.59 -6.14
CA GLY A 30 6.26 -15.85 -6.93
C GLY A 30 5.64 -14.97 -8.01
N ASP A 31 4.30 -14.89 -8.01
CA ASP A 31 3.52 -14.18 -9.04
C ASP A 31 3.14 -12.76 -8.58
N TYR A 32 3.93 -11.76 -9.00
CA TYR A 32 3.65 -10.33 -8.76
C TYR A 32 2.53 -9.77 -9.70
N PRO A 33 2.58 -10.02 -11.07
CA PRO A 33 1.48 -9.59 -11.98
C PRO A 33 0.12 -10.19 -11.59
N GLN A 34 0.10 -11.54 -11.46
CA GLN A 34 -1.11 -12.31 -11.10
C GLN A 34 -1.76 -11.76 -9.81
N ALA A 35 -0.90 -11.44 -8.81
CA ALA A 35 -1.31 -10.83 -7.53
C ALA A 35 -2.11 -9.53 -7.75
N MET A 36 -1.62 -8.71 -8.70
CA MET A 36 -2.19 -7.39 -9.01
C MET A 36 -3.57 -7.55 -9.66
N LYS A 37 -3.70 -8.57 -10.52
CA LYS A 37 -4.95 -8.90 -11.23
C LYS A 37 -6.02 -9.40 -10.24
N HIS A 38 -5.59 -10.21 -9.26
CA HIS A 38 -6.46 -10.67 -8.17
C HIS A 38 -6.78 -9.54 -7.17
N TYR A 39 -5.94 -8.49 -7.16
CA TYR A 39 -6.25 -7.25 -6.42
C TYR A 39 -7.29 -6.41 -7.17
N THR A 40 -7.35 -6.51 -8.51
CA THR A 40 -8.35 -5.76 -9.31
C THR A 40 -9.78 -6.19 -8.92
N GLU A 41 -9.99 -7.51 -8.82
CA GLU A 41 -11.28 -8.10 -8.41
C GLU A 41 -11.54 -7.86 -6.90
N ALA A 42 -10.45 -7.74 -6.12
CA ALA A 42 -10.53 -7.42 -4.67
C ALA A 42 -11.03 -5.98 -4.45
N ILE A 43 -10.54 -5.07 -5.30
CA ILE A 43 -10.95 -3.65 -5.32
C ILE A 43 -12.45 -3.53 -5.66
N LYS A 44 -12.94 -4.42 -6.52
CA LYS A 44 -14.38 -4.46 -6.89
C LYS A 44 -15.27 -4.84 -5.69
N ARG A 45 -14.65 -5.39 -4.63
CA ARG A 45 -15.32 -5.78 -3.39
C ARG A 45 -15.13 -4.69 -2.31
N ASN A 46 -13.90 -4.13 -2.24
CA ASN A 46 -13.53 -3.12 -1.21
C ASN A 46 -12.67 -1.98 -1.81
N PRO A 47 -13.31 -1.06 -2.61
CA PRO A 47 -12.57 -0.01 -3.36
C PRO A 47 -12.12 1.16 -2.46
N LYS A 48 -12.75 1.29 -1.28
CA LYS A 48 -12.47 2.39 -0.35
C LYS A 48 -11.27 2.05 0.57
N ASP A 49 -10.84 0.78 0.53
CA ASP A 49 -9.67 0.31 1.28
C ASP A 49 -8.37 0.65 0.51
N ALA A 50 -7.75 1.77 0.91
CA ALA A 50 -6.48 2.25 0.32
C ALA A 50 -5.28 1.38 0.72
N LYS A 51 -5.39 0.55 1.79
CA LYS A 51 -4.33 -0.41 2.14
C LYS A 51 -4.18 -1.51 1.07
N LEU A 52 -5.25 -1.74 0.29
CA LEU A 52 -5.20 -2.62 -0.92
C LEU A 52 -4.38 -1.93 -2.02
N TYR A 53 -4.53 -0.61 -2.08
CA TYR A 53 -3.78 0.25 -3.02
C TYR A 53 -2.33 0.47 -2.55
N SER A 54 -2.05 0.17 -1.28
CA SER A 54 -0.66 0.09 -0.77
C SER A 54 0.07 -1.08 -1.46
N ASN A 55 -0.66 -2.20 -1.66
CA ASN A 55 -0.15 -3.40 -2.36
C ASN A 55 -0.14 -3.19 -3.88
N ARG A 56 -1.08 -2.36 -4.37
CA ARG A 56 -1.22 -2.03 -5.79
C ARG A 56 -0.02 -1.19 -6.26
N ALA A 57 0.25 -0.12 -5.49
CA ALA A 57 1.40 0.77 -5.71
C ALA A 57 2.73 0.04 -5.47
N ALA A 58 2.74 -0.90 -4.50
CA ALA A 58 3.91 -1.75 -4.21
C ALA A 58 4.22 -2.70 -5.38
N CYS A 59 3.15 -3.18 -6.05
CA CYS A 59 3.29 -3.99 -7.27
C CYS A 59 3.91 -3.13 -8.37
N TYR A 60 3.31 -1.92 -8.59
CA TYR A 60 3.76 -0.96 -9.62
C TYR A 60 5.26 -0.63 -9.50
N THR A 61 5.76 -0.41 -8.27
CA THR A 61 7.19 -0.13 -8.03
C THR A 61 8.08 -1.31 -8.48
N LYS A 62 7.59 -2.56 -8.25
CA LYS A 62 8.36 -3.78 -8.57
C LYS A 62 8.35 -4.04 -10.08
N LEU A 63 7.30 -3.53 -10.75
CA LEU A 63 7.15 -3.57 -12.21
C LEU A 63 7.82 -2.35 -12.86
N LEU A 64 8.46 -1.47 -12.01
CA LEU A 64 9.18 -0.25 -12.43
C LEU A 64 8.23 0.88 -12.89
N GLU A 65 6.91 0.69 -12.69
CA GLU A 65 5.86 1.69 -12.97
C GLU A 65 5.65 2.63 -11.76
N PHE A 66 6.75 3.25 -11.28
CA PHE A 66 6.71 4.23 -10.17
C PHE A 66 5.79 5.41 -10.51
N GLN A 67 5.63 5.71 -11.82
CA GLN A 67 4.68 6.72 -12.32
C GLN A 67 3.26 6.41 -11.84
N LEU A 68 2.87 5.13 -11.92
CA LEU A 68 1.54 4.68 -11.53
C LEU A 68 1.46 4.63 -10.00
N ALA A 69 2.56 4.21 -9.36
CA ALA A 69 2.66 4.03 -7.91
C ALA A 69 2.46 5.35 -7.15
N LEU A 70 2.99 6.46 -7.70
CA LEU A 70 2.78 7.81 -7.15
C LEU A 70 1.28 8.14 -7.14
N LYS A 71 0.70 8.27 -8.35
CA LYS A 71 -0.68 8.75 -8.55
C LYS A 71 -1.73 7.79 -7.98
N ASP A 72 -1.37 6.49 -7.85
CA ASP A 72 -2.24 5.48 -7.25
C ASP A 72 -2.53 5.87 -5.79
N CYS A 73 -1.47 5.97 -4.98
CA CYS A 73 -1.58 6.34 -3.57
C CYS A 73 -2.09 7.79 -3.40
N GLU A 74 -1.76 8.68 -4.37
CA GLU A 74 -2.16 10.10 -4.35
C GLU A 74 -3.68 10.29 -4.57
N GLU A 75 -4.34 9.38 -5.30
CA GLU A 75 -5.82 9.41 -5.43
C GLU A 75 -6.47 8.61 -4.28
N CYS A 76 -5.80 7.54 -3.86
CA CYS A 76 -6.30 6.63 -2.81
C CYS A 76 -6.35 7.29 -1.42
N ILE A 77 -5.55 8.36 -1.24
CA ILE A 77 -5.60 9.20 -0.02
C ILE A 77 -7.02 9.83 0.14
N GLN A 78 -7.69 10.09 -1.01
CA GLN A 78 -9.04 10.70 -1.04
C GLN A 78 -10.12 9.68 -0.65
N LEU A 79 -9.78 8.38 -0.75
CA LEU A 79 -10.67 7.28 -0.33
C LEU A 79 -10.48 7.02 1.16
N GLU A 80 -9.22 6.85 1.54
CA GLU A 80 -8.80 6.43 2.87
C GLU A 80 -7.40 7.01 3.14
N PRO A 81 -7.26 8.07 4.00
CA PRO A 81 -5.95 8.68 4.32
C PRO A 81 -5.15 7.93 5.41
N THR A 82 -5.67 6.77 5.87
CA THR A 82 -5.08 6.01 6.99
C THR A 82 -4.24 4.81 6.50
N PHE A 83 -3.93 4.75 5.20
CA PHE A 83 -3.16 3.62 4.61
C PHE A 83 -1.64 3.84 4.82
N ILE A 84 -1.15 3.33 5.94
CA ILE A 84 0.14 3.76 6.53
C ILE A 84 1.34 3.28 5.71
N LYS A 85 1.23 2.05 5.19
CA LYS A 85 2.33 1.40 4.44
C LYS A 85 2.45 2.02 3.05
N GLY A 86 1.31 2.54 2.53
CA GLY A 86 1.28 3.21 1.23
C GLY A 86 2.04 4.53 1.23
N TYR A 87 2.14 5.15 2.41
CA TYR A 87 3.02 6.33 2.64
C TYR A 87 4.50 5.92 2.55
N THR A 88 4.85 4.75 3.11
CA THR A 88 6.22 4.19 3.01
C THR A 88 6.57 3.82 1.55
N ARG A 89 5.55 3.39 0.77
CA ARG A 89 5.70 3.10 -0.68
C ARG A 89 5.91 4.41 -1.46
N LYS A 90 5.16 5.45 -1.05
CA LYS A 90 5.23 6.79 -1.63
C LYS A 90 6.60 7.43 -1.36
N ALA A 91 7.13 7.23 -0.15
CA ALA A 91 8.43 7.77 0.27
C ALA A 91 9.57 7.08 -0.50
N ALA A 92 9.44 5.77 -0.71
CA ALA A 92 10.40 4.95 -1.49
C ALA A 92 10.36 5.29 -2.98
N ALA A 93 9.18 5.70 -3.47
CA ALA A 93 8.98 6.16 -4.86
C ALA A 93 9.62 7.55 -5.04
N LEU A 94 9.32 8.48 -4.10
CA LEU A 94 9.88 9.85 -4.09
C LEU A 94 11.41 9.80 -3.95
N GLU A 95 11.91 8.79 -3.22
CA GLU A 95 13.34 8.51 -3.10
C GLU A 95 13.98 8.24 -4.48
N ALA A 96 13.20 7.58 -5.36
CA ALA A 96 13.61 7.30 -6.75
C ALA A 96 13.35 8.52 -7.66
N MET A 97 12.57 9.52 -7.16
CA MET A 97 12.26 10.77 -7.87
C MET A 97 13.18 11.91 -7.38
N LYS A 98 14.08 11.56 -6.41
CA LYS A 98 15.05 12.49 -5.78
C LYS A 98 14.35 13.51 -4.85
N ASP A 99 13.05 13.31 -4.58
CA ASP A 99 12.25 14.21 -3.72
C ASP A 99 12.34 13.76 -2.26
N TYR A 100 13.58 13.57 -1.78
CA TYR A 100 13.89 13.24 -0.38
C TYR A 100 13.27 14.25 0.59
N THR A 101 13.27 15.52 0.14
CA THR A 101 12.66 16.65 0.86
C THR A 101 11.17 16.38 1.16
N LYS A 102 10.46 15.72 0.23
CA LYS A 102 9.04 15.40 0.39
C LYS A 102 8.86 14.07 1.12
N ALA A 103 9.76 13.11 0.80
CA ALA A 103 9.74 11.77 1.38
C ALA A 103 9.87 11.81 2.92
N MET A 104 10.75 12.70 3.41
CA MET A 104 11.02 12.85 4.85
C MET A 104 9.80 13.44 5.60
N ASP A 105 8.96 14.18 4.89
CA ASP A 105 7.67 14.68 5.45
C ASP A 105 6.61 13.57 5.43
N VAL A 106 6.79 12.56 4.54
CA VAL A 106 5.86 11.43 4.42
C VAL A 106 6.18 10.40 5.52
N TYR A 107 7.48 10.29 5.85
CA TYR A 107 8.01 9.46 6.97
C TYR A 107 7.37 9.92 8.29
N GLN A 108 7.41 11.25 8.51
CA GLN A 108 6.89 11.92 9.70
C GLN A 108 5.39 11.58 9.86
N LYS A 109 4.63 11.82 8.78
CA LYS A 109 3.18 11.60 8.76
C LYS A 109 2.81 10.12 8.92
N ALA A 110 3.66 9.22 8.41
CA ALA A 110 3.46 7.76 8.56
C ALA A 110 3.59 7.34 10.03
N LEU A 111 4.63 7.87 10.72
CA LEU A 111 4.80 7.69 12.18
C LEU A 111 3.65 8.35 12.96
N ASP A 112 3.16 9.48 12.42
CA ASP A 112 2.08 10.27 13.04
C ASP A 112 0.74 9.52 12.97
N LEU A 113 0.62 8.62 11.97
CA LEU A 113 -0.51 7.69 11.85
C LEU A 113 -0.38 6.55 12.89
N ASP A 114 0.85 6.02 13.02
CA ASP A 114 1.15 4.89 13.92
C ASP A 114 2.67 4.74 14.11
N SER A 115 3.09 4.60 15.39
CA SER A 115 4.51 4.50 15.79
C SER A 115 5.19 3.28 15.12
N SER A 116 4.47 2.15 15.03
CA SER A 116 4.99 0.89 14.44
C SER A 116 5.14 1.01 12.91
N CYS A 117 5.00 2.24 12.36
CA CYS A 117 5.45 2.57 11.01
C CYS A 117 6.96 2.89 11.00
N LYS A 118 7.68 2.53 12.09
CA LYS A 118 9.18 2.56 12.16
C LYS A 118 9.91 2.06 10.88
N GLU A 119 9.23 1.28 10.02
CA GLU A 119 9.71 0.89 8.67
C GLU A 119 10.19 2.12 7.86
N ALA A 120 9.39 3.21 7.91
CA ALA A 120 9.72 4.49 7.27
C ALA A 120 10.81 5.25 8.03
N ALA A 121 10.98 4.94 9.33
CA ALA A 121 11.98 5.60 10.19
C ALA A 121 13.38 5.05 9.91
N ASP A 122 13.44 3.74 9.71
CA ASP A 122 14.68 3.04 9.35
C ASP A 122 15.10 3.44 7.92
N GLY A 123 14.07 3.59 7.05
CA GLY A 123 14.26 4.07 5.67
C GLY A 123 14.59 5.55 5.60
N TYR A 124 14.13 6.34 6.60
CA TYR A 124 14.38 7.79 6.69
C TYR A 124 15.87 8.12 6.66
N GLN A 125 16.65 7.48 7.54
CA GLN A 125 18.12 7.67 7.64
C GLN A 125 18.79 7.56 6.26
N ARG A 126 18.29 6.64 5.43
CA ARG A 126 18.72 6.50 4.02
C ARG A 126 18.21 7.66 3.16
N CYS A 127 16.92 8.04 3.32
CA CYS A 127 16.24 9.02 2.44
C CYS A 127 16.90 10.41 2.55
N MET A 128 17.06 10.90 3.79
CA MET A 128 17.68 12.20 4.05
C MET A 128 19.17 12.22 3.66
N MET A 129 19.91 11.13 3.97
CA MET A 129 21.35 11.06 3.64
C MET A 129 21.56 10.82 2.13
N ALA A 130 20.52 10.33 1.42
CA ALA A 130 20.61 10.00 -0.03
C ALA A 130 20.95 11.23 -0.88
N GLN A 131 20.64 12.41 -0.36
CA GLN A 131 21.10 13.70 -0.93
C GLN A 131 22.37 14.19 -0.22
N TYR A 132 22.52 13.86 1.08
CA TYR A 132 23.69 14.28 1.89
C TYR A 132 24.79 13.18 1.87
N ASN A 133 24.97 12.50 0.72
CA ASN A 133 26.02 11.48 0.54
C ASN A 133 27.29 12.16 -0.03
N MET A 1 -10.49 -16.32 17.01
CA MET A 1 -11.90 -15.87 17.05
C MET A 1 -12.68 -16.49 15.87
N GLY A 2 -13.49 -17.53 16.19
CA GLY A 2 -14.35 -18.19 15.21
C GLY A 2 -15.81 -18.02 15.55
N HIS A 3 -16.39 -16.87 15.13
CA HIS A 3 -17.82 -16.59 15.32
C HIS A 3 -18.66 -17.46 14.37
N HIS A 4 -19.11 -18.62 14.86
CA HIS A 4 -20.02 -19.52 14.14
C HIS A 4 -21.38 -18.81 14.00
N HIS A 5 -21.74 -18.42 12.77
CA HIS A 5 -22.97 -17.64 12.51
C HIS A 5 -23.92 -18.38 11.57
N HIS A 6 -23.86 -19.72 11.57
CA HIS A 6 -24.80 -20.56 10.79
C HIS A 6 -26.27 -20.34 11.26
N HIS A 7 -26.41 -19.89 12.51
CA HIS A 7 -27.70 -19.57 13.15
C HIS A 7 -28.29 -18.27 12.57
N HIS A 8 -27.43 -17.28 12.33
CA HIS A 8 -27.84 -15.97 11.76
C HIS A 8 -27.47 -15.93 10.26
N SER A 9 -28.50 -16.09 9.41
CA SER A 9 -28.38 -16.17 7.95
C SER A 9 -27.61 -14.95 7.35
N HIS A 10 -26.33 -15.19 7.05
CA HIS A 10 -25.41 -14.23 6.45
C HIS A 10 -24.44 -15.06 5.57
N MET A 11 -24.97 -15.53 4.42
CA MET A 11 -24.36 -16.60 3.58
C MET A 11 -22.90 -16.30 3.15
N ASN A 12 -22.62 -15.02 2.88
CA ASN A 12 -21.27 -14.52 2.64
C ASN A 12 -20.95 -13.45 3.71
N PRO A 13 -19.84 -13.58 4.51
CA PRO A 13 -19.35 -12.48 5.38
C PRO A 13 -19.11 -11.20 4.56
N ASP A 14 -18.45 -11.39 3.39
CA ASP A 14 -18.17 -10.32 2.42
C ASP A 14 -17.51 -10.94 1.17
N LEU A 15 -18.19 -10.84 0.01
CA LEU A 15 -17.67 -11.36 -1.26
C LEU A 15 -16.29 -10.71 -1.60
N ALA A 16 -16.16 -9.43 -1.26
CA ALA A 16 -14.95 -8.64 -1.49
C ALA A 16 -13.71 -9.17 -0.71
N LEU A 17 -13.95 -9.95 0.38
CA LEU A 17 -12.84 -10.51 1.19
C LEU A 17 -12.28 -11.77 0.50
N MET A 18 -13.08 -12.39 -0.39
CA MET A 18 -12.73 -13.68 -1.03
C MET A 18 -11.63 -13.46 -2.08
N VAL A 19 -11.78 -12.38 -2.85
CA VAL A 19 -10.88 -12.04 -3.98
C VAL A 19 -9.49 -11.57 -3.49
N LYS A 20 -9.44 -10.91 -2.31
CA LYS A 20 -8.17 -10.35 -1.78
C LYS A 20 -7.26 -11.48 -1.25
N ASN A 21 -7.87 -12.56 -0.73
CA ASN A 21 -7.14 -13.72 -0.16
C ASN A 21 -6.38 -14.49 -1.26
N LYS A 22 -7.08 -14.79 -2.37
CA LYS A 22 -6.48 -15.50 -3.52
C LYS A 22 -5.50 -14.57 -4.30
N GLY A 23 -5.70 -13.25 -4.16
CA GLY A 23 -4.76 -12.25 -4.68
C GLY A 23 -3.39 -12.33 -4.01
N ASN A 24 -3.40 -12.17 -2.67
CA ASN A 24 -2.20 -12.34 -1.81
C ASN A 24 -1.62 -13.76 -1.92
N GLU A 25 -2.49 -14.76 -2.19
CA GLU A 25 -2.06 -16.15 -2.41
C GLU A 25 -1.22 -16.24 -3.71
N CYS A 26 -1.71 -15.62 -4.80
CA CYS A 26 -1.01 -15.62 -6.11
C CYS A 26 0.42 -15.03 -5.99
N PHE A 27 0.53 -13.92 -5.25
CA PHE A 27 1.83 -13.26 -4.93
C PHE A 27 2.76 -14.25 -4.19
N GLN A 28 2.17 -14.97 -3.21
CA GLN A 28 2.84 -16.00 -2.42
C GLN A 28 3.22 -17.23 -3.29
N LYS A 29 2.54 -17.43 -4.46
CA LYS A 29 2.90 -18.53 -5.39
C LYS A 29 4.13 -18.14 -6.23
N GLY A 30 4.66 -16.92 -5.99
CA GLY A 30 5.83 -16.40 -6.69
C GLY A 30 5.45 -15.60 -7.92
N ASP A 31 4.14 -15.44 -8.13
CA ASP A 31 3.58 -14.83 -9.35
C ASP A 31 3.12 -13.39 -9.02
N TYR A 32 4.01 -12.41 -9.31
CA TYR A 32 3.77 -10.97 -9.06
C TYR A 32 2.63 -10.41 -9.96
N PRO A 33 2.62 -10.63 -11.34
CA PRO A 33 1.55 -10.07 -12.20
C PRO A 33 0.13 -10.48 -11.78
N GLN A 34 -0.12 -11.80 -11.62
CA GLN A 34 -1.46 -12.36 -11.32
C GLN A 34 -2.03 -11.80 -10.01
N ALA A 35 -1.12 -11.57 -9.05
CA ALA A 35 -1.43 -10.94 -7.78
C ALA A 35 -2.07 -9.55 -7.99
N MET A 36 -1.44 -8.73 -8.90
CA MET A 36 -1.86 -7.34 -9.14
C MET A 36 -3.23 -7.32 -9.83
N LYS A 37 -3.43 -8.31 -10.72
CA LYS A 37 -4.69 -8.50 -11.47
C LYS A 37 -5.84 -8.78 -10.50
N HIS A 38 -5.57 -9.63 -9.49
CA HIS A 38 -6.54 -9.94 -8.43
C HIS A 38 -6.73 -8.76 -7.46
N TYR A 39 -5.72 -7.87 -7.34
CA TYR A 39 -5.84 -6.64 -6.53
C TYR A 39 -6.68 -5.60 -7.29
N THR A 40 -6.54 -5.56 -8.62
CA THR A 40 -7.25 -4.59 -9.47
C THR A 40 -8.77 -4.87 -9.46
N GLU A 41 -9.13 -6.16 -9.55
CA GLU A 41 -10.53 -6.61 -9.47
C GLU A 41 -11.03 -6.56 -8.01
N ALA A 42 -10.11 -6.70 -7.03
CA ALA A 42 -10.41 -6.49 -5.60
C ALA A 42 -10.71 -4.99 -5.34
N ILE A 43 -10.14 -4.10 -6.16
CA ILE A 43 -10.39 -2.64 -6.11
C ILE A 43 -11.86 -2.33 -6.55
N LYS A 44 -12.44 -3.21 -7.39
CA LYS A 44 -13.84 -3.07 -7.85
C LYS A 44 -14.81 -3.55 -6.76
N ARG A 45 -14.35 -4.57 -5.99
CA ARG A 45 -15.12 -5.23 -4.93
C ARG A 45 -15.14 -4.35 -3.64
N ASN A 46 -13.94 -3.96 -3.18
CA ASN A 46 -13.75 -3.09 -2.01
C ASN A 46 -12.81 -1.89 -2.35
N PRO A 47 -13.37 -0.79 -2.97
CA PRO A 47 -12.58 0.41 -3.34
C PRO A 47 -12.22 1.32 -2.15
N LYS A 48 -12.55 0.88 -0.93
CA LYS A 48 -12.24 1.63 0.31
C LYS A 48 -10.95 1.08 0.96
N ASP A 49 -10.72 -0.23 0.77
CA ASP A 49 -9.63 -0.97 1.47
C ASP A 49 -8.23 -0.53 1.00
N ALA A 50 -7.66 0.44 1.73
CA ALA A 50 -6.36 1.06 1.45
C ALA A 50 -5.19 0.06 1.51
N LYS A 51 -5.39 -1.09 2.20
CA LYS A 51 -4.35 -2.15 2.28
C LYS A 51 -4.21 -2.89 0.94
N LEU A 52 -5.32 -2.97 0.17
CA LEU A 52 -5.30 -3.53 -1.20
C LEU A 52 -4.43 -2.64 -2.11
N TYR A 53 -4.54 -1.32 -1.89
CA TYR A 53 -3.78 -0.29 -2.64
C TYR A 53 -2.30 -0.30 -2.28
N SER A 54 -1.97 -0.23 -0.98
CA SER A 54 -0.57 -0.18 -0.51
C SER A 54 0.22 -1.44 -0.94
N ASN A 55 -0.50 -2.58 -0.97
CA ASN A 55 0.04 -3.89 -1.39
C ASN A 55 0.18 -3.99 -2.93
N ARG A 56 -0.77 -3.36 -3.65
CA ARG A 56 -0.80 -3.31 -5.13
C ARG A 56 0.37 -2.44 -5.64
N ALA A 57 0.49 -1.25 -5.04
CA ALA A 57 1.61 -0.32 -5.24
C ALA A 57 2.95 -0.95 -4.84
N ALA A 58 2.93 -1.78 -3.77
CA ALA A 58 4.12 -2.52 -3.29
C ALA A 58 4.59 -3.56 -4.33
N CYS A 59 3.65 -4.12 -5.09
CA CYS A 59 3.98 -4.99 -6.23
C CYS A 59 4.57 -4.15 -7.39
N TYR A 60 3.89 -3.01 -7.70
CA TYR A 60 4.30 -2.08 -8.79
C TYR A 60 5.75 -1.55 -8.61
N THR A 61 6.17 -1.34 -7.35
CA THR A 61 7.53 -0.90 -7.02
C THR A 61 8.56 -1.97 -7.43
N LYS A 62 8.18 -3.28 -7.25
CA LYS A 62 9.08 -4.42 -7.55
C LYS A 62 9.27 -4.56 -9.07
N LEU A 63 8.24 -4.13 -9.80
CA LEU A 63 8.22 -4.14 -11.27
C LEU A 63 8.76 -2.79 -11.83
N LEU A 64 9.25 -1.90 -10.91
CA LEU A 64 9.87 -0.59 -11.25
C LEU A 64 8.86 0.43 -11.83
N GLU A 65 7.57 0.09 -11.73
CA GLU A 65 6.45 0.92 -12.21
C GLU A 65 5.92 1.82 -11.06
N PHE A 66 6.85 2.60 -10.48
CA PHE A 66 6.56 3.58 -9.42
C PHE A 66 5.56 4.67 -9.91
N GLN A 67 5.47 4.82 -11.26
CA GLN A 67 4.46 5.69 -11.92
C GLN A 67 3.04 5.30 -11.46
N LEU A 68 2.81 3.97 -11.41
CA LEU A 68 1.51 3.40 -11.01
C LEU A 68 1.36 3.50 -9.49
N ALA A 69 2.49 3.27 -8.78
CA ALA A 69 2.54 3.28 -7.31
C ALA A 69 2.23 4.67 -6.71
N LEU A 70 2.58 5.74 -7.46
CA LEU A 70 2.22 7.13 -7.08
C LEU A 70 0.69 7.34 -7.10
N LYS A 71 0.12 7.24 -8.32
CA LYS A 71 -1.33 7.51 -8.56
C LYS A 71 -2.27 6.54 -7.80
N ASP A 72 -1.79 5.30 -7.58
CA ASP A 72 -2.53 4.27 -6.80
C ASP A 72 -2.56 4.64 -5.30
N CYS A 73 -1.47 5.29 -4.84
CA CYS A 73 -1.37 5.82 -3.46
C CYS A 73 -2.09 7.17 -3.32
N GLU A 74 -2.17 7.95 -4.42
CA GLU A 74 -2.82 9.28 -4.42
C GLU A 74 -4.34 9.17 -4.18
N GLU A 75 -4.93 8.06 -4.63
CA GLU A 75 -6.34 7.74 -4.32
C GLU A 75 -6.45 7.00 -2.96
N CYS A 76 -5.47 6.12 -2.66
CA CYS A 76 -5.41 5.36 -1.38
C CYS A 76 -5.47 6.28 -0.13
N ILE A 77 -4.79 7.44 -0.24
CA ILE A 77 -4.72 8.42 0.84
C ILE A 77 -6.07 9.17 1.00
N GLN A 78 -6.87 9.23 -0.09
CA GLN A 78 -8.20 9.90 -0.07
C GLN A 78 -9.20 9.01 0.70
N LEU A 79 -8.97 7.70 0.60
CA LEU A 79 -9.79 6.67 1.25
C LEU A 79 -9.45 6.56 2.75
N GLU A 80 -8.13 6.50 3.03
CA GLU A 80 -7.60 6.41 4.39
C GLU A 80 -6.28 7.22 4.52
N PRO A 81 -6.34 8.48 5.06
CA PRO A 81 -5.15 9.34 5.26
C PRO A 81 -4.32 9.04 6.52
N THR A 82 -4.76 8.09 7.37
CA THR A 82 -3.98 7.69 8.56
C THR A 82 -3.40 6.26 8.40
N PHE A 83 -3.35 5.77 7.14
CA PHE A 83 -2.81 4.44 6.83
C PHE A 83 -1.28 4.49 6.67
N ILE A 84 -0.56 3.94 7.67
CA ILE A 84 0.91 3.93 7.74
C ILE A 84 1.54 3.26 6.50
N LYS A 85 0.99 2.08 6.12
CA LYS A 85 1.53 1.26 5.01
C LYS A 85 1.39 1.99 3.65
N GLY A 86 0.40 2.91 3.55
CA GLY A 86 0.25 3.77 2.37
C GLY A 86 1.36 4.82 2.28
N TYR A 87 1.72 5.38 3.44
CA TYR A 87 2.75 6.45 3.56
C TYR A 87 4.17 5.90 3.36
N THR A 88 4.42 4.67 3.83
CA THR A 88 5.74 4.03 3.72
C THR A 88 6.08 3.67 2.26
N ARG A 89 5.03 3.33 1.46
CA ARG A 89 5.19 3.06 0.01
C ARG A 89 5.34 4.38 -0.78
N LYS A 90 4.54 5.39 -0.39
CA LYS A 90 4.48 6.70 -1.05
C LYS A 90 5.84 7.42 -0.98
N ALA A 91 6.40 7.49 0.23
CA ALA A 91 7.66 8.18 0.50
C ALA A 91 8.85 7.47 -0.18
N ALA A 92 8.79 6.13 -0.25
CA ALA A 92 9.80 5.32 -0.96
C ALA A 92 9.75 5.57 -2.48
N ALA A 93 8.52 5.79 -2.99
CA ALA A 93 8.30 6.10 -4.42
C ALA A 93 8.85 7.49 -4.75
N LEU A 94 8.51 8.49 -3.91
CA LEU A 94 9.00 9.88 -4.04
C LEU A 94 10.53 9.94 -3.96
N GLU A 95 11.11 9.13 -3.05
CA GLU A 95 12.56 8.98 -2.88
C GLU A 95 13.20 8.42 -4.18
N ALA A 96 12.42 7.63 -4.95
CA ALA A 96 12.88 7.07 -6.24
C ALA A 96 12.75 8.12 -7.37
N MET A 97 11.97 9.20 -7.12
CA MET A 97 11.75 10.29 -8.09
C MET A 97 12.70 11.49 -7.81
N LYS A 98 13.62 11.30 -6.82
CA LYS A 98 14.54 12.34 -6.32
C LYS A 98 13.80 13.44 -5.52
N ASP A 99 12.52 13.17 -5.17
CA ASP A 99 11.65 14.07 -4.39
C ASP A 99 11.89 13.89 -2.88
N TYR A 100 13.17 13.74 -2.47
CA TYR A 100 13.59 13.56 -1.06
C TYR A 100 12.95 14.59 -0.12
N THR A 101 12.79 15.81 -0.66
CA THR A 101 12.19 16.95 0.03
C THR A 101 10.74 16.64 0.47
N LYS A 102 9.95 16.01 -0.43
CA LYS A 102 8.54 15.68 -0.16
C LYS A 102 8.40 14.31 0.49
N ALA A 103 9.34 13.41 0.18
CA ALA A 103 9.38 12.05 0.73
C ALA A 103 9.57 12.11 2.25
N MET A 104 10.52 12.97 2.69
CA MET A 104 10.85 13.14 4.12
C MET A 104 9.66 13.66 4.93
N ASP A 105 8.76 14.43 4.26
CA ASP A 105 7.50 14.87 4.86
C ASP A 105 6.59 13.66 5.10
N VAL A 106 6.57 12.71 4.15
CA VAL A 106 5.66 11.54 4.18
C VAL A 106 6.22 10.46 5.14
N TYR A 107 7.58 10.44 5.31
CA TYR A 107 8.27 9.60 6.33
C TYR A 107 7.94 10.13 7.73
N GLN A 108 7.99 11.47 7.86
CA GLN A 108 7.65 12.21 9.09
C GLN A 108 6.21 11.89 9.50
N LYS A 109 5.29 12.02 8.51
CA LYS A 109 3.85 11.79 8.70
C LYS A 109 3.56 10.33 9.05
N ALA A 110 4.30 9.40 8.44
CA ALA A 110 4.22 7.96 8.75
C ALA A 110 4.59 7.70 10.24
N LEU A 111 5.68 8.34 10.69
CA LEU A 111 6.13 8.30 12.11
C LEU A 111 5.12 9.01 13.04
N ASP A 112 4.47 10.06 12.48
CA ASP A 112 3.50 10.92 13.17
C ASP A 112 2.18 10.17 13.42
N LEU A 113 1.93 9.13 12.60
CA LEU A 113 0.76 8.24 12.76
C LEU A 113 1.00 7.29 13.96
N ASP A 114 2.19 6.65 14.01
CA ASP A 114 2.57 5.79 15.17
C ASP A 114 4.09 5.49 15.17
N SER A 115 4.63 5.34 16.40
CA SER A 115 6.05 5.08 16.67
C SER A 115 6.54 3.78 15.98
N SER A 116 5.66 2.76 15.92
CA SER A 116 5.97 1.45 15.29
C SER A 116 6.32 1.58 13.79
N CYS A 117 6.07 2.78 13.22
CA CYS A 117 6.46 3.10 11.84
C CYS A 117 7.96 3.47 11.73
N LYS A 118 8.80 3.14 12.74
CA LYS A 118 10.29 3.31 12.67
C LYS A 118 10.94 2.89 11.31
N GLU A 119 10.29 1.97 10.56
CA GLU A 119 10.69 1.57 9.18
C GLU A 119 10.88 2.81 8.25
N ALA A 120 10.01 3.82 8.43
CA ALA A 120 10.05 5.10 7.69
C ALA A 120 11.13 6.05 8.26
N ALA A 121 11.60 5.78 9.50
CA ALA A 121 12.74 6.52 10.08
C ALA A 121 14.05 6.03 9.42
N ASP A 122 14.12 4.71 9.19
CA ASP A 122 15.21 4.09 8.38
C ASP A 122 15.18 4.69 6.97
N GLY A 123 13.96 4.78 6.42
CA GLY A 123 13.71 5.39 5.12
C GLY A 123 14.05 6.88 5.09
N TYR A 124 13.86 7.57 6.21
CA TYR A 124 14.18 9.00 6.33
C TYR A 124 15.70 9.24 6.28
N GLN A 125 16.45 8.55 7.16
CA GLN A 125 17.93 8.65 7.25
C GLN A 125 18.61 8.50 5.87
N ARG A 126 18.16 7.52 5.06
CA ARG A 126 18.68 7.30 3.69
C ARG A 126 18.15 8.33 2.67
N CYS A 127 16.98 8.96 2.96
CA CYS A 127 16.31 9.93 2.04
C CYS A 127 16.99 11.31 2.11
N MET A 128 17.12 11.83 3.35
CA MET A 128 17.77 13.12 3.62
C MET A 128 19.26 13.07 3.20
N MET A 129 19.94 11.95 3.49
CA MET A 129 21.36 11.78 3.13
C MET A 129 21.53 11.68 1.60
N ALA A 130 20.49 11.13 0.91
CA ALA A 130 20.54 10.86 -0.55
C ALA A 130 20.71 12.12 -1.40
N GLN A 131 20.27 13.27 -0.85
CA GLN A 131 20.54 14.59 -1.46
C GLN A 131 21.78 15.25 -0.83
N TYR A 132 22.12 14.89 0.42
CA TYR A 132 23.30 15.45 1.13
C TYR A 132 24.50 14.46 1.05
N ASN A 133 24.64 13.77 -0.10
CA ASN A 133 25.77 12.82 -0.33
C ASN A 133 27.01 13.63 -0.78
N MET A 1 -18.19 9.70 0.72
CA MET A 1 -19.43 10.27 1.27
C MET A 1 -20.66 9.48 0.78
N GLY A 2 -20.49 8.74 -0.33
CA GLY A 2 -21.57 7.96 -0.95
C GLY A 2 -21.78 6.60 -0.28
N HIS A 3 -21.97 6.62 1.05
CA HIS A 3 -22.36 5.43 1.82
C HIS A 3 -23.85 5.17 1.56
N HIS A 4 -24.12 4.37 0.51
CA HIS A 4 -25.47 4.16 -0.02
C HIS A 4 -26.41 3.55 1.03
N HIS A 5 -26.09 2.34 1.47
CA HIS A 5 -26.84 1.62 2.50
C HIS A 5 -26.01 0.43 2.98
N HIS A 6 -25.80 0.32 4.30
CA HIS A 6 -25.04 -0.79 4.89
C HIS A 6 -25.79 -2.12 4.65
N HIS A 7 -25.45 -2.79 3.54
CA HIS A 7 -26.04 -4.07 3.14
C HIS A 7 -25.45 -5.19 3.99
N HIS A 8 -26.30 -5.81 4.80
CA HIS A 8 -25.94 -6.99 5.61
C HIS A 8 -25.49 -8.13 4.69
N SER A 9 -24.22 -8.53 4.85
CA SER A 9 -23.63 -9.68 4.16
C SER A 9 -24.07 -10.99 4.83
N HIS A 10 -23.42 -12.11 4.47
CA HIS A 10 -23.64 -13.41 5.15
C HIS A 10 -22.91 -13.42 6.51
N MET A 11 -22.87 -14.60 7.17
CA MET A 11 -22.20 -14.73 8.50
C MET A 11 -20.68 -14.43 8.40
N ASN A 12 -20.13 -14.56 7.19
CA ASN A 12 -18.81 -14.01 6.85
C ASN A 12 -18.92 -12.47 6.89
N PRO A 13 -18.09 -11.77 7.74
CA PRO A 13 -18.18 -10.28 7.96
C PRO A 13 -18.25 -9.47 6.65
N ASP A 14 -17.52 -9.97 5.63
CA ASP A 14 -17.44 -9.32 4.33
C ASP A 14 -16.84 -10.30 3.32
N LEU A 15 -17.64 -10.71 2.34
CA LEU A 15 -17.19 -11.61 1.25
C LEU A 15 -16.04 -10.98 0.46
N ALA A 16 -16.09 -9.64 0.36
CA ALA A 16 -15.04 -8.83 -0.29
C ALA A 16 -13.69 -8.95 0.42
N LEU A 17 -13.68 -9.31 1.72
CA LEU A 17 -12.43 -9.46 2.47
C LEU A 17 -11.78 -10.83 2.15
N MET A 18 -12.61 -11.79 1.70
CA MET A 18 -12.15 -13.19 1.47
C MET A 18 -11.28 -13.28 0.20
N VAL A 19 -11.65 -12.46 -0.79
CA VAL A 19 -10.99 -12.46 -2.13
C VAL A 19 -9.62 -11.73 -2.08
N LYS A 20 -9.47 -10.75 -1.19
CA LYS A 20 -8.19 -10.01 -1.07
C LYS A 20 -7.13 -10.88 -0.41
N ASN A 21 -7.57 -11.79 0.49
CA ASN A 21 -6.69 -12.70 1.25
C ASN A 21 -5.88 -13.62 0.31
N LYS A 22 -6.60 -14.27 -0.63
CA LYS A 22 -5.99 -15.13 -1.66
C LYS A 22 -5.13 -14.29 -2.64
N GLY A 23 -5.51 -13.01 -2.81
CA GLY A 23 -4.70 -12.05 -3.59
C GLY A 23 -3.33 -11.78 -2.96
N ASN A 24 -3.32 -11.65 -1.61
CA ASN A 24 -2.08 -11.50 -0.82
C ASN A 24 -1.23 -12.78 -0.87
N GLU A 25 -1.90 -13.95 -0.79
CA GLU A 25 -1.22 -15.26 -0.76
C GLU A 25 -0.53 -15.53 -2.11
N CYS A 26 -1.16 -15.06 -3.22
CA CYS A 26 -0.55 -15.17 -4.57
C CYS A 26 0.82 -14.46 -4.65
N PHE A 27 0.88 -13.23 -4.10
CA PHE A 27 2.13 -12.45 -4.02
C PHE A 27 3.23 -13.25 -3.29
N GLN A 28 2.79 -13.90 -2.18
CA GLN A 28 3.64 -14.76 -1.34
C GLN A 28 4.13 -16.02 -2.11
N LYS A 29 3.38 -16.45 -3.16
CA LYS A 29 3.79 -17.62 -3.98
C LYS A 29 4.95 -17.23 -4.93
N GLY A 30 5.12 -15.90 -5.15
CA GLY A 30 6.11 -15.37 -6.08
C GLY A 30 5.46 -14.69 -7.26
N ASP A 31 4.12 -14.63 -7.27
CA ASP A 31 3.35 -13.98 -8.34
C ASP A 31 3.28 -12.47 -8.05
N TYR A 32 4.33 -11.71 -8.41
CA TYR A 32 4.36 -10.24 -8.23
C TYR A 32 3.39 -9.50 -9.21
N PRO A 33 3.39 -9.81 -10.56
CA PRO A 33 2.43 -9.17 -11.49
C PRO A 33 0.98 -9.64 -11.22
N GLN A 34 0.80 -10.98 -11.18
CA GLN A 34 -0.51 -11.63 -11.03
C GLN A 34 -1.19 -11.20 -9.71
N ALA A 35 -0.37 -10.91 -8.66
CA ALA A 35 -0.88 -10.42 -7.36
C ALA A 35 -1.75 -9.19 -7.54
N MET A 36 -1.33 -8.27 -8.43
CA MET A 36 -2.03 -7.00 -8.66
C MET A 36 -3.39 -7.27 -9.33
N LYS A 37 -3.40 -8.27 -10.21
CA LYS A 37 -4.62 -8.71 -10.93
C LYS A 37 -5.57 -9.43 -9.97
N HIS A 38 -4.99 -10.10 -8.96
CA HIS A 38 -5.74 -10.77 -7.88
C HIS A 38 -6.21 -9.74 -6.83
N TYR A 39 -5.55 -8.57 -6.81
CA TYR A 39 -6.05 -7.40 -6.07
C TYR A 39 -7.15 -6.67 -6.88
N THR A 40 -7.16 -6.84 -8.22
CA THR A 40 -8.16 -6.22 -9.10
C THR A 40 -9.55 -6.84 -8.87
N GLU A 41 -9.59 -8.19 -8.84
CA GLU A 41 -10.84 -8.94 -8.55
C GLU A 41 -11.34 -8.63 -7.12
N ALA A 42 -10.40 -8.25 -6.23
CA ALA A 42 -10.71 -7.80 -4.86
C ALA A 42 -11.31 -6.37 -4.86
N ILE A 43 -10.74 -5.47 -5.69
CA ILE A 43 -11.21 -4.08 -5.84
C ILE A 43 -12.64 -4.02 -6.43
N LYS A 44 -12.97 -5.02 -7.28
CA LYS A 44 -14.34 -5.17 -7.85
C LYS A 44 -15.38 -5.34 -6.73
N ARG A 45 -14.92 -5.93 -5.61
CA ARG A 45 -15.76 -6.20 -4.44
C ARG A 45 -15.74 -4.99 -3.49
N ASN A 46 -14.51 -4.48 -3.23
CA ASN A 46 -14.24 -3.39 -2.28
C ASN A 46 -13.47 -2.23 -2.98
N PRO A 47 -14.19 -1.32 -3.71
CA PRO A 47 -13.56 -0.15 -4.39
C PRO A 47 -13.27 1.02 -3.43
N LYS A 48 -13.84 0.94 -2.21
CA LYS A 48 -13.62 1.92 -1.14
C LYS A 48 -12.35 1.62 -0.33
N ASP A 49 -11.79 0.44 -0.58
CA ASP A 49 -10.68 -0.12 0.21
C ASP A 49 -9.34 0.41 -0.37
N ALA A 50 -8.90 1.58 0.16
CA ALA A 50 -7.78 2.37 -0.41
C ALA A 50 -6.42 1.66 -0.30
N LYS A 51 -6.18 1.00 0.83
CA LYS A 51 -4.91 0.26 1.08
C LYS A 51 -4.73 -0.91 0.09
N LEU A 52 -5.85 -1.38 -0.50
CA LEU A 52 -5.85 -2.45 -1.51
C LEU A 52 -5.20 -1.94 -2.82
N TYR A 53 -5.46 -0.67 -3.14
CA TYR A 53 -4.81 0.05 -4.24
C TYR A 53 -3.32 0.28 -3.94
N SER A 54 -3.02 0.55 -2.66
CA SER A 54 -1.65 0.83 -2.19
C SER A 54 -0.76 -0.43 -2.17
N ASN A 55 -1.39 -1.61 -2.00
CA ASN A 55 -0.69 -2.92 -2.09
C ASN A 55 -0.21 -3.16 -3.53
N ARG A 56 -1.02 -2.66 -4.48
CA ARG A 56 -0.72 -2.70 -5.91
C ARG A 56 0.47 -1.77 -6.24
N ALA A 57 0.45 -0.56 -5.63
CA ALA A 57 1.54 0.45 -5.76
C ALA A 57 2.85 -0.07 -5.13
N ALA A 58 2.69 -0.88 -4.07
CA ALA A 58 3.79 -1.53 -3.38
C ALA A 58 4.49 -2.56 -4.30
N CYS A 59 3.70 -3.20 -5.17
CA CYS A 59 4.22 -4.10 -6.20
C CYS A 59 4.80 -3.29 -7.39
N TYR A 60 4.12 -2.16 -7.73
CA TYR A 60 4.50 -1.29 -8.87
C TYR A 60 5.93 -0.77 -8.76
N THR A 61 6.41 -0.50 -7.54
CA THR A 61 7.81 -0.10 -7.30
C THR A 61 8.78 -1.15 -7.86
N LYS A 62 8.45 -2.43 -7.63
CA LYS A 62 9.29 -3.58 -8.00
C LYS A 62 9.32 -3.75 -9.54
N LEU A 63 8.24 -3.30 -10.18
CA LEU A 63 8.06 -3.35 -11.64
C LEU A 63 8.46 -2.01 -12.29
N LEU A 64 9.10 -1.10 -11.49
CA LEU A 64 9.60 0.22 -11.96
C LEU A 64 8.44 1.18 -12.36
N GLU A 65 7.20 0.80 -12.05
CA GLU A 65 5.97 1.57 -12.35
C GLU A 65 5.69 2.63 -11.25
N PHE A 66 6.74 3.36 -10.83
CA PHE A 66 6.67 4.37 -9.76
C PHE A 66 5.68 5.52 -10.12
N GLN A 67 5.50 5.78 -11.44
CA GLN A 67 4.51 6.75 -11.97
C GLN A 67 3.10 6.39 -11.48
N LEU A 68 2.80 5.08 -11.49
CA LEU A 68 1.48 4.55 -11.10
C LEU A 68 1.34 4.57 -9.57
N ALA A 69 2.48 4.43 -8.87
CA ALA A 69 2.55 4.51 -7.40
C ALA A 69 2.28 5.95 -6.89
N LEU A 70 2.71 6.96 -7.69
CA LEU A 70 2.45 8.38 -7.38
C LEU A 70 0.96 8.74 -7.53
N LYS A 71 0.38 8.39 -8.70
CA LYS A 71 -1.04 8.67 -8.99
C LYS A 71 -1.94 7.85 -8.07
N ASP A 72 -1.43 6.68 -7.63
CA ASP A 72 -2.07 5.89 -6.57
C ASP A 72 -2.11 6.69 -5.26
N CYS A 73 -0.99 7.32 -4.90
CA CYS A 73 -0.87 8.10 -3.65
C CYS A 73 -1.89 9.24 -3.60
N GLU A 74 -1.91 10.07 -4.67
CA GLU A 74 -2.75 11.28 -4.70
C GLU A 74 -4.27 10.96 -4.76
N GLU A 75 -4.65 9.76 -5.23
CA GLU A 75 -6.08 9.33 -5.21
C GLU A 75 -6.41 8.63 -3.87
N CYS A 76 -5.49 7.77 -3.40
CA CYS A 76 -5.68 6.95 -2.19
C CYS A 76 -5.77 7.81 -0.92
N ILE A 77 -5.11 8.99 -0.95
CA ILE A 77 -5.15 9.96 0.16
C ILE A 77 -6.60 10.48 0.38
N GLN A 78 -7.41 10.45 -0.69
CA GLN A 78 -8.81 10.92 -0.65
C GLN A 78 -9.69 9.92 0.13
N LEU A 79 -9.46 8.61 -0.10
CA LEU A 79 -10.24 7.55 0.54
C LEU A 79 -9.70 7.24 1.96
N GLU A 80 -8.41 6.89 2.02
CA GLU A 80 -7.71 6.56 3.28
C GLU A 80 -6.21 6.90 3.15
N PRO A 81 -5.71 8.00 3.78
CA PRO A 81 -4.25 8.27 3.87
C PRO A 81 -3.57 7.48 5.00
N THR A 82 -4.37 6.80 5.85
CA THR A 82 -3.87 6.12 7.05
C THR A 82 -3.37 4.68 6.75
N PHE A 83 -3.12 4.37 5.47
CA PHE A 83 -2.46 3.12 5.07
C PHE A 83 -0.95 3.20 5.42
N ILE A 84 -0.48 2.29 6.27
CA ILE A 84 0.93 2.24 6.70
C ILE A 84 1.76 1.36 5.75
N LYS A 85 1.24 0.16 5.48
CA LYS A 85 1.92 -0.84 4.63
C LYS A 85 1.73 -0.46 3.14
N GLY A 86 2.65 0.42 2.71
CA GLY A 86 2.61 1.04 1.40
C GLY A 86 3.43 2.32 1.43
N TYR A 87 3.41 3.01 2.60
CA TYR A 87 4.08 4.29 2.84
C TYR A 87 5.61 4.22 2.61
N THR A 88 6.29 3.26 3.25
CA THR A 88 7.77 3.12 3.20
C THR A 88 8.27 2.92 1.73
N ARG A 89 7.50 2.14 0.96
CA ARG A 89 7.81 1.85 -0.45
C ARG A 89 7.49 3.05 -1.35
N LYS A 90 6.53 3.86 -0.91
CA LYS A 90 6.07 5.06 -1.62
C LYS A 90 7.02 6.26 -1.34
N ALA A 91 7.71 6.21 -0.19
CA ALA A 91 8.81 7.13 0.13
C ALA A 91 10.02 6.79 -0.77
N ALA A 92 10.18 5.47 -1.04
CA ALA A 92 11.19 4.95 -1.99
C ALA A 92 10.81 5.29 -3.44
N ALA A 93 9.50 5.48 -3.69
CA ALA A 93 9.00 5.99 -4.99
C ALA A 93 9.42 7.45 -5.16
N LEU A 94 9.15 8.25 -4.11
CA LEU A 94 9.53 9.67 -4.08
C LEU A 94 11.06 9.85 -4.17
N GLU A 95 11.82 8.90 -3.60
CA GLU A 95 13.29 8.84 -3.75
C GLU A 95 13.70 8.82 -5.23
N ALA A 96 12.90 8.08 -6.05
CA ALA A 96 13.13 7.95 -7.51
C ALA A 96 12.79 9.26 -8.23
N MET A 97 11.93 10.08 -7.59
CA MET A 97 11.47 11.38 -8.11
C MET A 97 12.36 12.51 -7.57
N LYS A 98 13.40 12.12 -6.79
CA LYS A 98 14.37 13.03 -6.13
C LYS A 98 13.68 13.87 -5.02
N ASP A 99 12.44 13.46 -4.66
CA ASP A 99 11.61 14.12 -3.64
C ASP A 99 11.89 13.52 -2.26
N TYR A 100 13.18 13.52 -1.88
CA TYR A 100 13.64 13.09 -0.54
C TYR A 100 12.91 13.87 0.56
N THR A 101 12.66 15.15 0.25
CA THR A 101 11.91 16.08 1.08
C THR A 101 10.47 15.57 1.32
N LYS A 102 9.85 14.98 0.29
CA LYS A 102 8.47 14.49 0.38
C LYS A 102 8.44 13.07 0.91
N ALA A 103 9.57 12.36 0.77
CA ALA A 103 9.75 11.02 1.32
C ALA A 103 9.76 11.09 2.86
N MET A 104 10.49 12.08 3.40
CA MET A 104 10.58 12.31 4.86
C MET A 104 9.25 12.84 5.43
N ASP A 105 8.42 13.47 4.57
CA ASP A 105 7.01 13.80 4.91
C ASP A 105 6.21 12.50 5.08
N VAL A 106 6.53 11.47 4.26
CA VAL A 106 5.83 10.17 4.30
C VAL A 106 6.29 9.37 5.53
N TYR A 107 7.58 9.54 5.89
CA TYR A 107 8.19 8.98 7.11
C TYR A 107 7.48 9.52 8.37
N GLN A 108 7.36 10.87 8.43
CA GLN A 108 6.79 11.60 9.56
C GLN A 108 5.33 11.16 9.74
N LYS A 109 4.57 11.22 8.64
CA LYS A 109 3.18 10.78 8.58
C LYS A 109 3.03 9.30 8.95
N ALA A 110 3.99 8.46 8.53
CA ALA A 110 3.97 7.02 8.83
C ALA A 110 4.01 6.78 10.35
N LEU A 111 4.97 7.46 11.03
CA LEU A 111 5.10 7.41 12.51
C LEU A 111 3.85 8.01 13.19
N ASP A 112 3.28 9.05 12.55
CA ASP A 112 2.06 9.73 13.01
C ASP A 112 0.84 8.77 12.97
N LEU A 113 0.88 7.77 12.07
CA LEU A 113 -0.15 6.72 11.99
C LEU A 113 0.04 5.69 13.15
N ASP A 114 1.11 4.86 13.06
CA ASP A 114 1.43 3.85 14.11
C ASP A 114 2.86 3.30 13.94
N SER A 115 3.47 2.92 15.09
CA SER A 115 4.87 2.47 15.21
C SER A 115 5.24 1.27 14.33
N SER A 116 4.24 0.54 13.77
CA SER A 116 4.49 -0.55 12.80
C SER A 116 5.09 -0.01 11.47
N CYS A 117 5.27 1.31 11.40
CA CYS A 117 5.97 2.00 10.32
C CYS A 117 7.47 2.24 10.64
N LYS A 118 8.05 1.60 11.69
CA LYS A 118 9.51 1.73 12.01
C LYS A 118 10.43 1.55 10.77
N GLU A 119 9.98 0.70 9.84
CA GLU A 119 10.62 0.50 8.52
C GLU A 119 10.86 1.84 7.76
N ALA A 120 9.88 2.76 7.85
CA ALA A 120 9.99 4.13 7.28
C ALA A 120 11.08 4.95 7.98
N ALA A 121 11.33 4.66 9.29
CA ALA A 121 12.40 5.34 10.04
C ALA A 121 13.77 5.01 9.45
N ASP A 122 13.99 3.73 9.12
CA ASP A 122 15.24 3.27 8.44
C ASP A 122 15.35 3.92 7.04
N GLY A 123 14.19 4.00 6.36
CA GLY A 123 14.10 4.61 5.03
C GLY A 123 14.36 6.11 5.03
N TYR A 124 14.07 6.77 6.17
CA TYR A 124 14.34 8.20 6.37
C TYR A 124 15.83 8.51 6.26
N GLN A 125 16.68 7.72 6.95
CA GLN A 125 18.15 7.87 6.91
C GLN A 125 18.67 7.96 5.47
N ARG A 126 18.06 7.16 4.58
CA ARG A 126 18.33 7.21 3.14
C ARG A 126 17.87 8.56 2.53
N CYS A 127 16.65 9.01 2.89
CA CYS A 127 16.01 10.19 2.28
C CYS A 127 16.80 11.48 2.60
N MET A 128 16.98 11.73 3.90
CA MET A 128 17.68 12.94 4.39
C MET A 128 19.13 13.01 3.85
N MET A 129 19.86 11.87 3.87
CA MET A 129 21.30 11.86 3.52
C MET A 129 21.51 12.01 2.00
N ALA A 130 20.55 11.50 1.19
CA ALA A 130 20.69 11.44 -0.28
C ALA A 130 20.90 12.83 -0.92
N GLN A 131 20.12 13.81 -0.44
CA GLN A 131 20.27 15.22 -0.84
C GLN A 131 21.51 15.84 -0.18
N TYR A 132 21.87 15.38 1.03
CA TYR A 132 23.01 15.94 1.81
C TYR A 132 24.31 15.14 1.56
N ASN A 133 24.53 14.72 0.31
CA ASN A 133 25.78 14.04 -0.11
C ASN A 133 26.87 15.11 -0.36
N MET A 1 -20.78 8.84 4.72
CA MET A 1 -20.94 7.68 5.64
C MET A 1 -19.57 7.08 5.93
N GLY A 2 -19.11 7.17 7.20
CA GLY A 2 -17.78 6.74 7.60
C GLY A 2 -17.59 5.23 7.50
N HIS A 3 -18.17 4.49 8.48
CA HIS A 3 -18.12 3.00 8.55
C HIS A 3 -16.66 2.49 8.72
N HIS A 4 -15.79 3.35 9.25
CA HIS A 4 -14.38 3.04 9.51
C HIS A 4 -14.22 2.46 10.94
N HIS A 5 -15.21 2.73 11.80
CA HIS A 5 -15.26 2.23 13.19
C HIS A 5 -16.12 0.95 13.25
N HIS A 6 -15.50 -0.20 13.55
CA HIS A 6 -16.20 -1.50 13.71
C HIS A 6 -15.86 -2.13 15.07
N HIS A 7 -16.88 -2.29 15.93
CA HIS A 7 -16.77 -3.00 17.23
C HIS A 7 -17.79 -4.15 17.31
N HIS A 8 -18.52 -4.38 16.20
CA HIS A 8 -19.50 -5.48 16.09
C HIS A 8 -19.29 -6.20 14.75
N SER A 9 -19.00 -7.51 14.83
CA SER A 9 -18.77 -8.36 13.64
C SER A 9 -18.81 -9.87 14.03
N HIS A 10 -18.72 -10.72 13.00
CA HIS A 10 -18.72 -12.20 13.12
C HIS A 10 -17.34 -12.77 12.74
N MET A 11 -17.20 -14.13 12.73
CA MET A 11 -15.89 -14.84 12.55
C MET A 11 -15.09 -14.35 11.34
N ASN A 12 -15.79 -14.10 10.23
CA ASN A 12 -15.23 -13.49 9.01
C ASN A 12 -15.68 -12.03 8.95
N PRO A 13 -14.81 -11.04 9.35
CA PRO A 13 -15.21 -9.62 9.48
C PRO A 13 -15.72 -9.00 8.17
N ASP A 14 -15.09 -9.42 7.06
CA ASP A 14 -15.39 -8.89 5.70
C ASP A 14 -14.87 -9.86 4.63
N LEU A 15 -15.77 -10.28 3.72
CA LEU A 15 -15.44 -11.24 2.63
C LEU A 15 -14.37 -10.65 1.69
N ALA A 16 -14.42 -9.32 1.51
CA ALA A 16 -13.50 -8.57 0.65
C ALA A 16 -12.05 -8.61 1.19
N LEU A 17 -11.88 -8.88 2.51
CA LEU A 17 -10.53 -8.97 3.11
C LEU A 17 -9.93 -10.37 2.83
N MET A 18 -10.78 -11.35 2.51
CA MET A 18 -10.36 -12.75 2.33
C MET A 18 -9.63 -12.94 0.99
N VAL A 19 -10.09 -12.19 -0.04
CA VAL A 19 -9.51 -12.25 -1.39
C VAL A 19 -8.18 -11.45 -1.48
N LYS A 20 -8.07 -10.36 -0.69
CA LYS A 20 -6.86 -9.52 -0.68
C LYS A 20 -5.70 -10.25 0.01
N ASN A 21 -6.04 -11.20 0.91
CA ASN A 21 -5.05 -12.01 1.64
C ASN A 21 -4.26 -12.91 0.68
N LYS A 22 -4.99 -13.70 -0.11
CA LYS A 22 -4.39 -14.58 -1.12
C LYS A 22 -3.77 -13.76 -2.26
N GLY A 23 -4.36 -12.57 -2.52
CA GLY A 23 -3.79 -11.60 -3.45
C GLY A 23 -2.37 -11.16 -3.08
N ASN A 24 -2.21 -10.72 -1.81
CA ASN A 24 -0.91 -10.24 -1.29
C ASN A 24 0.03 -11.39 -0.97
N GLU A 25 -0.52 -12.61 -0.72
CA GLU A 25 0.31 -13.80 -0.47
C GLU A 25 1.00 -14.20 -1.77
N CYS A 26 0.24 -14.13 -2.90
CA CYS A 26 0.74 -14.48 -4.24
C CYS A 26 1.87 -13.52 -4.67
N PHE A 27 1.68 -12.21 -4.40
CA PHE A 27 2.72 -11.19 -4.62
C PHE A 27 3.99 -11.53 -3.80
N GLN A 28 3.76 -11.94 -2.54
CA GLN A 28 4.79 -12.39 -1.60
C GLN A 28 5.48 -13.70 -2.09
N LYS A 29 4.81 -14.48 -2.99
CA LYS A 29 5.40 -15.71 -3.55
C LYS A 29 6.42 -15.37 -4.64
N GLY A 30 6.42 -14.09 -5.07
CA GLY A 30 7.31 -13.62 -6.13
C GLY A 30 6.60 -13.44 -7.45
N ASP A 31 5.25 -13.34 -7.40
CA ASP A 31 4.43 -13.03 -8.59
C ASP A 31 4.18 -11.52 -8.65
N TYR A 32 4.06 -10.97 -9.87
CA TYR A 32 3.92 -9.52 -10.11
C TYR A 32 2.70 -9.20 -11.01
N PRO A 33 2.53 -9.82 -12.25
CA PRO A 33 1.37 -9.53 -13.12
C PRO A 33 0.05 -10.05 -12.51
N GLN A 34 -0.02 -11.38 -12.27
CA GLN A 34 -1.24 -12.05 -11.78
C GLN A 34 -1.61 -11.51 -10.38
N ALA A 35 -0.57 -11.17 -9.58
CA ALA A 35 -0.73 -10.58 -8.24
C ALA A 35 -1.51 -9.25 -8.31
N MET A 36 -1.22 -8.47 -9.37
CA MET A 36 -1.84 -7.16 -9.61
C MET A 36 -3.32 -7.35 -10.00
N LYS A 37 -3.60 -8.48 -10.70
CA LYS A 37 -4.96 -8.87 -11.12
C LYS A 37 -5.78 -9.36 -9.91
N HIS A 38 -5.09 -10.05 -8.98
CA HIS A 38 -5.69 -10.52 -7.72
C HIS A 38 -6.01 -9.33 -6.80
N TYR A 39 -5.29 -8.20 -7.00
CA TYR A 39 -5.62 -6.92 -6.37
C TYR A 39 -6.80 -6.24 -7.07
N THR A 40 -6.89 -6.39 -8.42
CA THR A 40 -7.98 -5.78 -9.21
C THR A 40 -9.35 -6.35 -8.78
N GLU A 41 -9.42 -7.69 -8.67
CA GLU A 41 -10.64 -8.40 -8.23
C GLU A 41 -10.95 -8.10 -6.75
N ALA A 42 -9.89 -7.82 -5.96
CA ALA A 42 -10.04 -7.43 -4.55
C ALA A 42 -10.63 -6.02 -4.43
N ILE A 43 -10.30 -5.13 -5.39
CA ILE A 43 -10.89 -3.77 -5.50
C ILE A 43 -12.36 -3.87 -5.96
N LYS A 44 -12.68 -4.89 -6.77
CA LYS A 44 -14.07 -5.18 -7.19
C LYS A 44 -14.92 -5.67 -5.98
N ARG A 45 -14.23 -6.11 -4.91
CA ARG A 45 -14.86 -6.46 -3.62
C ARG A 45 -14.89 -5.22 -2.69
N ASN A 46 -13.79 -4.45 -2.65
CA ASN A 46 -13.65 -3.26 -1.78
C ASN A 46 -13.03 -2.05 -2.55
N PRO A 47 -13.87 -1.26 -3.30
CA PRO A 47 -13.39 -0.09 -4.06
C PRO A 47 -13.11 1.15 -3.17
N LYS A 48 -13.41 1.03 -1.87
CA LYS A 48 -13.20 2.12 -0.88
C LYS A 48 -11.90 1.90 -0.08
N ASP A 49 -11.21 0.78 -0.40
CA ASP A 49 -10.03 0.31 0.33
C ASP A 49 -8.76 0.90 -0.31
N ALA A 50 -8.19 1.95 0.34
CA ALA A 50 -7.07 2.74 -0.22
C ALA A 50 -5.79 1.92 -0.41
N LYS A 51 -5.41 1.19 0.64
CA LYS A 51 -4.17 0.38 0.64
C LYS A 51 -4.18 -0.69 -0.47
N LEU A 52 -5.37 -1.07 -0.96
CA LEU A 52 -5.51 -2.03 -2.06
C LEU A 52 -4.94 -1.46 -3.38
N TYR A 53 -5.21 -0.16 -3.61
CA TYR A 53 -4.62 0.58 -4.75
C TYR A 53 -3.12 0.72 -4.54
N SER A 54 -2.70 0.89 -3.29
CA SER A 54 -1.29 1.04 -2.92
C SER A 54 -0.54 -0.32 -2.90
N ASN A 55 -1.30 -1.44 -2.82
CA ASN A 55 -0.76 -2.81 -2.86
C ASN A 55 -0.39 -3.17 -4.31
N ARG A 56 -1.26 -2.80 -5.27
CA ARG A 56 -0.96 -2.95 -6.71
C ARG A 56 0.07 -1.88 -7.14
N ALA A 57 0.12 -0.76 -6.40
CA ALA A 57 1.16 0.27 -6.58
C ALA A 57 2.52 -0.24 -6.10
N ALA A 58 2.50 -1.09 -5.06
CA ALA A 58 3.69 -1.78 -4.57
C ALA A 58 4.20 -2.80 -5.61
N CYS A 59 3.30 -3.26 -6.49
CA CYS A 59 3.67 -4.04 -7.68
C CYS A 59 4.28 -3.10 -8.75
N TYR A 60 3.57 -1.97 -9.05
CA TYR A 60 3.95 -1.01 -10.10
C TYR A 60 5.36 -0.43 -9.90
N THR A 61 5.78 -0.22 -8.63
CA THR A 61 7.17 0.18 -8.31
C THR A 61 8.16 -0.90 -8.81
N LYS A 62 7.80 -2.17 -8.57
CA LYS A 62 8.64 -3.34 -8.88
C LYS A 62 8.69 -3.57 -10.41
N LEU A 63 7.63 -3.11 -11.09
CA LEU A 63 7.48 -3.19 -12.55
C LEU A 63 8.01 -1.91 -13.23
N LEU A 64 8.63 -1.00 -12.42
CA LEU A 64 9.23 0.26 -12.92
C LEU A 64 8.17 1.26 -13.45
N GLU A 65 6.89 0.96 -13.19
CA GLU A 65 5.75 1.82 -13.54
C GLU A 65 5.37 2.69 -12.32
N PHE A 66 6.42 3.31 -11.71
CA PHE A 66 6.29 4.19 -10.52
C PHE A 66 5.25 5.31 -10.75
N GLN A 67 5.10 5.78 -12.01
CA GLN A 67 4.12 6.82 -12.39
C GLN A 67 2.68 6.40 -12.00
N LEU A 68 2.40 5.09 -12.19
CA LEU A 68 1.08 4.51 -11.86
C LEU A 68 0.97 4.35 -10.34
N ALA A 69 2.10 3.93 -9.72
CA ALA A 69 2.20 3.71 -8.27
C ALA A 69 1.97 4.99 -7.45
N LEU A 70 2.42 6.13 -8.01
CA LEU A 70 2.27 7.45 -7.37
C LEU A 70 0.80 7.87 -7.41
N LYS A 71 0.21 7.94 -8.63
CA LYS A 71 -1.18 8.39 -8.82
C LYS A 71 -2.19 7.45 -8.13
N ASP A 72 -1.79 6.17 -7.93
CA ASP A 72 -2.58 5.17 -7.17
C ASP A 72 -2.77 5.62 -5.71
N CYS A 73 -1.66 6.05 -5.08
CA CYS A 73 -1.68 6.55 -3.70
C CYS A 73 -2.29 7.96 -3.63
N GLU A 74 -2.14 8.75 -4.73
CA GLU A 74 -2.68 10.14 -4.81
C GLU A 74 -4.23 10.15 -4.87
N GLU A 75 -4.84 9.09 -5.45
CA GLU A 75 -6.31 8.97 -5.54
C GLU A 75 -6.89 8.29 -4.28
N CYS A 76 -6.25 7.19 -3.86
CA CYS A 76 -6.79 6.33 -2.81
C CYS A 76 -6.76 7.01 -1.42
N ILE A 77 -5.81 7.94 -1.24
CA ILE A 77 -5.68 8.77 -0.01
C ILE A 77 -6.95 9.65 0.18
N GLN A 78 -7.69 9.91 -0.92
CA GLN A 78 -8.91 10.72 -0.89
C GLN A 78 -10.08 9.92 -0.25
N LEU A 79 -9.99 8.57 -0.34
CA LEU A 79 -10.97 7.64 0.27
C LEU A 79 -10.58 7.34 1.73
N GLU A 80 -9.30 7.02 1.92
CA GLU A 80 -8.72 6.63 3.22
C GLU A 80 -7.34 7.29 3.35
N PRO A 81 -7.20 8.37 4.20
CA PRO A 81 -5.91 9.07 4.41
C PRO A 81 -4.94 8.34 5.36
N THR A 82 -5.47 7.62 6.36
CA THR A 82 -4.67 7.10 7.50
C THR A 82 -4.13 5.67 7.26
N PHE A 83 -4.15 5.21 5.99
CA PHE A 83 -3.54 3.91 5.60
C PHE A 83 -1.99 3.99 5.70
N ILE A 84 -1.41 3.12 6.54
CA ILE A 84 0.02 3.15 6.89
C ILE A 84 0.86 2.41 5.81
N LYS A 85 0.29 1.31 5.29
CA LYS A 85 0.97 0.42 4.30
C LYS A 85 1.40 1.17 3.03
N GLY A 86 0.60 2.18 2.65
CA GLY A 86 0.85 2.95 1.45
C GLY A 86 1.96 3.98 1.60
N TYR A 87 2.03 4.60 2.79
CA TYR A 87 2.99 5.69 3.09
C TYR A 87 4.46 5.25 2.95
N THR A 88 4.78 4.03 3.44
CA THR A 88 6.15 3.49 3.37
C THR A 88 6.58 3.21 1.90
N ARG A 89 5.59 2.80 1.06
CA ARG A 89 5.81 2.45 -0.36
C ARG A 89 5.88 3.72 -1.24
N LYS A 90 5.07 4.73 -0.85
CA LYS A 90 4.95 6.01 -1.58
C LYS A 90 6.24 6.83 -1.42
N ALA A 91 6.75 6.85 -0.18
CA ALA A 91 7.98 7.56 0.17
C ALA A 91 9.22 6.85 -0.42
N ALA A 92 9.18 5.50 -0.45
CA ALA A 92 10.21 4.68 -1.11
C ALA A 92 10.24 4.94 -2.64
N ALA A 93 9.06 5.22 -3.22
CA ALA A 93 8.92 5.61 -4.62
C ALA A 93 9.52 7.02 -4.84
N LEU A 94 9.22 7.94 -3.89
CA LEU A 94 9.75 9.33 -3.91
C LEU A 94 11.28 9.35 -3.84
N GLU A 95 11.89 8.37 -3.14
CA GLU A 95 13.36 8.15 -3.15
C GLU A 95 13.87 7.94 -4.60
N ALA A 96 13.10 7.22 -5.43
CA ALA A 96 13.45 6.97 -6.84
C ALA A 96 13.14 8.21 -7.72
N MET A 97 12.40 9.18 -7.13
CA MET A 97 12.01 10.45 -7.81
C MET A 97 12.91 11.61 -7.38
N LYS A 98 13.91 11.31 -6.51
CA LYS A 98 14.86 12.27 -5.92
C LYS A 98 14.20 13.23 -4.91
N ASP A 99 12.92 12.95 -4.56
CA ASP A 99 12.12 13.78 -3.63
C ASP A 99 12.31 13.29 -2.19
N TYR A 100 13.57 13.17 -1.76
CA TYR A 100 13.95 12.72 -0.39
C TYR A 100 13.30 13.59 0.69
N THR A 101 13.21 14.90 0.40
CA THR A 101 12.57 15.89 1.26
C THR A 101 11.05 15.62 1.40
N LYS A 102 10.42 15.10 0.33
CA LYS A 102 8.98 14.76 0.33
C LYS A 102 8.76 13.39 0.96
N ALA A 103 9.76 12.50 0.75
CA ALA A 103 9.73 11.12 1.25
C ALA A 103 9.71 11.13 2.78
N MET A 104 10.64 11.89 3.37
CA MET A 104 10.78 12.01 4.84
C MET A 104 9.53 12.64 5.48
N ASP A 105 8.80 13.48 4.71
CA ASP A 105 7.51 14.05 5.15
C ASP A 105 6.46 12.95 5.25
N VAL A 106 6.51 11.98 4.31
CA VAL A 106 5.52 10.89 4.23
C VAL A 106 5.85 9.82 5.30
N TYR A 107 7.16 9.61 5.55
CA TYR A 107 7.65 8.73 6.63
C TYR A 107 7.24 9.28 8.00
N GLN A 108 7.41 10.61 8.16
CA GLN A 108 7.10 11.34 9.40
C GLN A 108 5.60 11.20 9.70
N LYS A 109 4.76 11.51 8.70
CA LYS A 109 3.30 11.41 8.79
C LYS A 109 2.85 9.97 9.03
N ALA A 110 3.56 9.00 8.45
CA ALA A 110 3.28 7.56 8.64
C ALA A 110 3.50 7.13 10.12
N LEU A 111 4.61 7.62 10.70
CA LEU A 111 4.95 7.41 12.13
C LEU A 111 3.95 8.16 13.03
N ASP A 112 3.46 9.31 12.52
CA ASP A 112 2.45 10.16 13.18
C ASP A 112 1.06 9.48 13.15
N LEU A 113 0.84 8.56 12.17
CA LEU A 113 -0.39 7.74 12.11
C LEU A 113 -0.38 6.73 13.29
N ASP A 114 0.72 5.93 13.43
CA ASP A 114 0.94 5.07 14.61
C ASP A 114 2.40 4.53 14.64
N SER A 115 2.87 4.20 15.88
CA SER A 115 4.18 3.58 16.14
C SER A 115 4.39 2.29 15.31
N SER A 116 3.29 1.59 14.96
CA SER A 116 3.32 0.37 14.10
C SER A 116 4.09 0.58 12.78
N CYS A 117 4.23 1.85 12.37
CA CYS A 117 4.91 2.24 11.13
C CYS A 117 6.46 2.25 11.25
N LYS A 118 7.04 1.67 12.33
CA LYS A 118 8.54 1.55 12.47
C LYS A 118 9.23 1.01 11.18
N GLU A 119 8.53 0.17 10.40
CA GLU A 119 9.01 -0.37 9.10
C GLU A 119 9.42 0.77 8.12
N ALA A 120 8.66 1.89 8.18
CA ALA A 120 8.92 3.09 7.38
C ALA A 120 10.06 3.94 8.00
N ALA A 121 10.30 3.77 9.32
CA ALA A 121 11.39 4.49 10.03
C ALA A 121 12.75 3.96 9.54
N ASP A 122 12.80 2.66 9.22
CA ASP A 122 13.98 2.02 8.61
C ASP A 122 14.21 2.59 7.19
N GLY A 123 13.10 2.73 6.44
CA GLY A 123 13.12 3.33 5.11
C GLY A 123 13.44 4.82 5.10
N TYR A 124 13.21 5.50 6.26
CA TYR A 124 13.56 6.91 6.45
C TYR A 124 15.09 7.12 6.29
N GLN A 125 15.88 6.29 7.00
CA GLN A 125 17.37 6.33 6.96
C GLN A 125 17.89 6.32 5.51
N ARG A 126 17.23 5.54 4.66
CA ARG A 126 17.50 5.47 3.21
C ARG A 126 17.40 6.85 2.54
N CYS A 127 16.28 7.57 2.78
CA CYS A 127 15.93 8.79 2.04
C CYS A 127 16.69 10.02 2.58
N MET A 128 16.81 10.16 3.91
CA MET A 128 17.57 11.26 4.53
C MET A 128 19.06 11.18 4.14
N MET A 129 19.65 9.96 4.22
CA MET A 129 21.09 9.76 3.92
C MET A 129 21.35 9.89 2.41
N ALA A 130 20.30 9.69 1.59
CA ALA A 130 20.40 9.69 0.13
C ALA A 130 20.81 11.06 -0.43
N GLN A 131 20.29 12.14 0.17
CA GLN A 131 20.72 13.51 -0.18
C GLN A 131 22.01 13.89 0.57
N TYR A 132 22.30 13.20 1.69
CA TYR A 132 23.52 13.44 2.50
C TYR A 132 24.57 12.33 2.23
N ASN A 133 24.66 11.86 0.96
CA ASN A 133 25.69 10.87 0.55
C ASN A 133 27.06 11.57 0.45
N MET A 1 -22.16 7.14 4.89
CA MET A 1 -21.36 7.10 6.14
C MET A 1 -21.52 5.74 6.83
N GLY A 2 -22.77 5.24 6.92
CA GLY A 2 -23.08 3.99 7.63
C GLY A 2 -22.96 2.76 6.74
N HIS A 3 -21.72 2.46 6.30
CA HIS A 3 -21.42 1.26 5.48
C HIS A 3 -21.18 0.03 6.38
N HIS A 4 -20.85 0.28 7.66
CA HIS A 4 -20.47 -0.76 8.63
C HIS A 4 -21.69 -1.58 9.10
N HIS A 5 -22.90 -1.03 8.91
CA HIS A 5 -24.18 -1.69 9.28
C HIS A 5 -24.35 -3.03 8.53
N HIS A 6 -24.39 -4.13 9.29
CA HIS A 6 -24.56 -5.49 8.74
C HIS A 6 -26.04 -5.93 8.85
N HIS A 7 -26.72 -6.00 7.71
CA HIS A 7 -28.00 -6.71 7.58
C HIS A 7 -27.71 -8.23 7.56
N HIS A 8 -28.70 -9.04 7.99
CA HIS A 8 -28.59 -10.52 8.07
C HIS A 8 -27.96 -11.13 6.78
N SER A 9 -26.75 -11.65 6.94
CA SER A 9 -25.95 -12.27 5.87
C SER A 9 -25.76 -13.77 6.17
N HIS A 10 -25.02 -14.46 5.28
CA HIS A 10 -24.59 -15.85 5.51
C HIS A 10 -23.31 -15.88 6.37
N MET A 11 -22.69 -17.08 6.47
CA MET A 11 -21.43 -17.30 7.21
C MET A 11 -20.31 -16.34 6.74
N ASN A 12 -20.33 -15.99 5.44
CA ASN A 12 -19.40 -15.01 4.87
C ASN A 12 -19.84 -13.57 5.27
N PRO A 13 -19.02 -12.85 6.12
CA PRO A 13 -19.35 -11.47 6.56
C PRO A 13 -19.23 -10.43 5.43
N ASP A 14 -18.21 -10.64 4.58
CA ASP A 14 -17.86 -9.70 3.50
C ASP A 14 -17.04 -10.44 2.43
N LEU A 15 -17.60 -10.53 1.21
CA LEU A 15 -16.98 -11.25 0.08
C LEU A 15 -15.64 -10.61 -0.31
N ALA A 16 -15.54 -9.29 -0.07
CA ALA A 16 -14.35 -8.49 -0.34
C ALA A 16 -13.16 -8.91 0.54
N LEU A 17 -13.44 -9.49 1.73
CA LEU A 17 -12.38 -9.98 2.63
C LEU A 17 -11.85 -11.34 2.11
N MET A 18 -12.69 -12.04 1.29
CA MET A 18 -12.35 -13.37 0.75
C MET A 18 -11.36 -13.24 -0.41
N VAL A 19 -11.58 -12.21 -1.23
CA VAL A 19 -10.82 -12.01 -2.48
C VAL A 19 -9.45 -11.35 -2.24
N LYS A 20 -9.33 -10.57 -1.16
CA LYS A 20 -8.07 -9.90 -0.81
C LYS A 20 -7.01 -10.94 -0.37
N ASN A 21 -7.51 -12.06 0.20
CA ASN A 21 -6.66 -13.17 0.67
C ASN A 21 -5.92 -13.81 -0.53
N LYS A 22 -6.68 -14.25 -1.56
CA LYS A 22 -6.12 -14.88 -2.78
C LYS A 22 -5.22 -13.90 -3.57
N GLY A 23 -5.54 -12.60 -3.48
CA GLY A 23 -4.69 -11.54 -3.99
C GLY A 23 -3.28 -11.59 -3.36
N ASN A 24 -3.22 -11.75 -2.02
CA ASN A 24 -1.94 -11.89 -1.28
C ASN A 24 -1.31 -13.27 -1.53
N GLU A 25 -2.15 -14.27 -1.89
CA GLU A 25 -1.67 -15.62 -2.26
C GLU A 25 -0.78 -15.51 -3.50
N CYS A 26 -1.19 -14.65 -4.48
CA CYS A 26 -0.37 -14.40 -5.70
C CYS A 26 1.09 -14.06 -5.36
N PHE A 27 1.30 -13.10 -4.43
CA PHE A 27 2.64 -12.73 -3.92
C PHE A 27 3.37 -13.94 -3.32
N GLN A 28 2.60 -14.75 -2.56
CA GLN A 28 3.09 -15.99 -1.92
C GLN A 28 3.57 -17.02 -2.99
N LYS A 29 3.00 -16.93 -4.21
CA LYS A 29 3.39 -17.83 -5.33
C LYS A 29 4.69 -17.30 -5.99
N GLY A 30 4.97 -15.99 -5.78
CA GLY A 30 6.05 -15.27 -6.47
C GLY A 30 5.54 -14.38 -7.59
N ASP A 31 4.21 -14.40 -7.81
CA ASP A 31 3.55 -13.62 -8.86
C ASP A 31 3.26 -12.18 -8.39
N TYR A 32 4.02 -11.22 -8.92
CA TYR A 32 3.79 -9.78 -8.69
C TYR A 32 2.92 -9.16 -9.84
N PRO A 33 3.22 -9.38 -11.18
CA PRO A 33 2.38 -8.83 -12.28
C PRO A 33 0.96 -9.46 -12.31
N GLN A 34 0.90 -10.80 -12.15
CA GLN A 34 -0.39 -11.53 -12.06
C GLN A 34 -1.21 -11.05 -10.86
N ALA A 35 -0.51 -10.63 -9.78
CA ALA A 35 -1.14 -10.07 -8.58
C ALA A 35 -1.92 -8.78 -8.91
N MET A 36 -1.41 -7.98 -9.88
CA MET A 36 -2.02 -6.67 -10.24
C MET A 36 -3.42 -6.89 -10.86
N LYS A 37 -3.51 -7.96 -11.67
CA LYS A 37 -4.73 -8.35 -12.39
C LYS A 37 -5.68 -9.14 -11.46
N HIS A 38 -5.06 -9.88 -10.53
CA HIS A 38 -5.77 -10.72 -9.54
C HIS A 38 -6.33 -9.85 -8.40
N TYR A 39 -5.78 -8.63 -8.24
CA TYR A 39 -6.33 -7.59 -7.36
C TYR A 39 -7.42 -6.77 -8.03
N THR A 40 -7.48 -6.76 -9.39
CA THR A 40 -8.49 -5.96 -10.12
C THR A 40 -9.91 -6.42 -9.74
N GLU A 41 -10.07 -7.75 -9.57
CA GLU A 41 -11.33 -8.38 -9.10
C GLU A 41 -11.63 -7.96 -7.63
N ALA A 42 -10.56 -7.74 -6.85
CA ALA A 42 -10.66 -7.33 -5.44
C ALA A 42 -11.10 -5.86 -5.34
N ILE A 43 -10.67 -5.03 -6.30
CA ILE A 43 -11.07 -3.61 -6.42
C ILE A 43 -12.59 -3.51 -6.73
N LYS A 44 -13.11 -4.51 -7.47
CA LYS A 44 -14.55 -4.61 -7.78
C LYS A 44 -15.37 -4.90 -6.50
N ARG A 45 -14.74 -5.59 -5.54
CA ARG A 45 -15.36 -6.00 -4.28
C ARG A 45 -15.29 -4.86 -3.23
N ASN A 46 -14.05 -4.44 -2.89
CA ASN A 46 -13.79 -3.34 -1.92
C ASN A 46 -13.04 -2.15 -2.57
N PRO A 47 -13.77 -1.23 -3.27
CA PRO A 47 -13.21 0.07 -3.66
C PRO A 47 -13.16 1.07 -2.48
N LYS A 48 -13.59 0.61 -1.28
CA LYS A 48 -13.56 1.43 -0.05
C LYS A 48 -12.21 1.24 0.69
N ASP A 49 -11.54 0.11 0.38
CA ASP A 49 -10.38 -0.35 1.14
C ASP A 49 -9.09 0.24 0.53
N ALA A 50 -8.38 1.07 1.32
CA ALA A 50 -7.24 1.87 0.83
C ALA A 50 -5.98 1.02 0.60
N LYS A 51 -5.64 0.17 1.59
CA LYS A 51 -4.41 -0.64 1.55
C LYS A 51 -4.47 -1.69 0.43
N LEU A 52 -5.68 -2.16 0.10
CA LEU A 52 -5.95 -3.06 -1.05
C LEU A 52 -5.43 -2.47 -2.38
N TYR A 53 -5.45 -1.14 -2.48
CA TYR A 53 -4.85 -0.42 -3.61
C TYR A 53 -3.34 -0.35 -3.39
N SER A 54 -2.93 0.33 -2.29
CA SER A 54 -1.52 0.67 -1.99
C SER A 54 -0.56 -0.56 -1.88
N ASN A 55 -1.13 -1.76 -1.67
CA ASN A 55 -0.36 -3.03 -1.63
C ASN A 55 0.25 -3.34 -3.02
N ARG A 56 -0.46 -2.89 -4.05
CA ARG A 56 -0.02 -3.00 -5.44
C ARG A 56 1.12 -2.02 -5.73
N ALA A 57 1.17 -0.87 -5.00
CA ALA A 57 2.28 0.10 -5.08
C ALA A 57 3.59 -0.52 -4.58
N ALA A 58 3.47 -1.36 -3.54
CA ALA A 58 4.59 -2.17 -3.00
C ALA A 58 5.10 -3.17 -4.06
N CYS A 59 4.18 -3.63 -4.91
CA CYS A 59 4.50 -4.48 -6.07
C CYS A 59 5.14 -3.64 -7.20
N TYR A 60 4.54 -2.46 -7.48
CA TYR A 60 4.93 -1.59 -8.61
C TYR A 60 6.38 -1.09 -8.46
N THR A 61 6.87 -0.94 -7.22
CA THR A 61 8.28 -0.60 -6.98
C THR A 61 9.20 -1.70 -7.56
N LYS A 62 8.79 -2.98 -7.35
CA LYS A 62 9.57 -4.16 -7.78
C LYS A 62 9.56 -4.29 -9.31
N LEU A 63 8.47 -3.82 -9.92
CA LEU A 63 8.27 -3.87 -11.37
C LEU A 63 8.80 -2.58 -12.04
N LEU A 64 9.38 -1.65 -11.21
CA LEU A 64 9.89 -0.33 -11.68
C LEU A 64 8.74 0.52 -12.29
N GLU A 65 7.50 0.18 -11.90
CA GLU A 65 6.26 0.85 -12.33
C GLU A 65 5.90 2.00 -11.36
N PHE A 66 6.92 2.81 -10.97
CA PHE A 66 6.78 3.87 -9.96
C PHE A 66 5.74 4.93 -10.37
N GLN A 67 5.50 5.11 -11.70
CA GLN A 67 4.43 6.00 -12.21
C GLN A 67 3.07 5.57 -11.65
N LEU A 68 2.85 4.25 -11.64
CA LEU A 68 1.60 3.67 -11.12
C LEU A 68 1.64 3.66 -9.60
N ALA A 69 2.83 3.40 -9.02
CA ALA A 69 3.03 3.29 -7.55
C ALA A 69 2.62 4.58 -6.83
N LEU A 70 3.02 5.75 -7.40
CA LEU A 70 2.67 7.08 -6.87
C LEU A 70 1.15 7.23 -6.76
N LYS A 71 0.48 7.18 -7.92
CA LYS A 71 -0.97 7.44 -8.03
C LYS A 71 -1.81 6.38 -7.29
N ASP A 72 -1.29 5.14 -7.22
CA ASP A 72 -1.98 3.98 -6.61
C ASP A 72 -2.08 4.12 -5.08
N CYS A 73 -0.97 4.55 -4.44
CA CYS A 73 -0.92 4.75 -2.99
C CYS A 73 -1.51 6.11 -2.58
N GLU A 74 -1.31 7.17 -3.38
CA GLU A 74 -1.76 8.55 -2.98
C GLU A 74 -3.28 8.74 -3.16
N GLU A 75 -3.92 7.92 -4.03
CA GLU A 75 -5.40 7.95 -4.19
C GLU A 75 -6.08 7.33 -2.96
N CYS A 76 -5.32 6.47 -2.24
CA CYS A 76 -5.78 5.80 -1.01
C CYS A 76 -6.20 6.81 0.08
N ILE A 77 -5.67 8.06 -0.01
CA ILE A 77 -6.05 9.19 0.89
C ILE A 77 -7.59 9.44 0.88
N GLN A 78 -8.25 9.14 -0.25
CA GLN A 78 -9.71 9.38 -0.40
C GLN A 78 -10.55 8.28 0.27
N LEU A 79 -9.93 7.11 0.49
CA LEU A 79 -10.57 5.96 1.14
C LEU A 79 -10.25 5.95 2.65
N GLU A 80 -8.96 6.16 2.94
CA GLU A 80 -8.40 6.24 4.28
C GLU A 80 -7.33 7.35 4.25
N PRO A 81 -7.66 8.61 4.71
CA PRO A 81 -6.70 9.75 4.74
C PRO A 81 -5.45 9.46 5.58
N THR A 82 -5.64 8.54 6.53
CA THR A 82 -4.69 8.20 7.58
C THR A 82 -3.85 6.96 7.21
N PHE A 83 -3.82 6.61 5.89
CA PHE A 83 -3.15 5.39 5.39
C PHE A 83 -1.63 5.42 5.70
N ILE A 84 -1.22 4.60 6.67
CA ILE A 84 0.15 4.61 7.23
C ILE A 84 1.11 3.80 6.35
N LYS A 85 0.64 2.60 5.94
CA LYS A 85 1.48 1.63 5.19
C LYS A 85 1.81 2.15 3.78
N GLY A 86 0.87 2.92 3.22
CA GLY A 86 1.02 3.52 1.92
C GLY A 86 2.04 4.65 1.91
N TYR A 87 2.25 5.30 3.08
CA TYR A 87 3.25 6.39 3.23
C TYR A 87 4.67 5.87 3.03
N THR A 88 4.94 4.65 3.54
CA THR A 88 6.25 4.01 3.42
C THR A 88 6.61 3.79 1.93
N ARG A 89 5.60 3.40 1.12
CA ARG A 89 5.78 3.08 -0.32
C ARG A 89 5.73 4.33 -1.21
N LYS A 90 4.92 5.32 -0.78
CA LYS A 90 4.78 6.60 -1.49
C LYS A 90 6.09 7.38 -1.44
N ALA A 91 6.64 7.46 -0.22
CA ALA A 91 7.88 8.19 0.04
C ALA A 91 9.10 7.46 -0.54
N ALA A 92 9.04 6.11 -0.56
CA ALA A 92 10.06 5.27 -1.23
C ALA A 92 10.11 5.58 -2.73
N ALA A 93 8.91 5.73 -3.33
CA ALA A 93 8.77 6.08 -4.75
C ALA A 93 9.30 7.49 -5.02
N LEU A 94 8.92 8.45 -4.13
CA LEU A 94 9.38 9.85 -4.20
C LEU A 94 10.91 9.95 -4.14
N GLU A 95 11.52 9.08 -3.31
CA GLU A 95 12.98 8.99 -3.20
C GLU A 95 13.61 8.67 -4.57
N ALA A 96 12.92 7.81 -5.37
CA ALA A 96 13.41 7.41 -6.71
C ALA A 96 13.15 8.52 -7.74
N MET A 97 12.28 9.49 -7.37
CA MET A 97 11.93 10.65 -8.22
C MET A 97 12.78 11.87 -7.86
N LYS A 98 13.81 11.65 -6.98
CA LYS A 98 14.73 12.71 -6.47
C LYS A 98 14.03 13.68 -5.49
N ASP A 99 12.79 13.34 -5.10
CA ASP A 99 11.93 14.18 -4.25
C ASP A 99 12.12 13.85 -2.75
N TYR A 100 13.40 13.74 -2.34
CA TYR A 100 13.80 13.44 -0.95
C TYR A 100 13.14 14.40 0.06
N THR A 101 13.02 15.66 -0.35
CA THR A 101 12.43 16.74 0.44
C THR A 101 10.94 16.46 0.74
N LYS A 102 10.23 15.84 -0.22
CA LYS A 102 8.81 15.49 -0.07
C LYS A 102 8.69 14.21 0.77
N ALA A 103 9.54 13.23 0.41
CA ALA A 103 9.54 11.88 0.96
C ALA A 103 9.72 11.89 2.48
N MET A 104 10.73 12.66 2.95
CA MET A 104 11.10 12.75 4.38
C MET A 104 9.92 13.20 5.25
N ASP A 105 9.02 14.05 4.68
CA ASP A 105 7.78 14.49 5.37
C ASP A 105 6.82 13.31 5.53
N VAL A 106 6.72 12.49 4.47
CA VAL A 106 5.73 11.39 4.37
C VAL A 106 6.14 10.24 5.32
N TYR A 107 7.47 10.00 5.42
CA TYR A 107 8.08 9.09 6.40
C TYR A 107 7.77 9.57 7.82
N GLN A 108 8.04 10.88 8.05
CA GLN A 108 7.87 11.55 9.35
C GLN A 108 6.40 11.42 9.82
N LYS A 109 5.45 11.58 8.87
CA LYS A 109 4.01 11.49 9.15
C LYS A 109 3.55 10.06 9.39
N ALA A 110 4.20 9.08 8.71
CA ALA A 110 3.94 7.64 8.97
C ALA A 110 4.32 7.28 10.42
N LEU A 111 5.49 7.83 10.86
CA LEU A 111 6.00 7.68 12.23
C LEU A 111 5.13 8.44 13.24
N ASP A 112 4.61 9.59 12.79
CA ASP A 112 3.75 10.48 13.59
C ASP A 112 2.42 9.79 13.92
N LEU A 113 1.82 9.14 12.91
CA LEU A 113 0.55 8.42 13.07
C LEU A 113 0.76 7.12 13.87
N ASP A 114 1.93 6.49 13.68
CA ASP A 114 2.24 5.20 14.29
C ASP A 114 3.76 5.00 14.44
N SER A 115 4.21 4.94 15.71
CA SER A 115 5.61 4.67 16.05
C SER A 115 6.07 3.32 15.48
N SER A 116 5.17 2.31 15.54
CA SER A 116 5.43 0.94 15.03
C SER A 116 5.71 0.93 13.51
N CYS A 117 5.45 2.08 12.82
CA CYS A 117 5.85 2.29 11.43
C CYS A 117 7.37 2.62 11.31
N LYS A 118 8.19 2.30 12.35
CA LYS A 118 9.69 2.47 12.36
C LYS A 118 10.40 2.10 11.02
N GLU A 119 9.80 1.23 10.20
CA GLU A 119 10.32 0.90 8.86
C GLU A 119 10.50 2.17 7.99
N ALA A 120 9.56 3.12 8.12
CA ALA A 120 9.60 4.43 7.46
C ALA A 120 10.72 5.34 8.04
N ALA A 121 11.18 5.05 9.29
CA ALA A 121 12.34 5.77 9.88
C ALA A 121 13.62 5.34 9.16
N ASP A 122 13.71 4.02 8.89
CA ASP A 122 14.80 3.44 8.08
C ASP A 122 14.78 4.04 6.66
N GLY A 123 13.56 4.20 6.13
CA GLY A 123 13.32 4.84 4.85
C GLY A 123 13.70 6.32 4.85
N TYR A 124 13.50 6.98 6.01
CA TYR A 124 13.88 8.40 6.19
C TYR A 124 15.40 8.57 6.06
N GLN A 125 16.17 7.76 6.83
CA GLN A 125 17.66 7.81 6.86
C GLN A 125 18.28 7.79 5.45
N ARG A 126 17.88 6.79 4.64
CA ARG A 126 18.36 6.63 3.25
C ARG A 126 17.90 7.80 2.34
N CYS A 127 16.76 8.45 2.69
CA CYS A 127 16.14 9.50 1.84
C CYS A 127 16.85 10.84 2.03
N MET A 128 16.98 11.26 3.30
CA MET A 128 17.67 12.52 3.67
C MET A 128 19.15 12.48 3.27
N MET A 129 19.82 11.34 3.55
CA MET A 129 21.27 11.20 3.29
C MET A 129 21.56 11.20 1.78
N ALA A 130 20.55 10.84 0.96
CA ALA A 130 20.70 10.71 -0.50
C ALA A 130 21.06 12.04 -1.16
N GLN A 131 20.41 13.13 -0.70
CA GLN A 131 20.72 14.51 -1.17
C GLN A 131 21.94 15.08 -0.42
N TYR A 132 22.17 14.62 0.82
CA TYR A 132 23.32 15.08 1.65
C TYR A 132 24.45 14.03 1.56
N ASN A 133 24.62 13.42 0.37
CA ASN A 133 25.55 12.30 0.14
C ASN A 133 26.88 12.84 -0.41
N MET A 1 -22.43 -34.57 -5.59
CA MET A 1 -22.93 -35.13 -4.31
C MET A 1 -24.30 -34.52 -3.97
N GLY A 2 -25.00 -35.13 -3.01
CA GLY A 2 -26.31 -34.65 -2.58
C GLY A 2 -26.94 -35.50 -1.47
N HIS A 3 -26.19 -35.65 -0.36
CA HIS A 3 -26.70 -36.27 0.88
C HIS A 3 -26.40 -35.34 2.05
N HIS A 4 -27.44 -35.07 2.88
CA HIS A 4 -27.42 -34.09 4.01
C HIS A 4 -27.39 -32.63 3.48
N HIS A 5 -27.54 -32.46 2.15
CA HIS A 5 -27.50 -31.15 1.49
C HIS A 5 -28.79 -30.35 1.81
N HIS A 6 -28.62 -29.06 2.11
CA HIS A 6 -29.73 -28.15 2.39
C HIS A 6 -29.27 -26.71 2.13
N HIS A 7 -30.13 -25.91 1.48
CA HIS A 7 -29.86 -24.50 1.18
C HIS A 7 -29.81 -23.68 2.49
N HIS A 8 -28.59 -23.56 3.03
CA HIS A 8 -28.30 -22.88 4.30
C HIS A 8 -27.97 -21.39 4.07
N SER A 9 -27.88 -20.63 5.17
CA SER A 9 -27.67 -19.18 5.15
C SER A 9 -26.19 -18.80 4.87
N HIS A 10 -25.93 -17.47 4.95
CA HIS A 10 -24.64 -16.82 4.64
C HIS A 10 -23.46 -17.44 5.45
N MET A 11 -22.57 -18.17 4.75
CA MET A 11 -21.42 -18.88 5.37
C MET A 11 -20.26 -17.89 5.60
N ASN A 12 -19.61 -17.48 4.48
CA ASN A 12 -18.44 -16.59 4.50
C ASN A 12 -18.85 -15.23 5.10
N PRO A 13 -18.31 -14.84 6.31
CA PRO A 13 -18.71 -13.59 7.03
C PRO A 13 -18.59 -12.33 6.16
N ASP A 14 -17.62 -12.35 5.24
CA ASP A 14 -17.43 -11.32 4.22
C ASP A 14 -16.59 -11.89 3.07
N LEU A 15 -17.23 -12.07 1.90
CA LEU A 15 -16.57 -12.63 0.70
C LEU A 15 -15.39 -11.76 0.23
N ALA A 16 -15.51 -10.43 0.47
CA ALA A 16 -14.43 -9.47 0.16
C ALA A 16 -13.16 -9.76 0.99
N LEU A 17 -13.32 -10.39 2.18
CA LEU A 17 -12.15 -10.76 3.02
C LEU A 17 -11.50 -12.03 2.44
N MET A 18 -12.26 -12.84 1.70
CA MET A 18 -11.76 -14.12 1.15
C MET A 18 -10.97 -13.85 -0.14
N VAL A 19 -11.44 -12.89 -0.94
CA VAL A 19 -10.85 -12.55 -2.25
C VAL A 19 -9.49 -11.80 -2.10
N LYS A 20 -9.34 -11.04 -1.01
CA LYS A 20 -8.08 -10.34 -0.72
C LYS A 20 -6.99 -11.37 -0.34
N ASN A 21 -7.40 -12.47 0.30
CA ASN A 21 -6.49 -13.53 0.79
C ASN A 21 -5.85 -14.30 -0.38
N LYS A 22 -6.67 -14.63 -1.40
CA LYS A 22 -6.20 -15.35 -2.59
C LYS A 22 -5.37 -14.42 -3.50
N GLY A 23 -5.74 -13.12 -3.53
CA GLY A 23 -4.92 -12.09 -4.19
C GLY A 23 -3.53 -11.97 -3.55
N ASN A 24 -3.52 -12.05 -2.19
CA ASN A 24 -2.29 -12.01 -1.38
C ASN A 24 -1.37 -13.19 -1.69
N GLU A 25 -1.95 -14.41 -1.67
CA GLU A 25 -1.16 -15.64 -1.83
C GLU A 25 -0.61 -15.72 -3.26
N CYS A 26 -1.42 -15.28 -4.27
CA CYS A 26 -0.99 -15.26 -5.69
C CYS A 26 0.36 -14.54 -5.88
N PHE A 27 0.42 -13.28 -5.38
CA PHE A 27 1.66 -12.48 -5.42
C PHE A 27 2.84 -13.23 -4.76
N GLN A 28 2.54 -13.83 -3.60
CA GLN A 28 3.49 -14.60 -2.79
C GLN A 28 4.00 -15.86 -3.56
N LYS A 29 3.18 -16.42 -4.49
CA LYS A 29 3.58 -17.63 -5.27
C LYS A 29 4.67 -17.27 -6.32
N GLY A 30 4.87 -15.94 -6.53
CA GLY A 30 5.84 -15.43 -7.49
C GLY A 30 5.18 -14.70 -8.64
N ASP A 31 3.88 -14.39 -8.48
CA ASP A 31 3.10 -13.68 -9.51
C ASP A 31 3.12 -12.17 -9.23
N TYR A 32 4.11 -11.46 -9.78
CA TYR A 32 4.25 -9.99 -9.60
C TYR A 32 3.23 -9.19 -10.48
N PRO A 33 3.16 -9.41 -11.85
CA PRO A 33 2.15 -8.74 -12.70
C PRO A 33 0.72 -9.27 -12.45
N GLN A 34 0.57 -10.61 -12.49
CA GLN A 34 -0.71 -11.31 -12.31
C GLN A 34 -1.36 -10.99 -10.95
N ALA A 35 -0.53 -10.57 -9.97
CA ALA A 35 -0.99 -10.09 -8.67
C ALA A 35 -2.01 -8.97 -8.83
N MET A 36 -1.69 -7.93 -9.66
CA MET A 36 -2.58 -6.75 -9.81
C MET A 36 -3.99 -7.17 -10.26
N LYS A 37 -4.04 -8.21 -11.09
CA LYS A 37 -5.27 -8.75 -11.69
C LYS A 37 -6.03 -9.61 -10.65
N HIS A 38 -5.29 -10.38 -9.84
CA HIS A 38 -5.84 -11.15 -8.70
C HIS A 38 -6.30 -10.21 -7.58
N TYR A 39 -5.76 -8.98 -7.57
CA TYR A 39 -6.24 -7.90 -6.71
C TYR A 39 -7.37 -7.09 -7.37
N THR A 40 -7.45 -7.06 -8.73
CA THR A 40 -8.51 -6.29 -9.44
C THR A 40 -9.91 -6.84 -9.07
N GLU A 41 -10.01 -8.17 -9.09
CA GLU A 41 -11.22 -8.90 -8.65
C GLU A 41 -11.51 -8.61 -7.15
N ALA A 42 -10.43 -8.42 -6.35
CA ALA A 42 -10.52 -8.08 -4.92
C ALA A 42 -11.09 -6.68 -4.73
N ILE A 43 -10.64 -5.70 -5.56
CA ILE A 43 -11.09 -4.29 -5.49
C ILE A 43 -12.59 -4.19 -5.85
N LYS A 44 -13.06 -5.06 -6.78
CA LYS A 44 -14.49 -5.09 -7.16
C LYS A 44 -15.39 -5.52 -5.97
N ARG A 45 -14.78 -6.22 -5.00
CA ARG A 45 -15.46 -6.66 -3.76
C ARG A 45 -15.23 -5.64 -2.63
N ASN A 46 -14.01 -5.07 -2.56
CA ASN A 46 -13.62 -4.13 -1.48
C ASN A 46 -12.92 -2.86 -2.04
N PRO A 47 -13.69 -1.97 -2.77
CA PRO A 47 -13.10 -0.80 -3.49
C PRO A 47 -12.69 0.35 -2.55
N LYS A 48 -13.02 0.21 -1.25
CA LYS A 48 -12.71 1.23 -0.22
C LYS A 48 -11.42 0.88 0.53
N ASP A 49 -10.98 -0.40 0.44
CA ASP A 49 -9.78 -0.88 1.14
C ASP A 49 -8.50 -0.31 0.50
N ALA A 50 -8.05 0.82 1.08
CA ALA A 50 -6.82 1.54 0.69
C ALA A 50 -5.56 0.68 0.83
N LYS A 51 -5.60 -0.31 1.74
CA LYS A 51 -4.47 -1.22 1.98
C LYS A 51 -4.29 -2.23 0.82
N LEU A 52 -5.38 -2.47 0.06
CA LEU A 52 -5.34 -3.30 -1.18
C LEU A 52 -4.67 -2.51 -2.31
N TYR A 53 -4.93 -1.19 -2.33
CA TYR A 53 -4.31 -0.23 -3.26
C TYR A 53 -2.83 -0.01 -2.89
N SER A 54 -2.56 0.10 -1.58
CA SER A 54 -1.21 0.35 -1.00
C SER A 54 -0.31 -0.89 -1.19
N ASN A 55 -0.96 -2.07 -1.22
CA ASN A 55 -0.30 -3.34 -1.53
C ASN A 55 0.33 -3.27 -2.94
N ARG A 56 -0.45 -2.74 -3.89
CA ARG A 56 -0.03 -2.63 -5.29
C ARG A 56 1.01 -1.52 -5.46
N ALA A 57 0.82 -0.42 -4.73
CA ALA A 57 1.76 0.72 -4.70
C ALA A 57 3.14 0.27 -4.18
N ALA A 58 3.14 -0.68 -3.24
CA ALA A 58 4.36 -1.32 -2.73
C ALA A 58 5.04 -2.17 -3.82
N CYS A 59 4.22 -2.89 -4.61
CA CYS A 59 4.72 -3.78 -5.67
C CYS A 59 5.19 -2.98 -6.91
N TYR A 60 4.55 -1.81 -7.16
CA TYR A 60 4.82 -0.97 -8.35
C TYR A 60 6.25 -0.43 -8.38
N THR A 61 6.91 -0.41 -7.22
CA THR A 61 8.34 -0.09 -7.12
C THR A 61 9.16 -1.14 -7.91
N LYS A 62 8.82 -2.43 -7.68
CA LYS A 62 9.50 -3.60 -8.30
C LYS A 62 9.25 -3.61 -9.81
N LEU A 63 8.06 -3.16 -10.20
CA LEU A 63 7.60 -3.14 -11.59
C LEU A 63 8.06 -1.86 -12.32
N LEU A 64 8.78 -0.95 -11.58
CA LEU A 64 9.25 0.36 -12.11
C LEU A 64 8.06 1.29 -12.46
N GLU A 65 6.86 0.95 -11.95
CA GLU A 65 5.62 1.71 -12.11
C GLU A 65 5.42 2.65 -10.90
N PHE A 66 6.51 3.32 -10.48
CA PHE A 66 6.51 4.27 -9.34
C PHE A 66 5.49 5.41 -9.58
N GLN A 67 5.25 5.75 -10.86
CA GLN A 67 4.21 6.72 -11.28
C GLN A 67 2.84 6.31 -10.75
N LEU A 68 2.55 4.99 -10.83
CA LEU A 68 1.27 4.42 -10.36
C LEU A 68 1.29 4.33 -8.83
N ALA A 69 2.48 4.05 -8.25
CA ALA A 69 2.68 4.04 -6.78
C ALA A 69 2.42 5.44 -6.16
N LEU A 70 2.64 6.49 -6.98
CA LEU A 70 2.32 7.87 -6.61
C LEU A 70 0.80 8.15 -6.78
N LYS A 71 0.30 8.02 -8.02
CA LYS A 71 -1.05 8.50 -8.39
C LYS A 71 -2.19 7.64 -7.78
N ASP A 72 -1.98 6.32 -7.70
CA ASP A 72 -2.94 5.38 -7.07
C ASP A 72 -3.04 5.70 -5.56
N CYS A 73 -1.91 6.09 -4.97
CA CYS A 73 -1.83 6.47 -3.55
C CYS A 73 -2.45 7.87 -3.30
N GLU A 74 -2.28 8.81 -4.28
CA GLU A 74 -2.75 10.22 -4.12
C GLU A 74 -4.29 10.34 -4.25
N GLU A 75 -4.91 9.42 -4.99
CA GLU A 75 -6.39 9.37 -5.12
C GLU A 75 -7.01 8.56 -3.97
N CYS A 76 -6.23 7.57 -3.49
CA CYS A 76 -6.63 6.64 -2.42
C CYS A 76 -6.99 7.36 -1.09
N ILE A 77 -6.42 8.59 -0.93
CA ILE A 77 -6.69 9.47 0.22
C ILE A 77 -8.21 9.72 0.41
N GLN A 78 -8.95 9.80 -0.72
CA GLN A 78 -10.39 10.14 -0.72
C GLN A 78 -11.22 9.07 0.00
N LEU A 79 -10.73 7.82 -0.05
CA LEU A 79 -11.32 6.67 0.63
C LEU A 79 -10.79 6.60 2.06
N GLU A 80 -9.47 6.78 2.18
CA GLU A 80 -8.74 6.59 3.44
C GLU A 80 -7.54 7.54 3.47
N PRO A 81 -7.59 8.67 4.26
CA PRO A 81 -6.46 9.60 4.38
C PRO A 81 -5.26 9.06 5.19
N THR A 82 -5.52 8.17 6.16
CA THR A 82 -4.52 7.79 7.18
C THR A 82 -3.90 6.41 6.93
N PHE A 83 -3.98 5.86 5.70
CA PHE A 83 -3.31 4.58 5.36
C PHE A 83 -1.78 4.81 5.30
N ILE A 84 -1.12 4.40 6.39
CA ILE A 84 0.23 4.88 6.76
C ILE A 84 1.32 4.26 5.89
N LYS A 85 1.20 2.95 5.65
CA LYS A 85 2.20 2.16 4.93
C LYS A 85 2.05 2.38 3.40
N GLY A 86 1.07 3.22 3.00
CA GLY A 86 1.01 3.75 1.63
C GLY A 86 1.90 4.97 1.45
N TYR A 87 2.04 5.75 2.55
CA TYR A 87 2.96 6.91 2.59
C TYR A 87 4.43 6.47 2.68
N THR A 88 4.66 5.26 3.23
CA THR A 88 5.99 4.63 3.23
C THR A 88 6.45 4.35 1.77
N ARG A 89 5.49 3.95 0.90
CA ARG A 89 5.76 3.59 -0.52
C ARG A 89 5.80 4.85 -1.39
N LYS A 90 4.99 5.87 -1.00
CA LYS A 90 4.99 7.21 -1.60
C LYS A 90 6.40 7.81 -1.52
N ALA A 91 6.94 7.80 -0.30
CA ALA A 91 8.25 8.38 0.01
C ALA A 91 9.39 7.58 -0.64
N ALA A 92 9.23 6.25 -0.73
CA ALA A 92 10.17 5.37 -1.45
C ALA A 92 10.21 5.72 -2.95
N ALA A 93 9.02 5.99 -3.52
CA ALA A 93 8.88 6.40 -4.92
C ALA A 93 9.57 7.76 -5.17
N LEU A 94 9.27 8.73 -4.28
CA LEU A 94 9.86 10.08 -4.31
C LEU A 94 11.40 10.03 -4.26
N GLU A 95 11.92 9.14 -3.40
CA GLU A 95 13.37 8.89 -3.28
C GLU A 95 13.97 8.45 -4.65
N ALA A 96 13.19 7.67 -5.43
CA ALA A 96 13.61 7.19 -6.75
C ALA A 96 13.47 8.31 -7.81
N MET A 97 12.70 9.36 -7.46
CA MET A 97 12.49 10.54 -8.32
C MET A 97 13.43 11.70 -7.88
N LYS A 98 14.45 11.35 -7.05
CA LYS A 98 15.49 12.29 -6.52
C LYS A 98 14.90 13.28 -5.49
N ASP A 99 13.63 13.10 -5.10
CA ASP A 99 12.92 14.01 -4.18
C ASP A 99 13.18 13.60 -2.72
N TYR A 100 14.46 13.37 -2.35
CA TYR A 100 14.86 13.03 -0.96
C TYR A 100 14.27 14.03 0.06
N THR A 101 14.28 15.31 -0.36
CA THR A 101 13.74 16.43 0.40
C THR A 101 12.21 16.28 0.65
N LYS A 102 11.49 15.75 -0.36
CA LYS A 102 10.02 15.59 -0.27
C LYS A 102 9.64 14.25 0.35
N ALA A 103 10.53 13.26 0.18
CA ALA A 103 10.34 11.89 0.66
C ALA A 103 10.45 11.87 2.19
N MET A 104 11.49 12.54 2.71
CA MET A 104 11.76 12.63 4.16
C MET A 104 10.57 13.23 4.92
N ASP A 105 9.84 14.14 4.24
CA ASP A 105 8.60 14.75 4.77
C ASP A 105 7.52 13.69 4.97
N VAL A 106 7.41 12.78 3.99
CA VAL A 106 6.33 11.78 3.94
C VAL A 106 6.66 10.60 4.88
N TYR A 107 7.97 10.32 5.08
CA TYR A 107 8.45 9.36 6.09
C TYR A 107 8.15 9.88 7.52
N GLN A 108 8.40 11.20 7.71
CA GLN A 108 8.16 11.90 8.98
C GLN A 108 6.67 11.83 9.33
N LYS A 109 5.82 12.18 8.33
CA LYS A 109 4.37 12.19 8.50
C LYS A 109 3.80 10.78 8.66
N ALA A 110 4.44 9.78 8.03
CA ALA A 110 4.10 8.36 8.22
C ALA A 110 4.32 7.95 9.70
N LEU A 111 5.49 8.32 10.24
CA LEU A 111 5.83 8.13 11.67
C LEU A 111 4.85 8.93 12.59
N ASP A 112 4.43 10.10 12.09
CA ASP A 112 3.54 11.04 12.80
C ASP A 112 2.09 10.52 12.84
N LEU A 113 1.71 9.69 11.83
CA LEU A 113 0.39 9.04 11.79
C LEU A 113 0.25 8.03 12.95
N ASP A 114 1.24 7.11 13.06
CA ASP A 114 1.31 6.14 14.19
C ASP A 114 2.70 5.47 14.24
N SER A 115 3.15 5.17 15.48
CA SER A 115 4.50 4.63 15.77
C SER A 115 4.72 3.23 15.17
N SER A 116 3.63 2.48 14.88
CA SER A 116 3.72 1.16 14.19
C SER A 116 4.30 1.30 12.76
N CYS A 117 4.50 2.55 12.32
CA CYS A 117 5.17 2.89 11.07
C CYS A 117 6.71 3.08 11.25
N LYS A 118 7.30 2.64 12.38
CA LYS A 118 8.78 2.68 12.60
C LYS A 118 9.59 2.04 11.43
N GLU A 119 8.94 1.16 10.65
CA GLU A 119 9.52 0.59 9.41
C GLU A 119 9.92 1.70 8.39
N ALA A 120 9.16 2.81 8.41
CA ALA A 120 9.43 4.01 7.58
C ALA A 120 10.62 4.82 8.13
N ALA A 121 10.98 4.63 9.42
CA ALA A 121 12.13 5.33 10.04
C ALA A 121 13.45 4.77 9.47
N ASP A 122 13.43 3.47 9.14
CA ASP A 122 14.54 2.79 8.46
C ASP A 122 14.81 3.47 7.09
N GLY A 123 13.73 3.62 6.32
CA GLY A 123 13.80 4.29 5.01
C GLY A 123 14.09 5.79 5.10
N TYR A 124 13.67 6.42 6.23
CA TYR A 124 13.95 7.84 6.51
C TYR A 124 15.45 8.11 6.59
N GLN A 125 16.15 7.35 7.45
CA GLN A 125 17.63 7.44 7.64
C GLN A 125 18.39 7.25 6.30
N ARG A 126 17.82 6.46 5.38
CA ARG A 126 18.37 6.31 4.02
C ARG A 126 18.05 7.56 3.16
N CYS A 127 16.83 8.12 3.33
CA CYS A 127 16.30 9.20 2.48
C CYS A 127 17.11 10.50 2.68
N MET A 128 17.29 10.87 3.96
CA MET A 128 18.11 12.02 4.34
C MET A 128 19.59 11.82 3.97
N MET A 129 20.15 10.63 4.25
CA MET A 129 21.58 10.35 4.03
C MET A 129 21.93 10.29 2.53
N ALA A 130 20.93 9.97 1.67
CA ALA A 130 21.14 9.77 0.22
C ALA A 130 21.75 11.03 -0.43
N GLN A 131 21.18 12.18 -0.10
CA GLN A 131 21.71 13.49 -0.55
C GLN A 131 22.92 13.93 0.31
N TYR A 132 23.01 13.45 1.57
CA TYR A 132 24.15 13.76 2.47
C TYR A 132 25.20 12.63 2.41
N ASN A 133 25.36 12.00 1.23
CA ASN A 133 26.34 10.92 1.00
C ASN A 133 27.66 11.56 0.53
N MET A 1 -17.17 1.06 22.57
CA MET A 1 -18.45 0.98 21.82
C MET A 1 -18.19 0.99 20.30
N GLY A 2 -17.19 1.79 19.86
CA GLY A 2 -16.94 2.04 18.43
C GLY A 2 -16.29 0.86 17.71
N HIS A 3 -17.10 -0.16 17.37
CA HIS A 3 -16.65 -1.37 16.68
C HIS A 3 -16.92 -1.26 15.17
N HIS A 4 -15.83 -1.15 14.39
CA HIS A 4 -15.88 -1.21 12.91
C HIS A 4 -15.84 -2.68 12.45
N HIS A 5 -15.14 -3.52 13.23
CA HIS A 5 -15.15 -4.98 13.05
C HIS A 5 -16.45 -5.54 13.64
N HIS A 6 -17.28 -6.14 12.79
CA HIS A 6 -18.61 -6.67 13.17
C HIS A 6 -18.51 -8.16 13.54
N HIS A 7 -19.50 -8.63 14.34
CA HIS A 7 -19.59 -10.03 14.80
C HIS A 7 -19.74 -10.98 13.60
N HIS A 8 -19.02 -12.12 13.65
CA HIS A 8 -19.00 -13.12 12.55
C HIS A 8 -20.20 -14.06 12.68
N SER A 9 -21.41 -13.52 12.44
CA SER A 9 -22.67 -14.27 12.51
C SER A 9 -23.26 -14.41 11.10
N HIS A 10 -22.37 -14.69 10.13
CA HIS A 10 -22.70 -14.81 8.70
C HIS A 10 -21.76 -15.85 8.08
N MET A 11 -22.33 -16.78 7.27
CA MET A 11 -21.59 -17.92 6.68
C MET A 11 -20.47 -17.44 5.74
N ASN A 12 -20.71 -16.30 5.08
CA ASN A 12 -19.71 -15.55 4.31
C ASN A 12 -19.67 -14.09 4.83
N PRO A 13 -18.77 -13.77 5.83
CA PRO A 13 -18.71 -12.41 6.45
C PRO A 13 -18.54 -11.29 5.41
N ASP A 14 -17.68 -11.55 4.41
CA ASP A 14 -17.41 -10.63 3.30
C ASP A 14 -16.63 -11.39 2.22
N LEU A 15 -17.25 -11.62 1.05
CA LEU A 15 -16.59 -12.35 -0.07
C LEU A 15 -15.35 -11.58 -0.56
N ALA A 16 -15.42 -10.25 -0.43
CA ALA A 16 -14.33 -9.34 -0.78
C ALA A 16 -13.09 -9.53 0.14
N LEU A 17 -13.30 -10.09 1.35
CA LEU A 17 -12.20 -10.43 2.28
C LEU A 17 -11.54 -11.75 1.83
N MET A 18 -12.29 -12.58 1.08
CA MET A 18 -11.82 -13.90 0.60
C MET A 18 -10.98 -13.73 -0.68
N VAL A 19 -11.36 -12.77 -1.53
CA VAL A 19 -10.72 -12.55 -2.85
C VAL A 19 -9.38 -11.79 -2.72
N LYS A 20 -9.25 -10.98 -1.65
CA LYS A 20 -8.00 -10.24 -1.37
C LYS A 20 -6.89 -11.19 -0.85
N ASN A 21 -7.31 -12.37 -0.33
CA ASN A 21 -6.40 -13.39 0.25
C ASN A 21 -5.48 -14.01 -0.81
N LYS A 22 -6.03 -14.28 -2.00
CA LYS A 22 -5.23 -14.80 -3.13
C LYS A 22 -4.43 -13.69 -3.80
N GLY A 23 -4.86 -12.43 -3.59
CA GLY A 23 -4.08 -11.25 -3.98
C GLY A 23 -2.70 -11.24 -3.30
N ASN A 24 -2.69 -11.35 -1.96
CA ASN A 24 -1.44 -11.33 -1.18
C ASN A 24 -0.69 -12.67 -1.29
N GLU A 25 -1.44 -13.79 -1.48
CA GLU A 25 -0.81 -15.12 -1.59
C GLU A 25 -0.01 -15.22 -2.90
N CYS A 26 -0.56 -14.70 -4.02
CA CYS A 26 0.11 -14.76 -5.33
C CYS A 26 1.45 -13.99 -5.33
N PHE A 27 1.44 -12.83 -4.64
CA PHE A 27 2.65 -12.02 -4.39
C PHE A 27 3.72 -12.88 -3.70
N GLN A 28 3.26 -13.61 -2.67
CA GLN A 28 4.06 -14.54 -1.87
C GLN A 28 4.54 -15.76 -2.69
N LYS A 29 3.85 -16.08 -3.82
CA LYS A 29 4.28 -17.19 -4.71
C LYS A 29 5.39 -16.71 -5.66
N GLY A 30 5.65 -15.38 -5.66
CA GLY A 30 6.66 -14.77 -6.50
C GLY A 30 6.06 -14.04 -7.69
N ASP A 31 4.81 -14.41 -8.07
CA ASP A 31 4.13 -13.85 -9.24
C ASP A 31 3.43 -12.53 -8.84
N TYR A 32 4.21 -11.44 -8.89
CA TYR A 32 3.77 -10.09 -8.48
C TYR A 32 2.70 -9.48 -9.43
N PRO A 33 2.75 -9.68 -10.80
CA PRO A 33 1.62 -9.34 -11.69
C PRO A 33 0.30 -9.99 -11.22
N GLN A 34 0.27 -11.34 -11.05
CA GLN A 34 -0.97 -12.09 -10.69
C GLN A 34 -1.54 -11.63 -9.33
N ALA A 35 -0.63 -11.25 -8.43
CA ALA A 35 -0.97 -10.61 -7.15
C ALA A 35 -1.82 -9.36 -7.40
N MET A 36 -1.33 -8.51 -8.31
CA MET A 36 -1.91 -7.21 -8.61
C MET A 36 -3.22 -7.37 -9.40
N LYS A 37 -3.34 -8.49 -10.15
CA LYS A 37 -4.57 -8.82 -10.91
C LYS A 37 -5.71 -9.23 -9.96
N HIS A 38 -5.38 -10.13 -9.00
CA HIS A 38 -6.33 -10.57 -7.95
C HIS A 38 -6.70 -9.41 -7.00
N TYR A 39 -5.76 -8.47 -6.82
CA TYR A 39 -6.00 -7.24 -6.07
C TYR A 39 -6.95 -6.31 -6.85
N THR A 40 -6.72 -6.12 -8.16
CA THR A 40 -7.56 -5.25 -9.01
C THR A 40 -9.01 -5.78 -9.09
N GLU A 41 -9.13 -7.12 -9.07
CA GLU A 41 -10.40 -7.83 -8.94
C GLU A 41 -11.05 -7.53 -7.57
N ALA A 42 -10.21 -7.56 -6.51
CA ALA A 42 -10.65 -7.27 -5.14
C ALA A 42 -11.09 -5.80 -4.99
N ILE A 43 -10.47 -4.89 -5.79
CA ILE A 43 -10.82 -3.44 -5.83
C ILE A 43 -12.26 -3.25 -6.36
N LYS A 44 -12.69 -4.15 -7.26
CA LYS A 44 -14.07 -4.14 -7.83
C LYS A 44 -15.08 -4.62 -6.78
N ARG A 45 -14.58 -5.42 -5.83
CA ARG A 45 -15.37 -5.94 -4.70
C ARG A 45 -15.43 -4.92 -3.55
N ASN A 46 -14.32 -4.19 -3.33
CA ASN A 46 -14.19 -3.20 -2.23
C ASN A 46 -13.40 -1.94 -2.70
N PRO A 47 -14.03 -1.06 -3.55
CA PRO A 47 -13.36 0.17 -4.07
C PRO A 47 -13.17 1.24 -2.99
N LYS A 48 -13.78 1.01 -1.81
CA LYS A 48 -13.73 1.93 -0.68
C LYS A 48 -12.55 1.61 0.26
N ASP A 49 -11.85 0.50 -0.01
CA ASP A 49 -10.74 0.02 0.83
C ASP A 49 -9.42 0.65 0.34
N ALA A 50 -8.78 1.43 1.22
CA ALA A 50 -7.57 2.22 0.89
C ALA A 50 -6.30 1.34 0.80
N LYS A 51 -6.17 0.35 1.71
CA LYS A 51 -4.92 -0.45 1.81
C LYS A 51 -4.84 -1.46 0.64
N LEU A 52 -6.00 -1.82 0.09
CA LEU A 52 -6.10 -2.73 -1.07
C LEU A 52 -5.38 -2.13 -2.31
N TYR A 53 -5.44 -0.79 -2.43
CA TYR A 53 -4.68 -0.05 -3.45
C TYR A 53 -3.19 0.02 -3.07
N SER A 54 -2.87 0.33 -1.79
CA SER A 54 -1.46 0.51 -1.33
C SER A 54 -0.65 -0.81 -1.46
N ASN A 55 -1.35 -1.95 -1.48
CA ASN A 55 -0.77 -3.28 -1.76
C ASN A 55 -0.37 -3.39 -3.24
N ARG A 56 -1.25 -2.89 -4.13
CA ARG A 56 -0.98 -2.81 -5.58
C ARG A 56 0.16 -1.83 -5.86
N ALA A 57 0.21 -0.72 -5.12
CA ALA A 57 1.28 0.29 -5.20
C ALA A 57 2.63 -0.31 -4.78
N ALA A 58 2.58 -1.20 -3.76
CA ALA A 58 3.74 -1.96 -3.28
C ALA A 58 4.19 -3.02 -4.33
N CYS A 59 3.24 -3.49 -5.15
CA CYS A 59 3.56 -4.34 -6.31
C CYS A 59 4.20 -3.48 -7.42
N TYR A 60 3.60 -2.30 -7.69
CA TYR A 60 4.00 -1.40 -8.79
C TYR A 60 5.44 -0.89 -8.62
N THR A 61 5.89 -0.72 -7.38
CA THR A 61 7.31 -0.39 -7.09
C THR A 61 8.23 -1.53 -7.62
N LYS A 62 7.83 -2.79 -7.34
CA LYS A 62 8.60 -3.99 -7.71
C LYS A 62 8.64 -4.16 -9.24
N LEU A 63 7.55 -3.73 -9.88
CA LEU A 63 7.36 -3.82 -11.34
C LEU A 63 7.96 -2.58 -12.05
N LEU A 64 8.62 -1.66 -11.27
CA LEU A 64 9.23 -0.40 -11.78
C LEU A 64 8.15 0.62 -12.23
N GLU A 65 6.88 0.29 -12.00
CA GLU A 65 5.71 1.12 -12.35
C GLU A 65 5.42 2.16 -11.25
N PHE A 66 6.48 2.85 -10.79
CA PHE A 66 6.41 3.88 -9.73
C PHE A 66 5.42 4.99 -10.10
N GLN A 67 5.28 5.29 -11.42
CA GLN A 67 4.30 6.25 -11.95
C GLN A 67 2.88 5.92 -11.43
N LEU A 68 2.57 4.61 -11.41
CA LEU A 68 1.28 4.10 -10.93
C LEU A 68 1.27 4.09 -9.40
N ALA A 69 2.38 3.61 -8.80
CA ALA A 69 2.54 3.49 -7.33
C ALA A 69 2.32 4.83 -6.59
N LEU A 70 2.67 5.95 -7.27
CA LEU A 70 2.41 7.30 -6.77
C LEU A 70 0.89 7.54 -6.70
N LYS A 71 0.25 7.58 -7.88
CA LYS A 71 -1.18 7.97 -8.03
C LYS A 71 -2.14 6.97 -7.35
N ASP A 72 -1.68 5.72 -7.20
CA ASP A 72 -2.47 4.60 -6.67
C ASP A 72 -2.61 4.72 -5.15
N CYS A 73 -1.55 5.23 -4.50
CA CYS A 73 -1.58 5.54 -3.06
C CYS A 73 -2.24 6.93 -2.83
N GLU A 74 -2.00 7.88 -3.77
CA GLU A 74 -2.56 9.26 -3.68
C GLU A 74 -4.10 9.29 -3.66
N GLU A 75 -4.75 8.31 -4.31
CA GLU A 75 -6.22 8.23 -4.33
C GLU A 75 -6.77 7.60 -3.02
N CYS A 76 -5.94 6.76 -2.36
CA CYS A 76 -6.30 6.08 -1.09
C CYS A 76 -6.59 7.09 0.03
N ILE A 77 -6.01 8.30 -0.09
CA ILE A 77 -6.20 9.41 0.89
C ILE A 77 -7.69 9.84 0.92
N GLN A 78 -8.38 9.66 -0.21
CA GLN A 78 -9.81 10.03 -0.37
C GLN A 78 -10.72 9.04 0.40
N LEU A 79 -10.24 7.81 0.58
CA LEU A 79 -10.99 6.71 1.22
C LEU A 79 -10.69 6.68 2.74
N GLU A 80 -9.39 6.66 3.06
CA GLU A 80 -8.88 6.62 4.44
C GLU A 80 -7.52 7.34 4.49
N PRO A 81 -7.44 8.58 5.05
CA PRO A 81 -6.16 9.37 5.13
C PRO A 81 -5.06 8.71 5.98
N THR A 82 -5.43 7.77 6.88
CA THR A 82 -4.48 7.07 7.77
C THR A 82 -3.90 5.79 7.15
N PHE A 83 -4.03 5.61 5.82
CA PHE A 83 -3.41 4.49 5.10
C PHE A 83 -1.86 4.60 5.20
N ILE A 84 -1.24 3.70 5.98
CA ILE A 84 0.20 3.83 6.34
C ILE A 84 1.11 3.32 5.20
N LYS A 85 0.75 2.16 4.61
CA LYS A 85 1.57 1.50 3.57
C LYS A 85 1.71 2.38 2.32
N GLY A 86 0.69 3.20 2.05
CA GLY A 86 0.75 4.15 0.95
C GLY A 86 1.77 5.26 1.21
N TYR A 87 1.79 5.81 2.44
CA TYR A 87 2.83 6.79 2.87
C TYR A 87 4.25 6.19 2.80
N THR A 88 4.38 4.93 3.24
CA THR A 88 5.67 4.22 3.32
C THR A 88 6.27 4.04 1.91
N ARG A 89 5.41 3.63 0.96
CA ARG A 89 5.79 3.36 -0.46
C ARG A 89 5.83 4.66 -1.29
N LYS A 90 5.07 5.71 -0.86
CA LYS A 90 5.08 7.04 -1.51
C LYS A 90 6.41 7.73 -1.23
N ALA A 91 6.85 7.64 0.03
CA ALA A 91 8.12 8.20 0.48
C ALA A 91 9.30 7.48 -0.22
N ALA A 92 9.17 6.15 -0.36
CA ALA A 92 10.15 5.31 -1.07
C ALA A 92 10.16 5.60 -2.58
N ALA A 93 8.99 5.95 -3.13
CA ALA A 93 8.84 6.30 -4.55
C ALA A 93 9.48 7.65 -4.85
N LEU A 94 9.13 8.67 -4.02
CA LEU A 94 9.69 10.03 -4.12
C LEU A 94 11.23 10.01 -3.95
N GLU A 95 11.71 9.15 -3.01
CA GLU A 95 13.14 8.85 -2.83
C GLU A 95 13.76 8.38 -4.18
N ALA A 96 13.00 7.55 -4.94
CA ALA A 96 13.45 7.01 -6.23
C ALA A 96 13.35 8.07 -7.35
N MET A 97 12.63 9.19 -7.08
CA MET A 97 12.48 10.32 -8.02
C MET A 97 13.47 11.45 -7.65
N LYS A 98 14.41 11.13 -6.72
CA LYS A 98 15.43 12.07 -6.19
C LYS A 98 14.82 13.16 -5.29
N ASP A 99 13.52 13.04 -4.99
CA ASP A 99 12.75 14.03 -4.20
C ASP A 99 12.84 13.73 -2.70
N TYR A 100 14.07 13.51 -2.21
CA TYR A 100 14.36 13.24 -0.79
C TYR A 100 13.75 14.30 0.14
N THR A 101 13.78 15.56 -0.32
CA THR A 101 13.20 16.71 0.38
C THR A 101 11.68 16.53 0.58
N LYS A 102 10.99 15.95 -0.41
CA LYS A 102 9.53 15.74 -0.35
C LYS A 102 9.22 14.44 0.42
N ALA A 103 10.09 13.45 0.20
CA ALA A 103 9.95 12.10 0.75
C ALA A 103 10.03 12.11 2.27
N MET A 104 10.98 12.91 2.82
CA MET A 104 11.23 13.00 4.27
C MET A 104 9.99 13.51 5.05
N ASP A 105 9.17 14.35 4.39
CA ASP A 105 7.88 14.78 4.91
C ASP A 105 6.93 13.57 5.04
N VAL A 106 6.96 12.68 4.04
CA VAL A 106 6.04 11.52 3.96
C VAL A 106 6.53 10.39 4.90
N TYR A 107 7.87 10.34 5.15
CA TYR A 107 8.49 9.41 6.13
C TYR A 107 8.03 9.79 7.55
N GLN A 108 8.14 11.11 7.86
CA GLN A 108 7.74 11.68 9.15
C GLN A 108 6.24 11.45 9.38
N LYS A 109 5.43 11.81 8.36
CA LYS A 109 3.96 11.66 8.40
C LYS A 109 3.52 10.19 8.48
N ALA A 110 4.31 9.28 7.91
CA ALA A 110 4.07 7.81 8.02
C ALA A 110 4.28 7.35 9.48
N LEU A 111 5.39 7.82 10.08
CA LEU A 111 5.72 7.57 11.51
C LEU A 111 4.69 8.27 12.44
N ASP A 112 4.15 9.40 11.95
CA ASP A 112 3.17 10.24 12.65
C ASP A 112 1.81 9.52 12.76
N LEU A 113 1.43 8.79 11.68
CA LEU A 113 0.20 7.98 11.65
C LEU A 113 0.24 6.93 12.79
N ASP A 114 1.26 6.07 12.77
CA ASP A 114 1.50 5.08 13.82
C ASP A 114 2.92 4.51 13.70
N SER A 115 3.48 4.14 14.86
CA SER A 115 4.85 3.60 14.98
C SER A 115 5.01 2.25 14.26
N SER A 116 3.89 1.65 13.78
CA SER A 116 3.93 0.46 12.90
C SER A 116 4.70 0.73 11.59
N CYS A 117 4.95 2.02 11.29
CA CYS A 117 5.74 2.42 10.12
C CYS A 117 7.24 2.62 10.43
N LYS A 118 7.75 2.14 11.60
CA LYS A 118 9.21 2.24 11.96
C LYS A 118 10.17 1.76 10.84
N GLU A 119 9.67 0.88 9.94
CA GLU A 119 10.42 0.43 8.75
C GLU A 119 10.84 1.63 7.86
N ALA A 120 9.95 2.62 7.76
CA ALA A 120 10.18 3.86 7.01
C ALA A 120 11.14 4.82 7.76
N ALA A 121 11.35 4.59 9.07
CA ALA A 121 12.31 5.38 9.87
C ALA A 121 13.73 5.00 9.45
N ASP A 122 13.95 3.69 9.23
CA ASP A 122 15.19 3.13 8.68
C ASP A 122 15.46 3.69 7.26
N GLY A 123 14.39 3.77 6.45
CA GLY A 123 14.44 4.33 5.09
C GLY A 123 14.58 5.86 5.07
N TYR A 124 14.18 6.51 6.18
CA TYR A 124 14.35 7.96 6.37
C TYR A 124 15.84 8.35 6.43
N GLN A 125 16.63 7.57 7.21
CA GLN A 125 18.11 7.73 7.29
C GLN A 125 18.75 7.67 5.90
N ARG A 126 18.24 6.75 5.05
CA ARG A 126 18.64 6.68 3.63
C ARG A 126 18.26 7.97 2.87
N CYS A 127 17.04 8.48 3.15
CA CYS A 127 16.44 9.59 2.37
C CYS A 127 17.24 10.87 2.53
N MET A 128 17.49 11.25 3.80
CA MET A 128 18.27 12.46 4.13
C MET A 128 19.72 12.33 3.62
N MET A 129 20.41 11.19 3.90
CA MET A 129 21.84 11.02 3.56
C MET A 129 22.05 10.99 2.04
N ALA A 130 21.03 10.52 1.29
CA ALA A 130 21.11 10.28 -0.17
C ALA A 130 21.43 11.57 -0.96
N GLN A 131 20.91 12.71 -0.47
CA GLN A 131 21.22 14.05 -1.01
C GLN A 131 22.45 14.66 -0.30
N TYR A 132 22.74 14.19 0.92
CA TYR A 132 23.89 14.69 1.72
C TYR A 132 25.10 13.75 1.56
N ASN A 133 25.29 13.23 0.33
CA ASN A 133 26.48 12.44 -0.05
C ASN A 133 27.33 13.28 -1.04
N MET A 1 -18.41 -22.95 -16.00
CA MET A 1 -19.72 -22.27 -16.21
C MET A 1 -20.35 -21.88 -14.87
N GLY A 2 -21.51 -21.20 -14.92
CA GLY A 2 -22.26 -20.83 -13.72
C GLY A 2 -23.73 -20.72 -14.02
N HIS A 3 -24.53 -21.68 -13.51
CA HIS A 3 -26.00 -21.68 -13.63
C HIS A 3 -26.58 -20.49 -12.86
N HIS A 4 -27.29 -19.58 -13.56
CA HIS A 4 -27.89 -18.40 -12.91
C HIS A 4 -29.14 -18.82 -12.11
N HIS A 5 -28.95 -18.95 -10.80
CA HIS A 5 -30.01 -19.19 -9.81
C HIS A 5 -29.89 -18.15 -8.68
N HIS A 6 -30.98 -17.99 -7.91
CA HIS A 6 -31.02 -17.08 -6.73
C HIS A 6 -29.92 -17.47 -5.71
N HIS A 7 -29.12 -16.47 -5.31
CA HIS A 7 -27.90 -16.69 -4.50
C HIS A 7 -28.25 -17.18 -3.08
N HIS A 8 -27.28 -17.86 -2.45
CA HIS A 8 -27.40 -18.42 -1.08
C HIS A 8 -27.12 -17.32 -0.05
N SER A 9 -27.54 -17.57 1.20
CA SER A 9 -27.32 -16.64 2.32
C SER A 9 -25.83 -16.57 2.71
N HIS A 10 -25.46 -15.54 3.50
CA HIS A 10 -24.06 -15.22 3.83
C HIS A 10 -23.46 -16.23 4.84
N MET A 11 -23.08 -17.42 4.33
CA MET A 11 -22.41 -18.47 5.13
C MET A 11 -20.98 -18.02 5.42
N ASN A 12 -20.32 -17.58 4.35
CA ASN A 12 -19.09 -16.79 4.44
C ASN A 12 -19.44 -15.38 4.99
N PRO A 13 -18.69 -14.86 6.02
CA PRO A 13 -18.95 -13.51 6.60
C PRO A 13 -19.00 -12.38 5.55
N ASP A 14 -18.01 -12.37 4.62
CA ASP A 14 -17.87 -11.29 3.62
C ASP A 14 -16.95 -11.73 2.48
N LEU A 15 -17.52 -11.85 1.25
CA LEU A 15 -16.80 -12.33 0.05
C LEU A 15 -15.63 -11.39 -0.28
N ALA A 16 -15.87 -10.08 -0.04
CA ALA A 16 -14.87 -9.02 -0.28
C ALA A 16 -13.62 -9.21 0.61
N LEU A 17 -13.77 -9.86 1.78
CA LEU A 17 -12.62 -10.11 2.69
C LEU A 17 -11.83 -11.31 2.17
N MET A 18 -12.51 -12.22 1.44
CA MET A 18 -11.93 -13.50 0.97
C MET A 18 -11.01 -13.25 -0.23
N VAL A 19 -11.51 -12.40 -1.15
CA VAL A 19 -10.85 -12.11 -2.43
C VAL A 19 -9.54 -11.32 -2.24
N LYS A 20 -9.52 -10.42 -1.24
CA LYS A 20 -8.35 -9.55 -0.99
C LYS A 20 -7.18 -10.39 -0.41
N ASN A 21 -7.53 -11.46 0.35
CA ASN A 21 -6.56 -12.41 0.91
C ASN A 21 -5.84 -13.19 -0.20
N LYS A 22 -6.64 -13.83 -1.09
CA LYS A 22 -6.11 -14.66 -2.18
C LYS A 22 -5.42 -13.79 -3.26
N GLY A 23 -5.82 -12.51 -3.32
CA GLY A 23 -5.18 -11.50 -4.17
C GLY A 23 -3.70 -11.31 -3.83
N ASN A 24 -3.40 -11.08 -2.53
CA ASN A 24 -2.01 -10.89 -2.04
C ASN A 24 -1.26 -12.22 -1.91
N GLU A 25 -1.99 -13.35 -1.79
CA GLU A 25 -1.35 -14.68 -1.73
C GLU A 25 -0.80 -15.04 -3.13
N CYS A 26 -1.51 -14.56 -4.19
CA CYS A 26 -1.05 -14.73 -5.59
C CYS A 26 0.35 -14.12 -5.79
N PHE A 27 0.57 -12.93 -5.20
CA PHE A 27 1.87 -12.23 -5.24
C PHE A 27 2.97 -13.10 -4.60
N GLN A 28 2.60 -13.70 -3.45
CA GLN A 28 3.44 -14.66 -2.71
C GLN A 28 3.73 -15.92 -3.57
N LYS A 29 2.84 -16.27 -4.54
CA LYS A 29 3.04 -17.46 -5.40
C LYS A 29 4.19 -17.21 -6.40
N GLY A 30 4.60 -15.93 -6.54
CA GLY A 30 5.66 -15.54 -7.47
C GLY A 30 5.10 -14.97 -8.77
N ASP A 31 3.77 -14.79 -8.81
CA ASP A 31 3.07 -14.21 -9.97
C ASP A 31 2.77 -12.75 -9.69
N TYR A 32 3.60 -11.84 -10.21
CA TYR A 32 3.50 -10.39 -9.96
C TYR A 32 2.32 -9.76 -10.78
N PRO A 33 2.23 -9.92 -12.16
CA PRO A 33 1.10 -9.35 -12.93
C PRO A 33 -0.25 -10.00 -12.55
N GLN A 34 -0.27 -11.35 -12.44
CA GLN A 34 -1.48 -12.10 -12.07
C GLN A 34 -1.99 -11.71 -10.66
N ALA A 35 -1.06 -11.32 -9.76
CA ALA A 35 -1.39 -10.75 -8.44
C ALA A 35 -2.18 -9.46 -8.60
N MET A 36 -1.78 -8.63 -9.58
CA MET A 36 -2.38 -7.31 -9.83
C MET A 36 -3.83 -7.49 -10.34
N LYS A 37 -4.03 -8.57 -11.12
CA LYS A 37 -5.34 -8.94 -11.68
C LYS A 37 -6.27 -9.50 -10.58
N HIS A 38 -5.67 -10.29 -9.66
CA HIS A 38 -6.35 -10.83 -8.48
C HIS A 38 -6.58 -9.73 -7.41
N TYR A 39 -5.82 -8.63 -7.52
CA TYR A 39 -6.09 -7.40 -6.76
C TYR A 39 -7.27 -6.63 -7.39
N THR A 40 -7.33 -6.58 -8.74
CA THR A 40 -8.34 -5.75 -9.46
C THR A 40 -9.76 -6.28 -9.21
N GLU A 41 -9.93 -7.62 -9.20
CA GLU A 41 -11.21 -8.26 -8.84
C GLU A 41 -11.57 -7.96 -7.37
N ALA A 42 -10.52 -7.79 -6.51
CA ALA A 42 -10.69 -7.40 -5.11
C ALA A 42 -11.11 -5.92 -5.00
N ILE A 43 -10.61 -5.04 -5.90
CA ILE A 43 -11.07 -3.64 -6.00
C ILE A 43 -12.58 -3.61 -6.35
N LYS A 44 -13.02 -4.57 -7.20
CA LYS A 44 -14.42 -4.68 -7.64
C LYS A 44 -15.35 -5.11 -6.48
N ARG A 45 -14.78 -5.82 -5.49
CA ARG A 45 -15.52 -6.29 -4.30
C ARG A 45 -15.44 -5.25 -3.16
N ASN A 46 -14.29 -4.57 -3.08
CA ASN A 46 -13.96 -3.66 -1.95
C ASN A 46 -13.05 -2.49 -2.44
N PRO A 47 -13.66 -1.43 -3.07
CA PRO A 47 -12.92 -0.24 -3.58
C PRO A 47 -12.52 0.77 -2.48
N LYS A 48 -13.14 0.66 -1.28
CA LYS A 48 -12.86 1.57 -0.15
C LYS A 48 -11.46 1.25 0.42
N ASP A 49 -11.12 -0.06 0.41
CA ASP A 49 -9.81 -0.57 0.86
C ASP A 49 -8.68 -0.03 -0.02
N ALA A 50 -8.01 1.04 0.46
CA ALA A 50 -6.79 1.58 -0.16
C ALA A 50 -5.61 0.64 0.09
N LYS A 51 -5.74 -0.24 1.10
CA LYS A 51 -4.75 -1.27 1.41
C LYS A 51 -4.61 -2.31 0.25
N LEU A 52 -5.62 -2.40 -0.65
CA LEU A 52 -5.49 -3.17 -1.92
C LEU A 52 -4.64 -2.42 -2.95
N TYR A 53 -4.87 -1.09 -3.03
CA TYR A 53 -4.20 -0.21 -4.00
C TYR A 53 -2.70 -0.05 -3.71
N SER A 54 -2.35 0.05 -2.42
CA SER A 54 -0.94 0.18 -1.99
C SER A 54 -0.18 -1.18 -2.12
N ASN A 55 -0.95 -2.29 -2.05
CA ASN A 55 -0.42 -3.66 -2.31
C ASN A 55 -0.11 -3.84 -3.81
N ARG A 56 -1.02 -3.36 -4.69
CA ARG A 56 -0.83 -3.44 -6.15
C ARG A 56 0.21 -2.39 -6.61
N ALA A 57 0.40 -1.33 -5.80
CA ALA A 57 1.44 -0.31 -6.03
C ALA A 57 2.82 -0.88 -5.70
N ALA A 58 2.87 -1.76 -4.67
CA ALA A 58 4.08 -2.54 -4.31
C ALA A 58 4.38 -3.60 -5.39
N CYS A 59 3.37 -3.93 -6.21
CA CYS A 59 3.54 -4.75 -7.42
C CYS A 59 4.06 -3.88 -8.58
N TYR A 60 3.46 -2.66 -8.74
CA TYR A 60 3.82 -1.71 -9.83
C TYR A 60 5.30 -1.31 -9.78
N THR A 61 5.87 -1.21 -8.56
CA THR A 61 7.31 -0.94 -8.38
C THR A 61 8.17 -2.07 -9.03
N LYS A 62 7.69 -3.33 -8.87
CA LYS A 62 8.39 -4.54 -9.39
C LYS A 62 8.37 -4.55 -10.92
N LEU A 63 7.25 -4.05 -11.47
CA LEU A 63 7.02 -3.96 -12.91
C LEU A 63 7.71 -2.70 -13.52
N LEU A 64 8.44 -1.92 -12.65
CA LEU A 64 9.09 -0.64 -13.02
C LEU A 64 8.06 0.45 -13.40
N GLU A 65 6.80 0.20 -13.05
CA GLU A 65 5.64 1.10 -13.24
C GLU A 65 5.46 2.03 -12.01
N PHE A 66 6.60 2.59 -11.52
CA PHE A 66 6.63 3.50 -10.36
C PHE A 66 5.73 4.73 -10.59
N GLN A 67 5.54 5.13 -11.87
CA GLN A 67 4.62 6.24 -12.25
C GLN A 67 3.20 5.96 -11.73
N LEU A 68 2.77 4.68 -11.84
CA LEU A 68 1.45 4.22 -11.38
C LEU A 68 1.46 4.11 -9.85
N ALA A 69 2.58 3.58 -9.31
CA ALA A 69 2.77 3.34 -7.87
C ALA A 69 2.70 4.65 -7.06
N LEU A 70 3.24 5.74 -7.65
CA LEU A 70 3.24 7.09 -7.05
C LEU A 70 1.81 7.62 -6.94
N LYS A 71 1.17 7.81 -8.11
CA LYS A 71 -0.16 8.44 -8.21
C LYS A 71 -1.24 7.65 -7.46
N ASP A 72 -1.10 6.30 -7.42
CA ASP A 72 -2.07 5.40 -6.79
C ASP A 72 -1.99 5.50 -5.25
N CYS A 73 -0.75 5.55 -4.71
CA CYS A 73 -0.53 5.73 -3.26
C CYS A 73 -0.76 7.21 -2.82
N GLU A 74 -0.66 8.16 -3.78
CA GLU A 74 -1.03 9.57 -3.56
C GLU A 74 -2.55 9.67 -3.27
N GLU A 75 -3.37 9.20 -4.23
CA GLU A 75 -4.86 9.27 -4.16
C GLU A 75 -5.42 8.31 -3.08
N CYS A 76 -4.60 7.32 -2.66
CA CYS A 76 -4.87 6.41 -1.53
C CYS A 76 -5.27 7.16 -0.24
N ILE A 77 -4.82 8.44 -0.11
CA ILE A 77 -5.17 9.31 1.03
C ILE A 77 -6.71 9.53 1.11
N GLN A 78 -7.37 9.63 -0.06
CA GLN A 78 -8.82 9.95 -0.14
C GLN A 78 -9.67 8.74 0.30
N LEU A 79 -9.15 7.54 0.07
CA LEU A 79 -9.82 6.28 0.45
C LEU A 79 -9.49 5.93 1.92
N GLU A 80 -8.19 5.75 2.20
CA GLU A 80 -7.67 5.32 3.53
C GLU A 80 -6.26 5.92 3.78
N PRO A 81 -6.14 7.07 4.53
CA PRO A 81 -4.84 7.71 4.88
C PRO A 81 -4.23 7.16 6.19
N THR A 82 -4.95 6.25 6.86
CA THR A 82 -4.50 5.65 8.13
C THR A 82 -3.54 4.47 7.89
N PHE A 83 -3.42 4.05 6.62
CA PHE A 83 -2.57 2.93 6.22
C PHE A 83 -1.08 3.38 6.24
N ILE A 84 -0.38 2.98 7.32
CA ILE A 84 1.04 3.30 7.59
C ILE A 84 1.99 2.83 6.46
N LYS A 85 1.73 1.61 5.94
CA LYS A 85 2.59 1.00 4.89
C LYS A 85 2.49 1.77 3.56
N GLY A 86 1.37 2.51 3.38
CA GLY A 86 1.17 3.37 2.21
C GLY A 86 2.16 4.54 2.20
N TYR A 87 2.50 5.05 3.40
CA TYR A 87 3.49 6.13 3.60
C TYR A 87 4.92 5.60 3.46
N THR A 88 5.13 4.33 3.85
CA THR A 88 6.44 3.67 3.73
C THR A 88 6.79 3.42 2.25
N ARG A 89 5.78 2.97 1.47
CA ARG A 89 5.86 2.80 0.00
C ARG A 89 6.08 4.17 -0.67
N LYS A 90 5.38 5.21 -0.14
CA LYS A 90 5.45 6.59 -0.64
C LYS A 90 6.88 7.14 -0.57
N ALA A 91 7.47 7.09 0.64
CA ALA A 91 8.81 7.64 0.92
C ALA A 91 9.89 6.99 0.03
N ALA A 92 9.77 5.66 -0.15
CA ALA A 92 10.73 4.88 -0.94
C ALA A 92 10.59 5.14 -2.45
N ALA A 93 9.34 5.30 -2.92
CA ALA A 93 9.05 5.56 -4.34
C ALA A 93 9.53 6.98 -4.73
N LEU A 94 9.15 7.97 -3.89
CA LEU A 94 9.62 9.37 -4.01
C LEU A 94 11.16 9.44 -4.00
N GLU A 95 11.78 8.63 -3.11
CA GLU A 95 13.26 8.49 -3.03
C GLU A 95 13.84 8.09 -4.41
N ALA A 96 13.11 7.20 -5.14
CA ALA A 96 13.56 6.71 -6.46
C ALA A 96 13.42 7.81 -7.53
N MET A 97 12.56 8.81 -7.23
CA MET A 97 12.28 9.95 -8.14
C MET A 97 13.05 11.21 -7.71
N LYS A 98 13.97 11.05 -6.73
CA LYS A 98 14.86 12.11 -6.20
C LYS A 98 14.10 13.10 -5.29
N ASP A 99 12.84 12.79 -4.96
CA ASP A 99 11.94 13.64 -4.14
C ASP A 99 12.17 13.44 -2.61
N TYR A 100 13.45 13.43 -2.21
CA TYR A 100 13.88 13.23 -0.80
C TYR A 100 13.22 14.26 0.14
N THR A 101 13.09 15.50 -0.37
CA THR A 101 12.46 16.62 0.34
C THR A 101 10.98 16.34 0.67
N LYS A 102 10.28 15.62 -0.23
CA LYS A 102 8.85 15.30 -0.06
C LYS A 102 8.72 14.12 0.92
N ALA A 103 9.60 13.12 0.70
CA ALA A 103 9.67 11.89 1.51
C ALA A 103 9.94 12.20 3.00
N MET A 104 10.79 13.22 3.24
CA MET A 104 11.17 13.68 4.58
C MET A 104 9.98 14.36 5.32
N ASP A 105 8.96 14.80 4.56
CA ASP A 105 7.66 15.20 5.16
C ASP A 105 6.77 13.95 5.41
N VAL A 106 6.89 12.93 4.53
CA VAL A 106 6.00 11.75 4.51
C VAL A 106 6.27 10.84 5.72
N TYR A 107 7.58 10.71 6.08
CA TYR A 107 8.02 9.87 7.21
C TYR A 107 7.43 10.43 8.53
N GLN A 108 7.37 11.78 8.61
CA GLN A 108 6.88 12.51 9.77
C GLN A 108 5.38 12.21 9.92
N LYS A 109 4.66 12.25 8.79
CA LYS A 109 3.22 11.96 8.73
C LYS A 109 2.92 10.47 9.05
N ALA A 110 3.87 9.58 8.72
CA ALA A 110 3.78 8.16 9.04
C ALA A 110 3.92 7.93 10.57
N LEU A 111 4.91 8.63 11.18
CA LEU A 111 5.12 8.63 12.65
C LEU A 111 3.93 9.31 13.38
N ASP A 112 3.31 10.29 12.68
CA ASP A 112 2.15 11.06 13.18
C ASP A 112 0.94 10.14 13.37
N LEU A 113 0.82 9.12 12.49
CA LEU A 113 -0.21 8.08 12.61
C LEU A 113 0.05 7.26 13.89
N ASP A 114 1.29 6.74 14.02
CA ASP A 114 1.71 5.94 15.19
C ASP A 114 3.24 5.80 15.24
N SER A 115 3.81 5.82 16.47
CA SER A 115 5.27 5.70 16.71
C SER A 115 5.83 4.36 16.20
N SER A 116 4.98 3.31 16.23
CA SER A 116 5.32 1.95 15.74
C SER A 116 5.59 1.93 14.21
N CYS A 117 5.42 3.10 13.56
CA CYS A 117 5.84 3.34 12.16
C CYS A 117 7.34 3.76 12.08
N LYS A 118 8.14 3.51 13.15
CA LYS A 118 9.64 3.77 13.18
C LYS A 118 10.39 3.41 11.86
N GLU A 119 9.90 2.44 11.09
CA GLU A 119 10.45 2.06 9.76
C GLU A 119 10.58 3.29 8.80
N ALA A 120 9.60 4.20 8.86
CA ALA A 120 9.61 5.46 8.11
C ALA A 120 10.78 6.37 8.58
N ALA A 121 11.08 6.32 9.90
CA ALA A 121 12.16 7.13 10.49
C ALA A 121 13.51 6.58 10.03
N ASP A 122 13.63 5.23 10.03
CA ASP A 122 14.78 4.50 9.47
C ASP A 122 15.00 4.89 7.99
N GLY A 123 13.88 4.93 7.25
CA GLY A 123 13.87 5.31 5.83
C GLY A 123 14.25 6.78 5.62
N TYR A 124 13.96 7.64 6.64
CA TYR A 124 14.39 9.05 6.65
C TYR A 124 15.91 9.15 6.68
N GLN A 125 16.57 8.41 7.59
CA GLN A 125 18.06 8.39 7.68
C GLN A 125 18.71 8.09 6.31
N ARG A 126 18.07 7.22 5.52
CA ARG A 126 18.48 6.90 4.14
C ARG A 126 18.14 8.05 3.16
N CYS A 127 17.01 8.73 3.39
CA CYS A 127 16.45 9.75 2.47
C CYS A 127 17.23 11.08 2.57
N MET A 128 17.65 11.44 3.79
CA MET A 128 18.39 12.69 4.06
C MET A 128 19.86 12.55 3.61
N MET A 129 20.50 11.38 3.86
CA MET A 129 21.89 11.15 3.42
C MET A 129 21.96 11.05 1.88
N ALA A 130 20.84 10.64 1.26
CA ALA A 130 20.72 10.49 -0.20
C ALA A 130 20.91 11.83 -0.93
N GLN A 131 20.30 12.92 -0.38
CA GLN A 131 20.49 14.29 -0.91
C GLN A 131 21.85 14.89 -0.46
N TYR A 132 22.54 14.24 0.50
CA TYR A 132 23.87 14.69 0.97
C TYR A 132 24.97 13.71 0.46
N ASN A 133 24.80 13.23 -0.79
CA ASN A 133 25.79 12.37 -1.49
C ASN A 133 26.50 13.21 -2.58
N MET A 1 -12.10 -11.46 28.54
CA MET A 1 -11.44 -11.30 27.22
C MET A 1 -12.03 -12.28 26.20
N GLY A 2 -11.93 -11.92 24.91
CA GLY A 2 -12.56 -12.68 23.84
C GLY A 2 -14.05 -12.41 23.77
N HIS A 3 -14.42 -11.12 23.77
CA HIS A 3 -15.82 -10.67 23.71
C HIS A 3 -16.34 -10.77 22.27
N HIS A 4 -17.56 -11.29 22.12
CA HIS A 4 -18.21 -11.52 20.81
C HIS A 4 -19.37 -10.54 20.61
N HIS A 5 -19.75 -10.37 19.34
CA HIS A 5 -20.99 -9.66 18.92
C HIS A 5 -21.88 -10.67 18.17
N HIS A 6 -21.88 -11.93 18.69
CA HIS A 6 -22.54 -13.12 18.10
C HIS A 6 -21.79 -13.64 16.86
N HIS A 7 -21.52 -12.74 15.90
CA HIS A 7 -20.76 -13.03 14.67
C HIS A 7 -21.50 -14.09 13.82
N HIS A 8 -22.85 -14.11 13.98
CA HIS A 8 -23.75 -15.08 13.35
C HIS A 8 -23.77 -14.85 11.83
N SER A 9 -22.84 -15.52 11.17
CA SER A 9 -22.64 -15.48 9.73
C SER A 9 -22.00 -16.80 9.29
N HIS A 10 -22.03 -17.04 7.97
CA HIS A 10 -21.26 -18.11 7.32
C HIS A 10 -19.76 -18.01 7.69
N MET A 11 -19.05 -19.17 7.71
CA MET A 11 -17.66 -19.33 8.22
C MET A 11 -16.69 -18.23 7.72
N ASN A 12 -16.87 -17.85 6.44
CA ASN A 12 -16.19 -16.71 5.81
C ASN A 12 -17.17 -15.53 5.82
N PRO A 13 -17.10 -14.59 6.83
CA PRO A 13 -18.12 -13.52 7.02
C PRO A 13 -18.22 -12.57 5.81
N ASP A 14 -17.08 -12.37 5.16
CA ASP A 14 -16.92 -11.43 4.05
C ASP A 14 -15.80 -11.92 3.14
N LEU A 15 -16.17 -12.47 1.97
CA LEU A 15 -15.21 -13.02 0.99
C LEU A 15 -14.33 -11.89 0.39
N ALA A 16 -14.86 -10.65 0.46
CA ALA A 16 -14.11 -9.44 0.09
C ALA A 16 -12.85 -9.26 0.96
N LEU A 17 -12.88 -9.80 2.22
CA LEU A 17 -11.69 -9.78 3.10
C LEU A 17 -10.79 -10.99 2.78
N MET A 18 -11.35 -12.05 2.15
CA MET A 18 -10.59 -13.28 1.84
C MET A 18 -9.76 -13.10 0.55
N VAL A 19 -10.29 -12.26 -0.37
CA VAL A 19 -9.65 -12.01 -1.67
C VAL A 19 -8.42 -11.09 -1.53
N LYS A 20 -8.44 -10.19 -0.52
CA LYS A 20 -7.29 -9.31 -0.25
C LYS A 20 -6.15 -10.13 0.40
N ASN A 21 -6.53 -11.17 1.18
CA ASN A 21 -5.58 -12.09 1.83
C ASN A 21 -4.75 -12.85 0.79
N LYS A 22 -5.46 -13.43 -0.21
CA LYS A 22 -4.81 -14.19 -1.29
C LYS A 22 -4.07 -13.23 -2.24
N GLY A 23 -4.62 -12.02 -2.41
CA GLY A 23 -3.98 -10.97 -3.21
C GLY A 23 -2.59 -10.60 -2.67
N ASN A 24 -2.45 -10.60 -1.33
CA ASN A 24 -1.16 -10.37 -0.64
C ASN A 24 -0.26 -11.62 -0.70
N GLU A 25 -0.88 -12.83 -0.61
CA GLU A 25 -0.11 -14.09 -0.62
C GLU A 25 0.53 -14.30 -2.01
N CYS A 26 -0.14 -13.79 -3.07
CA CYS A 26 0.33 -13.90 -4.47
C CYS A 26 1.75 -13.32 -4.63
N PHE A 27 2.02 -12.19 -3.95
CA PHE A 27 3.37 -11.59 -3.89
C PHE A 27 4.39 -12.61 -3.33
N GLN A 28 4.00 -13.28 -2.24
CA GLN A 28 4.78 -14.35 -1.60
C GLN A 28 4.90 -15.60 -2.54
N LYS A 29 3.95 -15.76 -3.50
CA LYS A 29 3.99 -16.89 -4.45
C LYS A 29 4.93 -16.56 -5.63
N GLY A 30 5.45 -15.31 -5.66
CA GLY A 30 6.25 -14.83 -6.79
C GLY A 30 5.38 -14.62 -8.02
N ASP A 31 4.19 -14.06 -7.78
CA ASP A 31 3.09 -14.00 -8.74
C ASP A 31 2.63 -12.52 -8.87
N TYR A 32 3.62 -11.60 -8.86
CA TYR A 32 3.43 -10.12 -8.82
C TYR A 32 2.52 -9.57 -9.98
N PRO A 33 2.75 -9.94 -11.31
CA PRO A 33 1.89 -9.44 -12.41
C PRO A 33 0.42 -9.89 -12.23
N GLN A 34 0.23 -11.22 -12.05
CA GLN A 34 -1.11 -11.81 -11.82
C GLN A 34 -1.75 -11.26 -10.54
N ALA A 35 -0.90 -10.82 -9.56
CA ALA A 35 -1.35 -10.24 -8.28
C ALA A 35 -2.11 -8.93 -8.50
N MET A 36 -1.80 -8.20 -9.61
CA MET A 36 -2.57 -6.99 -9.98
C MET A 36 -3.98 -7.40 -10.43
N LYS A 37 -4.04 -8.54 -11.13
CA LYS A 37 -5.27 -9.11 -11.69
C LYS A 37 -6.11 -9.78 -10.59
N HIS A 38 -5.43 -10.31 -9.54
CA HIS A 38 -6.08 -10.86 -8.33
C HIS A 38 -6.73 -9.73 -7.52
N TYR A 39 -6.04 -8.56 -7.54
CA TYR A 39 -6.56 -7.33 -6.92
C TYR A 39 -7.68 -6.68 -7.76
N THR A 40 -7.73 -6.94 -9.08
CA THR A 40 -8.73 -6.29 -9.97
C THR A 40 -10.17 -6.60 -9.50
N GLU A 41 -10.43 -7.89 -9.20
CA GLU A 41 -11.74 -8.31 -8.63
C GLU A 41 -11.87 -7.79 -7.19
N ALA A 42 -10.75 -7.68 -6.45
CA ALA A 42 -10.73 -7.22 -5.04
C ALA A 42 -11.14 -5.74 -4.90
N ILE A 43 -10.87 -4.92 -5.94
CA ILE A 43 -11.39 -3.54 -6.04
C ILE A 43 -12.93 -3.59 -6.25
N LYS A 44 -13.39 -4.57 -7.06
CA LYS A 44 -14.84 -4.79 -7.30
C LYS A 44 -15.55 -5.27 -6.01
N ARG A 45 -14.80 -5.96 -5.12
CA ARG A 45 -15.32 -6.48 -3.85
C ARG A 45 -15.44 -5.32 -2.82
N ASN A 46 -14.29 -4.65 -2.58
CA ASN A 46 -14.18 -3.55 -1.59
C ASN A 46 -13.25 -2.40 -2.09
N PRO A 47 -13.82 -1.39 -2.82
CA PRO A 47 -13.04 -0.27 -3.40
C PRO A 47 -12.71 0.86 -2.39
N LYS A 48 -13.21 0.72 -1.15
CA LYS A 48 -13.03 1.72 -0.08
C LYS A 48 -11.72 1.44 0.67
N ASP A 49 -11.35 0.15 0.69
CA ASP A 49 -10.16 -0.35 1.38
C ASP A 49 -8.88 0.11 0.66
N ALA A 50 -8.28 1.19 1.22
CA ALA A 50 -7.08 1.85 0.67
C ALA A 50 -5.83 0.94 0.70
N LYS A 51 -5.81 -0.04 1.63
CA LYS A 51 -4.69 -1.02 1.75
C LYS A 51 -4.60 -1.95 0.52
N LEU A 52 -5.71 -2.07 -0.23
CA LEU A 52 -5.73 -2.79 -1.53
C LEU A 52 -4.90 -2.03 -2.58
N TYR A 53 -5.09 -0.69 -2.59
CA TYR A 53 -4.42 0.22 -3.54
C TYR A 53 -2.96 0.48 -3.16
N SER A 54 -2.67 0.40 -1.85
CA SER A 54 -1.32 0.63 -1.33
C SER A 54 -0.37 -0.51 -1.74
N ASN A 55 -0.91 -1.75 -1.75
CA ASN A 55 -0.15 -2.96 -2.13
C ASN A 55 -0.13 -3.12 -3.67
N ARG A 56 -1.11 -2.48 -4.33
CA ARG A 56 -1.15 -2.36 -5.80
C ARG A 56 0.00 -1.44 -6.27
N ALA A 57 0.20 -0.33 -5.51
CA ALA A 57 1.31 0.61 -5.69
C ALA A 57 2.66 -0.05 -5.34
N ALA A 58 2.63 -0.96 -4.33
CA ALA A 58 3.80 -1.76 -3.91
C ALA A 58 4.25 -2.72 -5.03
N CYS A 59 3.27 -3.22 -5.80
CA CYS A 59 3.51 -4.04 -7.00
C CYS A 59 4.12 -3.17 -8.10
N TYR A 60 3.48 -1.99 -8.34
CA TYR A 60 3.87 -1.05 -9.40
C TYR A 60 5.35 -0.64 -9.32
N THR A 61 5.87 -0.40 -8.11
CA THR A 61 7.30 -0.08 -7.92
C THR A 61 8.20 -1.21 -8.48
N LYS A 62 7.80 -2.48 -8.22
CA LYS A 62 8.57 -3.68 -8.63
C LYS A 62 8.57 -3.84 -10.16
N LEU A 63 7.49 -3.36 -10.78
CA LEU A 63 7.28 -3.43 -12.22
C LEU A 63 7.79 -2.15 -12.92
N LEU A 64 8.48 -1.27 -12.14
CA LEU A 64 9.06 0.02 -12.64
C LEU A 64 7.98 1.02 -13.07
N GLU A 65 6.74 0.76 -12.65
CA GLU A 65 5.55 1.60 -12.90
C GLU A 65 5.36 2.61 -11.73
N PHE A 66 6.48 3.22 -11.28
CA PHE A 66 6.50 4.18 -10.15
C PHE A 66 5.52 5.36 -10.36
N GLN A 67 5.32 5.78 -11.64
CA GLN A 67 4.36 6.85 -11.99
C GLN A 67 2.93 6.45 -11.60
N LEU A 68 2.61 5.16 -11.78
CA LEU A 68 1.28 4.61 -11.45
C LEU A 68 1.16 4.45 -9.92
N ALA A 69 2.29 4.09 -9.28
CA ALA A 69 2.39 3.93 -7.82
C ALA A 69 2.13 5.27 -7.09
N LEU A 70 2.62 6.38 -7.70
CA LEU A 70 2.39 7.74 -7.18
C LEU A 70 0.90 8.11 -7.28
N LYS A 71 0.36 8.12 -8.52
CA LYS A 71 -1.01 8.61 -8.79
C LYS A 71 -2.10 7.76 -8.07
N ASP A 72 -1.85 6.43 -7.97
CA ASP A 72 -2.77 5.50 -7.28
C ASP A 72 -2.79 5.80 -5.77
N CYS A 73 -1.61 6.18 -5.23
CA CYS A 73 -1.45 6.66 -3.83
C CYS A 73 -2.13 8.03 -3.62
N GLU A 74 -2.10 8.89 -4.67
CA GLU A 74 -2.67 10.26 -4.60
C GLU A 74 -4.22 10.25 -4.61
N GLU A 75 -4.84 9.21 -5.16
CA GLU A 75 -6.31 9.01 -4.99
C GLU A 75 -6.62 8.15 -3.75
N CYS A 76 -5.68 7.26 -3.38
CA CYS A 76 -5.79 6.38 -2.18
C CYS A 76 -5.90 7.21 -0.88
N ILE A 77 -5.22 8.38 -0.85
CA ILE A 77 -5.31 9.36 0.26
C ILE A 77 -6.71 10.01 0.28
N GLN A 78 -7.32 10.16 -0.91
CA GLN A 78 -8.63 10.81 -1.07
C GLN A 78 -9.74 9.86 -0.58
N LEU A 79 -9.48 8.54 -0.68
CA LEU A 79 -10.37 7.49 -0.14
C LEU A 79 -10.24 7.44 1.39
N GLU A 80 -9.01 7.10 1.84
CA GLU A 80 -8.69 6.91 3.26
C GLU A 80 -7.23 7.34 3.52
N PRO A 81 -7.01 8.56 4.11
CA PRO A 81 -5.65 9.13 4.32
C PRO A 81 -4.83 8.45 5.44
N THR A 82 -5.39 7.45 6.15
CA THR A 82 -4.66 6.73 7.23
C THR A 82 -3.96 5.46 6.70
N PHE A 83 -3.81 5.36 5.35
CA PHE A 83 -3.22 4.18 4.71
C PHE A 83 -1.67 4.19 4.87
N ILE A 84 -1.21 3.42 5.85
CA ILE A 84 0.22 3.38 6.24
C ILE A 84 1.03 2.57 5.21
N LYS A 85 0.38 1.54 4.66
CA LYS A 85 1.00 0.59 3.72
C LYS A 85 1.34 1.26 2.38
N GLY A 86 0.81 2.47 2.13
CA GLY A 86 1.08 3.21 0.90
C GLY A 86 2.02 4.38 1.12
N TYR A 87 2.02 4.96 2.34
CA TYR A 87 2.94 6.05 2.70
C TYR A 87 4.39 5.56 2.75
N THR A 88 4.60 4.35 3.29
CA THR A 88 5.94 3.74 3.34
C THR A 88 6.46 3.44 1.91
N ARG A 89 5.51 3.17 0.97
CA ARG A 89 5.83 2.99 -0.47
C ARG A 89 6.14 4.34 -1.11
N LYS A 90 5.35 5.36 -0.71
CA LYS A 90 5.40 6.72 -1.27
C LYS A 90 6.76 7.39 -0.97
N ALA A 91 7.27 7.16 0.25
CA ALA A 91 8.56 7.70 0.69
C ALA A 91 9.72 7.14 -0.16
N ALA A 92 9.72 5.80 -0.32
CA ALA A 92 10.75 5.08 -1.11
C ALA A 92 10.59 5.33 -2.63
N ALA A 93 9.37 5.68 -3.06
CA ALA A 93 9.07 6.05 -4.45
C ALA A 93 9.66 7.44 -4.74
N LEU A 94 9.41 8.39 -3.80
CA LEU A 94 9.94 9.77 -3.86
C LEU A 94 11.46 9.77 -3.78
N GLU A 95 12.03 8.79 -3.04
CA GLU A 95 13.49 8.54 -3.04
C GLU A 95 13.99 8.28 -4.48
N ALA A 96 13.19 7.53 -5.27
CA ALA A 96 13.52 7.19 -6.66
C ALA A 96 13.16 8.35 -7.61
N MET A 97 12.61 9.45 -7.04
CA MET A 97 12.29 10.70 -7.79
C MET A 97 13.24 11.84 -7.36
N LYS A 98 14.26 11.48 -6.54
CA LYS A 98 15.26 12.43 -5.97
C LYS A 98 14.63 13.42 -4.96
N ASP A 99 13.37 13.17 -4.58
CA ASP A 99 12.58 14.02 -3.69
C ASP A 99 12.69 13.53 -2.23
N TYR A 100 13.93 13.24 -1.81
CA TYR A 100 14.28 12.78 -0.44
C TYR A 100 13.66 13.67 0.67
N THR A 101 13.63 15.00 0.41
CA THR A 101 13.04 15.99 1.31
C THR A 101 11.51 15.79 1.44
N LYS A 102 10.87 15.42 0.33
CA LYS A 102 9.40 15.19 0.29
C LYS A 102 9.09 13.79 0.85
N ALA A 103 10.07 12.88 0.69
CA ALA A 103 10.00 11.51 1.20
C ALA A 103 9.97 11.51 2.73
N MET A 104 10.90 12.29 3.33
CA MET A 104 11.03 12.39 4.79
C MET A 104 9.79 13.07 5.42
N ASP A 105 9.08 13.92 4.63
CA ASP A 105 7.77 14.46 5.02
C ASP A 105 6.76 13.32 5.17
N VAL A 106 6.80 12.36 4.22
CA VAL A 106 5.85 11.23 4.15
C VAL A 106 6.16 10.22 5.28
N TYR A 107 7.46 10.09 5.62
CA TYR A 107 7.97 9.26 6.73
C TYR A 107 7.39 9.75 8.08
N GLN A 108 7.52 11.07 8.31
CA GLN A 108 7.10 11.73 9.57
C GLN A 108 5.59 11.59 9.71
N LYS A 109 4.87 11.87 8.61
CA LYS A 109 3.42 11.76 8.53
C LYS A 109 2.94 10.31 8.71
N ALA A 110 3.76 9.32 8.28
CA ALA A 110 3.48 7.89 8.51
C ALA A 110 3.52 7.61 10.02
N LEU A 111 4.60 8.11 10.70
CA LEU A 111 4.75 7.99 12.18
C LEU A 111 3.62 8.74 12.92
N ASP A 112 3.13 9.83 12.29
CA ASP A 112 2.08 10.70 12.84
C ASP A 112 0.71 10.00 12.80
N LEU A 113 0.57 8.99 11.90
CA LEU A 113 -0.62 8.12 11.87
C LEU A 113 -0.57 7.11 13.01
N ASP A 114 0.45 6.22 12.98
CA ASP A 114 0.61 5.13 13.95
C ASP A 114 2.03 4.57 13.87
N SER A 115 2.67 4.45 15.05
CA SER A 115 4.10 4.11 15.21
C SER A 115 4.50 2.78 14.52
N SER A 116 3.53 1.85 14.33
CA SER A 116 3.77 0.54 13.67
C SER A 116 4.30 0.70 12.22
N CYS A 117 4.34 1.95 11.71
CA CYS A 117 5.02 2.31 10.45
C CYS A 117 6.56 2.45 10.62
N LYS A 118 7.15 1.99 11.76
CA LYS A 118 8.64 2.04 11.99
C LYS A 118 9.52 1.57 10.79
N GLU A 119 8.96 0.74 9.90
CA GLU A 119 9.63 0.33 8.63
C GLU A 119 10.05 1.56 7.77
N ALA A 120 9.24 2.64 7.84
CA ALA A 120 9.53 3.95 7.22
C ALA A 120 10.70 4.65 7.93
N ALA A 121 10.88 4.41 9.26
CA ALA A 121 12.00 4.97 10.04
C ALA A 121 13.33 4.30 9.64
N ASP A 122 13.26 2.99 9.34
CA ASP A 122 14.39 2.22 8.78
C ASP A 122 14.78 2.78 7.39
N GLY A 123 13.74 3.06 6.59
CA GLY A 123 13.91 3.62 5.25
C GLY A 123 14.31 5.10 5.24
N TYR A 124 13.98 5.82 6.34
CA TYR A 124 14.32 7.24 6.49
C TYR A 124 15.82 7.46 6.37
N GLN A 125 16.60 6.79 7.24
CA GLN A 125 18.07 6.94 7.34
C GLN A 125 18.78 6.86 5.95
N ARG A 126 18.33 5.94 5.08
CA ARG A 126 18.94 5.76 3.75
C ARG A 126 18.35 6.75 2.70
N CYS A 127 17.13 7.29 2.94
CA CYS A 127 16.51 8.28 2.04
C CYS A 127 17.15 9.68 2.24
N MET A 128 17.29 10.08 3.51
CA MET A 128 17.82 11.40 3.89
C MET A 128 19.31 11.53 3.52
N MET A 129 20.14 10.50 3.86
CA MET A 129 21.61 10.56 3.65
C MET A 129 21.98 10.66 2.15
N ALA A 130 21.05 10.21 1.28
CA ALA A 130 21.27 10.10 -0.18
C ALA A 130 21.55 11.47 -0.84
N GLN A 131 20.94 12.54 -0.29
CA GLN A 131 21.17 13.94 -0.77
C GLN A 131 22.37 14.58 -0.06
N TYR A 132 22.83 14.00 1.07
CA TYR A 132 23.88 14.58 1.93
C TYR A 132 25.24 13.89 1.65
N ASN A 133 25.50 13.56 0.37
CA ASN A 133 26.70 12.83 -0.07
C ASN A 133 27.63 13.76 -0.86
N MET A 1 -9.36 -2.72 12.54
CA MET A 1 -8.47 -2.40 13.68
C MET A 1 -7.78 -3.68 14.18
N GLY A 2 -8.53 -4.81 14.14
CA GLY A 2 -7.99 -6.13 14.50
C GLY A 2 -8.45 -6.60 15.88
N HIS A 3 -9.72 -6.28 16.23
CA HIS A 3 -10.31 -6.69 17.51
C HIS A 3 -10.61 -8.19 17.49
N HIS A 4 -9.90 -8.96 18.33
CA HIS A 4 -10.04 -10.43 18.43
C HIS A 4 -11.35 -10.75 19.18
N HIS A 5 -12.47 -10.64 18.46
CA HIS A 5 -13.84 -10.89 18.98
C HIS A 5 -14.58 -11.86 18.04
N HIS A 6 -13.86 -12.39 17.04
CA HIS A 6 -14.39 -13.36 16.06
C HIS A 6 -14.51 -14.76 16.70
N HIS A 7 -15.67 -15.02 17.31
CA HIS A 7 -16.03 -16.35 17.84
C HIS A 7 -16.90 -17.09 16.81
N HIS A 8 -17.92 -16.38 16.30
CA HIS A 8 -18.90 -16.92 15.35
C HIS A 8 -19.22 -15.84 14.29
N SER A 9 -19.56 -16.28 13.06
CA SER A 9 -19.78 -15.36 11.93
C SER A 9 -20.58 -16.06 10.83
N HIS A 10 -20.92 -15.29 9.78
CA HIS A 10 -21.61 -15.79 8.58
C HIS A 10 -20.67 -16.66 7.71
N MET A 11 -21.27 -17.32 6.68
CA MET A 11 -20.55 -18.22 5.75
C MET A 11 -19.36 -17.47 5.09
N ASN A 12 -19.68 -16.29 4.56
CA ASN A 12 -18.71 -15.28 4.14
C ASN A 12 -19.21 -13.94 4.69
N PRO A 13 -18.65 -13.43 5.84
CA PRO A 13 -19.01 -12.10 6.40
C PRO A 13 -18.78 -10.99 5.36
N ASP A 14 -17.74 -11.19 4.53
CA ASP A 14 -17.40 -10.33 3.42
C ASP A 14 -16.66 -11.17 2.38
N LEU A 15 -17.33 -11.44 1.25
CA LEU A 15 -16.76 -12.23 0.14
C LEU A 15 -15.46 -11.56 -0.38
N ALA A 16 -15.44 -10.22 -0.27
CA ALA A 16 -14.33 -9.37 -0.69
C ALA A 16 -13.06 -9.58 0.16
N LEU A 17 -13.20 -10.12 1.38
CA LEU A 17 -12.02 -10.43 2.23
C LEU A 17 -11.38 -11.75 1.76
N MET A 18 -12.16 -12.58 1.04
CA MET A 18 -11.70 -13.90 0.58
C MET A 18 -10.77 -13.76 -0.65
N VAL A 19 -11.06 -12.76 -1.50
CA VAL A 19 -10.29 -12.51 -2.74
C VAL A 19 -8.94 -11.81 -2.45
N LYS A 20 -8.84 -11.07 -1.34
CA LYS A 20 -7.58 -10.41 -0.93
C LYS A 20 -6.61 -11.44 -0.30
N ASN A 21 -7.16 -12.57 0.19
CA ASN A 21 -6.37 -13.67 0.78
C ASN A 21 -5.51 -14.36 -0.29
N LYS A 22 -6.11 -14.60 -1.46
CA LYS A 22 -5.38 -15.14 -2.62
C LYS A 22 -4.57 -14.01 -3.31
N GLY A 23 -5.14 -12.79 -3.30
CA GLY A 23 -4.52 -11.61 -3.92
C GLY A 23 -3.12 -11.31 -3.40
N ASN A 24 -2.99 -11.21 -2.06
CA ASN A 24 -1.71 -10.90 -1.41
C ASN A 24 -0.73 -12.09 -1.43
N GLU A 25 -1.28 -13.33 -1.49
CA GLU A 25 -0.45 -14.55 -1.46
C GLU A 25 0.25 -14.71 -2.83
N CYS A 26 -0.43 -14.33 -3.94
CA CYS A 26 0.12 -14.41 -5.32
C CYS A 26 1.52 -13.78 -5.41
N PHE A 27 1.66 -12.60 -4.78
CA PHE A 27 2.93 -11.85 -4.71
C PHE A 27 4.03 -12.73 -4.06
N GLN A 28 3.66 -13.35 -2.91
CA GLN A 28 4.51 -14.30 -2.16
C GLN A 28 4.80 -15.57 -2.99
N LYS A 29 3.91 -15.91 -3.97
CA LYS A 29 4.10 -17.10 -4.83
C LYS A 29 5.16 -16.81 -5.92
N GLY A 30 5.53 -15.52 -6.05
CA GLY A 30 6.46 -15.06 -7.09
C GLY A 30 5.74 -14.53 -8.31
N ASP A 31 4.40 -14.51 -8.23
CA ASP A 31 3.55 -13.96 -9.28
C ASP A 31 3.26 -12.48 -8.99
N TYR A 32 4.23 -11.61 -9.33
CA TYR A 32 4.13 -10.15 -9.13
C TYR A 32 3.03 -9.50 -10.03
N PRO A 33 2.96 -9.77 -11.39
CA PRO A 33 1.87 -9.21 -12.24
C PRO A 33 0.49 -9.78 -11.83
N GLN A 34 0.41 -11.13 -11.66
CA GLN A 34 -0.84 -11.80 -11.25
C GLN A 34 -1.32 -11.28 -9.88
N ALA A 35 -0.36 -10.93 -8.99
CA ALA A 35 -0.67 -10.31 -7.69
C ALA A 35 -1.44 -9.01 -7.89
N MET A 36 -0.98 -8.23 -8.90
CA MET A 36 -1.53 -6.90 -9.17
C MET A 36 -2.95 -7.05 -9.76
N LYS A 37 -3.13 -8.09 -10.61
CA LYS A 37 -4.44 -8.43 -11.23
C LYS A 37 -5.43 -8.93 -10.16
N HIS A 38 -4.91 -9.73 -9.22
CA HIS A 38 -5.70 -10.35 -8.13
C HIS A 38 -6.03 -9.32 -7.04
N TYR A 39 -5.25 -8.23 -6.99
CA TYR A 39 -5.57 -7.05 -6.20
C TYR A 39 -6.63 -6.20 -6.94
N THR A 40 -6.55 -6.10 -8.28
CA THR A 40 -7.46 -5.28 -9.10
C THR A 40 -8.91 -5.81 -9.02
N GLU A 41 -9.05 -7.15 -9.12
CA GLU A 41 -10.35 -7.84 -8.97
C GLU A 41 -10.86 -7.69 -7.52
N ALA A 42 -9.91 -7.62 -6.56
CA ALA A 42 -10.21 -7.41 -5.14
C ALA A 42 -10.70 -5.96 -4.89
N ILE A 43 -10.24 -4.99 -5.70
CA ILE A 43 -10.71 -3.58 -5.66
C ILE A 43 -12.20 -3.52 -6.08
N LYS A 44 -12.58 -4.39 -7.04
CA LYS A 44 -13.98 -4.48 -7.54
C LYS A 44 -14.90 -5.00 -6.42
N ARG A 45 -14.36 -5.91 -5.60
CA ARG A 45 -15.08 -6.56 -4.51
C ARG A 45 -15.21 -5.64 -3.29
N ASN A 46 -14.08 -5.05 -2.85
CA ASN A 46 -14.05 -4.07 -1.73
C ASN A 46 -13.43 -2.73 -2.17
N PRO A 47 -14.27 -1.79 -2.73
CA PRO A 47 -13.83 -0.39 -2.97
C PRO A 47 -13.67 0.40 -1.66
N LYS A 48 -14.17 -0.18 -0.54
CA LYS A 48 -14.08 0.43 0.80
C LYS A 48 -12.66 0.29 1.37
N ASP A 49 -12.00 -0.83 1.01
CA ASP A 49 -10.73 -1.26 1.62
C ASP A 49 -9.55 -0.49 1.02
N ALA A 50 -9.09 0.54 1.75
CA ALA A 50 -8.10 1.52 1.28
C ALA A 50 -6.69 0.95 1.08
N LYS A 51 -6.21 0.08 2.01
CA LYS A 51 -4.82 -0.46 1.93
C LYS A 51 -4.66 -1.40 0.71
N LEU A 52 -5.79 -1.94 0.22
CA LEU A 52 -5.81 -2.84 -0.94
C LEU A 52 -5.30 -2.12 -2.22
N TYR A 53 -5.47 -0.79 -2.27
CA TYR A 53 -4.96 0.07 -3.36
C TYR A 53 -3.44 0.26 -3.21
N SER A 54 -3.00 0.58 -1.98
CA SER A 54 -1.56 0.80 -1.67
C SER A 54 -0.74 -0.51 -1.82
N ASN A 55 -1.44 -1.65 -1.75
CA ASN A 55 -0.86 -2.97 -2.04
C ASN A 55 -0.54 -3.11 -3.55
N ARG A 56 -1.40 -2.51 -4.41
CA ARG A 56 -1.16 -2.46 -5.87
C ARG A 56 0.03 -1.53 -6.16
N ALA A 57 0.10 -0.40 -5.41
CA ALA A 57 1.21 0.56 -5.48
C ALA A 57 2.55 -0.13 -5.09
N ALA A 58 2.46 -1.04 -4.09
CA ALA A 58 3.59 -1.85 -3.64
C ALA A 58 4.04 -2.85 -4.72
N CYS A 59 3.09 -3.31 -5.55
CA CYS A 59 3.39 -4.16 -6.72
C CYS A 59 4.05 -3.32 -7.83
N TYR A 60 3.45 -2.14 -8.13
CA TYR A 60 3.86 -1.25 -9.25
C TYR A 60 5.34 -0.85 -9.15
N THR A 61 5.83 -0.64 -7.92
CA THR A 61 7.25 -0.36 -7.67
C THR A 61 8.14 -1.51 -8.20
N LYS A 62 7.71 -2.76 -7.91
CA LYS A 62 8.44 -3.98 -8.31
C LYS A 62 8.37 -4.21 -9.82
N LEU A 63 7.27 -3.72 -10.41
CA LEU A 63 7.03 -3.76 -11.86
C LEU A 63 7.67 -2.54 -12.56
N LEU A 64 8.33 -1.64 -11.77
CA LEU A 64 9.00 -0.42 -12.25
C LEU A 64 8.00 0.62 -12.82
N GLU A 65 6.71 0.42 -12.52
CA GLU A 65 5.59 1.32 -12.88
C GLU A 65 5.29 2.27 -11.70
N PHE A 66 6.35 2.91 -11.16
CA PHE A 66 6.25 3.90 -10.06
C PHE A 66 5.27 5.05 -10.43
N GLN A 67 5.10 5.31 -11.74
CA GLN A 67 4.12 6.28 -12.27
C GLN A 67 2.71 5.95 -11.76
N LEU A 68 2.37 4.65 -11.81
CA LEU A 68 1.07 4.14 -11.37
C LEU A 68 1.02 4.10 -9.83
N ALA A 69 2.18 3.79 -9.21
CA ALA A 69 2.31 3.69 -7.73
C ALA A 69 2.07 5.05 -7.05
N LEU A 70 2.52 6.13 -7.71
CA LEU A 70 2.32 7.50 -7.22
C LEU A 70 0.83 7.88 -7.29
N LYS A 71 0.25 7.84 -8.50
CA LYS A 71 -1.13 8.33 -8.75
C LYS A 71 -2.21 7.46 -8.05
N ASP A 72 -1.96 6.14 -7.91
CA ASP A 72 -2.89 5.21 -7.22
C ASP A 72 -2.94 5.53 -5.72
N CYS A 73 -1.80 5.97 -5.17
CA CYS A 73 -1.68 6.40 -3.76
C CYS A 73 -2.20 7.85 -3.60
N GLU A 74 -2.09 8.67 -4.66
CA GLU A 74 -2.60 10.06 -4.68
C GLU A 74 -4.14 10.08 -4.70
N GLU A 75 -4.77 9.05 -5.29
CA GLU A 75 -6.23 8.90 -5.29
C GLU A 75 -6.70 8.12 -4.03
N CYS A 76 -5.89 7.14 -3.57
CA CYS A 76 -6.21 6.33 -2.35
C CYS A 76 -6.33 7.20 -1.08
N ILE A 77 -5.67 8.37 -1.10
CA ILE A 77 -5.70 9.36 0.01
C ILE A 77 -7.14 9.91 0.20
N GLN A 78 -7.96 9.87 -0.88
CA GLN A 78 -9.38 10.30 -0.84
C GLN A 78 -10.22 9.34 0.04
N LEU A 79 -9.77 8.07 0.13
CA LEU A 79 -10.41 7.03 0.95
C LEU A 79 -9.77 6.97 2.34
N GLU A 80 -8.45 7.21 2.42
CA GLU A 80 -7.68 7.08 3.67
C GLU A 80 -6.51 8.09 3.71
N PRO A 81 -6.61 9.18 4.53
CA PRO A 81 -5.45 10.09 4.74
C PRO A 81 -4.38 9.52 5.69
N THR A 82 -4.71 8.46 6.45
CA THR A 82 -3.83 7.92 7.52
C THR A 82 -3.26 6.51 7.21
N PHE A 83 -3.25 6.05 5.93
CA PHE A 83 -2.62 4.74 5.59
C PHE A 83 -1.09 4.77 5.86
N ILE A 84 -0.60 3.79 6.63
CA ILE A 84 0.82 3.68 7.01
C ILE A 84 1.61 2.99 5.90
N LYS A 85 1.14 1.79 5.50
CA LYS A 85 1.81 0.95 4.48
C LYS A 85 1.91 1.67 3.12
N GLY A 86 0.90 2.50 2.82
CA GLY A 86 0.90 3.33 1.63
C GLY A 86 2.02 4.36 1.64
N TYR A 87 2.14 5.09 2.77
CA TYR A 87 3.18 6.13 2.96
C TYR A 87 4.60 5.53 3.01
N THR A 88 4.71 4.28 3.47
CA THR A 88 5.98 3.53 3.49
C THR A 88 6.48 3.27 2.05
N ARG A 89 5.53 2.96 1.14
CA ARG A 89 5.81 2.70 -0.29
C ARG A 89 5.87 4.01 -1.11
N LYS A 90 5.14 5.03 -0.63
CA LYS A 90 4.95 6.30 -1.37
C LYS A 90 6.21 7.17 -1.28
N ALA A 91 6.73 7.31 -0.05
CA ALA A 91 7.97 8.04 0.21
C ALA A 91 9.18 7.31 -0.37
N ALA A 92 9.10 5.96 -0.40
CA ALA A 92 10.10 5.11 -1.06
C ALA A 92 10.10 5.36 -2.59
N ALA A 93 8.90 5.57 -3.15
CA ALA A 93 8.74 5.89 -4.57
C ALA A 93 9.33 7.28 -4.88
N LEU A 94 9.02 8.26 -4.00
CA LEU A 94 9.56 9.63 -4.09
C LEU A 94 11.10 9.62 -4.00
N GLU A 95 11.64 8.74 -3.14
CA GLU A 95 13.10 8.49 -3.04
C GLU A 95 13.68 8.06 -4.40
N ALA A 96 12.90 7.27 -5.16
CA ALA A 96 13.31 6.76 -6.47
C ALA A 96 13.12 7.83 -7.56
N MET A 97 12.47 8.95 -7.19
CA MET A 97 12.31 10.14 -8.06
C MET A 97 13.30 11.24 -7.62
N LYS A 98 14.20 10.90 -6.68
CA LYS A 98 15.22 11.81 -6.09
C LYS A 98 14.59 12.91 -5.21
N ASP A 99 13.28 12.79 -4.94
CA ASP A 99 12.49 13.77 -4.16
C ASP A 99 12.58 13.48 -2.65
N TYR A 100 13.83 13.31 -2.15
CA TYR A 100 14.15 13.02 -0.73
C TYR A 100 13.48 14.00 0.25
N THR A 101 13.35 15.27 -0.16
CA THR A 101 12.72 16.32 0.63
C THR A 101 11.21 16.08 0.79
N LYS A 102 10.59 15.52 -0.26
CA LYS A 102 9.15 15.17 -0.25
C LYS A 102 8.95 13.84 0.47
N ALA A 103 9.93 12.94 0.32
CA ALA A 103 9.92 11.60 0.92
C ALA A 103 9.95 11.69 2.44
N MET A 104 10.94 12.43 2.98
CA MET A 104 11.15 12.59 4.44
C MET A 104 9.92 13.22 5.13
N ASP A 105 9.19 14.05 4.36
CA ASP A 105 7.95 14.68 4.81
C ASP A 105 6.88 13.58 5.04
N VAL A 106 6.82 12.62 4.10
CA VAL A 106 5.85 11.53 4.09
C VAL A 106 6.22 10.47 5.16
N TYR A 107 7.54 10.27 5.37
CA TYR A 107 8.07 9.38 6.42
C TYR A 107 7.71 9.93 7.81
N GLN A 108 7.84 11.26 7.98
CA GLN A 108 7.52 11.96 9.25
C GLN A 108 6.03 11.76 9.55
N LYS A 109 5.18 11.99 8.53
CA LYS A 109 3.72 11.85 8.64
C LYS A 109 3.33 10.41 8.99
N ALA A 110 4.00 9.43 8.35
CA ALA A 110 3.78 7.98 8.60
C ALA A 110 4.09 7.59 10.06
N LEU A 111 5.25 8.08 10.55
CA LEU A 111 5.67 7.92 11.97
C LEU A 111 4.68 8.62 12.92
N ASP A 112 4.16 9.77 12.48
CA ASP A 112 3.24 10.62 13.25
C ASP A 112 1.86 9.93 13.41
N LEU A 113 1.50 9.07 12.43
CA LEU A 113 0.26 8.28 12.46
C LEU A 113 0.30 7.29 13.64
N ASP A 114 1.41 6.54 13.71
CA ASP A 114 1.61 5.51 14.73
C ASP A 114 3.10 5.14 14.80
N SER A 115 3.60 4.95 16.04
CA SER A 115 5.03 4.69 16.31
C SER A 115 5.53 3.40 15.62
N SER A 116 4.66 2.37 15.52
CA SER A 116 5.00 1.07 14.89
C SER A 116 5.30 1.21 13.37
N CYS A 117 5.12 2.43 12.83
CA CYS A 117 5.57 2.79 11.49
C CYS A 117 7.10 3.08 11.46
N LYS A 118 7.85 2.70 12.53
CA LYS A 118 9.36 2.73 12.55
C LYS A 118 10.00 2.12 11.27
N GLU A 119 9.29 1.17 10.62
CA GLU A 119 9.65 0.62 9.29
C GLU A 119 10.02 1.71 8.26
N ALA A 120 9.27 2.83 8.32
CA ALA A 120 9.44 4.01 7.48
C ALA A 120 10.58 4.91 7.99
N ALA A 121 10.93 4.80 9.29
CA ALA A 121 12.07 5.55 9.88
C ALA A 121 13.38 5.03 9.29
N ASP A 122 13.47 3.71 9.11
CA ASP A 122 14.61 3.06 8.42
C ASP A 122 14.74 3.60 6.98
N GLY A 123 13.60 3.66 6.26
CA GLY A 123 13.54 4.22 4.92
C GLY A 123 13.98 5.69 4.87
N TYR A 124 13.64 6.45 5.94
CA TYR A 124 14.04 7.85 6.12
C TYR A 124 15.57 7.98 6.19
N GLN A 125 16.20 7.16 7.07
CA GLN A 125 17.67 7.19 7.31
C GLN A 125 18.47 7.20 5.99
N ARG A 126 17.99 6.42 5.01
CA ARG A 126 18.61 6.34 3.68
C ARG A 126 18.33 7.60 2.84
N CYS A 127 17.09 8.15 2.92
CA CYS A 127 16.66 9.31 2.08
C CYS A 127 17.41 10.60 2.45
N MET A 128 17.53 10.85 3.77
CA MET A 128 18.24 12.03 4.29
C MET A 128 19.74 11.95 3.97
N MET A 129 20.37 10.77 4.19
CA MET A 129 21.82 10.60 3.91
C MET A 129 22.08 10.51 2.40
N ALA A 130 21.03 10.26 1.58
CA ALA A 130 21.15 10.10 0.12
C ALA A 130 21.46 11.43 -0.58
N GLN A 131 20.85 12.52 -0.09
CA GLN A 131 21.16 13.88 -0.57
C GLN A 131 22.41 14.43 0.13
N TYR A 132 22.70 13.97 1.36
CA TYR A 132 23.89 14.38 2.14
C TYR A 132 24.98 13.29 2.01
N ASN A 133 25.08 12.69 0.81
CA ASN A 133 25.92 11.49 0.59
C ASN A 133 27.35 11.89 0.18
N MET A 1 -26.95 -0.29 -8.44
CA MET A 1 -25.64 -0.73 -7.89
C MET A 1 -25.85 -1.96 -7.00
N GLY A 2 -24.97 -2.98 -7.17
CA GLY A 2 -25.03 -4.21 -6.38
C GLY A 2 -26.25 -5.06 -6.69
N HIS A 3 -26.38 -5.44 -7.98
CA HIS A 3 -27.49 -6.27 -8.48
C HIS A 3 -27.29 -7.73 -8.00
N HIS A 4 -28.41 -8.43 -7.71
CA HIS A 4 -28.41 -9.67 -6.90
C HIS A 4 -27.81 -9.34 -5.51
N HIS A 5 -28.50 -8.41 -4.82
CA HIS A 5 -28.04 -7.87 -3.54
C HIS A 5 -28.29 -8.88 -2.42
N HIS A 6 -27.28 -9.74 -2.19
CA HIS A 6 -27.32 -10.78 -1.15
C HIS A 6 -27.34 -10.15 0.26
N HIS A 7 -28.55 -10.06 0.85
CA HIS A 7 -28.77 -9.48 2.18
C HIS A 7 -29.75 -10.38 2.96
N HIS A 8 -29.19 -11.44 3.54
CA HIS A 8 -29.87 -12.34 4.48
C HIS A 8 -28.88 -12.64 5.61
N SER A 9 -29.10 -13.74 6.37
CA SER A 9 -28.11 -14.25 7.34
C SER A 9 -26.86 -14.74 6.59
N HIS A 10 -25.97 -13.78 6.27
CA HIS A 10 -24.78 -13.99 5.43
C HIS A 10 -23.69 -14.76 6.20
N MET A 11 -23.64 -16.09 5.94
CA MET A 11 -22.64 -17.01 6.53
C MET A 11 -21.21 -16.57 6.16
N ASN A 12 -21.06 -16.10 4.90
CA ASN A 12 -19.86 -15.37 4.45
C ASN A 12 -19.86 -13.99 5.13
N PRO A 13 -18.92 -13.71 6.11
CA PRO A 13 -18.89 -12.42 6.85
C PRO A 13 -18.76 -11.20 5.92
N ASP A 14 -17.92 -11.37 4.89
CA ASP A 14 -17.69 -10.36 3.85
C ASP A 14 -17.03 -11.04 2.66
N LEU A 15 -17.77 -11.11 1.54
CA LEU A 15 -17.28 -11.75 0.30
C LEU A 15 -16.01 -11.03 -0.23
N ALA A 16 -15.93 -9.73 0.04
CA ALA A 16 -14.79 -8.88 -0.33
C ALA A 16 -13.48 -9.28 0.41
N LEU A 17 -13.59 -9.99 1.56
CA LEU A 17 -12.41 -10.47 2.31
C LEU A 17 -11.89 -11.78 1.68
N MET A 18 -12.74 -12.48 0.90
CA MET A 18 -12.39 -13.80 0.31
C MET A 18 -11.40 -13.61 -0.86
N VAL A 19 -11.59 -12.51 -1.59
CA VAL A 19 -10.80 -12.19 -2.80
C VAL A 19 -9.39 -11.64 -2.45
N LYS A 20 -9.24 -11.04 -1.25
CA LYS A 20 -7.92 -10.57 -0.79
C LYS A 20 -7.08 -11.76 -0.28
N ASN A 21 -7.77 -12.85 0.14
CA ASN A 21 -7.12 -14.11 0.57
C ASN A 21 -6.40 -14.78 -0.61
N LYS A 22 -7.11 -14.93 -1.75
CA LYS A 22 -6.53 -15.52 -2.97
C LYS A 22 -5.50 -14.54 -3.59
N GLY A 23 -5.68 -13.24 -3.28
CA GLY A 23 -4.74 -12.20 -3.70
C GLY A 23 -3.36 -12.39 -3.09
N ASN A 24 -3.33 -12.42 -1.76
CA ASN A 24 -2.09 -12.64 -0.97
C ASN A 24 -1.45 -14.01 -1.30
N GLU A 25 -2.31 -15.00 -1.59
CA GLU A 25 -1.90 -16.36 -1.92
C GLU A 25 -1.19 -16.41 -3.28
N CYS A 26 -1.85 -15.93 -4.36
CA CYS A 26 -1.31 -16.04 -5.73
C CYS A 26 0.06 -15.36 -5.88
N PHE A 27 0.18 -14.14 -5.30
CA PHE A 27 1.45 -13.38 -5.28
C PHE A 27 2.55 -14.20 -4.55
N GLN A 28 2.15 -14.85 -3.43
CA GLN A 28 3.00 -15.74 -2.62
C GLN A 28 3.39 -17.02 -3.42
N LYS A 29 2.59 -17.40 -4.46
CA LYS A 29 2.91 -18.57 -5.31
C LYS A 29 3.98 -18.17 -6.36
N GLY A 30 4.32 -16.87 -6.40
CA GLY A 30 5.31 -16.33 -7.32
C GLY A 30 4.68 -15.66 -8.54
N ASP A 31 3.45 -15.15 -8.37
CA ASP A 31 2.71 -14.46 -9.45
C ASP A 31 2.71 -12.94 -9.22
N TYR A 32 3.74 -12.26 -9.76
CA TYR A 32 3.96 -10.80 -9.59
C TYR A 32 3.08 -9.97 -10.58
N PRO A 33 3.04 -10.27 -11.94
CA PRO A 33 2.15 -9.53 -12.87
C PRO A 33 0.65 -9.84 -12.59
N GLN A 34 0.35 -11.15 -12.38
CA GLN A 34 -1.02 -11.62 -12.02
C GLN A 34 -1.51 -10.99 -10.71
N ALA A 35 -0.56 -10.56 -9.85
CA ALA A 35 -0.88 -9.82 -8.63
C ALA A 35 -1.57 -8.49 -8.94
N MET A 36 -1.10 -7.79 -9.98
CA MET A 36 -1.66 -6.49 -10.38
C MET A 36 -3.14 -6.65 -10.81
N LYS A 37 -3.44 -7.83 -11.40
CA LYS A 37 -4.79 -8.15 -11.94
C LYS A 37 -5.75 -8.66 -10.85
N HIS A 38 -5.27 -9.58 -10.00
CA HIS A 38 -6.14 -10.20 -8.95
C HIS A 38 -6.47 -9.20 -7.82
N TYR A 39 -5.68 -8.12 -7.72
CA TYR A 39 -6.02 -7.00 -6.82
C TYR A 39 -7.01 -6.03 -7.49
N THR A 40 -7.04 -5.98 -8.85
CA THR A 40 -8.04 -5.18 -9.60
C THR A 40 -9.48 -5.73 -9.39
N GLU A 41 -9.64 -7.07 -9.49
CA GLU A 41 -10.94 -7.75 -9.20
C GLU A 41 -11.32 -7.60 -7.71
N ALA A 42 -10.27 -7.49 -6.86
CA ALA A 42 -10.44 -7.29 -5.42
C ALA A 42 -10.95 -5.87 -5.10
N ILE A 43 -10.49 -4.86 -5.89
CA ILE A 43 -10.98 -3.46 -5.80
C ILE A 43 -12.51 -3.40 -6.08
N LYS A 44 -12.97 -4.26 -7.00
CA LYS A 44 -14.39 -4.36 -7.39
C LYS A 44 -15.26 -4.91 -6.24
N ARG A 45 -14.62 -5.60 -5.29
CA ARG A 45 -15.28 -6.20 -4.12
C ARG A 45 -15.23 -5.24 -2.92
N ASN A 46 -14.02 -4.69 -2.63
CA ASN A 46 -13.79 -3.75 -1.52
C ASN A 46 -13.15 -2.43 -2.03
N PRO A 47 -13.98 -1.50 -2.61
CA PRO A 47 -13.49 -0.20 -3.14
C PRO A 47 -13.16 0.84 -2.03
N LYS A 48 -13.31 0.43 -0.76
CA LYS A 48 -12.97 1.26 0.41
C LYS A 48 -11.60 0.85 0.99
N ASP A 49 -11.16 -0.38 0.67
CA ASP A 49 -10.02 -1.03 1.35
C ASP A 49 -8.68 -0.53 0.76
N ALA A 50 -8.08 0.44 1.47
CA ALA A 50 -6.87 1.18 1.05
C ALA A 50 -5.68 0.27 0.70
N LYS A 51 -5.40 -0.75 1.55
CA LYS A 51 -4.22 -1.62 1.36
C LYS A 51 -4.33 -2.45 0.07
N LEU A 52 -5.57 -2.73 -0.35
CA LEU A 52 -5.86 -3.49 -1.59
C LEU A 52 -5.45 -2.68 -2.84
N TYR A 53 -5.63 -1.35 -2.76
CA TYR A 53 -5.10 -0.41 -3.75
C TYR A 53 -3.57 -0.38 -3.68
N SER A 54 -3.06 -0.20 -2.45
CA SER A 54 -1.61 -0.10 -2.15
C SER A 54 -0.84 -1.37 -2.55
N ASN A 55 -1.56 -2.50 -2.68
CA ASN A 55 -0.99 -3.77 -3.17
C ASN A 55 -0.63 -3.65 -4.67
N ARG A 56 -1.46 -2.90 -5.43
CA ARG A 56 -1.19 -2.60 -6.84
C ARG A 56 0.06 -1.70 -6.96
N ALA A 57 0.19 -0.73 -6.02
CA ALA A 57 1.41 0.13 -5.91
C ALA A 57 2.65 -0.70 -5.57
N ALA A 58 2.47 -1.70 -4.68
CA ALA A 58 3.54 -2.64 -4.28
C ALA A 58 3.97 -3.54 -5.45
N CYS A 59 3.02 -3.80 -6.38
CA CYS A 59 3.32 -4.46 -7.64
C CYS A 59 4.12 -3.49 -8.55
N TYR A 60 3.58 -2.25 -8.73
CA TYR A 60 4.14 -1.23 -9.65
C TYR A 60 5.61 -0.90 -9.33
N THR A 61 5.94 -0.82 -8.03
CA THR A 61 7.33 -0.62 -7.58
C THR A 61 8.22 -1.79 -8.05
N LYS A 62 7.69 -3.03 -7.90
CA LYS A 62 8.40 -4.27 -8.25
C LYS A 62 8.56 -4.41 -9.78
N LEU A 63 7.62 -3.77 -10.50
CA LEU A 63 7.61 -3.77 -11.97
C LEU A 63 8.41 -2.57 -12.51
N LEU A 64 8.94 -1.71 -11.60
CA LEU A 64 9.72 -0.48 -11.93
C LEU A 64 8.82 0.65 -12.49
N GLU A 65 7.50 0.44 -12.43
CA GLU A 65 6.48 1.44 -12.80
C GLU A 65 6.15 2.35 -11.59
N PHE A 66 7.20 2.96 -11.01
CA PHE A 66 7.08 3.83 -9.82
C PHE A 66 6.17 5.06 -10.06
N GLN A 67 6.06 5.50 -11.33
CA GLN A 67 5.13 6.59 -11.73
C GLN A 67 3.68 6.19 -11.42
N LEU A 68 3.37 4.89 -11.64
CA LEU A 68 2.03 4.34 -11.39
C LEU A 68 1.85 4.12 -9.88
N ALA A 69 2.95 3.74 -9.20
CA ALA A 69 2.97 3.55 -7.72
C ALA A 69 2.73 4.87 -6.97
N LEU A 70 3.17 5.99 -7.58
CA LEU A 70 2.91 7.35 -7.06
C LEU A 70 1.39 7.62 -7.08
N LYS A 71 0.80 7.61 -8.30
CA LYS A 71 -0.63 7.97 -8.52
C LYS A 71 -1.58 6.98 -7.81
N ASP A 72 -1.17 5.71 -7.71
CA ASP A 72 -1.92 4.66 -6.99
C ASP A 72 -2.00 4.99 -5.49
N CYS A 73 -0.86 5.38 -4.91
CA CYS A 73 -0.79 5.80 -3.50
C CYS A 73 -1.50 7.15 -3.29
N GLU A 74 -1.53 7.99 -4.35
CA GLU A 74 -2.18 9.32 -4.32
C GLU A 74 -3.71 9.20 -4.28
N GLU A 75 -4.27 8.13 -4.85
CA GLU A 75 -5.73 7.87 -4.73
C GLU A 75 -6.01 7.13 -3.40
N CYS A 76 -5.11 6.19 -3.03
CA CYS A 76 -5.22 5.39 -1.78
C CYS A 76 -5.27 6.27 -0.52
N ILE A 77 -4.52 7.39 -0.56
CA ILE A 77 -4.45 8.36 0.55
C ILE A 77 -5.70 9.27 0.55
N GLN A 78 -6.39 9.41 -0.62
CA GLN A 78 -7.65 10.17 -0.70
C GLN A 78 -8.83 9.33 -0.18
N LEU A 79 -8.68 8.00 -0.27
CA LEU A 79 -9.63 7.03 0.31
C LEU A 79 -9.47 7.01 1.83
N GLU A 80 -8.23 6.78 2.25
CA GLU A 80 -7.85 6.64 3.65
C GLU A 80 -6.54 7.42 3.92
N PRO A 81 -6.63 8.70 4.40
CA PRO A 81 -5.45 9.53 4.75
C PRO A 81 -4.73 9.05 6.02
N THR A 82 -5.38 8.19 6.83
CA THR A 82 -4.75 7.59 8.01
C THR A 82 -4.21 6.19 7.69
N PHE A 83 -4.13 5.84 6.38
CA PHE A 83 -3.48 4.60 5.95
C PHE A 83 -1.94 4.78 6.04
N ILE A 84 -1.42 4.32 7.18
CA ILE A 84 -0.04 4.56 7.63
C ILE A 84 1.02 4.01 6.65
N LYS A 85 0.87 2.75 6.26
CA LYS A 85 1.87 2.05 5.44
C LYS A 85 1.68 2.33 3.94
N GLY A 86 0.69 3.19 3.60
CA GLY A 86 0.63 3.83 2.29
C GLY A 86 1.68 4.92 2.17
N TYR A 87 1.94 5.58 3.31
CA TYR A 87 3.05 6.54 3.46
C TYR A 87 4.40 5.85 3.27
N THR A 88 4.50 4.59 3.72
CA THR A 88 5.71 3.77 3.56
C THR A 88 5.96 3.46 2.05
N ARG A 89 4.87 3.21 1.29
CA ARG A 89 4.94 2.99 -0.18
C ARG A 89 5.39 4.28 -0.89
N LYS A 90 4.76 5.39 -0.45
CA LYS A 90 4.89 6.71 -1.06
C LYS A 90 6.32 7.22 -0.94
N ALA A 91 6.86 7.22 0.30
CA ALA A 91 8.22 7.70 0.61
C ALA A 91 9.30 6.88 -0.14
N ALA A 92 9.06 5.55 -0.26
CA ALA A 92 9.95 4.63 -0.98
C ALA A 92 10.03 4.98 -2.48
N ALA A 93 8.86 5.28 -3.07
CA ALA A 93 8.76 5.70 -4.47
C ALA A 93 9.41 7.08 -4.68
N LEU A 94 9.14 8.01 -3.74
CA LEU A 94 9.68 9.39 -3.75
C LEU A 94 11.21 9.39 -3.69
N GLU A 95 11.78 8.45 -2.92
CA GLU A 95 13.24 8.23 -2.83
C GLU A 95 13.84 7.83 -4.21
N ALA A 96 13.01 7.12 -5.02
CA ALA A 96 13.39 6.72 -6.38
C ALA A 96 13.08 7.85 -7.39
N MET A 97 12.43 8.94 -6.91
CA MET A 97 12.02 10.09 -7.76
C MET A 97 12.75 11.38 -7.33
N LYS A 98 13.75 11.24 -6.42
CA LYS A 98 14.59 12.35 -5.92
C LYS A 98 13.81 13.32 -5.01
N ASP A 99 12.57 12.96 -4.66
CA ASP A 99 11.65 13.77 -3.85
C ASP A 99 11.86 13.55 -2.34
N TYR A 100 13.15 13.42 -1.94
CA TYR A 100 13.55 13.24 -0.51
C TYR A 100 12.97 14.33 0.41
N THR A 101 12.83 15.54 -0.18
CA THR A 101 12.22 16.70 0.47
C THR A 101 10.77 16.43 0.86
N LYS A 102 10.03 15.71 -0.02
CA LYS A 102 8.62 15.30 0.25
C LYS A 102 8.62 14.12 1.21
N ALA A 103 9.52 13.15 0.92
CA ALA A 103 9.60 11.85 1.60
C ALA A 103 9.84 12.00 3.11
N MET A 104 10.71 12.95 3.49
CA MET A 104 11.04 13.22 4.92
C MET A 104 9.81 13.76 5.69
N ASP A 105 8.89 14.41 4.98
CA ASP A 105 7.61 14.86 5.56
C ASP A 105 6.59 13.71 5.59
N VAL A 106 6.77 12.72 4.69
CA VAL A 106 5.85 11.55 4.58
C VAL A 106 6.19 10.52 5.69
N TYR A 107 7.51 10.42 5.98
CA TYR A 107 8.05 9.60 7.08
C TYR A 107 7.63 10.21 8.44
N GLN A 108 7.70 11.56 8.50
CA GLN A 108 7.35 12.34 9.69
C GLN A 108 5.87 12.12 10.00
N LYS A 109 5.03 12.27 8.96
CA LYS A 109 3.59 11.99 9.04
C LYS A 109 3.29 10.54 9.39
N ALA A 110 4.10 9.59 8.91
CA ALA A 110 3.96 8.16 9.29
C ALA A 110 4.12 8.01 10.81
N LEU A 111 5.20 8.61 11.38
CA LEU A 111 5.44 8.63 12.85
C LEU A 111 4.35 9.43 13.60
N ASP A 112 3.86 10.48 12.94
CA ASP A 112 2.85 11.42 13.47
C ASP A 112 1.49 10.70 13.61
N LEU A 113 1.29 9.67 12.78
CA LEU A 113 0.14 8.76 12.89
C LEU A 113 0.46 7.68 13.96
N ASP A 114 1.68 7.12 13.90
CA ASP A 114 2.09 5.97 14.76
C ASP A 114 3.63 5.88 14.88
N SER A 115 4.11 5.83 16.14
CA SER A 115 5.55 5.76 16.46
C SER A 115 6.21 4.48 15.89
N SER A 116 5.45 3.37 15.87
CA SER A 116 5.91 2.07 15.35
C SER A 116 6.12 2.09 13.81
N CYS A 117 5.94 3.27 13.18
CA CYS A 117 6.40 3.54 11.81
C CYS A 117 7.92 3.80 11.75
N LYS A 118 8.66 3.45 12.84
CA LYS A 118 10.14 3.33 12.85
C LYS A 118 10.75 2.65 11.58
N GLU A 119 9.95 1.81 10.89
CA GLU A 119 10.28 1.22 9.55
C GLU A 119 10.76 2.30 8.54
N ALA A 120 10.08 3.46 8.56
CA ALA A 120 10.38 4.62 7.71
C ALA A 120 11.52 5.48 8.33
N ALA A 121 11.76 5.32 9.66
CA ALA A 121 12.82 6.05 10.37
C ALA A 121 14.19 5.54 9.94
N ASP A 122 14.30 4.21 9.79
CA ASP A 122 15.52 3.57 9.27
C ASP A 122 15.82 4.07 7.86
N GLY A 123 14.77 4.03 7.00
CA GLY A 123 14.86 4.48 5.60
C GLY A 123 15.14 5.98 5.46
N TYR A 124 14.68 6.76 6.46
CA TYR A 124 14.86 8.22 6.50
C TYR A 124 16.33 8.64 6.41
N GLN A 125 17.18 8.01 7.25
CA GLN A 125 18.63 8.30 7.31
C GLN A 125 19.27 8.32 5.90
N ARG A 126 18.82 7.41 5.00
CA ARG A 126 19.29 7.36 3.60
C ARG A 126 18.60 8.45 2.75
N CYS A 127 17.31 8.74 3.04
CA CYS A 127 16.50 9.69 2.24
C CYS A 127 17.08 11.11 2.34
N MET A 128 17.27 11.57 3.59
CA MET A 128 17.83 12.90 3.88
C MET A 128 19.28 13.02 3.33
N MET A 129 20.15 12.03 3.65
CA MET A 129 21.58 12.08 3.29
C MET A 129 21.78 12.05 1.78
N ALA A 130 20.83 11.41 1.05
CA ALA A 130 20.90 11.19 -0.41
C ALA A 130 21.10 12.51 -1.16
N GLN A 131 20.24 13.50 -0.87
CA GLN A 131 20.36 14.86 -1.42
C GLN A 131 21.54 15.61 -0.79
N TYR A 132 21.91 15.28 0.47
CA TYR A 132 23.01 15.97 1.18
C TYR A 132 24.34 15.20 1.05
N ASN A 133 24.57 14.57 -0.11
CA ASN A 133 25.81 13.86 -0.44
C ASN A 133 26.70 14.78 -1.34
N MET A 1 -11.24 4.62 5.26
CA MET A 1 -12.45 5.15 5.94
C MET A 1 -13.70 4.68 5.18
N GLY A 2 -14.50 3.83 5.83
CA GLY A 2 -15.79 3.38 5.30
C GLY A 2 -16.86 3.39 6.39
N HIS A 3 -17.88 2.53 6.26
CA HIS A 3 -19.01 2.47 7.22
C HIS A 3 -18.83 1.32 8.21
N HIS A 4 -19.20 1.56 9.48
CA HIS A 4 -19.18 0.54 10.55
C HIS A 4 -20.50 -0.29 10.54
N HIS A 5 -21.53 0.26 9.86
CA HIS A 5 -22.85 -0.41 9.71
C HIS A 5 -22.70 -1.71 8.89
N HIS A 6 -22.38 -2.80 9.61
CA HIS A 6 -22.18 -4.17 9.05
C HIS A 6 -22.83 -5.20 9.99
N HIS A 7 -23.87 -4.79 10.72
CA HIS A 7 -24.61 -5.66 11.65
C HIS A 7 -25.71 -6.46 10.89
N HIS A 8 -25.30 -7.02 9.75
CA HIS A 8 -26.08 -7.93 8.90
C HIS A 8 -25.09 -8.93 8.27
N SER A 9 -24.04 -9.27 9.04
CA SER A 9 -23.01 -10.23 8.61
C SER A 9 -23.62 -11.64 8.45
N HIS A 10 -23.75 -12.06 7.19
CA HIS A 10 -24.28 -13.39 6.81
C HIS A 10 -23.22 -14.50 7.06
N MET A 11 -23.50 -15.72 6.53
CA MET A 11 -22.57 -16.88 6.57
C MET A 11 -21.16 -16.46 6.12
N ASN A 12 -21.11 -15.79 4.96
CA ASN A 12 -19.95 -14.96 4.56
C ASN A 12 -20.24 -13.52 5.01
N PRO A 13 -19.48 -12.97 6.04
CA PRO A 13 -19.68 -11.58 6.53
C PRO A 13 -19.42 -10.54 5.41
N ASP A 14 -18.50 -10.90 4.48
CA ASP A 14 -18.24 -10.11 3.27
C ASP A 14 -17.43 -10.93 2.25
N LEU A 15 -18.02 -11.16 1.06
CA LEU A 15 -17.39 -11.91 -0.04
C LEU A 15 -16.09 -11.23 -0.51
N ALA A 16 -16.09 -9.89 -0.44
CA ALA A 16 -14.94 -9.05 -0.82
C ALA A 16 -13.73 -9.24 0.12
N LEU A 17 -13.96 -9.77 1.35
CA LEU A 17 -12.85 -10.08 2.27
C LEU A 17 -12.24 -11.45 1.90
N MET A 18 -13.02 -12.30 1.21
CA MET A 18 -12.58 -13.66 0.84
C MET A 18 -11.58 -13.61 -0.33
N VAL A 19 -11.84 -12.69 -1.28
CA VAL A 19 -11.04 -12.51 -2.50
C VAL A 19 -9.65 -11.89 -2.20
N LYS A 20 -9.57 -11.05 -1.16
CA LYS A 20 -8.32 -10.32 -0.84
C LYS A 20 -7.26 -11.28 -0.29
N ASN A 21 -7.70 -12.32 0.48
CA ASN A 21 -6.80 -13.35 1.06
C ASN A 21 -6.01 -14.08 -0.02
N LYS A 22 -6.71 -14.49 -1.10
CA LYS A 22 -6.09 -15.19 -2.22
C LYS A 22 -5.29 -14.20 -3.10
N GLY A 23 -5.77 -12.94 -3.17
CA GLY A 23 -5.06 -11.86 -3.88
C GLY A 23 -3.71 -11.54 -3.26
N ASN A 24 -3.64 -11.66 -1.91
CA ASN A 24 -2.39 -11.53 -1.15
C ASN A 24 -1.50 -12.76 -1.38
N GLU A 25 -2.10 -13.96 -1.29
CA GLU A 25 -1.35 -15.24 -1.37
C GLU A 25 -0.66 -15.38 -2.72
N CYS A 26 -1.28 -14.81 -3.78
CA CYS A 26 -0.76 -14.82 -5.16
C CYS A 26 0.68 -14.29 -5.25
N PHE A 27 0.96 -13.18 -4.54
CA PHE A 27 2.31 -12.61 -4.44
C PHE A 27 3.30 -13.67 -3.84
N GLN A 28 2.81 -14.34 -2.78
CA GLN A 28 3.53 -15.45 -2.11
C GLN A 28 3.63 -16.72 -3.00
N LYS A 29 2.81 -16.80 -4.08
CA LYS A 29 2.89 -17.92 -5.05
C LYS A 29 3.99 -17.61 -6.11
N GLY A 30 4.62 -16.42 -5.99
CA GLY A 30 5.72 -16.00 -6.87
C GLY A 30 5.30 -15.00 -7.92
N ASP A 31 4.04 -14.53 -7.83
CA ASP A 31 3.49 -13.53 -8.76
C ASP A 31 3.99 -12.13 -8.39
N TYR A 32 4.54 -11.41 -9.35
CA TYR A 32 4.84 -9.96 -9.22
C TYR A 32 3.89 -9.15 -10.16
N PRO A 33 3.81 -9.44 -11.53
CA PRO A 33 2.79 -8.82 -12.39
C PRO A 33 1.41 -9.48 -12.20
N GLN A 34 1.39 -10.81 -12.11
CA GLN A 34 0.14 -11.59 -12.00
C GLN A 34 -0.55 -11.35 -10.63
N ALA A 35 0.25 -10.94 -9.61
CA ALA A 35 -0.27 -10.50 -8.30
C ALA A 35 -1.11 -9.23 -8.46
N MET A 36 -0.71 -8.37 -9.45
CA MET A 36 -1.43 -7.13 -9.75
C MET A 36 -2.85 -7.43 -10.26
N LYS A 37 -2.96 -8.44 -11.14
CA LYS A 37 -4.25 -8.89 -11.72
C LYS A 37 -5.11 -9.60 -10.65
N HIS A 38 -4.44 -10.38 -9.80
CA HIS A 38 -5.09 -11.11 -8.67
C HIS A 38 -5.56 -10.17 -7.55
N TYR A 39 -4.97 -8.96 -7.47
CA TYR A 39 -5.51 -7.87 -6.63
C TYR A 39 -6.60 -7.07 -7.37
N THR A 40 -6.52 -6.98 -8.73
CA THR A 40 -7.47 -6.16 -9.53
C THR A 40 -8.93 -6.65 -9.33
N GLU A 41 -9.10 -7.99 -9.33
CA GLU A 41 -10.40 -8.64 -9.03
C GLU A 41 -10.93 -8.26 -7.64
N ALA A 42 -10.00 -8.09 -6.67
CA ALA A 42 -10.32 -7.68 -5.30
C ALA A 42 -10.69 -6.18 -5.24
N ILE A 43 -10.09 -5.34 -6.12
CA ILE A 43 -10.43 -3.89 -6.25
C ILE A 43 -11.87 -3.74 -6.83
N LYS A 44 -12.27 -4.70 -7.69
CA LYS A 44 -13.65 -4.74 -8.26
C LYS A 44 -14.69 -5.08 -7.17
N ARG A 45 -14.25 -5.84 -6.16
CA ARG A 45 -15.05 -6.25 -5.00
C ARG A 45 -15.14 -5.13 -3.95
N ASN A 46 -13.98 -4.58 -3.57
CA ASN A 46 -13.85 -3.54 -2.52
C ASN A 46 -12.93 -2.38 -2.99
N PRO A 47 -13.47 -1.42 -3.81
CA PRO A 47 -12.71 -0.21 -4.26
C PRO A 47 -12.65 0.87 -3.17
N LYS A 48 -13.25 0.56 -2.01
CA LYS A 48 -13.26 1.38 -0.80
C LYS A 48 -12.06 1.01 0.09
N ASP A 49 -11.55 -0.23 -0.08
CA ASP A 49 -10.53 -0.81 0.81
C ASP A 49 -9.15 -0.22 0.48
N ALA A 50 -8.63 0.62 1.38
CA ALA A 50 -7.40 1.38 1.17
C ALA A 50 -6.13 0.54 1.34
N LYS A 51 -6.17 -0.53 2.16
CA LYS A 51 -4.99 -1.38 2.38
C LYS A 51 -4.78 -2.31 1.18
N LEU A 52 -5.85 -2.54 0.42
CA LEU A 52 -5.79 -3.20 -0.89
C LEU A 52 -4.95 -2.34 -1.85
N TYR A 53 -5.13 -1.01 -1.76
CA TYR A 53 -4.34 -0.03 -2.52
C TYR A 53 -2.90 0.09 -1.96
N SER A 54 -2.69 0.02 -0.63
CA SER A 54 -1.31 0.12 -0.05
C SER A 54 -0.44 -1.08 -0.54
N ASN A 55 -1.13 -2.19 -0.89
CA ASN A 55 -0.51 -3.39 -1.51
C ASN A 55 -0.33 -3.21 -3.03
N ARG A 56 -1.21 -2.39 -3.66
CA ARG A 56 -1.09 -2.05 -5.09
C ARG A 56 0.17 -1.22 -5.36
N ALA A 57 0.29 -0.08 -4.65
CA ALA A 57 1.49 0.78 -4.68
C ALA A 57 2.78 0.00 -4.34
N ALA A 58 2.65 -0.93 -3.38
CA ALA A 58 3.76 -1.82 -2.94
C ALA A 58 4.17 -2.82 -4.04
N CYS A 59 3.22 -3.20 -4.90
CA CYS A 59 3.47 -4.15 -6.03
C CYS A 59 4.11 -3.42 -7.23
N TYR A 60 3.53 -2.24 -7.57
CA TYR A 60 3.91 -1.46 -8.78
C TYR A 60 5.38 -1.04 -8.76
N THR A 61 5.93 -0.83 -7.56
CA THR A 61 7.36 -0.52 -7.37
C THR A 61 8.27 -1.66 -7.89
N LYS A 62 7.84 -2.92 -7.68
CA LYS A 62 8.59 -4.13 -8.14
C LYS A 62 8.52 -4.24 -9.66
N LEU A 63 7.42 -3.74 -10.23
CA LEU A 63 7.21 -3.69 -11.68
C LEU A 63 7.88 -2.43 -12.29
N LEU A 64 8.50 -1.59 -11.41
CA LEU A 64 9.16 -0.32 -11.79
C LEU A 64 8.13 0.72 -12.31
N GLU A 65 6.83 0.43 -12.08
CA GLU A 65 5.68 1.27 -12.42
C GLU A 65 5.37 2.26 -11.27
N PHE A 66 6.41 3.01 -10.84
CA PHE A 66 6.30 4.00 -9.75
C PHE A 66 5.22 5.07 -10.05
N GLN A 67 4.97 5.36 -11.35
CA GLN A 67 3.90 6.27 -11.79
C GLN A 67 2.52 5.78 -11.32
N LEU A 68 2.34 4.43 -11.37
CA LEU A 68 1.10 3.79 -10.95
C LEU A 68 1.04 3.78 -9.41
N ALA A 69 2.20 3.56 -8.77
CA ALA A 69 2.35 3.57 -7.30
C ALA A 69 2.04 4.97 -6.71
N LEU A 70 2.32 6.03 -7.51
CA LEU A 70 1.98 7.42 -7.15
C LEU A 70 0.45 7.61 -7.19
N LYS A 71 -0.15 7.49 -8.40
CA LYS A 71 -1.60 7.75 -8.64
C LYS A 71 -2.50 6.88 -7.73
N ASP A 72 -2.01 5.66 -7.42
CA ASP A 72 -2.69 4.69 -6.56
C ASP A 72 -2.84 5.22 -5.13
N CYS A 73 -1.75 5.77 -4.57
CA CYS A 73 -1.76 6.37 -3.22
C CYS A 73 -2.48 7.73 -3.24
N GLU A 74 -2.51 8.42 -4.41
CA GLU A 74 -3.22 9.71 -4.58
C GLU A 74 -4.75 9.53 -4.55
N GLU A 75 -5.25 8.36 -4.96
CA GLU A 75 -6.68 8.01 -4.83
C GLU A 75 -6.96 7.35 -3.45
N CYS A 76 -5.98 6.56 -2.96
CA CYS A 76 -6.08 5.86 -1.64
C CYS A 76 -6.21 6.86 -0.47
N ILE A 77 -5.57 8.04 -0.61
CA ILE A 77 -5.62 9.12 0.40
C ILE A 77 -7.04 9.73 0.48
N GLN A 78 -7.81 9.62 -0.64
CA GLN A 78 -9.19 10.18 -0.69
C GLN A 78 -10.12 9.32 0.17
N LEU A 79 -9.88 8.00 0.12
CA LEU A 79 -10.64 7.00 0.89
C LEU A 79 -10.15 6.94 2.33
N GLU A 80 -8.84 7.11 2.51
CA GLU A 80 -8.15 6.91 3.78
C GLU A 80 -6.97 7.91 3.87
N PRO A 81 -7.18 9.10 4.52
CA PRO A 81 -6.11 10.12 4.65
C PRO A 81 -4.99 9.69 5.63
N THR A 82 -5.27 8.66 6.44
CA THR A 82 -4.37 8.15 7.49
C THR A 82 -3.76 6.78 7.12
N PHE A 83 -3.75 6.41 5.82
CA PHE A 83 -3.10 5.15 5.38
C PHE A 83 -1.56 5.21 5.66
N ILE A 84 -1.09 4.27 6.50
CA ILE A 84 0.27 4.32 7.09
C ILE A 84 1.31 3.62 6.19
N LYS A 85 0.97 2.39 5.74
CA LYS A 85 1.90 1.54 4.98
C LYS A 85 2.18 2.13 3.59
N GLY A 86 1.14 2.76 3.01
CA GLY A 86 1.26 3.45 1.73
C GLY A 86 2.19 4.65 1.79
N TYR A 87 2.43 5.20 3.01
CA TYR A 87 3.41 6.29 3.24
C TYR A 87 4.86 5.81 3.08
N THR A 88 5.13 4.56 3.47
CA THR A 88 6.47 3.95 3.29
C THR A 88 6.81 3.85 1.79
N ARG A 89 5.81 3.46 0.99
CA ARG A 89 5.94 3.29 -0.49
C ARG A 89 5.86 4.65 -1.21
N LYS A 90 5.16 5.62 -0.58
CA LYS A 90 5.10 7.02 -1.03
C LYS A 90 6.50 7.65 -0.95
N ALA A 91 7.12 7.50 0.24
CA ALA A 91 8.47 8.02 0.53
C ALA A 91 9.53 7.28 -0.30
N ALA A 92 9.29 5.98 -0.54
CA ALA A 92 10.18 5.13 -1.37
C ALA A 92 10.11 5.53 -2.85
N ALA A 93 8.91 5.92 -3.30
CA ALA A 93 8.69 6.40 -4.67
C ALA A 93 9.36 7.77 -4.87
N LEU A 94 9.09 8.70 -3.93
CA LEU A 94 9.66 10.06 -3.93
C LEU A 94 11.21 10.00 -3.90
N GLU A 95 11.75 9.05 -3.12
CA GLU A 95 13.21 8.76 -3.06
C GLU A 95 13.76 8.43 -4.47
N ALA A 96 12.95 7.67 -5.25
CA ALA A 96 13.33 7.29 -6.62
C ALA A 96 13.18 8.49 -7.57
N MET A 97 12.35 9.49 -7.17
CA MET A 97 12.11 10.71 -7.95
C MET A 97 13.09 11.83 -7.50
N LYS A 98 14.02 11.46 -6.57
CA LYS A 98 15.06 12.36 -5.99
C LYS A 98 14.47 13.40 -5.01
N ASP A 99 13.19 13.23 -4.66
CA ASP A 99 12.44 14.14 -3.76
C ASP A 99 12.55 13.69 -2.31
N TYR A 100 13.80 13.56 -1.84
CA TYR A 100 14.14 13.26 -0.43
C TYR A 100 13.53 14.32 0.51
N THR A 101 13.51 15.55 -0.02
CA THR A 101 12.93 16.72 0.61
C THR A 101 11.43 16.51 0.94
N LYS A 102 10.72 15.75 0.09
CA LYS A 102 9.29 15.44 0.27
C LYS A 102 9.12 14.16 1.10
N ALA A 103 9.99 13.17 0.81
CA ALA A 103 9.97 11.84 1.44
C ALA A 103 10.15 11.93 2.97
N MET A 104 11.04 12.84 3.40
CA MET A 104 11.35 13.07 4.82
C MET A 104 10.14 13.62 5.60
N ASP A 105 9.19 14.26 4.90
CA ASP A 105 7.91 14.66 5.50
C ASP A 105 7.01 13.43 5.65
N VAL A 106 7.05 12.53 4.65
CA VAL A 106 6.08 11.43 4.52
C VAL A 106 6.37 10.33 5.58
N TYR A 107 7.67 10.03 5.78
CA TYR A 107 8.13 9.07 6.82
C TYR A 107 7.71 9.58 8.22
N GLN A 108 7.83 10.92 8.39
CA GLN A 108 7.56 11.62 9.65
C GLN A 108 6.07 11.50 9.97
N LYS A 109 5.25 11.75 8.93
CA LYS A 109 3.79 11.70 9.02
C LYS A 109 3.29 10.25 9.16
N ALA A 110 4.09 9.27 8.69
CA ALA A 110 3.84 7.84 8.94
C ALA A 110 4.03 7.53 10.44
N LEU A 111 5.17 8.01 11.00
CA LEU A 111 5.48 7.85 12.44
C LEU A 111 4.50 8.65 13.32
N ASP A 112 3.97 9.74 12.74
CA ASP A 112 3.03 10.67 13.39
C ASP A 112 1.65 9.99 13.59
N LEU A 113 1.38 8.96 12.76
CA LEU A 113 0.20 8.09 12.89
C LEU A 113 0.53 6.94 13.85
N ASP A 114 1.53 6.12 13.48
CA ASP A 114 2.03 5.00 14.31
C ASP A 114 3.54 4.80 14.06
N SER A 115 4.33 4.93 15.15
CA SER A 115 5.78 4.68 15.14
C SER A 115 6.12 3.27 14.59
N SER A 116 5.17 2.34 14.74
CA SER A 116 5.25 0.95 14.23
C SER A 116 5.67 0.88 12.74
N CYS A 117 5.47 1.98 12.00
CA CYS A 117 5.92 2.13 10.59
C CYS A 117 7.45 2.41 10.47
N LYS A 118 8.26 2.12 11.53
CA LYS A 118 9.76 2.29 11.51
C LYS A 118 10.48 1.88 10.19
N GLU A 119 9.86 1.01 9.36
CA GLU A 119 10.34 0.71 7.98
C GLU A 119 10.60 2.01 7.16
N ALA A 120 9.68 2.98 7.26
CA ALA A 120 9.82 4.32 6.66
C ALA A 120 10.95 5.15 7.34
N ALA A 121 11.23 4.88 8.63
CA ALA A 121 12.29 5.60 9.39
C ALA A 121 13.66 5.14 8.90
N ASP A 122 13.77 3.84 8.61
CA ASP A 122 14.95 3.23 7.96
C ASP A 122 15.16 3.87 6.57
N GLY A 123 14.03 4.07 5.85
CA GLY A 123 14.02 4.76 4.56
C GLY A 123 14.52 6.21 4.66
N TYR A 124 14.22 6.88 5.79
CA TYR A 124 14.71 8.25 6.06
C TYR A 124 16.24 8.30 6.14
N GLN A 125 16.85 7.37 6.90
CA GLN A 125 18.32 7.30 7.04
C GLN A 125 19.04 7.23 5.67
N ARG A 126 18.32 6.76 4.63
CA ARG A 126 18.79 6.86 3.24
C ARG A 126 18.48 8.27 2.67
N CYS A 127 17.25 8.79 2.90
CA CYS A 127 16.76 10.04 2.27
C CYS A 127 17.62 11.26 2.67
N MET A 128 17.93 11.37 3.99
CA MET A 128 18.74 12.47 4.53
C MET A 128 20.17 12.47 3.93
N MET A 129 20.81 11.29 3.86
CA MET A 129 22.19 11.18 3.36
C MET A 129 22.24 11.30 1.83
N ALA A 130 21.14 10.88 1.17
CA ALA A 130 21.04 10.80 -0.30
C ALA A 130 21.14 12.17 -0.97
N GLN A 131 20.44 13.17 -0.39
CA GLN A 131 20.52 14.58 -0.84
C GLN A 131 21.90 15.20 -0.52
N TYR A 132 22.62 14.63 0.48
CA TYR A 132 23.96 15.09 0.88
C TYR A 132 25.04 14.16 0.30
N ASN A 133 24.79 13.65 -0.91
CA ASN A 133 25.74 12.83 -1.69
C ASN A 133 26.09 13.57 -3.00
N MET A 1 -39.36 1.92 -7.21
CA MET A 1 -38.48 2.03 -6.04
C MET A 1 -37.82 0.67 -5.73
N GLY A 2 -36.49 0.62 -5.80
CA GLY A 2 -35.72 -0.61 -5.57
C GLY A 2 -34.34 -0.34 -4.99
N HIS A 3 -34.18 0.81 -4.30
CA HIS A 3 -32.93 1.18 -3.62
C HIS A 3 -32.84 0.49 -2.23
N HIS A 4 -32.89 -0.85 -2.26
CA HIS A 4 -32.77 -1.70 -1.08
C HIS A 4 -31.91 -2.91 -1.44
N HIS A 5 -31.10 -3.36 -0.48
CA HIS A 5 -30.36 -4.63 -0.58
C HIS A 5 -31.25 -5.75 -0.05
N HIS A 6 -30.93 -6.99 -0.46
CA HIS A 6 -31.60 -8.23 0.04
C HIS A 6 -31.18 -8.47 1.50
N HIS A 7 -31.30 -9.73 1.97
CA HIS A 7 -30.74 -10.16 3.28
C HIS A 7 -29.23 -9.81 3.39
N HIS A 8 -28.74 -9.67 4.64
CA HIS A 8 -27.30 -9.50 4.94
C HIS A 8 -26.47 -10.65 4.33
N SER A 9 -25.16 -10.41 4.09
CA SER A 9 -24.24 -11.41 3.48
C SER A 9 -24.22 -12.73 4.30
N HIS A 10 -23.77 -13.82 3.65
CA HIS A 10 -23.61 -15.15 4.29
C HIS A 10 -22.76 -15.04 5.58
N MET A 11 -23.00 -15.96 6.53
CA MET A 11 -22.47 -15.87 7.92
C MET A 11 -20.92 -15.91 8.00
N ASN A 12 -20.28 -16.31 6.89
CA ASN A 12 -18.83 -16.10 6.67
C ASN A 12 -18.50 -14.58 6.76
N PRO A 13 -17.33 -14.17 7.38
CA PRO A 13 -17.05 -12.73 7.73
C PRO A 13 -17.35 -11.75 6.57
N ASP A 14 -16.79 -12.04 5.36
CA ASP A 14 -17.21 -11.41 4.10
C ASP A 14 -16.41 -11.99 2.91
N LEU A 15 -17.11 -12.44 1.86
CA LEU A 15 -16.50 -13.04 0.66
C LEU A 15 -15.54 -12.04 -0.05
N ALA A 16 -15.85 -10.73 0.05
CA ALA A 16 -14.99 -9.67 -0.54
C ALA A 16 -13.62 -9.57 0.14
N LEU A 17 -13.49 -10.07 1.39
CA LEU A 17 -12.16 -10.11 2.06
C LEU A 17 -11.42 -11.41 1.68
N MET A 18 -12.16 -12.40 1.13
CA MET A 18 -11.60 -13.71 0.73
C MET A 18 -10.89 -13.64 -0.63
N VAL A 19 -11.36 -12.72 -1.51
CA VAL A 19 -10.74 -12.50 -2.84
C VAL A 19 -9.32 -11.91 -2.71
N LYS A 20 -9.09 -11.09 -1.68
CA LYS A 20 -7.77 -10.49 -1.41
C LYS A 20 -6.85 -11.50 -0.71
N ASN A 21 -7.44 -12.50 -0.02
CA ASN A 21 -6.69 -13.58 0.66
C ASN A 21 -6.06 -14.52 -0.37
N LYS A 22 -6.88 -14.96 -1.35
CA LYS A 22 -6.40 -15.79 -2.46
C LYS A 22 -5.58 -14.94 -3.45
N GLY A 23 -5.84 -13.62 -3.41
CA GLY A 23 -5.01 -12.64 -4.07
C GLY A 23 -3.57 -12.66 -3.55
N ASN A 24 -3.46 -12.63 -2.22
CA ASN A 24 -2.18 -12.75 -1.50
C ASN A 24 -1.48 -14.08 -1.81
N GLU A 25 -2.26 -15.20 -1.89
CA GLU A 25 -1.67 -16.55 -2.07
C GLU A 25 -1.11 -16.69 -3.49
N CYS A 26 -1.79 -16.11 -4.50
CA CYS A 26 -1.30 -16.12 -5.91
C CYS A 26 -0.03 -15.26 -6.05
N PHE A 27 -0.06 -14.07 -5.42
CA PHE A 27 1.09 -13.14 -5.35
C PHE A 27 2.29 -13.84 -4.66
N GLN A 28 1.97 -14.72 -3.69
CA GLN A 28 2.94 -15.53 -2.93
C GLN A 28 3.55 -16.63 -3.82
N LYS A 29 2.87 -16.99 -4.93
CA LYS A 29 3.42 -17.96 -5.91
C LYS A 29 4.43 -17.25 -6.84
N GLY A 30 4.48 -15.90 -6.73
CA GLY A 30 5.41 -15.07 -7.48
C GLY A 30 4.78 -14.38 -8.68
N ASP A 31 3.46 -14.55 -8.85
CA ASP A 31 2.72 -13.93 -9.96
C ASP A 31 2.49 -12.44 -9.67
N TYR A 32 3.42 -11.59 -10.11
CA TYR A 32 3.33 -10.11 -9.94
C TYR A 32 2.37 -9.45 -10.98
N PRO A 33 2.40 -9.81 -12.33
CA PRO A 33 1.40 -9.29 -13.29
C PRO A 33 -0.02 -9.70 -12.87
N GLN A 34 -0.22 -11.03 -12.68
CA GLN A 34 -1.51 -11.62 -12.33
C GLN A 34 -2.01 -11.10 -10.96
N ALA A 35 -1.05 -10.73 -10.06
CA ALA A 35 -1.36 -10.03 -8.80
C ALA A 35 -2.06 -8.72 -9.06
N MET A 36 -1.48 -7.94 -9.98
CA MET A 36 -1.93 -6.57 -10.26
C MET A 36 -3.31 -6.61 -10.96
N LYS A 37 -3.58 -7.73 -11.67
CA LYS A 37 -4.90 -8.01 -12.27
C LYS A 37 -5.95 -8.32 -11.18
N HIS A 38 -5.71 -9.36 -10.36
CA HIS A 38 -6.74 -9.85 -9.40
C HIS A 38 -6.99 -8.88 -8.22
N TYR A 39 -6.06 -7.96 -7.94
CA TYR A 39 -6.30 -6.89 -6.95
C TYR A 39 -7.29 -5.84 -7.52
N THR A 40 -7.33 -5.71 -8.86
CA THR A 40 -8.32 -4.85 -9.57
C THR A 40 -9.76 -5.39 -9.39
N GLU A 41 -9.93 -6.73 -9.46
CA GLU A 41 -11.26 -7.36 -9.29
C GLU A 41 -11.66 -7.40 -7.80
N ALA A 42 -10.65 -7.33 -6.92
CA ALA A 42 -10.87 -7.21 -5.48
C ALA A 42 -11.31 -5.76 -5.13
N ILE A 43 -10.90 -4.78 -5.95
CA ILE A 43 -11.44 -3.39 -5.90
C ILE A 43 -12.95 -3.40 -6.25
N LYS A 44 -13.36 -4.29 -7.18
CA LYS A 44 -14.79 -4.45 -7.58
C LYS A 44 -15.63 -5.08 -6.45
N ARG A 45 -14.93 -5.68 -5.47
CA ARG A 45 -15.55 -6.31 -4.28
C ARG A 45 -15.52 -5.36 -3.07
N ASN A 46 -14.44 -4.58 -2.95
CA ASN A 46 -14.28 -3.57 -1.88
C ASN A 46 -13.55 -2.30 -2.41
N PRO A 47 -14.31 -1.33 -3.03
CA PRO A 47 -13.73 -0.06 -3.53
C PRO A 47 -13.42 0.95 -2.40
N LYS A 48 -13.99 0.70 -1.21
CA LYS A 48 -13.71 1.49 0.01
C LYS A 48 -12.38 1.09 0.67
N ASP A 49 -11.87 -0.11 0.30
CA ASP A 49 -10.65 -0.67 0.90
C ASP A 49 -9.41 -0.09 0.20
N ALA A 50 -8.86 1.00 0.77
CA ALA A 50 -7.74 1.76 0.20
C ALA A 50 -6.42 0.98 0.22
N LYS A 51 -6.30 0.01 1.15
CA LYS A 51 -5.09 -0.81 1.26
C LYS A 51 -4.95 -1.71 0.03
N LEU A 52 -6.11 -2.06 -0.56
CA LEU A 52 -6.20 -2.93 -1.74
C LEU A 52 -5.72 -2.20 -3.01
N TYR A 53 -5.89 -0.86 -3.00
CA TYR A 53 -5.29 0.01 -4.00
C TYR A 53 -3.77 -0.05 -3.87
N SER A 54 -3.27 0.18 -2.62
CA SER A 54 -1.82 0.20 -2.32
C SER A 54 -1.12 -1.16 -2.58
N ASN A 55 -1.91 -2.26 -2.63
CA ASN A 55 -1.43 -3.61 -3.04
C ASN A 55 -0.87 -3.59 -4.47
N ARG A 56 -1.47 -2.73 -5.32
CA ARG A 56 -1.05 -2.53 -6.71
C ARG A 56 0.36 -1.91 -6.74
N ALA A 57 0.60 -0.88 -5.88
CA ALA A 57 1.94 -0.23 -5.74
C ALA A 57 2.99 -1.22 -5.23
N ALA A 58 2.55 -2.11 -4.33
CA ALA A 58 3.39 -3.17 -3.75
C ALA A 58 3.86 -4.16 -4.83
N CYS A 59 3.08 -4.31 -5.91
CA CYS A 59 3.49 -5.05 -7.11
C CYS A 59 4.37 -4.14 -8.01
N TYR A 60 3.87 -2.90 -8.26
CA TYR A 60 4.40 -1.93 -9.27
C TYR A 60 5.87 -1.64 -9.07
N THR A 61 6.33 -1.61 -7.82
CA THR A 61 7.73 -1.40 -7.49
C THR A 61 8.63 -2.48 -8.16
N LYS A 62 8.26 -3.76 -7.98
CA LYS A 62 9.04 -4.89 -8.55
C LYS A 62 8.75 -5.07 -10.03
N LEU A 63 7.65 -4.47 -10.51
CA LEU A 63 7.32 -4.41 -11.94
C LEU A 63 8.00 -3.21 -12.62
N LEU A 64 8.73 -2.38 -11.81
CA LEU A 64 9.42 -1.16 -12.29
C LEU A 64 8.42 -0.10 -12.81
N GLU A 65 7.12 -0.28 -12.46
CA GLU A 65 6.03 0.64 -12.79
C GLU A 65 5.83 1.68 -11.67
N PHE A 66 6.97 2.24 -11.19
CA PHE A 66 7.00 3.21 -10.10
C PHE A 66 6.12 4.46 -10.39
N GLN A 67 5.95 4.81 -11.69
CA GLN A 67 5.06 5.92 -12.11
C GLN A 67 3.61 5.64 -11.67
N LEU A 68 3.21 4.37 -11.82
CA LEU A 68 1.86 3.91 -11.47
C LEU A 68 1.74 3.80 -9.93
N ALA A 69 2.86 3.40 -9.29
CA ALA A 69 2.98 3.29 -7.82
C ALA A 69 2.82 4.65 -7.13
N LEU A 70 3.28 5.74 -7.81
CA LEU A 70 3.08 7.12 -7.33
C LEU A 70 1.58 7.46 -7.28
N LYS A 71 0.91 7.44 -8.46
CA LYS A 71 -0.51 7.87 -8.59
C LYS A 71 -1.48 6.98 -7.78
N ASP A 72 -1.11 5.69 -7.65
CA ASP A 72 -1.87 4.72 -6.87
C ASP A 72 -1.83 5.06 -5.37
N CYS A 73 -0.63 5.40 -4.88
CA CYS A 73 -0.44 5.78 -3.47
C CYS A 73 -1.05 7.17 -3.18
N GLU A 74 -1.11 8.03 -4.23
CA GLU A 74 -1.74 9.36 -4.15
C GLU A 74 -3.27 9.24 -4.00
N GLU A 75 -3.90 8.34 -4.77
CA GLU A 75 -5.36 8.16 -4.70
C GLU A 75 -5.77 7.39 -3.42
N CYS A 76 -4.86 6.52 -2.93
CA CYS A 76 -5.05 5.76 -1.68
C CYS A 76 -5.24 6.68 -0.45
N ILE A 77 -4.66 7.91 -0.51
CA ILE A 77 -4.80 8.92 0.55
C ILE A 77 -6.25 9.46 0.58
N GLN A 78 -6.91 9.49 -0.60
CA GLN A 78 -8.25 10.09 -0.75
C GLN A 78 -9.32 9.19 -0.09
N LEU A 79 -9.04 7.88 -0.04
CA LEU A 79 -9.94 6.89 0.56
C LEU A 79 -9.57 6.62 2.03
N GLU A 80 -8.26 6.66 2.34
CA GLU A 80 -7.78 6.49 3.74
C GLU A 80 -6.57 7.41 4.00
N PRO A 81 -6.78 8.56 4.73
CA PRO A 81 -5.71 9.53 5.04
C PRO A 81 -4.71 9.05 6.12
N THR A 82 -5.08 8.03 6.91
CA THR A 82 -4.21 7.51 7.99
C THR A 82 -3.61 6.14 7.66
N PHE A 83 -3.63 5.75 6.36
CA PHE A 83 -3.02 4.47 5.94
C PHE A 83 -1.48 4.60 5.99
N ILE A 84 -0.93 4.19 7.14
CA ILE A 84 0.49 4.38 7.50
C ILE A 84 1.43 3.66 6.52
N LYS A 85 1.00 2.48 6.05
CA LYS A 85 1.78 1.67 5.09
C LYS A 85 1.80 2.33 3.70
N GLY A 86 0.77 3.15 3.43
CA GLY A 86 0.75 3.99 2.23
C GLY A 86 1.83 5.04 2.28
N TYR A 87 2.07 5.60 3.48
CA TYR A 87 3.15 6.58 3.72
C TYR A 87 4.55 5.91 3.71
N THR A 88 4.59 4.62 4.14
CA THR A 88 5.84 3.83 4.14
C THR A 88 6.26 3.47 2.68
N ARG A 89 5.24 3.31 1.79
CA ARG A 89 5.45 3.06 0.35
C ARG A 89 5.66 4.36 -0.44
N LYS A 90 4.95 5.43 -0.04
CA LYS A 90 4.95 6.72 -0.77
C LYS A 90 6.34 7.35 -0.73
N ALA A 91 6.89 7.48 0.49
CA ALA A 91 8.18 8.12 0.74
C ALA A 91 9.34 7.30 0.15
N ALA A 92 9.18 5.96 0.16
CA ALA A 92 10.15 5.04 -0.48
C ALA A 92 10.20 5.25 -2.01
N ALA A 93 9.03 5.51 -2.59
CA ALA A 93 8.88 5.80 -4.02
C ALA A 93 9.46 7.20 -4.35
N LEU A 94 9.14 8.19 -3.49
CA LEU A 94 9.61 9.59 -3.64
C LEU A 94 11.15 9.65 -3.58
N GLU A 95 11.75 8.80 -2.74
CA GLU A 95 13.21 8.60 -2.68
C GLU A 95 13.75 8.16 -4.06
N ALA A 96 12.99 7.28 -4.75
CA ALA A 96 13.36 6.76 -6.07
C ALA A 96 13.03 7.78 -7.19
N MET A 97 12.43 8.93 -6.80
CA MET A 97 12.08 10.04 -7.74
C MET A 97 12.86 11.32 -7.40
N LYS A 98 13.95 11.17 -6.59
CA LYS A 98 14.84 12.28 -6.17
C LYS A 98 14.14 13.30 -5.23
N ASP A 99 12.90 13.00 -4.80
CA ASP A 99 12.09 13.91 -3.96
C ASP A 99 12.34 13.64 -2.48
N TYR A 100 13.63 13.55 -2.10
CA TYR A 100 14.08 13.32 -0.72
C TYR A 100 13.44 14.29 0.28
N THR A 101 13.27 15.56 -0.13
CA THR A 101 12.58 16.58 0.66
C THR A 101 11.15 16.13 1.01
N LYS A 102 10.42 15.62 -0.02
CA LYS A 102 9.01 15.24 0.10
C LYS A 102 8.87 13.89 0.80
N ALA A 103 9.90 13.04 0.62
CA ALA A 103 9.96 11.72 1.24
C ALA A 103 10.05 11.85 2.75
N MET A 104 11.02 12.68 3.20
CA MET A 104 11.26 12.94 4.63
C MET A 104 10.02 13.49 5.35
N ASP A 105 9.18 14.25 4.62
CA ASP A 105 7.88 14.74 5.13
C ASP A 105 6.95 13.55 5.40
N VAL A 106 6.93 12.60 4.46
CA VAL A 106 5.96 11.48 4.44
C VAL A 106 6.36 10.36 5.42
N TYR A 107 7.69 10.20 5.67
CA TYR A 107 8.20 9.31 6.73
C TYR A 107 7.76 9.87 8.10
N GLN A 108 7.93 11.20 8.26
CA GLN A 108 7.55 11.93 9.50
C GLN A 108 6.04 11.78 9.73
N LYS A 109 5.24 11.86 8.65
CA LYS A 109 3.79 11.64 8.70
C LYS A 109 3.46 10.22 9.16
N ALA A 110 4.20 9.21 8.66
CA ALA A 110 4.05 7.80 9.09
C ALA A 110 4.37 7.66 10.61
N LEU A 111 5.39 8.42 11.08
CA LEU A 111 5.79 8.46 12.50
C LEU A 111 4.75 9.23 13.35
N ASP A 112 4.08 10.21 12.72
CA ASP A 112 3.10 11.10 13.39
C ASP A 112 1.79 10.34 13.63
N LEU A 113 1.44 9.49 12.65
CA LEU A 113 0.29 8.59 12.74
C LEU A 113 0.51 7.54 13.85
N ASP A 114 1.73 6.96 13.87
CA ASP A 114 2.14 6.00 14.90
C ASP A 114 3.68 5.93 14.99
N SER A 115 4.22 6.22 16.19
CA SER A 115 5.67 6.20 16.48
C SER A 115 6.31 4.86 16.10
N SER A 116 5.62 3.74 16.43
CA SER A 116 6.11 2.36 16.22
C SER A 116 6.30 2.02 14.72
N CYS A 117 5.92 2.96 13.82
CA CYS A 117 6.28 2.91 12.39
C CYS A 117 7.74 3.40 12.16
N LYS A 118 8.57 3.44 13.24
CA LYS A 118 10.05 3.77 13.19
C LYS A 118 10.85 3.17 11.98
N GLU A 119 10.33 2.13 11.29
CA GLU A 119 10.95 1.60 10.04
C GLU A 119 11.07 2.73 8.96
N ALA A 120 10.09 3.65 8.98
CA ALA A 120 10.07 4.86 8.16
C ALA A 120 11.14 5.88 8.63
N ALA A 121 11.47 5.85 9.94
CA ALA A 121 12.50 6.76 10.50
C ALA A 121 13.90 6.36 10.02
N ASP A 122 14.09 5.04 9.83
CA ASP A 122 15.34 4.49 9.27
C ASP A 122 15.48 4.90 7.79
N GLY A 123 14.35 4.87 7.07
CA GLY A 123 14.27 5.33 5.67
C GLY A 123 14.42 6.84 5.53
N TYR A 124 14.01 7.57 6.60
CA TYR A 124 14.16 9.04 6.70
C TYR A 124 15.64 9.43 6.64
N GLN A 125 16.47 8.82 7.52
CA GLN A 125 17.93 9.01 7.53
C GLN A 125 18.56 8.73 6.15
N ARG A 126 17.98 7.76 5.42
CA ARG A 126 18.46 7.37 4.09
C ARG A 126 18.11 8.43 3.02
N CYS A 127 17.01 9.18 3.19
CA CYS A 127 16.59 10.21 2.21
C CYS A 127 17.33 11.53 2.45
N MET A 128 17.43 11.97 3.72
CA MET A 128 18.14 13.20 4.08
C MET A 128 19.64 13.10 3.67
N MET A 129 20.27 11.94 3.95
CA MET A 129 21.69 11.71 3.60
C MET A 129 21.88 11.71 2.07
N ALA A 130 20.86 11.22 1.34
CA ALA A 130 20.93 11.02 -0.12
C ALA A 130 21.10 12.34 -0.88
N GLN A 131 20.37 13.38 -0.42
CA GLN A 131 20.54 14.75 -0.95
C GLN A 131 21.82 15.41 -0.40
N TYR A 132 22.27 14.99 0.80
CA TYR A 132 23.50 15.53 1.43
C TYR A 132 24.71 14.60 1.15
N ASN A 133 24.75 14.03 -0.06
CA ASN A 133 25.88 13.20 -0.55
C ASN A 133 26.58 13.96 -1.70
N MET A 1 -4.12 -8.24 15.60
CA MET A 1 -5.25 -7.84 14.71
C MET A 1 -6.60 -8.35 15.25
N GLY A 2 -6.65 -8.61 16.57
CA GLY A 2 -7.90 -8.99 17.26
C GLY A 2 -8.38 -10.39 16.94
N HIS A 3 -7.44 -11.30 16.63
CA HIS A 3 -7.73 -12.70 16.23
C HIS A 3 -8.72 -12.71 15.04
N HIS A 4 -8.19 -12.34 13.85
CA HIS A 4 -9.00 -12.24 12.62
C HIS A 4 -9.33 -13.64 12.08
N HIS A 5 -8.34 -14.56 12.17
CA HIS A 5 -8.52 -15.96 11.78
C HIS A 5 -9.11 -16.75 12.96
N HIS A 6 -10.44 -16.91 12.92
CA HIS A 6 -11.17 -17.82 13.82
C HIS A 6 -11.19 -19.24 13.21
N HIS A 7 -11.32 -20.29 14.06
CA HIS A 7 -11.42 -21.68 13.59
C HIS A 7 -12.66 -21.89 12.70
N HIS A 8 -12.42 -21.85 11.38
CA HIS A 8 -13.37 -22.20 10.31
C HIS A 8 -14.71 -21.46 10.48
N SER A 9 -14.63 -20.13 10.50
CA SER A 9 -15.81 -19.26 10.64
C SER A 9 -16.62 -19.29 9.32
N HIS A 10 -17.57 -20.25 9.24
CA HIS A 10 -18.42 -20.44 8.03
C HIS A 10 -19.71 -19.60 8.17
N MET A 11 -19.54 -18.38 8.68
CA MET A 11 -20.56 -17.33 8.68
C MET A 11 -20.35 -16.47 7.44
N ASN A 12 -19.05 -16.28 7.09
CA ASN A 12 -18.58 -15.35 6.06
C ASN A 12 -19.21 -13.95 6.28
N PRO A 13 -18.61 -13.13 7.20
CA PRO A 13 -19.11 -11.77 7.50
C PRO A 13 -19.02 -10.83 6.27
N ASP A 14 -18.10 -11.18 5.34
CA ASP A 14 -17.83 -10.40 4.14
C ASP A 14 -16.93 -11.21 3.20
N LEU A 15 -17.51 -11.76 2.12
CA LEU A 15 -16.77 -12.58 1.12
C LEU A 15 -15.65 -11.77 0.44
N ALA A 16 -15.80 -10.43 0.42
CA ALA A 16 -14.80 -9.51 -0.12
C ALA A 16 -13.48 -9.58 0.68
N LEU A 17 -13.55 -9.90 1.98
CA LEU A 17 -12.34 -10.00 2.82
C LEU A 17 -11.56 -11.29 2.47
N MET A 18 -12.22 -12.24 1.79
CA MET A 18 -11.63 -13.55 1.46
C MET A 18 -10.75 -13.42 0.20
N VAL A 19 -11.24 -12.64 -0.79
CA VAL A 19 -10.57 -12.49 -2.10
C VAL A 19 -9.28 -11.64 -2.02
N LYS A 20 -9.17 -10.76 -1.01
CA LYS A 20 -7.94 -9.96 -0.78
C LYS A 20 -6.80 -10.87 -0.27
N ASN A 21 -7.17 -11.91 0.52
CA ASN A 21 -6.23 -12.84 1.19
C ASN A 21 -5.46 -13.68 0.17
N LYS A 22 -6.20 -14.22 -0.81
CA LYS A 22 -5.62 -15.00 -1.92
C LYS A 22 -4.86 -14.09 -2.89
N GLY A 23 -5.36 -12.84 -3.05
CA GLY A 23 -4.69 -11.82 -3.86
C GLY A 23 -3.24 -11.54 -3.46
N ASN A 24 -3.03 -11.14 -2.18
CA ASN A 24 -1.70 -10.88 -1.61
C ASN A 24 -0.82 -12.14 -1.56
N GLU A 25 -1.46 -13.32 -1.42
CA GLU A 25 -0.73 -14.61 -1.40
C GLU A 25 -0.20 -14.92 -2.81
N CYS A 26 -0.98 -14.59 -3.88
CA CYS A 26 -0.57 -14.81 -5.28
C CYS A 26 0.68 -13.97 -5.60
N PHE A 27 0.65 -12.70 -5.17
CA PHE A 27 1.79 -11.77 -5.23
C PHE A 27 3.05 -12.43 -4.61
N GLN A 28 2.84 -13.00 -3.41
CA GLN A 28 3.86 -13.72 -2.63
C GLN A 28 4.37 -14.98 -3.38
N LYS A 29 3.52 -15.59 -4.26
CA LYS A 29 3.92 -16.82 -5.00
C LYS A 29 4.93 -16.46 -6.12
N GLY A 30 5.02 -15.15 -6.47
CA GLY A 30 5.85 -14.70 -7.57
C GLY A 30 5.01 -14.17 -8.73
N ASP A 31 3.69 -14.24 -8.59
CA ASP A 31 2.73 -13.71 -9.57
C ASP A 31 2.51 -12.22 -9.29
N TYR A 32 3.55 -11.40 -9.51
CA TYR A 32 3.46 -9.94 -9.29
C TYR A 32 2.48 -9.27 -10.30
N PRO A 33 2.63 -9.45 -11.67
CA PRO A 33 1.67 -8.84 -12.66
C PRO A 33 0.24 -9.38 -12.46
N GLN A 34 0.11 -10.72 -12.37
CA GLN A 34 -1.17 -11.42 -12.17
C GLN A 34 -1.88 -10.95 -10.88
N ALA A 35 -1.08 -10.61 -9.84
CA ALA A 35 -1.58 -10.12 -8.55
C ALA A 35 -2.43 -8.86 -8.74
N MET A 36 -2.04 -7.98 -9.70
CA MET A 36 -2.77 -6.72 -9.96
C MET A 36 -4.20 -7.03 -10.37
N LYS A 37 -4.32 -8.02 -11.25
CA LYS A 37 -5.58 -8.47 -11.83
C LYS A 37 -6.41 -9.26 -10.79
N HIS A 38 -5.71 -9.90 -9.84
CA HIS A 38 -6.34 -10.53 -8.67
C HIS A 38 -6.89 -9.45 -7.70
N TYR A 39 -6.20 -8.29 -7.65
CA TYR A 39 -6.63 -7.13 -6.84
C TYR A 39 -7.76 -6.39 -7.53
N THR A 40 -7.81 -6.41 -8.89
CA THR A 40 -8.87 -5.75 -9.68
C THR A 40 -10.24 -6.33 -9.31
N GLU A 41 -10.27 -7.68 -9.20
CA GLU A 41 -11.41 -8.44 -8.72
C GLU A 41 -11.79 -8.01 -7.30
N ALA A 42 -10.77 -7.90 -6.43
CA ALA A 42 -10.95 -7.51 -5.03
C ALA A 42 -11.38 -6.02 -4.90
N ILE A 43 -11.07 -5.18 -5.91
CA ILE A 43 -11.48 -3.75 -5.95
C ILE A 43 -13.00 -3.67 -6.24
N LYS A 44 -13.49 -4.61 -7.06
CA LYS A 44 -14.94 -4.77 -7.35
C LYS A 44 -15.70 -5.19 -6.08
N ARG A 45 -14.98 -5.88 -5.18
CA ARG A 45 -15.54 -6.44 -3.94
C ARG A 45 -15.42 -5.44 -2.77
N ASN A 46 -14.29 -4.71 -2.72
CA ASN A 46 -13.95 -3.83 -1.57
C ASN A 46 -13.11 -2.59 -1.98
N PRO A 47 -13.75 -1.55 -2.62
CA PRO A 47 -13.05 -0.32 -3.08
C PRO A 47 -12.62 0.60 -1.91
N LYS A 48 -13.14 0.34 -0.70
CA LYS A 48 -12.83 1.13 0.51
C LYS A 48 -11.41 0.78 1.03
N ASP A 49 -10.97 -0.45 0.71
CA ASP A 49 -9.74 -1.04 1.23
C ASP A 49 -8.48 -0.52 0.51
N ALA A 50 -7.80 0.39 1.21
CA ALA A 50 -6.56 1.05 0.77
C ALA A 50 -5.41 0.05 0.50
N LYS A 51 -5.33 -1.05 1.27
CA LYS A 51 -4.24 -2.05 1.13
C LYS A 51 -4.24 -2.73 -0.24
N LEU A 52 -5.42 -2.81 -0.89
CA LEU A 52 -5.53 -3.37 -2.25
C LEU A 52 -4.80 -2.46 -3.26
N TYR A 53 -4.99 -1.14 -3.11
CA TYR A 53 -4.37 -0.11 -3.98
C TYR A 53 -2.89 0.10 -3.65
N SER A 54 -2.52 -0.12 -2.38
CA SER A 54 -1.14 -0.01 -1.91
C SER A 54 -0.31 -1.23 -2.37
N ASN A 55 -0.99 -2.39 -2.55
CA ASN A 55 -0.38 -3.61 -3.12
C ASN A 55 -0.28 -3.50 -4.65
N ARG A 56 -1.22 -2.77 -5.27
CA ARG A 56 -1.15 -2.40 -6.70
C ARG A 56 0.11 -1.54 -6.94
N ALA A 57 0.28 -0.52 -6.09
CA ALA A 57 1.45 0.39 -6.11
C ALA A 57 2.75 -0.37 -5.84
N ALA A 58 2.71 -1.28 -4.84
CA ALA A 58 3.85 -2.12 -4.44
C ALA A 58 4.18 -3.16 -5.52
N CYS A 59 3.23 -3.41 -6.43
CA CYS A 59 3.45 -4.23 -7.62
C CYS A 59 4.14 -3.41 -8.72
N TYR A 60 3.60 -2.21 -8.99
CA TYR A 60 4.09 -1.32 -10.06
C TYR A 60 5.56 -0.92 -9.87
N THR A 61 6.01 -0.82 -8.61
CA THR A 61 7.44 -0.63 -8.29
C THR A 61 8.26 -1.81 -8.88
N LYS A 62 7.75 -3.03 -8.65
CA LYS A 62 8.44 -4.28 -9.02
C LYS A 62 8.38 -4.51 -10.54
N LEU A 63 7.40 -3.87 -11.19
CA LEU A 63 7.21 -3.91 -12.65
C LEU A 63 7.83 -2.66 -13.33
N LEU A 64 8.62 -1.87 -12.54
CA LEU A 64 9.35 -0.67 -13.04
C LEU A 64 8.39 0.50 -13.42
N GLU A 65 7.08 0.33 -13.16
CA GLU A 65 6.04 1.35 -13.39
C GLU A 65 5.84 2.20 -12.12
N PHE A 66 6.97 2.71 -11.58
CA PHE A 66 6.98 3.56 -10.36
C PHE A 66 6.09 4.81 -10.51
N GLN A 67 5.88 5.26 -11.77
CA GLN A 67 4.97 6.37 -12.11
C GLN A 67 3.54 6.01 -11.68
N LEU A 68 3.13 4.74 -11.95
CA LEU A 68 1.79 4.25 -11.61
C LEU A 68 1.70 3.91 -10.11
N ALA A 69 2.85 3.58 -9.52
CA ALA A 69 2.98 3.39 -8.07
C ALA A 69 2.73 4.70 -7.31
N LEU A 70 3.14 5.84 -7.92
CA LEU A 70 2.78 7.18 -7.43
C LEU A 70 1.25 7.37 -7.51
N LYS A 71 0.67 7.00 -8.68
CA LYS A 71 -0.77 7.22 -9.00
C LYS A 71 -1.69 6.50 -7.99
N ASP A 72 -1.39 5.22 -7.72
CA ASP A 72 -2.18 4.36 -6.81
C ASP A 72 -2.15 4.87 -5.36
N CYS A 73 -0.97 5.32 -4.90
CA CYS A 73 -0.82 5.83 -3.53
C CYS A 73 -1.46 7.24 -3.36
N GLU A 74 -1.38 8.09 -4.41
CA GLU A 74 -1.86 9.49 -4.33
C GLU A 74 -3.40 9.58 -4.39
N GLU A 75 -4.06 8.53 -4.92
CA GLU A 75 -5.53 8.40 -4.88
C GLU A 75 -5.96 7.68 -3.58
N CYS A 76 -5.12 6.71 -3.14
CA CYS A 76 -5.37 5.88 -1.92
C CYS A 76 -5.42 6.73 -0.64
N ILE A 77 -4.74 7.90 -0.67
CA ILE A 77 -4.72 8.88 0.45
C ILE A 77 -6.14 9.49 0.65
N GLN A 78 -6.94 9.54 -0.43
CA GLN A 78 -8.32 10.07 -0.38
C GLN A 78 -9.26 9.06 0.31
N LEU A 79 -8.96 7.76 0.14
CA LEU A 79 -9.76 6.66 0.73
C LEU A 79 -9.38 6.45 2.20
N GLU A 80 -8.07 6.53 2.48
CA GLU A 80 -7.52 6.33 3.82
C GLU A 80 -6.22 7.16 3.98
N PRO A 81 -6.31 8.39 4.59
CA PRO A 81 -5.14 9.30 4.77
C PRO A 81 -4.21 8.88 5.92
N THR A 82 -4.65 7.95 6.78
CA THR A 82 -3.84 7.44 7.90
C THR A 82 -3.34 6.00 7.61
N PHE A 83 -3.36 5.60 6.32
CA PHE A 83 -2.83 4.30 5.90
C PHE A 83 -1.28 4.32 5.89
N ILE A 84 -0.70 3.72 6.94
CA ILE A 84 0.76 3.69 7.19
C ILE A 84 1.56 3.11 6.01
N LYS A 85 1.15 1.92 5.56
CA LYS A 85 1.89 1.16 4.53
C LYS A 85 1.91 1.88 3.18
N GLY A 86 0.84 2.64 2.89
CA GLY A 86 0.74 3.43 1.67
C GLY A 86 1.75 4.57 1.67
N TYR A 87 1.93 5.19 2.86
CA TYR A 87 2.89 6.27 3.09
C TYR A 87 4.35 5.78 2.99
N THR A 88 4.63 4.59 3.53
CA THR A 88 6.01 4.05 3.58
C THR A 88 6.47 3.56 2.19
N ARG A 89 5.51 3.06 1.38
CA ARG A 89 5.78 2.62 -0.02
C ARG A 89 5.85 3.83 -0.97
N LYS A 90 5.03 4.86 -0.69
CA LYS A 90 4.99 6.10 -1.48
C LYS A 90 6.29 6.87 -1.34
N ALA A 91 6.73 7.08 -0.09
CA ALA A 91 7.96 7.80 0.24
C ALA A 91 9.20 7.05 -0.27
N ALA A 92 9.11 5.70 -0.33
CA ALA A 92 10.14 4.85 -0.93
C ALA A 92 10.27 5.15 -2.44
N ALA A 93 9.11 5.30 -3.11
CA ALA A 93 9.06 5.66 -4.54
C ALA A 93 9.61 7.08 -4.77
N LEU A 94 9.21 8.03 -3.89
CA LEU A 94 9.66 9.44 -3.93
C LEU A 94 11.19 9.53 -3.84
N GLU A 95 11.77 8.72 -2.94
CA GLU A 95 13.22 8.58 -2.79
C GLU A 95 13.90 8.20 -4.14
N ALA A 96 13.21 7.35 -4.94
CA ALA A 96 13.72 6.90 -6.25
C ALA A 96 13.59 8.02 -7.30
N MET A 97 12.70 9.00 -7.05
CA MET A 97 12.45 10.15 -7.95
C MET A 97 13.38 11.33 -7.60
N LYS A 98 14.35 11.08 -6.67
CA LYS A 98 15.26 12.11 -6.10
C LYS A 98 14.51 13.09 -5.16
N ASP A 99 13.23 12.79 -4.85
CA ASP A 99 12.37 13.64 -3.99
C ASP A 99 12.59 13.32 -2.50
N TYR A 100 13.86 13.23 -2.07
CA TYR A 100 14.25 12.97 -0.66
C TYR A 100 13.55 13.92 0.32
N THR A 101 13.45 15.20 -0.11
CA THR A 101 12.81 16.28 0.64
C THR A 101 11.30 16.05 0.82
N LYS A 102 10.66 15.42 -0.19
CA LYS A 102 9.21 15.13 -0.18
C LYS A 102 8.94 13.80 0.52
N ALA A 103 9.90 12.89 0.38
CA ALA A 103 9.84 11.53 0.94
C ALA A 103 9.87 11.60 2.46
N MET A 104 10.87 12.36 2.98
CA MET A 104 11.09 12.53 4.43
C MET A 104 9.86 13.08 5.15
N ASP A 105 9.06 13.89 4.40
CA ASP A 105 7.78 14.42 4.90
C ASP A 105 6.81 13.28 5.14
N VAL A 106 6.75 12.35 4.17
CA VAL A 106 5.76 11.26 4.15
C VAL A 106 6.18 10.13 5.13
N TYR A 107 7.51 10.02 5.39
CA TYR A 107 8.06 9.13 6.46
C TYR A 107 7.66 9.69 7.85
N GLN A 108 7.86 11.01 8.02
CA GLN A 108 7.52 11.74 9.26
C GLN A 108 6.01 11.59 9.54
N LYS A 109 5.20 11.77 8.48
CA LYS A 109 3.74 11.61 8.54
C LYS A 109 3.35 10.18 8.93
N ALA A 110 4.02 9.17 8.32
CA ALA A 110 3.80 7.75 8.63
C ALA A 110 4.07 7.43 10.12
N LEU A 111 5.14 8.05 10.67
CA LEU A 111 5.49 7.99 12.11
C LEU A 111 4.40 8.69 12.97
N ASP A 112 3.90 9.83 12.46
CA ASP A 112 2.86 10.64 13.14
C ASP A 112 1.51 9.89 13.18
N LEU A 113 1.31 8.95 12.24
CA LEU A 113 0.12 8.08 12.23
C LEU A 113 0.15 7.15 13.46
N ASP A 114 1.31 6.47 13.65
CA ASP A 114 1.53 5.55 14.80
C ASP A 114 3.04 5.22 14.91
N SER A 115 3.57 5.17 16.15
CA SER A 115 5.02 4.98 16.41
C SER A 115 5.53 3.60 15.91
N SER A 116 4.64 2.57 15.92
CA SER A 116 4.97 1.21 15.42
C SER A 116 5.18 1.20 13.87
N CYS A 117 5.11 2.40 13.24
CA CYS A 117 5.57 2.66 11.86
C CYS A 117 7.09 2.99 11.80
N LYS A 118 7.87 2.68 12.87
CA LYS A 118 9.37 2.85 12.92
C LYS A 118 10.14 2.50 11.59
N GLU A 119 9.55 1.65 10.72
CA GLU A 119 10.11 1.33 9.38
C GLU A 119 10.37 2.61 8.54
N ALA A 120 9.47 3.60 8.72
CA ALA A 120 9.56 4.92 8.09
C ALA A 120 10.63 5.81 8.74
N ALA A 121 10.98 5.52 10.02
CA ALA A 121 12.04 6.27 10.72
C ALA A 121 13.40 5.94 10.09
N ASP A 122 13.60 4.65 9.76
CA ASP A 122 14.76 4.17 8.99
C ASP A 122 14.80 4.88 7.63
N GLY A 123 13.64 4.88 6.94
CA GLY A 123 13.50 5.50 5.63
C GLY A 123 13.78 7.01 5.64
N TYR A 124 13.47 7.67 6.77
CA TYR A 124 13.75 9.11 6.97
C TYR A 124 15.27 9.37 7.01
N GLN A 125 15.98 8.74 7.98
CA GLN A 125 17.47 8.84 8.08
C GLN A 125 18.16 8.47 6.75
N ARG A 126 17.54 7.54 6.02
CA ARG A 126 17.99 7.08 4.70
C ARG A 126 17.85 8.20 3.63
N CYS A 127 16.75 8.98 3.67
CA CYS A 127 16.48 10.00 2.63
C CYS A 127 17.24 11.31 2.88
N MET A 128 17.39 11.69 4.18
CA MET A 128 18.13 12.90 4.55
C MET A 128 19.63 12.76 4.24
N MET A 129 20.21 11.55 4.48
CA MET A 129 21.62 11.30 4.13
C MET A 129 21.80 11.22 2.61
N ALA A 130 20.75 10.77 1.90
CA ALA A 130 20.78 10.52 0.44
C ALA A 130 20.99 11.83 -0.36
N GLN A 131 20.49 12.95 0.17
CA GLN A 131 20.75 14.28 -0.39
C GLN A 131 22.07 14.87 0.17
N TYR A 132 22.44 14.48 1.41
CA TYR A 132 23.66 15.00 2.09
C TYR A 132 24.85 14.04 1.90
N ASN A 133 25.04 13.56 0.65
CA ASN A 133 26.17 12.70 0.25
C ASN A 133 27.48 13.50 0.29
N MET A 1 1.12 -2.23 20.84
CA MET A 1 2.11 -2.54 19.80
C MET A 1 2.11 -4.05 19.51
N GLY A 2 2.30 -4.40 18.23
CA GLY A 2 2.42 -5.79 17.79
C GLY A 2 1.12 -6.59 17.88
N HIS A 3 0.93 -7.31 19.01
CA HIS A 3 -0.15 -8.30 19.14
C HIS A 3 -1.50 -7.67 19.57
N HIS A 4 -2.55 -8.01 18.82
CA HIS A 4 -3.97 -7.78 19.14
C HIS A 4 -4.76 -8.93 18.49
N HIS A 5 -5.66 -9.56 19.23
CA HIS A 5 -6.45 -10.71 18.72
C HIS A 5 -7.44 -10.23 17.63
N HIS A 6 -7.75 -11.12 16.67
CA HIS A 6 -8.68 -10.85 15.56
C HIS A 6 -10.13 -10.72 16.08
N HIS A 7 -11.03 -10.21 15.21
CA HIS A 7 -12.47 -10.06 15.52
C HIS A 7 -13.12 -11.42 15.85
N HIS A 8 -14.23 -11.39 16.60
CA HIS A 8 -14.98 -12.60 16.99
C HIS A 8 -15.63 -13.27 15.77
N SER A 9 -15.82 -14.60 15.90
CA SER A 9 -16.14 -15.51 14.79
C SER A 9 -17.46 -15.15 14.08
N HIS A 10 -17.43 -15.17 12.74
CA HIS A 10 -18.60 -15.02 11.86
C HIS A 10 -18.46 -15.94 10.65
N MET A 11 -19.61 -16.35 10.09
CA MET A 11 -19.70 -17.23 8.91
C MET A 11 -18.98 -16.60 7.71
N ASN A 12 -19.44 -15.40 7.33
CA ASN A 12 -18.74 -14.52 6.37
C ASN A 12 -18.71 -13.11 6.97
N PRO A 13 -17.59 -12.70 7.65
CA PRO A 13 -17.45 -11.32 8.17
C PRO A 13 -17.41 -10.30 7.01
N ASP A 14 -16.75 -10.72 5.91
CA ASP A 14 -16.51 -9.88 4.73
C ASP A 14 -15.89 -10.75 3.61
N LEU A 15 -16.64 -10.95 2.49
CA LEU A 15 -16.16 -11.73 1.33
C LEU A 15 -14.89 -11.08 0.72
N ALA A 16 -14.86 -9.75 0.80
CA ALA A 16 -13.72 -8.93 0.36
C ALA A 16 -12.43 -9.28 1.13
N LEU A 17 -12.58 -9.78 2.38
CA LEU A 17 -11.44 -10.19 3.19
C LEU A 17 -10.92 -11.54 2.69
N MET A 18 -11.81 -12.37 2.09
CA MET A 18 -11.46 -13.72 1.62
C MET A 18 -10.62 -13.61 0.33
N VAL A 19 -11.07 -12.75 -0.60
CA VAL A 19 -10.44 -12.58 -1.93
C VAL A 19 -9.06 -11.87 -1.84
N LYS A 20 -8.90 -10.98 -0.83
CA LYS A 20 -7.69 -10.13 -0.70
C LYS A 20 -6.47 -10.96 -0.23
N ASN A 21 -6.73 -12.00 0.60
CA ASN A 21 -5.68 -12.75 1.32
C ASN A 21 -4.76 -13.51 0.34
N LYS A 22 -5.38 -14.19 -0.65
CA LYS A 22 -4.64 -14.87 -1.72
C LYS A 22 -4.08 -13.86 -2.74
N GLY A 23 -4.75 -12.69 -2.85
CA GLY A 23 -4.35 -11.63 -3.78
C GLY A 23 -2.95 -11.11 -3.52
N ASN A 24 -2.68 -10.73 -2.27
CA ASN A 24 -1.36 -10.24 -1.84
C ASN A 24 -0.31 -11.36 -1.81
N GLU A 25 -0.74 -12.60 -1.48
CA GLU A 25 0.20 -13.72 -1.36
C GLU A 25 0.68 -14.18 -2.74
N CYS A 26 -0.16 -14.02 -3.80
CA CYS A 26 0.19 -14.38 -5.20
C CYS A 26 1.53 -13.74 -5.65
N PHE A 27 1.69 -12.46 -5.32
CA PHE A 27 2.94 -11.70 -5.53
C PHE A 27 4.13 -12.43 -4.88
N GLN A 28 3.90 -12.87 -3.63
CA GLN A 28 4.88 -13.63 -2.82
C GLN A 28 5.10 -15.06 -3.37
N LYS A 29 4.18 -15.56 -4.23
CA LYS A 29 4.34 -16.87 -4.90
C LYS A 29 5.19 -16.70 -6.19
N GLY A 30 5.60 -15.44 -6.48
CA GLY A 30 6.37 -15.11 -7.67
C GLY A 30 5.49 -14.57 -8.79
N ASP A 31 4.16 -14.60 -8.59
CA ASP A 31 3.18 -14.13 -9.58
C ASP A 31 2.87 -12.64 -9.34
N TYR A 32 3.81 -11.78 -9.78
CA TYR A 32 3.68 -10.30 -9.68
C TYR A 32 2.43 -9.78 -10.47
N PRO A 33 2.24 -10.14 -11.80
CA PRO A 33 1.08 -9.64 -12.58
C PRO A 33 -0.25 -10.27 -12.12
N GLN A 34 -0.25 -11.59 -11.83
CA GLN A 34 -1.46 -12.33 -11.39
C GLN A 34 -2.02 -11.77 -10.09
N ALA A 35 -1.10 -11.34 -9.19
CA ALA A 35 -1.45 -10.61 -7.96
C ALA A 35 -2.21 -9.32 -8.29
N MET A 36 -1.73 -8.61 -9.33
CA MET A 36 -2.22 -7.28 -9.73
C MET A 36 -3.61 -7.40 -10.39
N LYS A 37 -3.78 -8.49 -11.17
CA LYS A 37 -5.05 -8.83 -11.83
C LYS A 37 -6.07 -9.32 -10.78
N HIS A 38 -5.55 -9.97 -9.73
CA HIS A 38 -6.37 -10.44 -8.61
C HIS A 38 -6.73 -9.27 -7.69
N TYR A 39 -5.92 -8.21 -7.70
CA TYR A 39 -6.25 -6.97 -6.99
C TYR A 39 -7.44 -6.29 -7.67
N THR A 40 -7.49 -6.30 -9.01
CA THR A 40 -8.59 -5.67 -9.77
C THR A 40 -9.97 -6.25 -9.35
N GLU A 41 -10.06 -7.60 -9.26
CA GLU A 41 -11.30 -8.30 -8.83
C GLU A 41 -11.54 -8.14 -7.31
N ALA A 42 -10.44 -7.94 -6.54
CA ALA A 42 -10.51 -7.66 -5.08
C ALA A 42 -11.15 -6.28 -4.84
N ILE A 43 -10.73 -5.27 -5.63
CA ILE A 43 -11.21 -3.85 -5.53
C ILE A 43 -12.75 -3.78 -5.76
N LYS A 44 -13.29 -4.71 -6.58
CA LYS A 44 -14.74 -4.80 -6.85
C LYS A 44 -15.51 -5.13 -5.55
N ARG A 45 -14.86 -5.96 -4.71
CA ARG A 45 -15.38 -6.39 -3.40
C ARG A 45 -15.08 -5.32 -2.33
N ASN A 46 -13.87 -4.75 -2.37
CA ASN A 46 -13.37 -3.80 -1.37
C ASN A 46 -12.88 -2.49 -2.06
N PRO A 47 -13.82 -1.54 -2.39
CA PRO A 47 -13.46 -0.24 -2.97
C PRO A 47 -12.88 0.75 -1.94
N LYS A 48 -13.07 0.45 -0.63
CA LYS A 48 -12.63 1.34 0.48
C LYS A 48 -11.26 0.93 1.03
N ASP A 49 -10.84 -0.33 0.78
CA ASP A 49 -9.56 -0.86 1.27
C ASP A 49 -8.39 -0.31 0.44
N ALA A 50 -7.99 0.94 0.78
CA ALA A 50 -6.90 1.68 0.11
C ALA A 50 -5.54 0.98 0.26
N LYS A 51 -5.42 0.09 1.26
CA LYS A 51 -4.21 -0.71 1.47
C LYS A 51 -4.07 -1.81 0.37
N LEU A 52 -5.22 -2.30 -0.18
CA LEU A 52 -5.24 -3.26 -1.33
C LEU A 52 -4.67 -2.59 -2.59
N TYR A 53 -5.09 -1.33 -2.77
CA TYR A 53 -4.57 -0.45 -3.82
C TYR A 53 -3.05 -0.24 -3.62
N SER A 54 -2.67 0.03 -2.35
CA SER A 54 -1.27 0.27 -1.93
C SER A 54 -0.39 -0.98 -2.13
N ASN A 55 -1.00 -2.18 -2.04
CA ASN A 55 -0.31 -3.46 -2.29
C ASN A 55 0.03 -3.58 -3.79
N ARG A 56 -0.92 -3.16 -4.63
CA ARG A 56 -0.77 -3.13 -6.09
C ARG A 56 0.32 -2.11 -6.50
N ALA A 57 0.32 -0.97 -5.79
CA ALA A 57 1.35 0.09 -5.94
C ALA A 57 2.74 -0.43 -5.51
N ALA A 58 2.74 -1.31 -4.48
CA ALA A 58 3.96 -1.99 -3.96
C ALA A 58 4.46 -3.07 -4.94
N CYS A 59 3.56 -3.57 -5.80
CA CYS A 59 3.91 -4.47 -6.92
C CYS A 59 4.54 -3.64 -8.06
N TYR A 60 3.96 -2.45 -8.33
CA TYR A 60 4.44 -1.52 -9.39
C TYR A 60 5.89 -1.04 -9.16
N THR A 61 6.39 -1.11 -7.92
CA THR A 61 7.80 -0.82 -7.63
C THR A 61 8.70 -1.88 -8.32
N LYS A 62 8.26 -3.15 -8.23
CA LYS A 62 8.98 -4.32 -8.79
C LYS A 62 8.82 -4.40 -10.31
N LEU A 63 7.78 -3.73 -10.81
CA LEU A 63 7.51 -3.56 -12.24
C LEU A 63 8.12 -2.23 -12.76
N LEU A 64 8.76 -1.46 -11.83
CA LEU A 64 9.47 -0.18 -12.12
C LEU A 64 8.49 0.94 -12.61
N GLU A 65 7.18 0.69 -12.47
CA GLU A 65 6.11 1.63 -12.83
C GLU A 65 5.72 2.46 -11.60
N PHE A 66 6.72 3.15 -11.02
CA PHE A 66 6.53 4.06 -9.87
C PHE A 66 5.51 5.17 -10.21
N GLN A 67 5.40 5.50 -11.52
CA GLN A 67 4.38 6.43 -12.05
C GLN A 67 2.96 6.05 -11.58
N LEU A 68 2.68 4.73 -11.62
CA LEU A 68 1.37 4.18 -11.26
C LEU A 68 1.22 4.14 -9.73
N ALA A 69 2.34 3.85 -9.05
CA ALA A 69 2.40 3.82 -7.57
C ALA A 69 2.10 5.20 -6.94
N LEU A 70 2.54 6.27 -7.63
CA LEU A 70 2.31 7.68 -7.22
C LEU A 70 0.81 8.04 -7.33
N LYS A 71 0.27 7.92 -8.56
CA LYS A 71 -1.13 8.33 -8.87
C LYS A 71 -2.16 7.46 -8.13
N ASP A 72 -1.79 6.17 -7.91
CA ASP A 72 -2.59 5.24 -7.10
C ASP A 72 -2.68 5.76 -5.66
N CYS A 73 -1.53 6.20 -5.10
CA CYS A 73 -1.48 6.79 -3.74
C CYS A 73 -2.31 8.09 -3.67
N GLU A 74 -2.34 8.86 -4.78
CA GLU A 74 -3.09 10.14 -4.84
C GLU A 74 -4.63 9.97 -4.86
N GLU A 75 -5.13 8.85 -5.40
CA GLU A 75 -6.58 8.55 -5.37
C GLU A 75 -6.96 7.82 -4.07
N CYS A 76 -6.09 6.90 -3.64
CA CYS A 76 -6.29 6.06 -2.44
C CYS A 76 -6.21 6.86 -1.14
N ILE A 77 -5.50 8.00 -1.19
CA ILE A 77 -5.43 8.95 -0.06
C ILE A 77 -6.83 9.57 0.16
N GLN A 78 -7.65 9.66 -0.92
CA GLN A 78 -9.00 10.28 -0.85
C GLN A 78 -9.99 9.34 -0.14
N LEU A 79 -9.72 8.02 -0.25
CA LEU A 79 -10.53 6.96 0.41
C LEU A 79 -10.09 6.78 1.87
N GLU A 80 -8.80 6.51 2.03
CA GLU A 80 -8.15 6.35 3.34
C GLU A 80 -6.92 7.27 3.40
N PRO A 81 -7.03 8.44 4.12
CA PRO A 81 -5.93 9.42 4.22
C PRO A 81 -4.72 8.88 4.99
N THR A 82 -4.99 8.27 6.14
CA THR A 82 -3.95 7.93 7.14
C THR A 82 -3.30 6.55 6.90
N PHE A 83 -3.46 6.00 5.67
CA PHE A 83 -2.83 4.73 5.29
C PHE A 83 -1.27 4.85 5.30
N ILE A 84 -0.66 4.54 6.46
CA ILE A 84 0.82 4.51 6.61
C ILE A 84 1.49 3.61 5.54
N LYS A 85 0.74 2.61 5.09
CA LYS A 85 1.21 1.60 4.15
C LYS A 85 1.29 2.20 2.73
N GLY A 86 0.39 3.16 2.45
CA GLY A 86 0.45 3.96 1.22
C GLY A 86 1.57 4.97 1.27
N TYR A 87 1.75 5.58 2.47
CA TYR A 87 2.78 6.60 2.72
C TYR A 87 4.21 6.06 2.58
N THR A 88 4.47 4.87 3.15
CA THR A 88 5.81 4.25 3.12
C THR A 88 6.24 3.95 1.66
N ARG A 89 5.27 3.49 0.85
CA ARG A 89 5.46 3.19 -0.59
C ARG A 89 5.61 4.49 -1.42
N LYS A 90 4.83 5.53 -1.03
CA LYS A 90 4.83 6.83 -1.71
C LYS A 90 6.20 7.51 -1.59
N ALA A 91 6.72 7.54 -0.36
CA ALA A 91 8.01 8.18 -0.04
C ALA A 91 9.20 7.38 -0.60
N ALA A 92 9.04 6.03 -0.66
CA ALA A 92 10.02 5.13 -1.31
C ALA A 92 10.10 5.39 -2.82
N ALA A 93 8.95 5.76 -3.41
CA ALA A 93 8.86 6.18 -4.82
C ALA A 93 9.52 7.56 -5.01
N LEU A 94 9.21 8.51 -4.09
CA LEU A 94 9.78 9.88 -4.10
C LEU A 94 11.31 9.84 -4.00
N GLU A 95 11.83 8.86 -3.24
CA GLU A 95 13.27 8.58 -3.14
C GLU A 95 13.88 8.32 -4.55
N ALA A 96 13.14 7.57 -5.39
CA ALA A 96 13.55 7.22 -6.76
C ALA A 96 13.34 8.43 -7.70
N MET A 97 12.55 9.43 -7.24
CA MET A 97 12.28 10.67 -7.99
C MET A 97 13.21 11.80 -7.50
N LYS A 98 14.08 11.47 -6.51
CA LYS A 98 15.10 12.38 -5.92
C LYS A 98 14.48 13.47 -5.02
N ASP A 99 13.22 13.26 -4.60
CA ASP A 99 12.50 14.18 -3.69
C ASP A 99 12.64 13.71 -2.24
N TYR A 100 13.90 13.52 -1.78
CA TYR A 100 14.22 13.13 -0.38
C TYR A 100 13.60 14.08 0.65
N THR A 101 13.48 15.36 0.25
CA THR A 101 12.83 16.41 1.05
C THR A 101 11.33 16.10 1.28
N LYS A 102 10.66 15.58 0.23
CA LYS A 102 9.22 15.26 0.26
C LYS A 102 8.99 13.87 0.84
N ALA A 103 9.98 12.98 0.63
CA ALA A 103 9.95 11.61 1.16
C ALA A 103 9.96 11.64 2.69
N MET A 104 10.97 12.35 3.25
CA MET A 104 11.15 12.47 4.71
C MET A 104 9.96 13.18 5.39
N ASP A 105 9.27 14.04 4.60
CA ASP A 105 8.02 14.71 5.03
C ASP A 105 6.93 13.66 5.26
N VAL A 106 6.85 12.70 4.33
CA VAL A 106 5.83 11.66 4.34
C VAL A 106 6.11 10.64 5.45
N TYR A 107 7.41 10.34 5.66
CA TYR A 107 7.89 9.46 6.75
C TYR A 107 7.56 10.06 8.13
N GLN A 108 7.77 11.40 8.25
CA GLN A 108 7.53 12.15 9.50
C GLN A 108 6.04 12.04 9.88
N LYS A 109 5.18 12.35 8.89
CA LYS A 109 3.72 12.38 9.07
C LYS A 109 3.16 10.97 9.34
N ALA A 110 3.73 9.95 8.69
CA ALA A 110 3.34 8.54 8.90
C ALA A 110 3.72 8.08 10.34
N LEU A 111 4.93 8.47 10.80
CA LEU A 111 5.40 8.22 12.19
C LEU A 111 4.49 8.89 13.22
N ASP A 112 4.02 10.10 12.86
CA ASP A 112 3.08 10.89 13.67
C ASP A 112 1.76 10.14 13.88
N LEU A 113 1.30 9.46 12.82
CA LEU A 113 0.04 8.68 12.85
C LEU A 113 0.14 7.49 13.84
N ASP A 114 1.06 6.54 13.57
CA ASP A 114 1.24 5.33 14.42
C ASP A 114 2.72 4.90 14.43
N SER A 115 3.12 4.27 15.57
CA SER A 115 4.45 3.64 15.73
C SER A 115 4.63 2.45 14.75
N SER A 116 3.49 1.94 14.23
CA SER A 116 3.43 0.90 13.17
C SER A 116 4.21 1.34 11.89
N CYS A 117 4.53 2.66 11.82
CA CYS A 117 5.37 3.25 10.76
C CYS A 117 6.88 2.99 10.97
N LYS A 118 7.29 2.10 11.92
CA LYS A 118 8.74 1.72 12.10
C LYS A 118 9.42 1.30 10.78
N GLU A 119 8.68 0.58 9.91
CA GLU A 119 9.16 0.20 8.55
C GLU A 119 9.64 1.44 7.75
N ALA A 120 8.92 2.56 7.93
CA ALA A 120 9.18 3.83 7.26
C ALA A 120 10.16 4.69 8.07
N ALA A 121 10.36 4.34 9.36
CA ALA A 121 11.35 5.03 10.23
C ALA A 121 12.74 4.68 9.73
N ASP A 122 12.93 3.38 9.46
CA ASP A 122 14.15 2.83 8.86
C ASP A 122 14.35 3.43 7.45
N GLY A 123 13.22 3.49 6.69
CA GLY A 123 13.21 4.09 5.34
C GLY A 123 13.63 5.56 5.33
N TYR A 124 13.31 6.29 6.42
CA TYR A 124 13.74 7.69 6.61
C TYR A 124 15.27 7.80 6.58
N GLN A 125 15.96 7.03 7.46
CA GLN A 125 17.46 6.98 7.54
C GLN A 125 18.10 6.84 6.15
N ARG A 126 17.47 6.03 5.31
CA ARG A 126 17.90 5.73 3.94
C ARG A 126 17.73 6.98 3.00
N CYS A 127 16.63 7.73 3.17
CA CYS A 127 16.29 8.87 2.27
C CYS A 127 17.07 10.14 2.64
N MET A 128 17.21 10.41 3.96
CA MET A 128 17.95 11.59 4.44
C MET A 128 19.44 11.46 4.11
N MET A 129 20.02 10.26 4.37
CA MET A 129 21.45 10.00 4.12
C MET A 129 21.77 10.08 2.61
N ALA A 130 20.76 9.77 1.77
CA ALA A 130 20.93 9.69 0.30
C ALA A 130 21.41 11.02 -0.30
N GLN A 131 20.86 12.14 0.19
CA GLN A 131 21.29 13.49 -0.21
C GLN A 131 22.47 13.99 0.63
N TYR A 132 22.63 13.47 1.86
CA TYR A 132 23.75 13.87 2.77
C TYR A 132 24.84 12.78 2.76
N ASN A 133 25.11 12.22 1.55
CA ASN A 133 26.03 11.07 1.39
C ASN A 133 27.35 11.58 0.77
#